data_8AB6
#
_entry.id   8AB6
#
_cell.length_a   1.00
_cell.length_b   1.00
_cell.length_c   1.00
_cell.angle_alpha   90.00
_cell.angle_beta   90.00
_cell.angle_gamma   90.00
#
_symmetry.space_group_name_H-M   'P 1'
#
loop_
_entity.id
_entity.type
_entity.pdbx_description
1 polymer 'Cytochrome b'
2 polymer 'Cytochrome b-c1 complex subunit Rieske, mitochondrial'
3 polymer 'Cytochrome b-c1 complex subunit 7'
4 polymer YALI0F24673p
5 polymer YALI0A14806p
6 polymer 'Cytochrome b-c1 complex subunit 2, mitochondrial'
7 polymer YALI0A17468p
8 polymer 'Cytochrome b-c1 complex subunit 8'
9 polymer 'Complex III subunit 9'
10 polymer YALI0C12210p
11 non-polymer 'PROTOPORPHYRIN IX CONTAINING FE'
12 non-polymer 1,2-DIACYL-SN-GLYCERO-3-PHOSPHOCHOLINE
13 non-polymer PHOSPHATIDYLETHANOLAMINE
14 non-polymer CARDIOLIPIN
15 non-polymer DODECYL-BETA-D-MALTOSIDE
16 non-polymer 1,2-DIMYRISTOYL-SN-GLYCERO-3-PHOSPHATE
17 non-polymer 'HEME C'
18 water water
#
loop_
_entity_poly.entity_id
_entity_poly.type
_entity_poly.pdbx_seq_one_letter_code
_entity_poly.pdbx_strand_id
1 'polypeptide(L)'
;MALRKKNSLLNMANSYVLDSPQPSNLNYFWNFGSLLALCLVIQLATGITLAMHYTSHASLAFDSVEHIMRDVNFGWFIRY
AHANTASFFFICIYAHMGRNIYYGSYKTPRVLPWSIGVIIFLLLIITAFMGYVLVFGQMSLWGATVICNLVSAIPWLGED
IVHFLWGGFSVGNPTLQRFFALHYLMPFVLAVFALLHLIALHTAGSSNPLGITSNVDKLSMHPYYSFKDLITVFAFLLMF
TLFVFFSPDKLGHPDNYIPANPMVTPASIVPEWYLLPFYAILRAIPDKLGGVIAMVAAILILLILPIVDRSIIRGNAFKP
ISKLLFGFFICNFLLLGVLGQVHIEPPFIVLGQICTIFYFSYFLILLPMVSTIENIFFYIGSLRK
;
C,N
2 'polypeptide(L)'
;MSLLRTAAQAVKAPKAYTPLVAAKAFAQTRSVSSQPIGGKSTYKIPDFTPYLKKDRNTDANRLFSYFMIGSFGMLSAAGA
KATVQDFLSNMSASADVLAMAKVEVKLGAIPLGKNVIIKWRGKPIFIRHRTSEEIEEANEVNVATLRDPQTDDERVQKPE
WLVMIGVCTHLGCVPIGEAGDFGGWFCPCHGSHYDISGRIRRGPAPLNLEIPEYDFADAETLVIG
;
P,E
3 'polypeptide(L)'
;MASITSVVKTSELILKSPLLSKIVVPLAKTYVKFSGYRQLGFKMNDLIIEETPNMQLALRRLPPTESYDRVYRLIRATQF
SLSHKLATGNDITKPEEDDHYLIPYILDVEAEAFEKDALDNLEVVKRK
;
G,R
4 'polypeptide(L)'
;MSYFLTLASEVAESLLPTVAFASEEEKEQDEPVEVESDDDESEEKEDDDEEEDEDDDDDDDDDEVPDPAIALHEAAAEGP
CHDFKHHFDECVERVTKAQEAEDYDHAEYKEDCVEEFFHLQHCINDNTADKLFRVLK
;
F,Q
5 'polypeptide(L)'
;MNSLLRLPALKRGVFTMSKRGLATTVSPKTRTSNLKNGLTIASESNPLVQTATVGVWIDAGSRNENAYNNGTAHFFEHLA
FKGTDKRSQHQLELDIENMGGHLNAYTSRESTVYYAKSFKDDVPKSVEILADILQHSKLAESAIDREREVITRELEEVNK
QYEEVVFDHLHATAFMNQPLGRTILGPRENIQTITNTELRKFITENYTADRMVLVGAGAVDHDALVELAEKYFSHLPSSQ
SPVPLGTPRSSGEDANQNPIPNFVGSEVRLRDDTMPVAHIAIAVEGVSWTSEDYYTALVAQAIIGNYDRAVGTSRHQGSR
LSNIVSENNLANSFQSFSTSYSDTGLWGIYLTSENTTQIDDLVHFTLKEWNRLSTSVSNLQVERAKSQLKAGLLLSLDGT
TYVAEDIGRQLTTLGRRVTPAEVEAKLEAVTEHDVRAWAQKTLYDKDIALVGLGPIEGLYDYNRIRNDMSMMRW
;
A,L
6 'polypeptide(L)'
;MTRGVPRLAVAARHFSTAEAAGVKVAAQDGQSPISDLSVVLRGGSRYATVPGVSHILEKFAFQNTVPKSALRFVRELELF
GGKLYTHTTREHIVLRTQFLKQDLPYFVDAFANVLKETKFQQFELTERVAPVAELDLLKRESDPAFTALEAAHEVAFRTG
LGNSVYAQGYSPVTLEDVKEFARQVYAKQNVAVVGNNVVPADLQQLVGTAFADLQEGSKVTQAGTTTLHGGEARVRTSTG
NALTIALPIAEPKPVYHALASFLGGPASMPWSVGASPLAQATVGTHTSVKATYHNYGDAGLFAITIKGDSPAEISQVAHK
AVQALKDTGAEVTEEQAARAYAKSKFAAAEAFENPDSSASVIGMELLSGVSRIAPENVQKFTPAELSEAAAQLSASAKPV
VAAVGQVHALPFADELF
;
B,M
7 'polypeptide(L)'
;MRRRRIGVWPENRRVSRLWVSLSPRSCVTCPVPTNQNPPINNHHTPILTQMFKAIPLRQALLGISSAVCAGATTTYYYTT
KAEAMTAAEHGLHPAEYPWPQNGMLSTFDHASLRRGYQVYKEVCAACHSLDRIAWRNLVGVTHTTDEAKAFAEELEYDDE
PDDEGNPRKRPGKLADYIPGPYPNEQAARAANQGALPPDLSLIAKARHGGADYIFALLTGYPDEPPAGVVLAPGMNYNPY
FPGGGIGMARTLFDGVVEYEDGTPATTSQMAKDVAAFLTWAAEPEHDERKKLGLKAIIVISAMLGLSVYIKKFKWSPIKN
RKFIYNPPKN
;
D,O
8 'polypeptide(L)'
;MGGNGHYMGWWGHMGSPPQKGIAGYTISPFAARPFAGVVHAAIFNTFRRTKNQALFVILPVSFFYYVWTQASEKNEWLYT
KAGRHELAKALAE
;
H,S
9 'polypeptide(L)' MAWATTFYNVFVKRNSAFVATILASAFVFDMTFETAIDNFWDRINAGKQWKDIRHKYIEAAGDDDEDDE I,T
10 'polypeptide(L)'
;MICGEGDYVKKPSYKIVPHFLGFNIPTVSKWIPIFGIWGAAAGIGALFLIEGVPRTRQDILSKIPIIGEHWIREIPASDN
PF
;
J,U
#
# COMPACT_ATOMS: atom_id res chain seq x y z
N MET A 1 -15.35 -5.08 -6.67
CA MET A 1 -13.86 -5.29 -6.78
C MET A 1 -13.49 -6.78 -6.64
N ALA A 2 -12.61 -7.26 -7.53
CA ALA A 2 -12.12 -8.62 -7.50
C ALA A 2 -11.46 -8.95 -6.15
N LEU A 3 -11.71 -10.16 -5.65
CA LEU A 3 -11.18 -10.60 -4.37
C LEU A 3 -9.65 -10.46 -4.32
N ARG A 4 -8.97 -10.77 -5.44
CA ARG A 4 -7.52 -10.71 -5.48
C ARG A 4 -7.02 -9.29 -5.19
N LYS A 5 -7.88 -8.28 -5.37
CA LYS A 5 -7.49 -6.89 -5.15
C LYS A 5 -8.00 -6.42 -3.78
N LYS A 6 -9.12 -6.98 -3.34
CA LYS A 6 -9.85 -6.50 -2.18
C LYS A 6 -9.18 -6.99 -0.89
N ASN A 7 -8.89 -8.29 -0.85
CA ASN A 7 -8.33 -8.90 0.33
C ASN A 7 -6.86 -8.54 0.44
N SER A 8 -6.43 -8.04 1.59
CA SER A 8 -5.08 -7.49 1.70
C SER A 8 -4.00 -8.57 1.51
N LEU A 9 -4.21 -9.78 2.03
CA LEU A 9 -3.23 -10.83 1.84
C LEU A 9 -3.13 -11.23 0.37
N LEU A 10 -4.26 -11.56 -0.26
CA LEU A 10 -4.30 -11.95 -1.67
C LEU A 10 -3.72 -10.83 -2.52
N ASN A 11 -3.98 -9.58 -2.14
CA ASN A 11 -3.51 -8.44 -2.91
C ASN A 11 -1.99 -8.34 -2.91
N MET A 12 -1.35 -8.76 -1.82
CA MET A 12 0.11 -8.76 -1.81
C MET A 12 0.65 -9.79 -2.80
N ALA A 13 0.09 -10.99 -2.82
CA ALA A 13 0.52 -11.98 -3.80
C ALA A 13 0.24 -11.45 -5.20
N ASN A 14 -0.97 -10.90 -5.40
CA ASN A 14 -1.43 -10.36 -6.67
C ASN A 14 -0.44 -9.33 -7.20
N SER A 15 0.01 -8.43 -6.33
CA SER A 15 0.90 -7.35 -6.72
C SER A 15 2.26 -7.86 -7.18
N TYR A 16 2.65 -9.08 -6.80
CA TYR A 16 3.98 -9.56 -7.15
C TYR A 16 3.92 -10.60 -8.25
N VAL A 17 2.84 -11.38 -8.35
CA VAL A 17 2.94 -12.52 -9.26
C VAL A 17 1.88 -12.46 -10.34
N LEU A 18 0.88 -11.59 -10.21
CA LEU A 18 -0.19 -11.67 -11.18
C LEU A 18 -0.40 -10.34 -11.89
N ASP A 19 -0.94 -9.33 -11.19
CA ASP A 19 -1.18 -8.03 -11.81
C ASP A 19 0.11 -7.21 -11.92
N SER A 20 1.22 -7.67 -11.32
CA SER A 20 2.45 -6.91 -11.34
C SER A 20 2.75 -6.38 -12.75
N PRO A 21 2.80 -5.05 -13.00
CA PRO A 21 3.05 -4.54 -14.35
C PRO A 21 4.52 -4.62 -14.74
N GLN A 22 4.79 -5.38 -15.80
CA GLN A 22 6.15 -5.64 -16.25
C GLN A 22 6.38 -4.94 -17.58
N PRO A 23 7.64 -4.61 -17.94
CA PRO A 23 7.93 -4.16 -19.31
C PRO A 23 7.53 -5.27 -20.27
N SER A 24 7.12 -4.92 -21.48
CA SER A 24 6.71 -5.96 -22.42
C SER A 24 7.90 -6.59 -23.13
N ASN A 25 9.13 -6.09 -22.93
CA ASN A 25 10.26 -6.53 -23.74
C ASN A 25 11.38 -7.16 -22.89
N LEU A 26 11.08 -7.76 -21.73
CA LEU A 26 12.13 -8.45 -20.98
C LEU A 26 12.66 -9.61 -21.82
N ASN A 27 13.99 -9.77 -21.88
CA ASN A 27 14.58 -10.86 -22.64
C ASN A 27 14.84 -12.02 -21.67
N TYR A 28 15.47 -13.11 -22.15
CA TYR A 28 15.67 -14.30 -21.33
C TYR A 28 16.63 -14.08 -20.16
N PHE A 29 17.45 -13.04 -20.19
CA PHE A 29 18.28 -12.74 -19.03
C PHE A 29 17.47 -12.24 -17.83
N TRP A 30 16.19 -11.90 -18.03
CA TRP A 30 15.32 -11.57 -16.91
C TRP A 30 14.74 -12.85 -16.29
N ASN A 31 15.17 -14.02 -16.76
CA ASN A 31 14.60 -15.23 -16.19
C ASN A 31 15.43 -15.77 -15.03
N PHE A 32 16.61 -15.19 -14.75
CA PHE A 32 17.48 -15.74 -13.72
C PHE A 32 16.92 -15.50 -12.31
N GLY A 33 16.18 -14.41 -12.12
CA GLY A 33 15.53 -14.17 -10.85
C GLY A 33 14.63 -15.35 -10.44
N SER A 34 13.78 -15.83 -11.35
CA SER A 34 12.93 -16.96 -10.99
C SER A 34 13.75 -18.23 -10.90
N LEU A 35 14.84 -18.38 -11.66
CA LEU A 35 15.67 -19.55 -11.45
C LEU A 35 16.33 -19.53 -10.08
N LEU A 36 16.74 -18.34 -9.61
CA LEU A 36 17.31 -18.25 -8.27
C LEU A 36 16.26 -18.62 -7.22
N ALA A 37 14.99 -18.25 -7.45
CA ALA A 37 13.95 -18.61 -6.50
C ALA A 37 13.76 -20.12 -6.52
N LEU A 38 13.85 -20.74 -7.70
CA LEU A 38 13.78 -22.19 -7.83
C LEU A 38 14.94 -22.88 -7.09
N CYS A 39 16.18 -22.39 -7.28
CA CYS A 39 17.32 -22.95 -6.57
C CYS A 39 17.08 -22.85 -5.07
N LEU A 40 16.52 -21.73 -4.64
CA LEU A 40 16.33 -21.56 -3.21
C LEU A 40 15.31 -22.57 -2.69
N VAL A 41 14.25 -22.80 -3.45
CA VAL A 41 13.21 -23.74 -3.05
C VAL A 41 13.80 -25.16 -3.04
N ILE A 42 14.58 -25.51 -4.06
CA ILE A 42 15.19 -26.83 -4.08
C ILE A 42 16.12 -27.01 -2.88
N GLN A 43 16.96 -26.01 -2.59
CA GLN A 43 17.90 -26.11 -1.49
C GLN A 43 17.15 -26.22 -0.17
N LEU A 44 16.03 -25.50 -0.01
CA LEU A 44 15.29 -25.63 1.24
C LEU A 44 14.71 -27.04 1.36
N ALA A 45 14.10 -27.54 0.28
CA ALA A 45 13.45 -28.84 0.36
C ALA A 45 14.49 -29.92 0.59
N THR A 46 15.56 -29.92 -0.20
CA THR A 46 16.57 -30.96 -0.09
C THR A 46 17.34 -30.80 1.20
N GLY A 47 17.62 -29.56 1.59
CA GLY A 47 18.43 -29.30 2.78
C GLY A 47 17.72 -29.75 4.05
N ILE A 48 16.43 -29.40 4.17
CA ILE A 48 15.66 -29.79 5.36
C ILE A 48 15.60 -31.33 5.40
N THR A 49 15.47 -31.95 4.24
CA THR A 49 15.43 -33.40 4.18
C THR A 49 16.76 -34.01 4.59
N LEU A 50 17.88 -33.49 4.07
CA LEU A 50 19.18 -33.97 4.51
C LEU A 50 19.32 -33.82 6.02
N ALA A 51 18.84 -32.70 6.60
CA ALA A 51 18.92 -32.48 8.03
C ALA A 51 18.17 -33.56 8.80
N MET A 52 17.19 -34.25 8.19
CA MET A 52 16.49 -35.32 8.91
C MET A 52 17.34 -36.58 9.03
N HIS A 53 18.48 -36.65 8.31
CA HIS A 53 19.24 -37.88 8.25
C HIS A 53 20.70 -37.62 8.59
N TYR A 54 21.07 -36.35 8.78
CA TYR A 54 22.46 -35.99 8.94
C TYR A 54 22.79 -35.89 10.43
N THR A 55 24.01 -36.22 10.83
CA THR A 55 24.35 -36.04 12.23
C THR A 55 25.50 -35.05 12.28
N SER A 56 25.39 -33.98 13.07
CA SER A 56 26.37 -32.92 12.98
C SER A 56 27.62 -33.20 13.81
N HIS A 57 27.60 -34.23 14.66
CA HIS A 57 28.75 -34.58 15.48
C HIS A 57 29.93 -35.08 14.63
N ALA A 58 31.14 -34.56 14.87
CA ALA A 58 32.31 -34.88 14.07
C ALA A 58 32.60 -36.38 14.01
N SER A 59 32.18 -37.14 15.02
CA SER A 59 32.47 -38.57 14.96
C SER A 59 31.54 -39.29 13.99
N LEU A 60 30.44 -38.64 13.60
CA LEU A 60 29.41 -39.34 12.85
C LEU A 60 29.04 -38.64 11.55
N ALA A 61 29.55 -37.41 11.32
CA ALA A 61 29.06 -36.56 10.24
C ALA A 61 29.31 -37.21 8.88
N PHE A 62 30.58 -37.54 8.61
CA PHE A 62 30.96 -38.13 7.33
C PHE A 62 30.19 -39.43 7.12
N ASP A 63 30.11 -40.25 8.17
CA ASP A 63 29.36 -41.49 8.07
C ASP A 63 27.86 -41.26 7.85
N SER A 64 27.31 -40.15 8.38
CA SER A 64 25.88 -39.92 8.19
C SER A 64 25.64 -39.55 6.72
N VAL A 65 26.61 -38.91 6.09
CA VAL A 65 26.47 -38.60 4.68
C VAL A 65 26.55 -39.88 3.84
N GLU A 66 27.45 -40.80 4.19
CA GLU A 66 27.46 -42.11 3.53
C GLU A 66 26.17 -42.90 3.76
N HIS A 67 25.57 -42.79 4.96
CA HIS A 67 24.30 -43.42 5.25
C HIS A 67 23.21 -42.88 4.32
N ILE A 68 23.20 -41.56 4.12
CA ILE A 68 22.26 -40.92 3.20
C ILE A 68 22.46 -41.51 1.79
N MET A 69 23.70 -41.56 1.30
CA MET A 69 24.01 -42.09 -0.02
C MET A 69 23.57 -43.55 -0.16
N ARG A 70 23.73 -44.37 0.89
CA ARG A 70 23.62 -45.81 0.72
C ARG A 70 22.30 -46.40 1.20
N ASP A 71 21.73 -45.88 2.30
CA ASP A 71 20.65 -46.56 2.99
C ASP A 71 19.31 -45.81 2.86
N VAL A 72 19.36 -44.49 2.84
CA VAL A 72 18.13 -43.72 2.81
C VAL A 72 17.52 -43.83 1.43
N ASN A 73 16.21 -44.11 1.34
CA ASN A 73 15.54 -44.20 0.04
C ASN A 73 15.65 -42.87 -0.68
N PHE A 74 16.18 -42.92 -1.92
CA PHE A 74 16.48 -41.75 -2.73
C PHE A 74 17.42 -40.76 -2.04
N GLY A 75 18.17 -41.24 -1.04
CA GLY A 75 19.12 -40.38 -0.37
C GLY A 75 20.18 -39.88 -1.32
N TRP A 76 20.60 -40.74 -2.26
CA TRP A 76 21.61 -40.36 -3.23
C TRP A 76 21.11 -39.15 -4.03
N PHE A 77 19.82 -39.17 -4.38
CA PHE A 77 19.26 -38.13 -5.22
C PHE A 77 19.22 -36.82 -4.44
N ILE A 78 18.73 -36.90 -3.21
CA ILE A 78 18.56 -35.71 -2.39
C ILE A 78 19.94 -35.12 -2.14
N ARG A 79 20.93 -35.97 -1.89
CA ARG A 79 22.26 -35.44 -1.63
C ARG A 79 22.83 -34.82 -2.90
N TYR A 80 22.76 -35.53 -4.03
CA TYR A 80 23.34 -34.99 -5.25
C TYR A 80 22.60 -33.74 -5.70
N ALA A 81 21.27 -33.73 -5.57
CA ALA A 81 20.49 -32.54 -5.89
C ALA A 81 20.98 -31.36 -5.08
N HIS A 82 21.19 -31.55 -3.77
CA HIS A 82 21.60 -30.46 -2.91
C HIS A 82 22.99 -29.96 -3.28
N ALA A 83 23.92 -30.88 -3.54
CA ALA A 83 25.30 -30.52 -3.87
C ALA A 83 25.37 -29.83 -5.22
N ASN A 84 24.63 -30.33 -6.23
CA ASN A 84 24.71 -29.76 -7.58
C ASN A 84 23.95 -28.44 -7.66
N THR A 85 22.83 -28.36 -6.94
CA THR A 85 22.05 -27.12 -6.96
C THR A 85 22.84 -25.99 -6.32
N ALA A 86 23.70 -26.28 -5.34
CA ALA A 86 24.57 -25.23 -4.84
C ALA A 86 25.39 -24.62 -5.98
N SER A 87 25.92 -25.43 -6.90
CA SER A 87 26.65 -24.92 -8.05
C SER A 87 25.72 -24.15 -8.99
N PHE A 88 24.53 -24.69 -9.27
CA PHE A 88 23.61 -24.01 -10.17
C PHE A 88 23.18 -22.67 -9.60
N PHE A 89 23.07 -22.59 -8.27
CA PHE A 89 22.70 -21.37 -7.58
C PHE A 89 23.73 -20.30 -7.93
N PHE A 90 25.02 -20.65 -7.94
CA PHE A 90 26.04 -19.67 -8.27
C PHE A 90 26.08 -19.35 -9.76
N ILE A 91 25.81 -20.33 -10.62
CA ILE A 91 25.75 -20.00 -12.04
C ILE A 91 24.64 -18.97 -12.26
N CYS A 92 23.45 -19.21 -11.68
CA CYS A 92 22.32 -18.32 -11.86
C CYS A 92 22.60 -16.96 -11.24
N ILE A 93 23.32 -16.92 -10.11
CA ILE A 93 23.52 -15.65 -9.43
C ILE A 93 24.53 -14.81 -10.20
N TYR A 94 25.55 -15.44 -10.77
CA TYR A 94 26.51 -14.71 -11.60
C TYR A 94 25.82 -14.19 -12.85
N ALA A 95 24.93 -14.98 -13.47
CA ALA A 95 24.20 -14.54 -14.65
C ALA A 95 23.30 -13.36 -14.31
N HIS A 96 22.62 -13.45 -13.17
CA HIS A 96 21.74 -12.40 -12.70
C HIS A 96 22.51 -11.12 -12.43
N MET A 97 23.65 -11.21 -11.76
CA MET A 97 24.49 -10.06 -11.49
C MET A 97 25.08 -9.51 -12.78
N GLY A 98 25.48 -10.39 -13.70
CA GLY A 98 25.97 -9.99 -15.01
C GLY A 98 24.92 -9.19 -15.77
N ARG A 99 23.68 -9.70 -15.80
CA ARG A 99 22.57 -8.98 -16.40
C ARG A 99 22.47 -7.60 -15.75
N ASN A 100 22.47 -7.55 -14.42
CA ASN A 100 22.30 -6.28 -13.71
C ASN A 100 23.39 -5.28 -14.11
N ILE A 101 24.63 -5.74 -14.27
CA ILE A 101 25.72 -4.83 -14.56
C ILE A 101 25.63 -4.38 -16.03
N TYR A 102 25.36 -5.31 -16.95
CA TYR A 102 25.28 -4.97 -18.36
C TYR A 102 24.15 -3.96 -18.63
N TYR A 103 22.98 -4.18 -18.00
CA TYR A 103 21.82 -3.37 -18.32
C TYR A 103 21.64 -2.19 -17.38
N GLY A 104 22.61 -1.93 -16.49
CA GLY A 104 22.54 -0.75 -15.66
C GLY A 104 21.42 -0.86 -14.61
N SER A 105 21.13 -2.07 -14.16
CA SER A 105 20.07 -2.25 -13.17
C SER A 105 20.47 -1.64 -11.84
N TYR A 106 21.75 -1.30 -11.67
CA TYR A 106 22.18 -0.71 -10.41
C TYR A 106 21.93 0.80 -10.40
N LYS A 107 21.60 1.41 -11.54
CA LYS A 107 21.45 2.86 -11.57
C LYS A 107 20.17 3.29 -10.84
N THR A 108 20.17 4.54 -10.36
CA THR A 108 18.95 5.16 -9.90
C THR A 108 17.83 4.88 -10.91
N PRO A 109 16.58 4.56 -10.50
CA PRO A 109 16.18 4.54 -9.10
C PRO A 109 16.23 3.15 -8.48
N ARG A 110 17.22 2.34 -8.86
CA ARG A 110 17.25 0.97 -8.36
C ARG A 110 18.51 0.73 -7.54
N VAL A 111 19.04 1.75 -6.87
CA VAL A 111 20.23 1.57 -6.06
C VAL A 111 19.93 0.66 -4.88
N LEU A 112 18.75 0.80 -4.26
CA LEU A 112 18.48 0.04 -3.06
C LEU A 112 18.35 -1.46 -3.37
N PRO A 113 17.56 -1.94 -4.37
CA PRO A 113 17.55 -3.38 -4.66
C PRO A 113 18.92 -3.93 -5.03
N TRP A 114 19.74 -3.13 -5.70
CA TRP A 114 21.07 -3.57 -6.06
C TRP A 114 21.93 -3.76 -4.81
N SER A 115 21.87 -2.79 -3.89
CA SER A 115 22.66 -2.80 -2.66
C SER A 115 22.24 -3.95 -1.74
N ILE A 116 20.93 -4.21 -1.64
CA ILE A 116 20.48 -5.37 -0.88
C ILE A 116 20.97 -6.63 -1.59
N GLY A 117 20.94 -6.61 -2.92
CA GLY A 117 21.44 -7.73 -3.71
C GLY A 117 22.88 -8.07 -3.37
N VAL A 118 23.74 -7.05 -3.20
CA VAL A 118 25.12 -7.33 -2.85
C VAL A 118 25.20 -8.11 -1.53
N ILE A 119 24.34 -7.78 -0.56
CA ILE A 119 24.29 -8.51 0.69
C ILE A 119 23.80 -9.94 0.49
N ILE A 120 22.78 -10.15 -0.36
CA ILE A 120 22.33 -11.49 -0.68
C ILE A 120 23.52 -12.32 -1.16
N PHE A 121 24.35 -11.73 -2.02
CA PHE A 121 25.47 -12.47 -2.59
C PHE A 121 26.44 -12.91 -1.51
N LEU A 122 26.76 -12.01 -0.56
CA LEU A 122 27.60 -12.33 0.59
C LEU A 122 26.96 -13.44 1.44
N LEU A 123 25.65 -13.36 1.68
CA LEU A 123 25.00 -14.39 2.46
C LEU A 123 25.08 -15.74 1.76
N LEU A 124 24.95 -15.76 0.43
CA LEU A 124 25.04 -17.01 -0.31
C LEU A 124 26.42 -17.64 -0.13
N ILE A 125 27.47 -16.80 -0.16
CA ILE A 125 28.82 -17.29 -0.04
C ILE A 125 29.00 -17.95 1.33
N ILE A 126 28.55 -17.26 2.38
CA ILE A 126 28.69 -17.79 3.72
C ILE A 126 27.87 -19.07 3.86
N THR A 127 26.64 -19.06 3.33
CA THR A 127 25.80 -20.26 3.39
C THR A 127 26.55 -21.42 2.76
N ALA A 128 27.03 -21.24 1.53
CA ALA A 128 27.61 -22.36 0.79
C ALA A 128 28.91 -22.83 1.45
N PHE A 129 29.68 -21.89 2.00
CA PHE A 129 30.93 -22.25 2.65
C PHE A 129 30.67 -23.18 3.84
N MET A 130 29.71 -22.79 4.69
CA MET A 130 29.40 -23.59 5.87
C MET A 130 28.81 -24.94 5.48
N GLY A 131 28.01 -24.99 4.41
CA GLY A 131 27.39 -26.25 4.04
C GLY A 131 28.46 -27.24 3.58
N TYR A 132 29.46 -26.73 2.87
CA TYR A 132 30.54 -27.57 2.38
C TYR A 132 31.31 -28.23 3.53
N VAL A 133 31.47 -27.51 4.64
CA VAL A 133 32.19 -28.04 5.79
C VAL A 133 31.45 -29.24 6.39
N LEU A 134 30.13 -29.30 6.24
CA LEU A 134 29.32 -30.27 6.97
C LEU A 134 29.66 -31.72 6.60
N VAL A 135 30.18 -31.93 5.39
CA VAL A 135 30.54 -33.28 4.96
C VAL A 135 31.63 -33.83 5.86
N PHE A 136 32.54 -32.96 6.28
CA PHE A 136 33.67 -33.34 7.11
C PHE A 136 34.58 -34.33 6.38
N GLY A 137 34.73 -34.15 5.07
CA GLY A 137 35.81 -34.78 4.32
C GLY A 137 37.09 -33.96 4.41
N GLN A 138 38.13 -34.35 3.66
CA GLN A 138 39.39 -33.64 3.70
C GLN A 138 39.24 -32.19 3.22
N MET A 139 38.48 -31.95 2.14
CA MET A 139 38.36 -30.59 1.65
C MET A 139 37.54 -29.75 2.63
N SER A 140 36.49 -30.35 3.20
CA SER A 140 35.72 -29.70 4.24
C SER A 140 36.62 -29.16 5.34
N LEU A 141 37.46 -30.02 5.92
CA LEU A 141 38.24 -29.64 7.08
C LEU A 141 39.27 -28.59 6.69
N TRP A 142 40.03 -28.87 5.63
CA TRP A 142 41.16 -28.04 5.29
C TRP A 142 40.69 -26.72 4.70
N GLY A 143 39.56 -26.74 3.97
CA GLY A 143 38.98 -25.50 3.50
C GLY A 143 38.55 -24.64 4.67
N ALA A 144 37.90 -25.25 5.67
CA ALA A 144 37.49 -24.49 6.84
C ALA A 144 38.71 -23.91 7.54
N THR A 145 39.78 -24.70 7.67
CA THR A 145 40.96 -24.25 8.40
C THR A 145 41.52 -23.00 7.76
N VAL A 146 41.73 -23.06 6.45
CA VAL A 146 42.44 -22.02 5.73
C VAL A 146 41.59 -20.75 5.71
N ILE A 147 40.31 -20.93 5.43
CA ILE A 147 39.42 -19.78 5.29
C ILE A 147 39.21 -19.09 6.64
N CYS A 148 39.01 -19.86 7.72
CA CYS A 148 38.80 -19.29 9.03
C CYS A 148 40.08 -18.64 9.56
N ASN A 149 41.26 -19.10 9.11
CA ASN A 149 42.50 -18.47 9.54
C ASN A 149 42.74 -17.09 8.92
N LEU A 150 41.93 -16.71 7.91
CA LEU A 150 42.00 -15.38 7.33
C LEU A 150 41.56 -14.33 8.34
N VAL A 151 40.66 -14.71 9.25
CA VAL A 151 40.16 -13.87 10.32
C VAL A 151 41.30 -13.53 11.29
N SER A 152 42.32 -14.39 11.40
CA SER A 152 43.49 -14.11 12.22
C SER A 152 44.19 -12.81 11.80
N ALA A 153 43.85 -12.30 10.62
CA ALA A 153 44.54 -11.13 10.11
C ALA A 153 43.96 -9.84 10.71
N ILE A 154 42.73 -9.91 11.22
CA ILE A 154 42.15 -8.78 11.95
C ILE A 154 43.15 -8.40 13.03
N PRO A 155 43.58 -7.12 13.09
CA PRO A 155 44.64 -6.72 14.02
C PRO A 155 44.16 -6.84 15.47
N TRP A 156 45.10 -7.21 16.35
CA TRP A 156 44.92 -7.22 17.79
C TRP A 156 44.06 -8.41 18.25
N LEU A 157 42.85 -8.55 17.70
CA LEU A 157 41.87 -9.49 18.23
C LEU A 157 41.67 -10.72 17.35
N GLY A 158 42.30 -10.73 16.16
CA GLY A 158 42.05 -11.74 15.13
C GLY A 158 42.13 -13.18 15.63
N GLU A 159 43.24 -13.51 16.32
CA GLU A 159 43.49 -14.84 16.84
C GLU A 159 42.39 -15.25 17.81
N ASP A 160 42.02 -14.34 18.73
CA ASP A 160 40.95 -14.57 19.69
C ASP A 160 39.64 -14.81 18.97
N ILE A 161 39.41 -14.08 17.87
CA ILE A 161 38.17 -14.23 17.15
C ILE A 161 38.12 -15.61 16.49
N VAL A 162 39.27 -16.08 15.97
CA VAL A 162 39.29 -17.37 15.31
C VAL A 162 38.95 -18.48 16.31
N HIS A 163 39.56 -18.44 17.49
CA HIS A 163 39.31 -19.46 18.51
C HIS A 163 37.86 -19.41 18.94
N PHE A 164 37.29 -18.21 18.94
CA PHE A 164 35.91 -18.02 19.30
C PHE A 164 35.01 -18.67 18.25
N LEU A 165 35.29 -18.44 16.96
CA LEU A 165 34.53 -19.02 15.86
C LEU A 165 34.62 -20.54 15.86
N TRP A 166 35.82 -21.08 16.09
CA TRP A 166 36.02 -22.53 16.10
C TRP A 166 35.40 -23.21 17.31
N GLY A 167 35.31 -22.48 18.43
CA GLY A 167 34.96 -23.06 19.71
C GLY A 167 36.06 -23.97 20.24
N GLY A 168 37.32 -23.65 19.92
CA GLY A 168 38.45 -24.48 20.30
C GLY A 168 39.72 -23.99 19.61
N PHE A 169 40.74 -24.85 19.57
CA PHE A 169 42.04 -24.40 19.11
C PHE A 169 42.31 -24.82 17.67
N SER A 170 41.39 -25.60 17.11
CA SER A 170 41.43 -25.93 15.69
C SER A 170 40.01 -26.26 15.28
N VAL A 171 39.81 -26.49 13.99
CA VAL A 171 38.52 -26.90 13.48
C VAL A 171 38.25 -28.31 13.99
N GLY A 172 37.12 -28.48 14.68
CA GLY A 172 36.78 -29.78 15.22
C GLY A 172 35.27 -29.91 15.39
N ASN A 173 34.88 -30.78 16.31
CA ASN A 173 33.47 -31.02 16.59
C ASN A 173 32.70 -29.74 16.90
N PRO A 174 33.17 -28.82 17.78
CA PRO A 174 32.38 -27.64 18.10
C PRO A 174 32.12 -26.80 16.85
N THR A 175 33.09 -26.79 15.93
CA THR A 175 33.00 -25.99 14.72
C THR A 175 31.94 -26.60 13.80
N LEU A 176 31.98 -27.92 13.67
CA LEU A 176 31.05 -28.60 12.79
C LEU A 176 29.62 -28.39 13.26
N GLN A 177 29.39 -28.51 14.56
CA GLN A 177 28.04 -28.43 15.09
C GLN A 177 27.50 -27.01 14.96
N ARG A 178 28.36 -26.01 15.16
CA ARG A 178 27.85 -24.66 14.99
C ARG A 178 27.64 -24.34 13.50
N PHE A 179 28.47 -24.89 12.61
CA PHE A 179 28.27 -24.66 11.18
C PHE A 179 26.95 -25.30 10.74
N PHE A 180 26.58 -26.43 11.35
CA PHE A 180 25.33 -27.02 10.98
C PHE A 180 24.17 -26.08 11.33
N ALA A 181 24.19 -25.54 12.56
CA ALA A 181 23.09 -24.72 13.02
C ALA A 181 23.01 -23.46 12.15
N LEU A 182 24.16 -22.88 11.82
CA LEU A 182 24.15 -21.64 11.06
C LEU A 182 23.86 -21.88 9.58
N HIS A 183 24.31 -23.01 9.04
CA HIS A 183 23.97 -23.38 7.68
C HIS A 183 22.46 -23.56 7.51
N TYR A 184 21.79 -24.11 8.53
CA TYR A 184 20.34 -24.27 8.51
C TYR A 184 19.70 -22.88 8.50
N LEU A 185 20.21 -21.97 9.33
CA LEU A 185 19.60 -20.65 9.53
C LEU A 185 19.77 -19.76 8.29
N MET A 186 20.99 -19.68 7.76
CA MET A 186 21.38 -18.66 6.80
C MET A 186 20.45 -18.63 5.58
N PRO A 187 20.00 -19.77 4.99
CA PRO A 187 19.04 -19.71 3.90
C PRO A 187 17.73 -19.01 4.22
N PHE A 188 17.29 -19.03 5.49
CA PHE A 188 16.10 -18.29 5.86
C PHE A 188 16.38 -16.80 5.85
N VAL A 189 17.57 -16.41 6.31
CA VAL A 189 17.98 -15.02 6.29
C VAL A 189 18.07 -14.55 4.84
N LEU A 190 18.62 -15.42 3.99
CA LEU A 190 18.79 -15.14 2.58
C LEU A 190 17.42 -14.95 1.91
N ALA A 191 16.44 -15.80 2.25
CA ALA A 191 15.09 -15.64 1.71
C ALA A 191 14.49 -14.28 2.09
N VAL A 192 14.74 -13.84 3.33
CA VAL A 192 14.22 -12.57 3.78
C VAL A 192 14.84 -11.44 2.93
N PHE A 193 16.16 -11.46 2.74
CA PHE A 193 16.81 -10.41 1.97
C PHE A 193 16.39 -10.46 0.50
N ALA A 194 16.14 -11.66 -0.02
CA ALA A 194 15.64 -11.77 -1.39
C ALA A 194 14.28 -11.09 -1.48
N LEU A 195 13.42 -11.31 -0.48
CA LEU A 195 12.13 -10.65 -0.48
C LEU A 195 12.30 -9.13 -0.38
N LEU A 196 13.21 -8.68 0.50
CA LEU A 196 13.45 -7.24 0.66
C LEU A 196 13.91 -6.60 -0.65
N HIS A 197 14.80 -7.26 -1.41
CA HIS A 197 15.25 -6.59 -2.61
C HIS A 197 14.14 -6.49 -3.64
N LEU A 198 13.19 -7.43 -3.64
CA LEU A 198 12.05 -7.35 -4.53
C LEU A 198 11.06 -6.25 -4.11
N ILE A 199 10.85 -6.10 -2.81
CA ILE A 199 9.98 -5.03 -2.34
C ILE A 199 10.63 -3.70 -2.71
N ALA A 200 11.94 -3.56 -2.50
CA ALA A 200 12.61 -2.34 -2.90
C ALA A 200 12.45 -2.11 -4.41
N LEU A 201 12.51 -3.17 -5.22
CA LEU A 201 12.42 -3.00 -6.66
C LEU A 201 11.04 -2.53 -7.08
N HIS A 202 10.02 -2.85 -6.28
CA HIS A 202 8.65 -2.68 -6.72
C HIS A 202 8.27 -1.22 -6.84
N THR A 203 9.08 -0.33 -6.26
CA THR A 203 8.82 1.10 -6.38
C THR A 203 9.11 1.62 -7.80
N ALA A 204 10.12 1.06 -8.47
CA ALA A 204 10.46 1.52 -9.81
C ALA A 204 9.96 0.54 -10.87
N GLY A 205 9.71 -0.70 -10.44
CA GLY A 205 9.50 -1.81 -11.36
C GLY A 205 10.81 -2.31 -11.98
N SER A 206 10.71 -3.44 -12.67
CA SER A 206 11.82 -3.97 -13.46
C SER A 206 12.33 -2.97 -14.47
N SER A 207 13.65 -2.94 -14.64
CA SER A 207 14.22 -2.28 -15.81
C SER A 207 13.98 -3.15 -17.03
N ASN A 208 14.51 -2.76 -18.19
CA ASN A 208 14.27 -3.55 -19.39
C ASN A 208 15.51 -3.43 -20.27
N PRO A 209 15.68 -4.28 -21.30
CA PRO A 209 16.90 -4.25 -22.09
C PRO A 209 17.18 -2.95 -22.88
N LEU A 210 16.18 -2.09 -23.07
CA LEU A 210 16.44 -0.85 -23.78
C LEU A 210 16.92 0.24 -22.84
N GLY A 211 16.67 0.08 -21.54
CA GLY A 211 17.08 1.08 -20.56
C GLY A 211 16.13 2.27 -20.50
N ILE A 212 14.98 2.21 -21.18
CA ILE A 212 14.04 3.32 -21.18
C ILE A 212 12.92 2.99 -20.20
N THR A 213 12.02 3.95 -19.97
CA THR A 213 10.85 3.70 -19.15
C THR A 213 9.95 2.64 -19.80
N SER A 214 9.32 1.82 -18.97
CA SER A 214 8.29 0.95 -19.51
C SER A 214 6.91 1.43 -19.10
N ASN A 215 6.82 2.59 -18.43
CA ASN A 215 5.54 3.09 -17.97
C ASN A 215 4.57 3.27 -19.14
N VAL A 216 5.10 3.40 -20.35
CA VAL A 216 4.31 3.62 -21.54
C VAL A 216 3.62 2.33 -22.03
N ASP A 217 4.10 1.14 -21.59
CA ASP A 217 3.71 -0.11 -22.25
C ASP A 217 3.93 -1.33 -21.34
N LYS A 218 2.96 -1.59 -20.46
CA LYS A 218 3.13 -2.61 -19.45
C LYS A 218 2.37 -3.88 -19.83
N LEU A 219 2.86 -5.00 -19.30
CA LEU A 219 2.27 -6.31 -19.52
C LEU A 219 2.10 -6.96 -18.15
N SER A 220 0.99 -7.65 -17.90
CA SER A 220 0.85 -8.36 -16.62
C SER A 220 1.92 -9.44 -16.50
N MET A 221 2.48 -9.58 -15.30
CA MET A 221 3.38 -10.66 -14.97
C MET A 221 2.79 -12.02 -15.40
N HIS A 222 1.50 -12.23 -15.13
CA HIS A 222 0.82 -13.45 -15.52
C HIS A 222 -0.24 -13.07 -16.55
N PRO A 223 -0.43 -13.81 -17.66
CA PRO A 223 0.29 -15.05 -17.94
C PRO A 223 1.65 -14.96 -18.62
N TYR A 224 2.08 -13.77 -19.04
CA TYR A 224 3.19 -13.67 -19.99
C TYR A 224 4.52 -14.16 -19.41
N TYR A 225 4.91 -13.64 -18.25
CA TYR A 225 6.20 -14.02 -17.73
C TYR A 225 6.13 -15.32 -16.95
N SER A 226 4.96 -15.70 -16.43
CA SER A 226 4.77 -17.03 -15.87
C SER A 226 5.13 -18.10 -16.88
N PHE A 227 4.57 -18.02 -18.10
CA PHE A 227 4.83 -19.04 -19.11
C PHE A 227 6.21 -18.90 -19.71
N LYS A 228 6.75 -17.67 -19.78
CA LYS A 228 8.12 -17.52 -20.26
C LYS A 228 9.12 -18.09 -19.24
N ASP A 229 8.83 -17.97 -17.94
CA ASP A 229 9.67 -18.55 -16.90
C ASP A 229 9.68 -20.08 -16.96
N LEU A 230 8.56 -20.71 -17.38
CA LEU A 230 8.50 -22.16 -17.48
C LEU A 230 9.53 -22.70 -18.46
N ILE A 231 9.80 -21.99 -19.55
CA ILE A 231 10.78 -22.46 -20.51
C ILE A 231 12.14 -22.62 -19.82
N THR A 232 12.54 -21.60 -19.05
CA THR A 232 13.87 -21.69 -18.47
C THR A 232 13.86 -22.64 -17.28
N VAL A 233 12.71 -22.78 -16.61
CA VAL A 233 12.61 -23.80 -15.57
C VAL A 233 12.91 -25.17 -16.17
N PHE A 234 12.31 -25.51 -17.32
CA PHE A 234 12.56 -26.82 -17.91
C PHE A 234 13.96 -26.93 -18.49
N ALA A 235 14.51 -25.84 -19.03
CA ALA A 235 15.91 -25.88 -19.46
C ALA A 235 16.84 -26.12 -18.27
N PHE A 236 16.55 -25.47 -17.14
CA PHE A 236 17.31 -25.65 -15.93
C PHE A 236 17.22 -27.10 -15.46
N LEU A 237 16.00 -27.65 -15.46
CA LEU A 237 15.79 -29.02 -14.98
C LEU A 237 16.49 -30.04 -15.87
N LEU A 238 16.65 -29.73 -17.16
CA LEU A 238 17.39 -30.60 -18.05
C LEU A 238 18.86 -30.60 -17.66
N MET A 239 19.43 -29.43 -17.40
CA MET A 239 20.82 -29.31 -16.96
C MET A 239 20.99 -30.03 -15.62
N PHE A 240 20.04 -29.80 -14.72
CA PHE A 240 20.04 -30.43 -13.41
C PHE A 240 20.08 -31.95 -13.58
N THR A 241 19.20 -32.48 -14.42
CA THR A 241 19.08 -33.90 -14.67
C THR A 241 20.40 -34.47 -15.17
N LEU A 242 21.04 -33.80 -16.13
CA LEU A 242 22.28 -34.32 -16.68
C LEU A 242 23.37 -34.40 -15.61
N PHE A 243 23.41 -33.44 -14.68
CA PHE A 243 24.43 -33.54 -13.63
C PHE A 243 24.00 -34.55 -12.58
N VAL A 244 22.79 -34.42 -12.05
CA VAL A 244 22.41 -35.22 -10.90
C VAL A 244 22.35 -36.71 -11.25
N PHE A 245 21.86 -37.05 -12.44
CA PHE A 245 21.66 -38.46 -12.72
C PHE A 245 22.82 -39.08 -13.48
N PHE A 246 23.54 -38.30 -14.28
CA PHE A 246 24.52 -38.88 -15.19
C PHE A 246 25.95 -38.53 -14.81
N SER A 247 26.16 -37.38 -14.18
CA SER A 247 27.52 -37.05 -13.79
C SER A 247 27.53 -36.36 -12.42
N PRO A 248 27.05 -37.01 -11.34
CA PRO A 248 26.79 -36.29 -10.10
C PRO A 248 28.02 -35.73 -9.38
N ASP A 249 29.21 -36.20 -9.75
CA ASP A 249 30.41 -35.77 -9.04
C ASP A 249 31.32 -34.89 -9.91
N LYS A 250 30.85 -34.48 -11.09
CA LYS A 250 31.68 -33.70 -12.01
C LYS A 250 32.14 -32.38 -11.40
N LEU A 251 31.29 -31.75 -10.58
CA LEU A 251 31.61 -30.42 -10.08
C LEU A 251 32.34 -30.48 -8.74
N GLY A 252 32.53 -31.70 -8.19
CA GLY A 252 33.08 -31.82 -6.85
C GLY A 252 34.56 -32.17 -6.84
N HIS A 253 35.11 -32.32 -5.63
CA HIS A 253 36.50 -32.66 -5.44
C HIS A 253 36.58 -34.06 -4.85
N PRO A 254 37.32 -35.00 -5.47
CA PRO A 254 37.44 -36.37 -4.95
C PRO A 254 37.93 -36.46 -3.52
N ASP A 255 38.75 -35.47 -3.10
CA ASP A 255 39.29 -35.48 -1.75
C ASP A 255 38.18 -35.34 -0.70
N ASN A 256 37.00 -34.86 -1.08
CA ASN A 256 35.96 -34.78 -0.07
C ASN A 256 35.28 -36.13 0.16
N TYR A 257 35.76 -37.19 -0.49
CA TYR A 257 35.32 -38.54 -0.16
C TYR A 257 36.34 -39.23 0.73
N ILE A 258 37.33 -38.47 1.22
CA ILE A 258 38.24 -38.99 2.23
C ILE A 258 37.84 -38.36 3.56
N PRO A 259 37.60 -39.12 4.66
CA PRO A 259 37.28 -38.48 5.94
C PRO A 259 38.35 -37.48 6.41
N ALA A 260 37.91 -36.35 6.99
CA ALA A 260 38.79 -35.31 7.50
C ALA A 260 39.91 -35.93 8.32
N ASN A 261 41.15 -35.49 8.08
CA ASN A 261 42.29 -35.98 8.82
C ASN A 261 43.18 -34.77 9.15
N PRO A 262 43.18 -34.25 10.39
CA PRO A 262 44.02 -33.08 10.71
C PRO A 262 45.52 -33.24 10.52
N MET A 263 45.98 -34.49 10.46
CA MET A 263 47.39 -34.79 10.24
C MET A 263 47.75 -34.58 8.77
N VAL A 264 47.13 -35.35 7.89
CA VAL A 264 47.45 -35.32 6.46
C VAL A 264 46.87 -34.07 5.82
N THR A 265 47.73 -33.30 5.15
CA THR A 265 47.29 -32.16 4.37
C THR A 265 47.08 -32.58 2.92
N PRO A 266 45.93 -32.25 2.30
CA PRO A 266 45.68 -32.59 0.89
C PRO A 266 46.69 -31.87 0.01
N ALA A 267 46.94 -32.45 -1.17
CA ALA A 267 47.90 -31.95 -2.15
C ALA A 267 47.65 -30.48 -2.44
N SER A 268 46.39 -30.14 -2.77
CA SER A 268 46.02 -28.75 -2.98
C SER A 268 44.70 -28.44 -2.30
N ILE A 269 44.68 -27.32 -1.59
CA ILE A 269 43.49 -26.87 -0.89
C ILE A 269 42.92 -25.71 -1.71
N VAL A 270 41.81 -25.98 -2.40
CA VAL A 270 41.14 -24.94 -3.16
C VAL A 270 39.69 -24.84 -2.69
N PRO A 271 39.08 -23.64 -2.77
CA PRO A 271 37.65 -23.52 -2.53
C PRO A 271 36.86 -24.17 -3.67
N GLU A 272 35.55 -24.28 -3.46
CA GLU A 272 34.62 -24.63 -4.53
C GLU A 272 34.75 -23.62 -5.67
N TRP A 273 34.46 -24.08 -6.88
CA TRP A 273 34.77 -23.31 -8.08
C TRP A 273 34.21 -21.90 -8.00
N TYR A 274 33.02 -21.72 -7.41
CA TYR A 274 32.36 -20.42 -7.47
C TYR A 274 33.06 -19.40 -6.58
N LEU A 275 33.95 -19.83 -5.70
CA LEU A 275 34.71 -18.87 -4.90
C LEU A 275 36.08 -18.60 -5.51
N LEU A 276 36.44 -19.30 -6.59
CA LEU A 276 37.81 -19.23 -7.05
C LEU A 276 38.27 -17.81 -7.42
N PRO A 277 37.47 -16.95 -8.07
CA PRO A 277 37.98 -15.62 -8.45
C PRO A 277 38.41 -14.80 -7.23
N PHE A 278 37.68 -14.95 -6.12
CA PHE A 278 37.99 -14.18 -4.93
C PHE A 278 39.25 -14.72 -4.29
N TYR A 279 39.45 -16.04 -4.42
CA TYR A 279 40.68 -16.63 -3.92
C TYR A 279 41.88 -16.13 -4.73
N ALA A 280 41.73 -16.00 -6.05
CA ALA A 280 42.82 -15.46 -6.86
C ALA A 280 43.16 -14.03 -6.46
N ILE A 281 42.14 -13.23 -6.14
CA ILE A 281 42.35 -11.84 -5.75
C ILE A 281 43.11 -11.80 -4.43
N LEU A 282 42.74 -12.68 -3.51
CA LEU A 282 43.44 -12.74 -2.22
C LEU A 282 44.91 -13.07 -2.42
N ARG A 283 45.23 -14.09 -3.24
CA ARG A 283 46.60 -14.50 -3.48
C ARG A 283 47.44 -13.38 -4.11
N ALA A 284 46.79 -12.47 -4.85
CA ALA A 284 47.53 -11.46 -5.58
C ALA A 284 48.24 -10.48 -4.65
N ILE A 285 47.65 -10.24 -3.48
CA ILE A 285 48.24 -9.29 -2.54
C ILE A 285 49.17 -10.08 -1.63
N PRO A 286 50.47 -9.73 -1.51
CA PRO A 286 51.38 -10.51 -0.67
C PRO A 286 51.08 -10.49 0.83
N ASP A 287 50.66 -9.32 1.34
CA ASP A 287 50.27 -9.14 2.73
C ASP A 287 49.02 -9.94 3.06
N LYS A 288 49.01 -10.56 4.25
CA LYS A 288 47.88 -11.33 4.75
C LYS A 288 46.64 -10.45 4.88
N LEU A 289 46.76 -9.35 5.64
CA LEU A 289 45.62 -8.49 5.89
C LEU A 289 45.21 -7.77 4.60
N GLY A 290 46.21 -7.35 3.81
CA GLY A 290 46.01 -6.77 2.51
C GLY A 290 45.14 -7.67 1.64
N GLY A 291 45.50 -8.95 1.60
CA GLY A 291 44.80 -9.95 0.80
C GLY A 291 43.33 -10.08 1.23
N VAL A 292 43.10 -10.05 2.54
CA VAL A 292 41.75 -10.25 3.04
C VAL A 292 40.91 -9.03 2.66
N ILE A 293 41.49 -7.85 2.82
CA ILE A 293 40.81 -6.60 2.51
C ILE A 293 40.45 -6.59 1.03
N ALA A 294 41.42 -6.91 0.17
CA ALA A 294 41.20 -6.92 -1.27
C ALA A 294 40.06 -7.89 -1.62
N MET A 295 40.04 -9.05 -0.96
CA MET A 295 39.06 -10.07 -1.29
C MET A 295 37.65 -9.57 -0.94
N VAL A 296 37.53 -8.90 0.21
CA VAL A 296 36.24 -8.38 0.65
C VAL A 296 35.84 -7.19 -0.21
N ALA A 297 36.81 -6.31 -0.47
CA ALA A 297 36.62 -5.14 -1.32
C ALA A 297 36.16 -5.53 -2.72
N ALA A 298 36.59 -6.70 -3.22
CA ALA A 298 36.20 -7.17 -4.54
C ALA A 298 34.68 -7.38 -4.61
N ILE A 299 34.06 -7.64 -3.46
CA ILE A 299 32.62 -7.76 -3.49
C ILE A 299 31.99 -6.43 -3.12
N LEU A 300 32.55 -5.76 -2.11
CA LEU A 300 31.90 -4.54 -1.65
C LEU A 300 32.00 -3.43 -2.70
N ILE A 301 32.98 -3.50 -3.60
CA ILE A 301 33.13 -2.49 -4.64
C ILE A 301 31.94 -2.45 -5.59
N LEU A 302 31.15 -3.54 -5.65
CA LEU A 302 29.92 -3.52 -6.43
C LEU A 302 29.00 -2.38 -5.98
N LEU A 303 29.10 -1.99 -4.70
CA LEU A 303 28.24 -0.95 -4.15
C LEU A 303 28.53 0.42 -4.75
N ILE A 304 29.66 0.59 -5.45
CA ILE A 304 29.97 1.92 -5.95
C ILE A 304 29.61 2.05 -7.44
N LEU A 305 29.15 0.98 -8.07
CA LEU A 305 28.75 1.11 -9.47
C LEU A 305 27.79 2.28 -9.68
N PRO A 306 26.78 2.53 -8.82
CA PRO A 306 25.88 3.66 -9.04
C PRO A 306 26.61 5.01 -9.12
N ILE A 307 27.79 5.11 -8.50
CA ILE A 307 28.55 6.36 -8.48
C ILE A 307 29.51 6.46 -9.66
N VAL A 308 30.21 5.37 -9.97
CA VAL A 308 31.31 5.46 -10.92
C VAL A 308 30.81 5.38 -12.36
N ASP A 309 29.60 4.85 -12.56
CA ASP A 309 29.01 4.89 -13.90
C ASP A 309 28.47 6.31 -14.14
N ARG A 310 29.13 7.08 -15.01
CA ARG A 310 28.75 8.49 -15.17
C ARG A 310 27.81 8.67 -16.36
N SER A 311 27.29 7.58 -16.91
CA SER A 311 26.53 7.66 -18.15
C SER A 311 25.20 8.37 -17.92
N ILE A 312 24.74 9.11 -18.93
CA ILE A 312 23.41 9.68 -18.89
C ILE A 312 22.39 8.66 -19.41
N ILE A 313 22.85 7.49 -19.84
CA ILE A 313 21.99 6.47 -20.42
C ILE A 313 22.09 5.19 -19.59
N ARG A 314 20.97 4.50 -19.38
CA ARG A 314 20.98 3.30 -18.57
C ARG A 314 21.32 2.09 -19.45
N GLY A 315 22.40 1.37 -19.11
CA GLY A 315 22.68 0.06 -19.65
C GLY A 315 23.51 0.11 -20.94
N ASN A 316 23.91 -1.06 -21.44
CA ASN A 316 24.95 -1.11 -22.46
C ASN A 316 24.40 -1.39 -23.85
N ALA A 317 23.10 -1.59 -24.02
CA ALA A 317 22.61 -2.01 -25.34
C ALA A 317 23.08 -1.09 -26.48
N PHE A 318 23.22 0.21 -26.19
CA PHE A 318 23.55 1.17 -27.25
C PHE A 318 24.95 1.73 -27.06
N LYS A 319 25.82 1.03 -26.33
CA LYS A 319 27.11 1.63 -26.02
C LYS A 319 28.21 0.69 -26.47
N PRO A 320 28.67 0.76 -27.73
CA PRO A 320 29.70 -0.17 -28.22
C PRO A 320 30.96 -0.27 -27.36
N ILE A 321 31.47 0.87 -26.86
CA ILE A 321 32.73 0.82 -26.12
C ILE A 321 32.50 0.17 -24.75
N SER A 322 31.41 0.54 -24.08
CA SER A 322 31.05 -0.05 -22.79
CA SER A 322 31.03 -0.05 -22.80
C SER A 322 30.77 -1.55 -22.92
N LYS A 323 30.29 -1.98 -24.09
CA LYS A 323 30.05 -3.40 -24.31
C LYS A 323 31.37 -4.15 -24.42
N LEU A 324 32.37 -3.56 -25.08
CA LEU A 324 33.69 -4.17 -25.21
C LEU A 324 34.34 -4.29 -23.83
N LEU A 325 34.31 -3.19 -23.08
CA LEU A 325 34.88 -3.16 -21.75
C LEU A 325 34.20 -4.19 -20.85
N PHE A 326 32.87 -4.33 -20.98
CA PHE A 326 32.14 -5.30 -20.18
C PHE A 326 32.61 -6.71 -20.51
N GLY A 327 32.81 -6.98 -21.80
CA GLY A 327 33.27 -8.28 -22.27
C GLY A 327 34.63 -8.64 -21.66
N PHE A 328 35.56 -7.68 -21.67
CA PHE A 328 36.88 -7.88 -21.08
C PHE A 328 36.79 -8.09 -19.58
N PHE A 329 35.92 -7.32 -18.90
CA PHE A 329 35.72 -7.47 -17.47
C PHE A 329 35.24 -8.88 -17.14
N ILE A 330 34.25 -9.40 -17.90
CA ILE A 330 33.69 -10.72 -17.61
C ILE A 330 34.74 -11.81 -17.84
N CYS A 331 35.47 -11.72 -18.95
CA CYS A 331 36.45 -12.74 -19.28
C CYS A 331 37.61 -12.73 -18.28
N ASN A 332 37.97 -11.54 -17.80
CA ASN A 332 38.97 -11.37 -16.75
C ASN A 332 38.49 -12.06 -15.47
N PHE A 333 37.20 -11.92 -15.16
CA PHE A 333 36.65 -12.56 -13.98
C PHE A 333 36.74 -14.08 -14.09
N LEU A 334 36.54 -14.61 -15.30
CA LEU A 334 36.66 -16.05 -15.53
C LEU A 334 38.13 -16.48 -15.43
N LEU A 335 39.05 -15.68 -15.97
CA LEU A 335 40.47 -15.98 -15.86
C LEU A 335 40.88 -16.00 -14.38
N LEU A 336 40.44 -15.01 -13.59
CA LEU A 336 40.69 -15.04 -12.17
C LEU A 336 40.23 -16.36 -11.57
N GLY A 337 39.05 -16.84 -11.97
CA GLY A 337 38.53 -18.12 -11.50
C GLY A 337 39.50 -19.25 -11.80
N VAL A 338 39.96 -19.33 -13.05
CA VAL A 338 40.95 -20.33 -13.44
C VAL A 338 42.22 -20.20 -12.60
N LEU A 339 42.71 -18.97 -12.39
CA LEU A 339 43.95 -18.76 -11.66
C LEU A 339 43.80 -19.09 -10.16
N GLY A 340 42.56 -19.11 -9.68
CA GLY A 340 42.32 -19.50 -8.29
C GLY A 340 42.63 -20.98 -8.06
N GLN A 341 42.69 -21.80 -9.11
CA GLN A 341 42.88 -23.23 -8.87
C GLN A 341 44.21 -23.75 -9.43
N VAL A 342 45.04 -22.88 -10.02
CA VAL A 342 46.37 -23.29 -10.42
C VAL A 342 47.27 -23.31 -9.19
N HIS A 343 48.43 -23.95 -9.30
CA HIS A 343 49.42 -23.90 -8.24
C HIS A 343 50.07 -22.53 -8.21
N ILE A 344 50.51 -22.10 -7.02
CA ILE A 344 51.23 -20.85 -6.87
C ILE A 344 52.62 -21.02 -7.47
N GLU A 345 52.72 -20.79 -8.78
CA GLU A 345 53.91 -21.06 -9.56
C GLU A 345 54.04 -20.01 -10.65
N PRO A 346 55.25 -19.74 -11.19
CA PRO A 346 55.37 -18.92 -12.40
C PRO A 346 54.73 -19.62 -13.59
N PRO A 347 54.16 -18.87 -14.57
CA PRO A 347 54.04 -17.42 -14.49
C PRO A 347 52.69 -16.97 -13.94
N PHE A 348 52.01 -17.84 -13.20
CA PHE A 348 50.64 -17.56 -12.82
C PHE A 348 50.59 -16.53 -11.69
N ILE A 349 51.72 -16.35 -10.99
CA ILE A 349 51.73 -15.42 -9.87
C ILE A 349 51.52 -14.00 -10.37
N VAL A 350 52.31 -13.60 -11.36
CA VAL A 350 52.25 -12.25 -11.94
C VAL A 350 50.95 -12.06 -12.71
N LEU A 351 50.54 -13.08 -13.47
CA LEU A 351 49.28 -13.00 -14.20
C LEU A 351 48.11 -12.72 -13.25
N GLY A 352 48.10 -13.36 -12.08
CA GLY A 352 47.04 -13.17 -11.11
C GLY A 352 46.98 -11.72 -10.60
N GLN A 353 48.16 -11.10 -10.51
CA GLN A 353 48.29 -9.73 -10.06
C GLN A 353 47.78 -8.77 -11.12
N ILE A 354 48.14 -9.02 -12.38
CA ILE A 354 47.65 -8.20 -13.47
C ILE A 354 46.13 -8.29 -13.55
N CYS A 355 45.57 -9.51 -13.50
CA CYS A 355 44.12 -9.68 -13.56
C CYS A 355 43.43 -9.02 -12.37
N THR A 356 44.06 -9.05 -11.19
CA THR A 356 43.48 -8.38 -10.03
C THR A 356 43.46 -6.87 -10.25
N ILE A 357 44.54 -6.31 -10.80
CA ILE A 357 44.58 -4.88 -11.07
C ILE A 357 43.47 -4.53 -12.06
N PHE A 358 43.32 -5.35 -13.10
CA PHE A 358 42.29 -5.08 -14.09
C PHE A 358 40.90 -5.12 -13.46
N TYR A 359 40.66 -6.11 -12.58
CA TYR A 359 39.36 -6.22 -11.93
C TYR A 359 39.00 -4.91 -11.24
N PHE A 360 39.93 -4.36 -10.46
CA PHE A 360 39.61 -3.17 -9.67
C PHE A 360 39.56 -1.92 -10.55
N SER A 361 40.37 -1.91 -11.61
CA SER A 361 40.48 -0.73 -12.44
C SER A 361 39.22 -0.55 -13.30
N TYR A 362 38.46 -1.62 -13.50
CA TYR A 362 37.16 -1.51 -14.15
C TYR A 362 36.30 -0.53 -13.36
N PHE A 363 36.17 -0.73 -12.06
CA PHE A 363 35.33 0.13 -11.24
C PHE A 363 35.95 1.51 -11.07
N LEU A 364 37.27 1.59 -10.93
CA LEU A 364 37.83 2.81 -10.38
C LEU A 364 38.27 3.76 -11.48
N ILE A 365 38.57 3.22 -12.67
CA ILE A 365 39.21 4.03 -13.70
C ILE A 365 38.43 3.90 -15.00
N LEU A 366 38.29 2.66 -15.49
CA LEU A 366 37.84 2.45 -16.86
C LEU A 366 36.37 2.82 -17.02
N LEU A 367 35.50 2.34 -16.14
CA LEU A 367 34.09 2.61 -16.29
C LEU A 367 33.82 4.11 -16.15
N PRO A 368 34.37 4.83 -15.14
CA PRO A 368 34.20 6.28 -15.11
C PRO A 368 34.73 7.00 -16.35
N MET A 369 35.86 6.56 -16.91
CA MET A 369 36.38 7.23 -18.10
C MET A 369 35.53 6.93 -19.32
N VAL A 370 35.22 5.66 -19.55
CA VAL A 370 34.52 5.24 -20.74
C VAL A 370 33.13 5.86 -20.74
N SER A 371 32.48 5.87 -19.57
CA SER A 371 31.12 6.38 -19.50
C SER A 371 31.09 7.89 -19.74
N THR A 372 32.12 8.62 -19.28
CA THR A 372 32.25 10.05 -19.53
C THR A 372 32.40 10.32 -21.03
N ILE A 373 33.30 9.59 -21.68
CA ILE A 373 33.58 9.76 -23.10
C ILE A 373 32.35 9.40 -23.94
N GLU A 374 31.63 8.34 -23.56
CA GLU A 374 30.48 7.95 -24.36
C GLU A 374 29.39 9.02 -24.28
N ASN A 375 29.23 9.67 -23.12
CA ASN A 375 28.29 10.77 -22.99
C ASN A 375 28.58 11.80 -24.08
N ILE A 376 29.86 12.17 -24.22
CA ILE A 376 30.25 13.20 -25.15
C ILE A 376 30.02 12.74 -26.59
N PHE A 377 30.34 11.47 -26.88
CA PHE A 377 30.13 10.93 -28.21
C PHE A 377 28.65 10.90 -28.57
N PHE A 378 27.76 10.56 -27.63
CA PHE A 378 26.35 10.58 -27.95
C PHE A 378 25.89 11.98 -28.34
N TYR A 379 26.35 12.97 -27.59
CA TYR A 379 25.90 14.35 -27.78
C TYR A 379 26.44 14.90 -29.10
N ILE A 380 27.76 14.81 -29.29
CA ILE A 380 28.39 15.37 -30.46
C ILE A 380 27.97 14.58 -31.71
N GLY A 381 27.90 13.27 -31.58
CA GLY A 381 27.61 12.38 -32.70
C GLY A 381 26.21 12.59 -33.27
N SER A 382 25.29 13.09 -32.43
CA SER A 382 23.92 13.22 -32.89
C SER A 382 23.55 14.67 -33.21
N LEU A 383 24.48 15.61 -33.03
CA LEU A 383 24.20 17.03 -33.23
C LEU A 383 23.67 17.25 -34.65
N GLY B 39 -17.73 24.64 29.65
CA GLY B 39 -19.17 24.27 29.38
C GLY B 39 -19.67 24.74 28.02
N LYS B 40 -19.21 25.94 27.62
CA LYS B 40 -19.52 26.52 26.33
C LYS B 40 -18.32 27.25 25.75
N SER B 41 -17.75 28.22 26.49
CA SER B 41 -16.61 28.95 25.97
C SER B 41 -15.40 28.03 25.84
N THR B 42 -14.76 28.04 24.66
CA THR B 42 -13.57 27.22 24.49
C THR B 42 -12.30 27.96 24.89
N TYR B 43 -12.40 29.24 25.28
CA TYR B 43 -11.25 30.01 25.72
C TYR B 43 -11.04 29.84 27.22
N LYS B 44 -12.02 29.26 27.89
CA LYS B 44 -11.84 29.00 29.30
C LYS B 44 -11.24 27.60 29.44
N ILE B 45 -9.93 27.54 29.66
CA ILE B 45 -9.23 26.26 29.70
C ILE B 45 -9.80 25.44 30.87
N PRO B 46 -10.11 24.14 30.66
CA PRO B 46 -10.48 23.27 31.78
C PRO B 46 -9.44 23.28 32.88
N ASP B 47 -9.85 22.85 34.07
CA ASP B 47 -8.98 22.97 35.23
C ASP B 47 -7.88 21.91 35.17
N PHE B 48 -6.61 22.36 35.11
CA PHE B 48 -5.47 21.46 35.14
C PHE B 48 -4.64 21.61 36.40
N THR B 49 -5.14 22.37 37.39
CA THR B 49 -4.41 22.65 38.62
C THR B 49 -4.08 21.39 39.41
N PRO B 50 -4.94 20.33 39.48
CA PRO B 50 -4.52 19.08 40.12
C PRO B 50 -3.26 18.43 39.54
N TYR B 51 -2.85 18.82 38.32
CA TYR B 51 -1.72 18.13 37.70
C TYR B 51 -0.52 19.06 37.49
N LEU B 52 -0.76 20.37 37.36
CA LEU B 52 0.27 21.29 36.92
C LEU B 52 1.38 21.41 37.96
N LYS B 53 2.65 21.38 37.52
CA LYS B 53 3.74 21.73 38.40
C LYS B 53 4.01 23.22 38.30
N LYS B 54 4.33 23.88 39.42
CA LYS B 54 4.66 25.29 39.43
C LYS B 54 6.01 25.55 38.73
N ASP B 55 6.98 24.66 38.92
CA ASP B 55 8.28 24.91 38.30
C ASP B 55 8.46 24.08 37.04
N ARG B 56 7.42 24.05 36.21
CA ARG B 56 7.41 23.30 34.96
C ARG B 56 8.47 23.80 33.97
N ASN B 57 8.87 25.08 34.05
CA ASN B 57 9.72 25.63 33.01
C ASN B 57 11.20 25.58 33.39
N THR B 58 11.52 25.10 34.59
CA THR B 58 12.89 25.16 35.09
C THR B 58 13.75 24.02 34.50
N ASP B 59 15.06 24.25 34.47
CA ASP B 59 16.02 23.22 34.07
C ASP B 59 16.01 22.06 35.06
N ALA B 60 15.84 22.36 36.36
CA ALA B 60 15.77 21.31 37.36
C ALA B 60 14.64 20.33 37.04
N ASN B 61 13.50 20.88 36.62
CA ASN B 61 12.32 20.08 36.31
C ASN B 61 12.63 19.12 35.18
N ARG B 62 13.21 19.63 34.08
CA ARG B 62 13.52 18.78 32.94
C ARG B 62 14.58 17.75 33.30
N LEU B 63 15.60 18.20 34.05
CA LEU B 63 16.73 17.38 34.39
C LEU B 63 16.26 16.17 35.20
N PHE B 64 15.27 16.37 36.07
CA PHE B 64 14.78 15.24 36.83
C PHE B 64 14.25 14.14 35.91
N SER B 65 13.42 14.51 34.93
CA SER B 65 12.84 13.48 34.11
C SER B 65 13.91 12.82 33.23
N TYR B 66 14.94 13.58 32.85
CA TYR B 66 16.01 12.98 32.05
C TYR B 66 16.91 12.11 32.91
N PHE B 67 16.94 12.37 34.22
CA PHE B 67 17.63 11.47 35.13
C PHE B 67 16.95 10.10 35.13
N MET B 68 15.62 10.08 35.16
CA MET B 68 14.88 8.82 35.13
C MET B 68 15.09 8.11 33.79
N ILE B 69 14.97 8.85 32.69
CA ILE B 69 15.18 8.28 31.36
C ILE B 69 16.62 7.75 31.25
N GLY B 70 17.57 8.56 31.71
CA GLY B 70 18.98 8.21 31.66
C GLY B 70 19.31 6.98 32.50
N SER B 71 18.74 6.88 33.71
CA SER B 71 18.95 5.72 34.55
C SER B 71 18.41 4.47 33.88
N PHE B 72 17.27 4.63 33.22
CA PHE B 72 16.65 3.50 32.55
C PHE B 72 17.54 3.06 31.38
N GLY B 73 18.08 4.04 30.65
CA GLY B 73 18.99 3.74 29.56
C GLY B 73 20.27 3.11 30.08
N MET B 74 20.69 3.54 31.28
CA MET B 74 21.94 3.05 31.85
C MET B 74 21.78 1.58 32.23
N LEU B 75 20.69 1.24 32.94
CA LEU B 75 20.46 -0.14 33.33
C LEU B 75 20.20 -1.02 32.12
N SER B 76 19.56 -0.47 31.08
CA SER B 76 19.33 -1.24 29.87
C SER B 76 20.65 -1.52 29.15
N ALA B 77 21.57 -0.55 29.14
CA ALA B 77 22.89 -0.76 28.56
C ALA B 77 23.68 -1.80 29.36
N ALA B 78 23.65 -1.68 30.70
CA ALA B 78 24.39 -2.60 31.54
C ALA B 78 23.80 -4.01 31.41
N GLY B 79 22.47 -4.10 31.38
CA GLY B 79 21.76 -5.38 31.25
C GLY B 79 22.02 -6.02 29.89
N ALA B 80 21.99 -5.21 28.82
CA ALA B 80 22.27 -5.73 27.48
C ALA B 80 23.71 -6.26 27.39
N LYS B 81 24.65 -5.49 27.94
CA LYS B 81 26.04 -5.89 27.90
C LYS B 81 26.22 -7.22 28.63
N ALA B 82 25.64 -7.35 29.83
CA ALA B 82 25.75 -8.55 30.64
C ALA B 82 25.14 -9.73 29.88
N THR B 83 23.99 -9.48 29.26
CA THR B 83 23.23 -10.52 28.58
C THR B 83 24.05 -11.01 27.38
N VAL B 84 24.49 -10.07 26.54
CA VAL B 84 25.27 -10.36 25.35
C VAL B 84 26.53 -11.16 25.73
N GLN B 85 27.27 -10.68 26.73
CA GLN B 85 28.54 -11.28 27.12
C GLN B 85 28.32 -12.70 27.61
N ASP B 86 27.36 -12.89 28.52
CA ASP B 86 27.14 -14.20 29.12
C ASP B 86 26.65 -15.16 28.05
N PHE B 87 25.69 -14.70 27.26
CA PHE B 87 25.07 -15.52 26.24
C PHE B 87 26.08 -15.95 25.18
N LEU B 88 26.84 -15.01 24.62
CA LEU B 88 27.75 -15.34 23.52
C LEU B 88 28.94 -16.17 23.99
N SER B 89 29.22 -16.16 25.30
CA SER B 89 30.34 -16.95 25.79
C SER B 89 30.12 -18.45 25.55
N ASN B 90 28.87 -18.87 25.27
CA ASN B 90 28.59 -20.26 24.92
C ASN B 90 29.45 -20.70 23.73
N MET B 91 29.86 -19.75 22.89
CA MET B 91 30.58 -20.12 21.68
C MET B 91 32.08 -20.28 21.92
N SER B 92 32.58 -19.79 23.06
CA SER B 92 33.97 -19.99 23.43
C SER B 92 34.18 -21.44 23.86
N ALA B 93 35.41 -21.95 23.80
CA ALA B 93 35.72 -23.33 24.14
C ALA B 93 35.03 -23.76 25.44
N SER B 94 34.28 -24.85 25.37
CA SER B 94 33.60 -25.41 26.52
C SER B 94 34.62 -26.11 27.42
N ALA B 95 34.19 -26.44 28.65
CA ALA B 95 35.06 -26.96 29.70
C ALA B 95 35.75 -28.26 29.28
N ASP B 96 35.03 -29.11 28.53
CA ASP B 96 35.59 -30.37 28.07
C ASP B 96 36.66 -30.12 27.00
N VAL B 97 36.49 -29.07 26.18
CA VAL B 97 37.47 -28.72 25.17
C VAL B 97 38.73 -28.15 25.86
N LEU B 98 38.53 -27.29 26.86
CA LEU B 98 39.66 -26.69 27.57
C LEU B 98 40.44 -27.74 28.37
N ALA B 99 39.77 -28.82 28.78
CA ALA B 99 40.40 -29.87 29.57
C ALA B 99 41.42 -30.65 28.74
N MET B 100 41.19 -30.71 27.42
CA MET B 100 42.01 -31.50 26.50
C MET B 100 43.09 -30.65 25.82
N ALA B 101 43.38 -29.47 26.36
CA ALA B 101 44.24 -28.52 25.65
C ALA B 101 45.70 -28.55 26.14
N ALA C 2 26.40 11.81 -14.57
CA ALA C 2 26.78 13.19 -15.04
C ALA C 2 25.52 13.97 -15.41
N SER C 3 25.54 15.28 -15.13
CA SER C 3 24.46 16.16 -15.50
C SER C 3 24.54 16.41 -17.00
N ILE C 4 23.38 16.70 -17.62
CA ILE C 4 23.35 17.07 -19.03
C ILE C 4 24.17 18.33 -19.22
N THR C 5 24.11 19.24 -18.23
CA THR C 5 24.87 20.48 -18.28
C THR C 5 26.35 20.20 -18.51
N SER C 6 26.94 19.30 -17.71
CA SER C 6 28.36 19.01 -17.82
C SER C 6 28.69 18.44 -19.18
N VAL C 7 27.83 17.54 -19.68
CA VAL C 7 28.06 16.89 -20.95
C VAL C 7 28.06 17.93 -22.06
N VAL C 8 27.09 18.84 -22.00
CA VAL C 8 26.95 19.87 -23.03
C VAL C 8 28.13 20.83 -22.96
N LYS C 9 28.56 21.20 -21.75
CA LYS C 9 29.67 22.15 -21.63
C LYS C 9 30.97 21.57 -22.15
N THR C 10 31.27 20.32 -21.76
CA THR C 10 32.49 19.66 -22.22
C THR C 10 32.48 19.53 -23.74
N SER C 11 31.34 19.11 -24.29
CA SER C 11 31.18 18.99 -25.73
C SER C 11 31.45 20.32 -26.42
N GLU C 12 31.00 21.42 -25.81
CA GLU C 12 31.19 22.73 -26.44
C GLU C 12 32.66 23.14 -26.39
N LEU C 13 33.39 22.78 -25.33
CA LEU C 13 34.82 23.04 -25.28
C LEU C 13 35.55 22.34 -26.44
N ILE C 14 35.11 21.13 -26.77
CA ILE C 14 35.74 20.32 -27.80
C ILE C 14 35.42 20.93 -29.17
N LEU C 15 34.16 21.29 -29.38
CA LEU C 15 33.72 21.82 -30.66
C LEU C 15 34.41 23.15 -30.96
N LYS C 16 34.72 23.93 -29.92
CA LYS C 16 35.44 25.18 -30.07
C LYS C 16 36.84 24.91 -30.63
N SER C 17 37.59 24.00 -29.98
CA SER C 17 38.96 23.69 -30.35
C SER C 17 39.02 23.08 -31.75
N PRO C 18 39.70 23.71 -32.75
CA PRO C 18 39.73 23.18 -34.12
C PRO C 18 40.33 21.77 -34.17
N LEU C 19 41.50 21.61 -33.56
CA LEU C 19 42.20 20.33 -33.51
C LEU C 19 41.33 19.25 -32.86
N LEU C 20 40.79 19.57 -31.67
CA LEU C 20 39.94 18.65 -30.94
C LEU C 20 38.75 18.22 -31.78
N SER C 21 38.04 19.19 -32.39
CA SER C 21 36.86 18.85 -33.16
C SER C 21 37.22 17.97 -34.34
N LYS C 22 38.39 18.24 -34.95
CA LYS C 22 38.87 17.51 -36.11
C LYS C 22 39.02 16.01 -35.80
N ILE C 23 39.32 15.68 -34.54
CA ILE C 23 39.52 14.29 -34.15
C ILE C 23 38.23 13.70 -33.58
N VAL C 24 37.47 14.51 -32.84
CA VAL C 24 36.40 13.96 -32.01
C VAL C 24 35.13 13.82 -32.83
N VAL C 25 34.83 14.81 -33.67
CA VAL C 25 33.57 14.78 -34.39
C VAL C 25 33.44 13.53 -35.26
N PRO C 26 34.46 13.14 -36.07
CA PRO C 26 34.37 11.91 -36.84
C PRO C 26 34.22 10.66 -35.97
N LEU C 27 34.94 10.59 -34.84
CA LEU C 27 34.80 9.45 -33.94
C LEU C 27 33.37 9.38 -33.38
N ALA C 28 32.81 10.55 -33.04
CA ALA C 28 31.51 10.59 -32.38
C ALA C 28 30.45 10.13 -33.37
N LYS C 29 30.64 10.49 -34.65
CA LYS C 29 29.68 10.12 -35.67
C LYS C 29 29.71 8.62 -35.94
N THR C 30 30.90 7.99 -35.89
CA THR C 30 31.01 6.55 -36.05
C THR C 30 30.39 5.84 -34.84
N TYR C 31 30.69 6.37 -33.66
CA TYR C 31 30.16 5.80 -32.43
C TYR C 31 28.63 5.70 -32.54
N VAL C 32 28.02 6.80 -32.99
CA VAL C 32 26.57 6.88 -33.04
C VAL C 32 26.02 5.89 -34.06
N LYS C 33 26.74 5.70 -35.17
CA LYS C 33 26.36 4.73 -36.18
C LYS C 33 26.42 3.31 -35.62
N PHE C 34 27.50 2.96 -34.91
CA PHE C 34 27.57 1.63 -34.33
C PHE C 34 26.66 1.44 -33.12
N SER C 35 26.31 2.54 -32.45
CA SER C 35 25.42 2.46 -31.31
C SER C 35 24.11 1.77 -31.72
N GLY C 36 23.59 2.18 -32.88
CA GLY C 36 22.46 1.52 -33.49
C GLY C 36 21.12 1.87 -32.85
N TYR C 37 21.04 2.92 -32.04
CA TYR C 37 19.73 3.29 -31.51
C TYR C 37 18.81 3.79 -32.62
N ARG C 38 19.37 4.34 -33.70
CA ARG C 38 18.56 4.82 -34.81
C ARG C 38 17.84 3.67 -35.51
N GLN C 39 18.39 2.46 -35.40
CA GLN C 39 17.80 1.28 -36.03
C GLN C 39 16.57 0.79 -35.27
N LEU C 40 16.27 1.37 -34.10
CA LEU C 40 15.03 1.08 -33.39
C LEU C 40 14.10 2.28 -33.44
N GLY C 41 14.45 3.28 -34.26
CA GLY C 41 13.60 4.45 -34.45
C GLY C 41 13.66 5.43 -33.29
N PHE C 42 14.71 5.33 -32.46
CA PHE C 42 14.90 6.28 -31.37
C PHE C 42 15.62 7.55 -31.85
N LYS C 43 15.36 8.66 -31.16
CA LYS C 43 16.26 9.80 -31.22
C LYS C 43 17.19 9.69 -30.02
N MET C 44 18.38 10.28 -30.10
CA MET C 44 19.35 10.18 -29.02
C MET C 44 18.73 10.54 -27.67
N ASN C 45 17.95 11.63 -27.63
CA ASN C 45 17.42 12.13 -26.37
C ASN C 45 16.40 11.17 -25.74
N ASP C 46 15.82 10.26 -26.54
CA ASP C 46 14.90 9.26 -26.00
C ASP C 46 15.60 8.33 -25.02
N LEU C 47 16.94 8.24 -25.08
CA LEU C 47 17.66 7.26 -24.28
C LEU C 47 18.03 7.81 -22.91
N ILE C 48 17.88 9.11 -22.70
CA ILE C 48 18.36 9.73 -21.46
C ILE C 48 17.51 9.24 -20.28
N ILE C 49 18.19 8.87 -19.18
CA ILE C 49 17.54 8.37 -17.96
C ILE C 49 16.50 9.40 -17.51
N GLU C 50 15.28 8.95 -17.27
CA GLU C 50 14.21 9.89 -16.98
C GLU C 50 13.79 9.86 -15.51
N GLU C 51 14.27 8.88 -14.74
CA GLU C 51 13.75 8.69 -13.40
C GLU C 51 14.51 9.57 -12.40
N THR C 52 14.51 10.87 -12.63
CA THR C 52 15.05 11.82 -11.66
C THR C 52 14.07 12.99 -11.56
N PRO C 53 14.01 13.75 -10.44
CA PRO C 53 13.13 14.92 -10.37
C PRO C 53 13.34 15.88 -11.53
N ASN C 54 14.62 16.19 -11.83
CA ASN C 54 14.97 17.15 -12.87
C ASN C 54 14.40 16.71 -14.23
N MET C 55 14.57 15.44 -14.56
CA MET C 55 14.19 14.97 -15.88
C MET C 55 12.67 14.86 -15.96
N GLN C 56 12.01 14.47 -14.86
CA GLN C 56 10.55 14.45 -14.83
C GLN C 56 10.00 15.85 -15.10
N LEU C 57 10.63 16.87 -14.50
CA LEU C 57 10.23 18.25 -14.73
C LEU C 57 10.45 18.64 -16.19
N ALA C 58 11.61 18.28 -16.77
CA ALA C 58 11.87 18.61 -18.16
C ALA C 58 10.84 17.96 -19.09
N LEU C 59 10.46 16.71 -18.79
CA LEU C 59 9.51 16.00 -19.65
C LEU C 59 8.14 16.65 -19.60
N ARG C 60 7.73 17.12 -18.41
CA ARG C 60 6.46 17.81 -18.24
C ARG C 60 6.43 19.13 -19.02
N ARG C 61 7.60 19.71 -19.31
CA ARG C 61 7.65 20.99 -20.01
C ARG C 61 7.69 20.80 -21.52
N LEU C 62 7.81 19.55 -22.00
CA LEU C 62 7.79 19.35 -23.45
C LEU C 62 6.48 19.85 -24.04
N PRO C 63 6.48 20.48 -25.23
CA PRO C 63 5.23 20.78 -25.93
C PRO C 63 4.43 19.49 -26.16
N PRO C 64 3.09 19.54 -26.08
CA PRO C 64 2.27 18.32 -26.20
C PRO C 64 2.60 17.45 -27.41
N THR C 65 2.83 18.07 -28.58
CA THR C 65 3.15 17.29 -29.77
C THR C 65 4.44 16.51 -29.59
N GLU C 66 5.51 17.18 -29.15
CA GLU C 66 6.77 16.50 -28.91
C GLU C 66 6.58 15.34 -27.93
N SER C 67 5.75 15.59 -26.91
CA SER C 67 5.51 14.62 -25.87
C SER C 67 4.78 13.40 -26.45
N TYR C 68 3.78 13.64 -27.30
CA TYR C 68 3.02 12.54 -27.88
C TYR C 68 3.91 11.73 -28.82
N ASP C 69 4.79 12.41 -29.57
CA ASP C 69 5.66 11.71 -30.51
C ASP C 69 6.69 10.86 -29.77
N ARG C 70 7.19 11.36 -28.63
CA ARG C 70 8.15 10.61 -27.85
C ARG C 70 7.51 9.32 -27.36
N VAL C 71 6.28 9.40 -26.84
CA VAL C 71 5.57 8.23 -26.36
C VAL C 71 5.49 7.19 -27.48
N TYR C 72 5.16 7.62 -28.69
CA TYR C 72 5.06 6.67 -29.78
C TYR C 72 6.40 6.02 -30.10
N ARG C 73 7.48 6.81 -30.12
CA ARG C 73 8.79 6.24 -30.40
C ARG C 73 9.18 5.22 -29.33
N LEU C 74 8.83 5.47 -28.06
CA LEU C 74 9.18 4.53 -27.01
C LEU C 74 8.41 3.23 -27.18
N ILE C 75 7.12 3.34 -27.50
CA ILE C 75 6.26 2.16 -27.66
C ILE C 75 6.72 1.38 -28.89
N ARG C 76 6.99 2.08 -29.97
CA ARG C 76 7.46 1.42 -31.17
C ARG C 76 8.79 0.69 -30.93
N ALA C 77 9.73 1.33 -30.23
CA ALA C 77 11.02 0.70 -29.96
C ALA C 77 10.85 -0.52 -29.07
N THR C 78 9.94 -0.41 -28.09
CA THR C 78 9.66 -1.52 -27.19
C THR C 78 9.13 -2.71 -27.99
N GLN C 79 8.28 -2.44 -28.98
CA GLN C 79 7.73 -3.49 -29.83
C GLN C 79 8.83 -4.12 -30.69
N PHE C 80 9.75 -3.32 -31.26
CA PHE C 80 10.90 -3.89 -31.98
C PHE C 80 11.76 -4.75 -31.08
N SER C 81 12.00 -4.29 -29.85
CA SER C 81 12.82 -4.99 -28.87
C SER C 81 12.21 -6.36 -28.54
N LEU C 82 10.90 -6.40 -28.25
CA LEU C 82 10.35 -7.68 -27.83
C LEU C 82 10.24 -8.65 -29.00
N SER C 83 10.15 -8.13 -30.23
CA SER C 83 10.05 -8.96 -31.42
C SER C 83 11.42 -9.34 -31.97
N HIS C 84 12.49 -8.77 -31.42
CA HIS C 84 13.84 -8.95 -31.96
C HIS C 84 13.92 -8.56 -33.44
N LYS C 85 13.30 -7.45 -33.80
CA LYS C 85 13.32 -6.91 -35.15
C LYS C 85 13.99 -5.54 -35.13
N LEU C 86 14.45 -5.08 -36.29
CA LEU C 86 14.93 -3.71 -36.42
C LEU C 86 13.91 -2.90 -37.21
N ALA C 87 13.95 -1.58 -37.06
CA ALA C 87 13.15 -0.67 -37.88
C ALA C 87 13.55 -0.83 -39.34
N THR C 88 12.60 -0.62 -40.24
CA THR C 88 12.92 -0.55 -41.67
C THR C 88 12.24 0.69 -42.23
N GLY C 89 12.74 1.17 -43.38
CA GLY C 89 12.11 2.24 -44.13
C GLY C 89 12.02 3.53 -43.32
N ASN C 90 10.80 4.05 -43.15
CA ASN C 90 10.59 5.33 -42.52
C ASN C 90 10.72 5.24 -41.00
N ASP C 91 10.78 4.03 -40.45
CA ASP C 91 10.91 3.90 -39.01
C ASP C 91 12.35 4.17 -38.56
N ILE C 92 13.32 3.99 -39.47
CA ILE C 92 14.71 4.23 -39.11
C ILE C 92 14.88 5.73 -38.90
N THR C 93 15.52 6.14 -37.80
CA THR C 93 15.76 7.56 -37.59
C THR C 93 16.88 8.00 -38.53
N LYS C 94 16.60 8.97 -39.39
CA LYS C 94 17.63 9.50 -40.26
C LYS C 94 18.45 10.51 -39.46
N PRO C 95 19.76 10.73 -39.76
CA PRO C 95 20.57 11.71 -39.04
C PRO C 95 19.97 13.10 -38.87
N GLU C 96 19.21 13.55 -39.88
CA GLU C 96 18.56 14.87 -39.90
C GLU C 96 17.33 14.90 -39.00
N GLU C 97 16.81 13.72 -38.63
CA GLU C 97 15.64 13.67 -37.76
C GLU C 97 16.08 13.54 -36.31
N ASP C 98 17.38 13.37 -36.05
CA ASP C 98 17.82 13.05 -34.71
C ASP C 98 18.04 14.35 -33.95
N ASP C 99 16.95 15.09 -33.67
CA ASP C 99 17.08 16.42 -33.10
C ASP C 99 17.07 16.35 -31.58
N HIS C 100 17.79 17.29 -30.96
CA HIS C 100 17.91 17.40 -29.52
C HIS C 100 16.69 18.11 -28.94
N TYR C 101 15.52 17.46 -29.01
CA TYR C 101 14.28 18.10 -28.63
C TYR C 101 14.25 18.34 -27.11
N LEU C 102 14.98 17.54 -26.32
CA LEU C 102 14.79 17.61 -24.87
C LEU C 102 15.88 18.45 -24.22
N ILE C 103 17.04 18.54 -24.89
CA ILE C 103 18.22 19.16 -24.29
C ILE C 103 17.92 20.57 -23.77
N PRO C 104 17.26 21.48 -24.53
CA PRO C 104 16.97 22.82 -24.02
C PRO C 104 16.14 22.85 -22.73
N TYR C 105 15.19 21.93 -22.61
CA TYR C 105 14.35 21.87 -21.42
C TYR C 105 15.13 21.42 -20.20
N ILE C 106 15.97 20.39 -20.36
CA ILE C 106 16.70 19.88 -19.20
C ILE C 106 17.80 20.87 -18.83
N LEU C 107 18.38 21.54 -19.82
CA LEU C 107 19.39 22.55 -19.49
C LEU C 107 18.80 23.68 -18.66
N ASP C 108 17.55 24.09 -18.93
CA ASP C 108 16.89 25.12 -18.14
C ASP C 108 16.55 24.65 -16.73
N VAL C 109 16.03 23.42 -16.62
CA VAL C 109 15.73 22.84 -15.32
C VAL C 109 17.00 22.80 -14.47
N GLU C 110 18.10 22.31 -15.05
CA GLU C 110 19.34 22.13 -14.31
C GLU C 110 19.96 23.49 -13.98
N ALA C 111 19.85 24.47 -14.88
CA ALA C 111 20.39 25.81 -14.63
C ALA C 111 19.80 26.36 -13.34
N GLU C 112 18.47 26.26 -13.20
CA GLU C 112 17.82 26.75 -12.01
C GLU C 112 18.25 25.94 -10.78
N ALA C 113 18.25 24.61 -10.90
CA ALA C 113 18.62 23.73 -9.79
C ALA C 113 20.04 24.04 -9.31
N PHE C 114 20.96 24.30 -10.25
CA PHE C 114 22.34 24.55 -9.85
C PHE C 114 22.50 25.96 -9.29
N GLU C 115 21.73 26.92 -9.81
CA GLU C 115 21.76 28.26 -9.27
C GLU C 115 21.22 28.23 -7.84
N LYS C 116 20.18 27.43 -7.62
CA LYS C 116 19.59 27.31 -6.30
C LYS C 116 20.64 26.79 -5.32
N ASP C 117 21.37 25.73 -5.72
CA ASP C 117 22.44 25.19 -4.88
C ASP C 117 23.50 26.25 -4.59
N ALA C 118 23.90 27.02 -5.60
CA ALA C 118 24.90 28.04 -5.35
C ALA C 118 24.36 29.08 -4.36
N LEU C 119 23.13 29.55 -4.57
CA LEU C 119 22.60 30.67 -3.79
C LEU C 119 22.27 30.24 -2.36
N ASP C 120 22.05 28.94 -2.14
CA ASP C 120 21.87 28.38 -0.81
C ASP C 120 23.18 28.47 -0.01
N ASN C 121 24.29 28.74 -0.70
CA ASN C 121 25.60 28.79 -0.09
C ASN C 121 26.21 30.18 -0.25
N LEU C 122 25.37 31.21 -0.38
CA LEU C 122 25.95 32.54 -0.50
C LEU C 122 26.34 33.08 0.87
N GLU C 123 27.40 33.89 0.88
CA GLU C 123 27.95 34.52 2.06
C GLU C 123 27.97 36.02 1.82
N VAL C 124 27.19 36.75 2.63
CA VAL C 124 27.17 38.20 2.60
C VAL C 124 28.59 38.69 2.90
N VAL C 125 29.14 39.50 1.99
CA VAL C 125 30.47 40.05 2.20
C VAL C 125 30.33 41.44 2.83
N PRO D 66 48.50 -66.11 -21.44
CA PRO D 66 49.11 -64.99 -20.71
C PRO D 66 48.34 -63.68 -20.80
N ASP D 67 48.82 -62.67 -20.07
CA ASP D 67 48.23 -61.34 -20.02
C ASP D 67 48.26 -60.76 -21.43
N PRO D 68 47.09 -60.40 -22.02
CA PRO D 68 47.04 -59.83 -23.36
C PRO D 68 47.82 -58.52 -23.45
N ALA D 69 47.85 -57.78 -22.34
CA ALA D 69 48.49 -56.47 -22.28
C ALA D 69 49.95 -56.55 -22.71
N ILE D 70 50.66 -57.61 -22.28
CA ILE D 70 52.09 -57.76 -22.54
C ILE D 70 52.36 -57.59 -24.04
N ALA D 71 51.66 -58.39 -24.85
CA ALA D 71 51.84 -58.38 -26.29
C ALA D 71 51.42 -57.03 -26.88
N LEU D 72 50.28 -56.48 -26.42
CA LEU D 72 49.75 -55.26 -27.00
C LEU D 72 50.71 -54.09 -26.74
N HIS D 73 51.28 -54.08 -25.53
CA HIS D 73 52.17 -53.01 -25.08
C HIS D 73 53.47 -53.08 -25.87
N GLU D 74 53.92 -54.31 -26.15
CA GLU D 74 55.20 -54.49 -26.83
C GLU D 74 55.09 -54.02 -28.27
N ALA D 75 53.95 -54.36 -28.88
CA ALA D 75 53.63 -54.05 -30.27
C ALA D 75 53.52 -52.54 -30.45
N ALA D 76 52.88 -51.87 -29.47
CA ALA D 76 52.68 -50.44 -29.53
C ALA D 76 54.00 -49.69 -29.32
N ALA D 77 54.92 -50.30 -28.58
CA ALA D 77 56.20 -49.65 -28.30
C ALA D 77 57.10 -49.70 -29.54
N GLU D 78 57.07 -50.82 -30.26
CA GLU D 78 57.93 -51.02 -31.42
C GLU D 78 57.37 -50.29 -32.65
N GLY D 79 56.05 -50.04 -32.61
CA GLY D 79 55.32 -49.51 -33.75
C GLY D 79 55.03 -48.02 -33.60
N PRO D 80 53.78 -47.63 -33.23
CA PRO D 80 53.37 -46.22 -33.20
C PRO D 80 54.07 -45.33 -32.16
N CYS D 81 54.72 -45.97 -31.19
CA CYS D 81 55.34 -45.23 -30.11
C CYS D 81 56.84 -45.49 -30.13
N HIS D 82 57.41 -45.60 -31.32
CA HIS D 82 58.79 -46.00 -31.44
C HIS D 82 59.73 -44.85 -31.09
N ASP D 83 59.38 -43.64 -31.54
CA ASP D 83 60.13 -42.43 -31.23
C ASP D 83 60.27 -42.26 -29.72
N PHE D 84 59.16 -42.40 -28.98
CA PHE D 84 59.16 -42.29 -27.54
C PHE D 84 59.96 -43.40 -26.86
N LYS D 85 59.86 -44.63 -27.43
CA LYS D 85 60.58 -45.79 -26.90
C LYS D 85 62.06 -45.48 -26.96
N HIS D 86 62.43 -44.88 -28.08
CA HIS D 86 63.81 -44.58 -28.37
C HIS D 86 64.33 -43.46 -27.48
N HIS D 87 63.53 -42.42 -27.24
CA HIS D 87 63.89 -41.37 -26.28
C HIS D 87 64.13 -41.95 -24.90
N PHE D 88 63.21 -42.81 -24.43
CA PHE D 88 63.35 -43.46 -23.13
C PHE D 88 64.67 -44.21 -23.10
N ASP D 89 64.90 -45.07 -24.10
CA ASP D 89 66.11 -45.87 -24.21
C ASP D 89 67.32 -44.96 -24.09
N GLU D 90 67.43 -43.96 -24.98
CA GLU D 90 68.57 -43.05 -25.04
C GLU D 90 68.82 -42.41 -23.65
N CYS D 91 67.74 -41.98 -22.97
CA CYS D 91 67.81 -41.42 -21.63
C CYS D 91 68.41 -42.43 -20.65
N VAL D 92 67.88 -43.67 -20.65
CA VAL D 92 68.33 -44.69 -19.72
C VAL D 92 69.84 -44.90 -19.86
N GLU D 93 70.31 -45.17 -21.11
CA GLU D 93 71.73 -45.30 -21.43
C GLU D 93 72.54 -44.19 -20.73
N ARG D 94 72.13 -42.93 -20.94
CA ARG D 94 72.86 -41.77 -20.44
C ARG D 94 72.94 -41.78 -18.91
N VAL D 95 71.79 -42.06 -18.26
CA VAL D 95 71.67 -41.93 -16.82
C VAL D 95 72.50 -43.03 -16.14
N THR D 96 72.40 -44.27 -16.65
CA THR D 96 73.13 -45.40 -16.12
C THR D 96 74.63 -45.15 -16.19
N LYS D 97 75.08 -44.60 -17.33
CA LYS D 97 76.47 -44.25 -17.58
C LYS D 97 76.92 -43.16 -16.61
N ALA D 98 76.00 -42.25 -16.28
CA ALA D 98 76.30 -41.12 -15.42
C ALA D 98 76.42 -41.60 -13.97
N GLN D 99 75.67 -42.66 -13.64
CA GLN D 99 75.67 -43.24 -12.31
C GLN D 99 76.94 -44.06 -12.11
N GLU D 100 77.45 -44.64 -13.23
CA GLU D 100 78.65 -45.46 -13.27
C GLU D 100 79.87 -44.62 -12.93
N ALA D 101 79.88 -43.37 -13.40
CA ALA D 101 80.97 -42.42 -13.18
C ALA D 101 81.02 -42.04 -11.70
N GLU D 102 82.24 -41.84 -11.19
CA GLU D 102 82.47 -41.55 -9.79
C GLU D 102 82.19 -40.07 -9.53
N ASP D 103 81.95 -39.75 -8.24
CA ASP D 103 81.53 -38.44 -7.78
C ASP D 103 80.17 -38.07 -8.38
N TYR D 104 79.34 -39.10 -8.60
CA TYR D 104 77.96 -38.92 -9.01
C TYR D 104 77.10 -38.63 -7.78
N ASP D 105 77.48 -39.24 -6.65
CA ASP D 105 76.75 -39.12 -5.39
C ASP D 105 76.88 -37.69 -4.85
N HIS D 106 77.99 -37.03 -5.20
CA HIS D 106 78.24 -35.65 -4.82
C HIS D 106 78.02 -34.72 -6.01
N ALA D 107 76.92 -34.96 -6.75
CA ALA D 107 76.50 -34.08 -7.83
C ALA D 107 75.29 -33.28 -7.38
N GLU D 108 75.11 -32.10 -7.98
CA GLU D 108 74.02 -31.21 -7.64
C GLU D 108 72.74 -31.75 -8.27
N TYR D 109 72.82 -31.98 -9.59
CA TYR D 109 71.68 -32.42 -10.39
C TYR D 109 71.86 -33.87 -10.81
N LYS D 110 70.95 -34.73 -10.34
CA LYS D 110 70.88 -36.11 -10.82
C LYS D 110 69.67 -36.26 -11.74
N GLU D 111 69.95 -36.48 -13.03
CA GLU D 111 68.94 -36.72 -14.04
C GLU D 111 68.25 -38.07 -13.80
N ASP D 112 66.92 -38.09 -13.99
CA ASP D 112 66.14 -39.32 -14.12
C ASP D 112 65.53 -39.43 -15.52
N CYS D 113 64.73 -40.47 -15.74
CA CYS D 113 64.07 -40.70 -17.02
C CYS D 113 62.56 -40.80 -16.86
N VAL D 114 62.04 -40.22 -15.79
CA VAL D 114 60.61 -40.26 -15.53
C VAL D 114 59.86 -39.58 -16.68
N GLU D 115 60.34 -38.41 -17.10
CA GLU D 115 59.67 -37.63 -18.13
C GLU D 115 59.48 -38.45 -19.39
N GLU D 116 60.57 -39.09 -19.85
CA GLU D 116 60.57 -39.87 -21.08
C GLU D 116 59.68 -41.10 -20.93
N PHE D 117 59.72 -41.67 -19.72
CA PHE D 117 58.91 -42.82 -19.39
C PHE D 117 57.43 -42.45 -19.50
N PHE D 118 57.06 -41.28 -18.92
CA PHE D 118 55.70 -40.80 -19.01
C PHE D 118 55.26 -40.62 -20.46
N HIS D 119 56.13 -40.04 -21.30
CA HIS D 119 55.76 -39.81 -22.69
C HIS D 119 55.50 -41.12 -23.41
N LEU D 120 56.32 -42.12 -23.09
CA LEU D 120 56.20 -43.42 -23.70
C LEU D 120 54.91 -44.11 -23.24
N GLN D 121 54.67 -44.11 -21.92
CA GLN D 121 53.54 -44.83 -21.36
C GLN D 121 52.23 -44.17 -21.83
N HIS D 122 52.22 -42.84 -21.85
CA HIS D 122 51.05 -42.13 -22.31
C HIS D 122 50.72 -42.54 -23.74
N CYS D 123 51.77 -42.74 -24.54
CA CYS D 123 51.62 -43.10 -25.93
C CYS D 123 51.11 -44.53 -26.05
N ILE D 124 51.75 -45.45 -25.34
CA ILE D 124 51.31 -46.83 -25.33
C ILE D 124 49.84 -46.92 -24.93
N ASN D 125 49.43 -46.15 -23.90
CA ASN D 125 48.08 -46.23 -23.38
C ASN D 125 47.06 -45.79 -24.42
N ASP D 126 47.40 -44.75 -25.19
CA ASP D 126 46.55 -44.21 -26.24
C ASP D 126 46.32 -45.24 -27.35
N ASN D 127 47.30 -46.12 -27.57
CA ASN D 127 47.24 -47.04 -28.68
C ASN D 127 46.78 -48.44 -28.27
N THR D 128 46.36 -48.59 -27.00
CA THR D 128 46.20 -49.93 -26.47
C THR D 128 44.90 -50.07 -25.67
N ALA D 129 44.52 -48.99 -24.96
CA ALA D 129 43.43 -49.02 -24.01
C ALA D 129 42.21 -49.76 -24.58
N ASP D 130 41.76 -49.33 -25.77
CA ASP D 130 40.56 -49.88 -26.40
C ASP D 130 40.78 -51.33 -26.83
N LYS D 131 41.99 -51.63 -27.33
CA LYS D 131 42.30 -52.96 -27.82
C LYS D 131 42.28 -53.96 -26.66
N LEU D 132 42.81 -53.52 -25.51
CA LEU D 132 42.94 -54.40 -24.36
C LEU D 132 41.56 -54.74 -23.82
N PHE D 133 40.71 -53.73 -23.63
CA PHE D 133 39.41 -53.96 -23.04
C PHE D 133 38.53 -54.81 -23.96
N ARG D 134 38.87 -54.84 -25.26
CA ARG D 134 38.12 -55.60 -26.24
C ARG D 134 38.32 -57.09 -26.04
N VAL D 135 39.46 -57.50 -25.48
CA VAL D 135 39.79 -58.91 -25.30
C VAL D 135 39.69 -59.33 -23.83
N LEU D 136 38.94 -58.57 -23.02
CA LEU D 136 38.67 -58.97 -21.65
C LEU D 136 37.16 -59.18 -21.47
N VAL E 26 -54.61 -6.00 -29.68
CA VAL E 26 -54.30 -6.62 -31.02
C VAL E 26 -54.27 -5.54 -32.09
N SER E 27 -53.07 -5.29 -32.61
CA SER E 27 -52.78 -4.31 -33.65
C SER E 27 -53.44 -4.72 -34.97
N PRO E 28 -53.82 -3.76 -35.86
CA PRO E 28 -54.35 -4.11 -37.18
C PRO E 28 -53.33 -4.91 -38.00
N LYS E 29 -53.86 -5.78 -38.85
CA LYS E 29 -53.09 -6.68 -39.69
C LYS E 29 -52.28 -5.90 -40.73
N THR E 30 -51.03 -6.33 -40.95
CA THR E 30 -50.19 -5.76 -42.01
C THR E 30 -50.61 -6.35 -43.36
N ARG E 31 -51.10 -5.48 -44.25
CA ARG E 31 -51.44 -5.93 -45.59
C ARG E 31 -50.20 -5.86 -46.48
N THR E 32 -50.11 -6.80 -47.42
CA THR E 32 -48.97 -6.94 -48.31
C THR E 32 -49.48 -7.23 -49.72
N SER E 33 -48.99 -6.47 -50.69
CA SER E 33 -49.21 -6.74 -52.10
C SER E 33 -47.89 -6.63 -52.85
N ASN E 34 -47.87 -7.20 -54.06
CA ASN E 34 -46.76 -7.12 -54.98
C ASN E 34 -47.22 -6.41 -56.26
N LEU E 35 -46.26 -5.83 -56.99
CA LEU E 35 -46.44 -5.43 -58.38
C LEU E 35 -45.88 -6.52 -59.28
N LYS E 36 -45.97 -6.30 -60.59
CA LYS E 36 -45.48 -7.23 -61.61
C LYS E 36 -43.95 -7.26 -61.64
N ASN E 37 -43.30 -6.09 -61.46
CA ASN E 37 -41.85 -6.02 -61.45
C ASN E 37 -41.29 -6.77 -60.24
N GLY E 38 -42.07 -6.85 -59.15
CA GLY E 38 -41.67 -7.59 -57.97
C GLY E 38 -41.51 -6.68 -56.76
N LEU E 39 -41.98 -5.43 -56.88
CA LEU E 39 -41.97 -4.50 -55.77
C LEU E 39 -43.02 -4.94 -54.76
N THR E 40 -42.63 -5.05 -53.50
CA THR E 40 -43.54 -5.34 -52.40
C THR E 40 -44.10 -4.03 -51.85
N ILE E 41 -45.42 -4.01 -51.60
CA ILE E 41 -46.09 -2.92 -50.90
C ILE E 41 -46.64 -3.46 -49.59
N ALA E 42 -46.26 -2.84 -48.47
CA ALA E 42 -46.67 -3.35 -47.18
C ALA E 42 -47.18 -2.21 -46.31
N SER E 43 -48.32 -2.41 -45.66
CA SER E 43 -48.96 -1.28 -45.02
C SER E 43 -49.60 -1.67 -43.69
N GLU E 44 -49.56 -0.76 -42.71
CA GLU E 44 -50.33 -0.95 -41.48
C GLU E 44 -51.05 0.34 -41.10
N SER E 45 -52.38 0.34 -41.25
CA SER E 45 -53.20 1.52 -41.01
C SER E 45 -53.54 1.69 -39.53
N ASN E 46 -53.62 2.96 -39.10
CA ASN E 46 -53.95 3.36 -37.74
C ASN E 46 -54.91 4.54 -37.81
N PRO E 47 -56.25 4.30 -37.73
CA PRO E 47 -57.25 5.36 -37.90
C PRO E 47 -57.33 6.37 -36.75
N LEU E 48 -56.39 6.27 -35.79
CA LEU E 48 -56.33 7.14 -34.62
C LEU E 48 -55.33 8.27 -34.83
N VAL E 49 -54.46 8.14 -35.84
CA VAL E 49 -53.45 9.15 -36.08
C VAL E 49 -53.80 9.93 -37.33
N GLN E 50 -53.06 11.03 -37.52
CA GLN E 50 -53.37 11.96 -38.60
C GLN E 50 -52.21 12.05 -39.57
N THR E 51 -51.05 11.53 -39.15
CA THR E 51 -49.85 11.55 -39.98
C THR E 51 -49.65 10.17 -40.58
N ALA E 52 -48.78 10.10 -41.59
CA ALA E 52 -48.42 8.83 -42.24
C ALA E 52 -46.94 8.85 -42.58
N THR E 53 -46.25 7.74 -42.29
CA THR E 53 -44.90 7.53 -42.78
C THR E 53 -44.93 6.56 -43.96
N VAL E 54 -44.63 7.06 -45.17
CA VAL E 54 -44.43 6.21 -46.33
C VAL E 54 -42.95 6.24 -46.71
N GLY E 55 -42.43 5.12 -47.15
CA GLY E 55 -41.04 5.10 -47.59
C GLY E 55 -40.65 3.82 -48.31
N VAL E 56 -39.39 3.79 -48.75
CA VAL E 56 -38.85 2.68 -49.51
C VAL E 56 -37.71 2.08 -48.69
N TRP E 57 -37.89 0.81 -48.31
CA TRP E 57 -36.85 0.05 -47.65
C TRP E 57 -36.16 -0.80 -48.71
N ILE E 58 -34.83 -0.72 -48.75
CA ILE E 58 -34.09 -1.42 -49.78
C ILE E 58 -33.15 -2.42 -49.13
N ASP E 59 -33.18 -3.65 -49.65
CA ASP E 59 -32.29 -4.69 -49.21
C ASP E 59 -30.95 -4.53 -49.93
N ALA E 60 -30.19 -3.49 -49.57
CA ALA E 60 -28.93 -3.13 -50.18
C ALA E 60 -28.27 -2.10 -49.28
N GLY E 61 -26.94 -2.11 -49.17
CA GLY E 61 -26.27 -1.09 -48.40
C GLY E 61 -24.78 -1.10 -48.72
N SER E 62 -23.94 -0.64 -47.79
CA SER E 62 -22.51 -0.53 -48.04
C SER E 62 -21.87 -1.89 -48.32
N ARG E 63 -22.47 -2.95 -47.79
CA ARG E 63 -21.91 -4.28 -47.93
C ARG E 63 -21.89 -4.71 -49.40
N ASN E 64 -22.66 -4.03 -50.23
CA ASN E 64 -22.78 -4.41 -51.64
C ASN E 64 -21.66 -3.78 -52.47
N GLU E 65 -20.90 -2.87 -51.85
CA GLU E 65 -19.77 -2.25 -52.54
C GLU E 65 -18.56 -3.18 -52.48
N ASN E 66 -17.61 -2.98 -53.40
CA ASN E 66 -16.29 -3.57 -53.26
C ASN E 66 -15.36 -2.56 -52.60
N ALA E 67 -14.05 -2.80 -52.67
CA ALA E 67 -13.12 -1.95 -51.93
C ALA E 67 -12.90 -0.63 -52.67
N TYR E 68 -13.09 -0.66 -53.98
CA TYR E 68 -12.82 0.47 -54.86
C TYR E 68 -13.97 1.50 -54.82
N ASN E 69 -15.21 1.02 -54.72
CA ASN E 69 -16.34 1.95 -54.70
C ASN E 69 -16.96 2.00 -53.30
N ASN E 70 -16.18 1.66 -52.27
CA ASN E 70 -16.70 1.71 -50.90
C ASN E 70 -16.94 3.17 -50.53
N GLY E 71 -18.17 3.46 -50.11
CA GLY E 71 -18.60 4.82 -49.82
C GLY E 71 -19.65 5.30 -50.81
N THR E 72 -19.87 4.55 -51.90
CA THR E 72 -20.80 4.94 -52.95
C THR E 72 -22.24 5.08 -52.43
N ALA E 73 -22.68 4.09 -51.65
CA ALA E 73 -24.05 4.04 -51.14
C ALA E 73 -24.34 5.27 -50.30
N HIS E 74 -23.36 5.67 -49.49
CA HIS E 74 -23.51 6.84 -48.65
C HIS E 74 -23.44 8.12 -49.49
N PHE E 75 -22.59 8.10 -50.52
CA PHE E 75 -22.44 9.21 -51.43
C PHE E 75 -23.78 9.49 -52.12
N PHE E 76 -24.43 8.42 -52.60
CA PHE E 76 -25.70 8.55 -53.28
C PHE E 76 -26.76 9.19 -52.40
N GLU E 77 -26.82 8.79 -51.12
CA GLU E 77 -27.77 9.33 -50.17
C GLU E 77 -27.72 10.86 -50.14
N HIS E 78 -26.51 11.44 -50.24
CA HIS E 78 -26.33 12.88 -50.33
C HIS E 78 -26.91 13.45 -51.63
N LEU E 79 -26.62 12.79 -52.75
CA LEU E 79 -26.98 13.31 -54.06
C LEU E 79 -28.44 13.07 -54.39
N ALA E 80 -29.10 12.19 -53.63
CA ALA E 80 -30.52 11.92 -53.84
C ALA E 80 -31.33 13.18 -53.58
N PHE E 81 -30.78 14.06 -52.72
CA PHE E 81 -31.48 15.29 -52.36
C PHE E 81 -30.89 16.51 -53.06
N LYS E 82 -30.14 16.29 -54.15
CA LYS E 82 -29.45 17.38 -54.83
C LYS E 82 -30.14 17.76 -56.13
N GLY E 83 -31.26 17.11 -56.47
CA GLY E 83 -32.04 17.51 -57.63
C GLY E 83 -32.21 16.38 -58.65
N THR E 84 -33.33 16.43 -59.36
CA THR E 84 -33.72 15.38 -60.28
C THR E 84 -33.85 15.98 -61.69
N ASP E 85 -34.22 15.14 -62.65
CA ASP E 85 -34.45 15.56 -64.03
C ASP E 85 -35.50 16.68 -64.11
N LYS E 86 -36.54 16.60 -63.27
CA LYS E 86 -37.60 17.62 -63.22
C LYS E 86 -37.21 18.73 -62.25
N ARG E 87 -37.31 18.44 -60.95
CA ARG E 87 -37.12 19.47 -59.93
C ARG E 87 -35.62 19.65 -59.67
N SER E 88 -35.17 20.91 -59.67
CA SER E 88 -33.83 21.28 -59.22
C SER E 88 -33.71 21.09 -57.71
N GLN E 89 -32.52 21.38 -57.16
CA GLN E 89 -32.29 21.24 -55.73
C GLN E 89 -33.24 22.15 -54.95
N HIS E 90 -33.41 23.37 -55.46
CA HIS E 90 -34.22 24.38 -54.82
C HIS E 90 -35.71 24.04 -54.92
N GLN E 91 -36.14 23.58 -56.11
CA GLN E 91 -37.51 23.15 -56.32
C GLN E 91 -37.83 21.98 -55.39
N LEU E 92 -36.89 21.03 -55.27
CA LEU E 92 -37.05 19.89 -54.37
C LEU E 92 -37.33 20.38 -52.95
N GLU E 93 -36.46 21.28 -52.45
CA GLU E 93 -36.61 21.87 -51.12
C GLU E 93 -38.02 22.44 -50.96
N LEU E 94 -38.44 23.24 -51.95
CA LEU E 94 -39.72 23.92 -51.88
C LEU E 94 -40.88 22.93 -51.86
N ASP E 95 -40.79 21.88 -52.68
CA ASP E 95 -41.88 20.92 -52.81
C ASP E 95 -42.15 20.25 -51.47
N ILE E 96 -41.08 19.92 -50.73
CA ILE E 96 -41.19 19.27 -49.43
C ILE E 96 -41.70 20.25 -48.37
N GLU E 97 -41.15 21.48 -48.37
CA GLU E 97 -41.62 22.56 -47.51
C GLU E 97 -43.14 22.75 -47.67
N ASN E 98 -43.62 22.70 -48.92
CA ASN E 98 -45.02 22.95 -49.25
C ASN E 98 -45.91 21.80 -48.78
N MET E 99 -45.34 20.59 -48.75
CA MET E 99 -46.05 19.42 -48.29
C MET E 99 -46.30 19.52 -46.79
N GLY E 100 -45.33 20.05 -46.03
CA GLY E 100 -45.53 20.31 -44.61
C GLY E 100 -44.76 19.35 -43.71
N GLY E 101 -44.49 18.13 -44.20
CA GLY E 101 -43.75 17.15 -43.43
C GLY E 101 -42.26 17.21 -43.75
N HIS E 102 -41.56 16.08 -43.58
CA HIS E 102 -40.16 16.02 -43.89
C HIS E 102 -39.80 14.70 -44.57
N LEU E 103 -38.60 14.67 -45.15
CA LEU E 103 -38.02 13.48 -45.74
C LEU E 103 -36.79 13.11 -44.93
N ASN E 104 -36.48 11.81 -44.90
CA ASN E 104 -35.32 11.34 -44.18
C ASN E 104 -34.79 10.10 -44.88
N ALA E 105 -33.50 9.82 -44.68
CA ALA E 105 -32.81 8.72 -45.33
C ALA E 105 -31.69 8.24 -44.41
N TYR E 106 -31.41 6.93 -44.45
CA TYR E 106 -30.18 6.43 -43.85
C TYR E 106 -29.70 5.18 -44.58
N THR E 107 -28.37 5.08 -44.65
CA THR E 107 -27.70 3.96 -45.29
C THR E 107 -26.97 3.18 -44.20
N SER E 108 -27.22 1.87 -44.11
CA SER E 108 -26.43 1.04 -43.23
C SER E 108 -25.64 0.02 -44.04
N ARG E 109 -25.11 -1.00 -43.38
CA ARG E 109 -24.30 -2.01 -44.06
C ARG E 109 -25.15 -2.85 -45.00
N GLU E 110 -26.39 -3.17 -44.59
CA GLU E 110 -27.20 -4.10 -45.37
C GLU E 110 -28.53 -3.50 -45.80
N SER E 111 -28.82 -2.25 -45.40
CA SER E 111 -30.15 -1.71 -45.59
C SER E 111 -30.08 -0.23 -45.93
N THR E 112 -30.86 0.22 -46.90
CA THR E 112 -31.02 1.65 -47.17
C THR E 112 -32.49 2.00 -47.02
N VAL E 113 -32.79 3.17 -46.43
CA VAL E 113 -34.15 3.60 -46.21
C VAL E 113 -34.31 5.03 -46.74
N TYR E 114 -35.43 5.31 -47.43
CA TYR E 114 -35.80 6.67 -47.78
C TYR E 114 -37.27 6.85 -47.46
N TYR E 115 -37.59 7.71 -46.49
CA TYR E 115 -39.00 7.81 -46.13
C TYR E 115 -39.46 9.27 -46.07
N ALA E 116 -40.78 9.43 -46.01
CA ALA E 116 -41.41 10.74 -45.93
C ALA E 116 -42.51 10.71 -44.88
N LYS E 117 -42.40 11.57 -43.87
CA LYS E 117 -43.50 11.73 -42.93
C LYS E 117 -44.32 12.94 -43.37
N SER E 118 -45.64 12.75 -43.49
CA SER E 118 -46.50 13.81 -43.93
C SER E 118 -47.84 13.76 -43.20
N PHE E 119 -48.76 14.61 -43.67
CA PHE E 119 -50.16 14.59 -43.30
C PHE E 119 -50.86 13.48 -44.10
N LYS E 120 -52.02 13.05 -43.63
CA LYS E 120 -52.80 11.97 -44.24
C LYS E 120 -52.97 12.17 -45.74
N ASP E 121 -53.24 13.41 -46.17
CA ASP E 121 -53.71 13.63 -47.53
C ASP E 121 -52.59 14.14 -48.42
N ASP E 122 -51.39 14.22 -47.85
CA ASP E 122 -50.17 14.60 -48.55
C ASP E 122 -49.34 13.37 -48.91
N VAL E 123 -49.97 12.18 -48.84
CA VAL E 123 -49.26 10.94 -49.05
C VAL E 123 -48.95 10.78 -50.54
N PRO E 124 -49.89 11.06 -51.47
CA PRO E 124 -49.59 10.99 -52.89
C PRO E 124 -48.45 11.89 -53.37
N LYS E 125 -48.24 13.03 -52.68
CA LYS E 125 -47.18 13.95 -53.04
C LYS E 125 -45.83 13.33 -52.65
N SER E 126 -45.81 12.77 -51.44
CA SER E 126 -44.60 12.25 -50.85
C SER E 126 -44.14 11.00 -51.60
N VAL E 127 -45.08 10.14 -52.03
CA VAL E 127 -44.72 8.96 -52.81
C VAL E 127 -44.10 9.39 -54.13
N GLU E 128 -44.64 10.45 -54.70
CA GLU E 128 -44.20 10.97 -55.99
C GLU E 128 -42.79 11.55 -55.85
N ILE E 129 -42.53 12.25 -54.76
CA ILE E 129 -41.20 12.81 -54.56
C ILE E 129 -40.19 11.69 -54.35
N LEU E 130 -40.55 10.66 -53.56
CA LEU E 130 -39.60 9.58 -53.28
C LEU E 130 -39.28 8.83 -54.58
N ALA E 131 -40.29 8.62 -55.41
CA ALA E 131 -40.12 7.89 -56.66
C ALA E 131 -39.19 8.65 -57.60
N ASP E 132 -39.25 9.98 -57.51
CA ASP E 132 -38.47 10.86 -58.35
C ASP E 132 -36.99 10.84 -57.96
N ILE E 133 -36.72 10.96 -56.65
CA ILE E 133 -35.35 11.08 -56.19
C ILE E 133 -34.62 9.75 -56.34
N LEU E 134 -35.35 8.63 -56.36
CA LEU E 134 -34.74 7.31 -56.44
C LEU E 134 -34.49 6.90 -57.90
N GLN E 135 -35.39 7.27 -58.80
CA GLN E 135 -35.31 6.78 -60.16
C GLN E 135 -34.65 7.81 -61.08
N HIS E 136 -34.84 9.10 -60.79
CA HIS E 136 -34.61 10.11 -61.80
C HIS E 136 -33.69 11.22 -61.28
N SER E 137 -32.71 10.83 -60.45
CA SER E 137 -31.79 11.77 -59.84
C SER E 137 -30.73 12.20 -60.87
N LYS E 138 -30.35 13.48 -60.82
CA LYS E 138 -29.46 14.04 -61.83
C LYS E 138 -28.06 13.43 -61.73
N LEU E 139 -27.48 13.45 -60.53
CA LEU E 139 -26.09 13.10 -60.27
C LEU E 139 -25.21 13.90 -61.25
N ALA E 140 -25.33 15.23 -61.12
CA ALA E 140 -24.60 16.18 -61.95
C ALA E 140 -23.20 16.37 -61.37
N GLU E 141 -22.20 16.37 -62.25
CA GLU E 141 -20.77 16.43 -61.92
C GLU E 141 -20.49 17.59 -60.96
N SER E 142 -21.21 18.70 -61.14
CA SER E 142 -21.06 19.87 -60.28
C SER E 142 -21.47 19.56 -58.85
N ALA E 143 -22.48 18.70 -58.68
CA ALA E 143 -23.03 18.38 -57.37
C ALA E 143 -22.17 17.32 -56.69
N ILE E 144 -21.65 16.38 -57.50
CA ILE E 144 -20.71 15.37 -57.02
C ILE E 144 -19.50 16.07 -56.42
N ASP E 145 -19.03 17.11 -57.11
CA ASP E 145 -17.81 17.81 -56.73
C ASP E 145 -18.03 18.61 -55.45
N ARG E 146 -19.22 19.20 -55.32
CA ARG E 146 -19.61 19.96 -54.14
C ARG E 146 -19.73 19.08 -52.90
N GLU E 147 -20.32 17.88 -53.03
CA GLU E 147 -20.60 17.01 -51.89
C GLU E 147 -19.31 16.32 -51.44
N ARG E 148 -18.38 16.20 -52.38
CA ARG E 148 -17.10 15.54 -52.16
C ARG E 148 -16.33 16.24 -51.03
N GLU E 149 -16.66 17.51 -50.76
CA GLU E 149 -16.01 18.25 -49.69
C GLU E 149 -16.78 18.08 -48.38
N VAL E 150 -18.11 18.07 -48.50
CA VAL E 150 -19.04 17.91 -47.39
C VAL E 150 -18.77 16.57 -46.71
N ILE E 151 -18.58 15.54 -47.53
CA ILE E 151 -18.36 14.18 -47.07
C ILE E 151 -16.95 14.07 -46.52
N THR E 152 -15.99 14.82 -47.08
CA THR E 152 -14.63 14.81 -46.58
C THR E 152 -14.59 15.36 -45.15
N ARG E 153 -15.41 16.38 -44.89
CA ARG E 153 -15.54 16.98 -43.57
C ARG E 153 -16.24 16.04 -42.57
N GLU E 154 -17.04 15.09 -43.08
CA GLU E 154 -17.78 14.16 -42.23
C GLU E 154 -16.83 13.14 -41.62
N LEU E 155 -15.78 12.78 -42.36
CA LEU E 155 -14.69 11.95 -41.87
C LEU E 155 -14.03 12.52 -40.61
N GLU E 156 -13.93 13.86 -40.48
CA GLU E 156 -13.29 14.42 -39.29
C GLU E 156 -14.25 14.91 -38.21
N GLU E 157 -15.48 14.40 -38.15
CA GLU E 157 -16.47 14.90 -37.20
C GLU E 157 -17.28 13.76 -36.57
N VAL E 158 -17.19 12.57 -37.18
CA VAL E 158 -17.68 11.34 -36.56
C VAL E 158 -16.81 11.03 -35.34
N ASN E 159 -15.56 11.50 -35.39
CA ASN E 159 -14.52 11.37 -34.37
C ASN E 159 -15.06 11.72 -32.97
N LYS E 160 -16.11 12.54 -32.94
CA LYS E 160 -16.71 13.03 -31.72
C LYS E 160 -17.77 12.05 -31.20
N GLN E 161 -18.42 11.32 -32.11
CA GLN E 161 -19.50 10.41 -31.74
C GLN E 161 -18.90 9.08 -31.30
N TYR E 162 -18.57 9.00 -30.00
CA TYR E 162 -17.70 7.96 -29.51
C TYR E 162 -18.30 6.59 -29.73
N GLU E 163 -19.61 6.47 -29.48
CA GLU E 163 -20.26 5.19 -29.66
C GLU E 163 -20.07 4.70 -31.10
N GLU E 164 -20.23 5.61 -32.07
CA GLU E 164 -20.12 5.26 -33.48
C GLU E 164 -18.69 4.88 -33.82
N VAL E 165 -17.72 5.60 -33.25
CA VAL E 165 -16.32 5.29 -33.46
C VAL E 165 -16.04 3.87 -32.99
N VAL E 166 -16.53 3.55 -31.78
CA VAL E 166 -16.31 2.25 -31.19
C VAL E 166 -16.96 1.17 -32.06
N PHE E 167 -18.22 1.36 -32.45
CA PHE E 167 -18.86 0.30 -33.23
C PHE E 167 -18.27 0.16 -34.63
N ASP E 168 -17.81 1.25 -35.24
CA ASP E 168 -17.20 1.09 -36.54
C ASP E 168 -15.88 0.34 -36.44
N HIS E 169 -15.09 0.58 -35.38
CA HIS E 169 -13.86 -0.19 -35.24
C HIS E 169 -14.18 -1.64 -34.90
N LEU E 170 -15.27 -1.84 -34.17
CA LEU E 170 -15.67 -3.20 -33.79
C LEU E 170 -15.98 -4.02 -35.04
N HIS E 171 -16.72 -3.46 -35.99
CA HIS E 171 -16.97 -4.18 -37.23
C HIS E 171 -15.69 -4.39 -38.02
N ALA E 172 -14.82 -3.37 -38.05
CA ALA E 172 -13.62 -3.41 -38.86
C ALA E 172 -12.72 -4.57 -38.40
N THR E 173 -12.67 -4.80 -37.09
CA THR E 173 -11.76 -5.81 -36.58
C THR E 173 -12.42 -7.19 -36.58
N ALA E 174 -13.70 -7.28 -36.16
CA ALA E 174 -14.40 -8.55 -36.13
C ALA E 174 -14.50 -9.15 -37.52
N PHE E 175 -14.73 -8.32 -38.53
CA PHE E 175 -14.87 -8.84 -39.88
C PHE E 175 -13.70 -8.34 -40.72
N MET E 176 -12.49 -8.61 -40.22
CA MET E 176 -11.26 -8.05 -40.75
C MET E 176 -11.13 -8.40 -42.23
N ASN E 177 -10.95 -7.37 -43.07
CA ASN E 177 -10.79 -7.47 -44.52
C ASN E 177 -11.98 -8.11 -45.22
N GLN E 178 -13.18 -8.00 -44.65
CA GLN E 178 -14.34 -8.57 -45.29
C GLN E 178 -15.33 -7.44 -45.54
N PRO E 179 -16.30 -7.56 -46.47
CA PRO E 179 -17.27 -6.49 -46.72
C PRO E 179 -18.01 -5.91 -45.50
N LEU E 180 -18.39 -6.76 -44.52
CA LEU E 180 -19.03 -6.23 -43.32
C LEU E 180 -18.05 -5.40 -42.49
N GLY E 181 -16.75 -5.57 -42.70
CA GLY E 181 -15.78 -4.83 -41.92
C GLY E 181 -15.60 -3.39 -42.41
N ARG E 182 -16.13 -3.04 -43.59
CA ARG E 182 -15.89 -1.73 -44.16
C ARG E 182 -16.80 -0.71 -43.49
N THR E 183 -16.35 0.55 -43.41
CA THR E 183 -17.20 1.62 -42.93
C THR E 183 -18.19 1.99 -44.03
N ILE E 184 -19.19 2.78 -43.65
CA ILE E 184 -20.23 3.23 -44.56
C ILE E 184 -19.74 4.44 -45.37
N LEU E 185 -18.98 5.34 -44.72
CA LEU E 185 -18.46 6.54 -45.34
C LEU E 185 -17.42 6.19 -46.41
N GLY E 186 -16.67 5.11 -46.16
CA GLY E 186 -15.62 4.68 -47.07
C GLY E 186 -14.33 5.47 -46.82
N PRO E 187 -13.20 5.06 -47.42
CA PRO E 187 -11.93 5.77 -47.22
C PRO E 187 -11.92 7.11 -47.96
N ARG E 188 -11.07 8.04 -47.48
CA ARG E 188 -10.86 9.38 -48.03
C ARG E 188 -10.57 9.33 -49.53
N GLU E 189 -9.80 8.30 -49.94
CA GLU E 189 -9.33 8.13 -51.31
C GLU E 189 -10.50 7.93 -52.26
N ASN E 190 -11.53 7.21 -51.80
CA ASN E 190 -12.67 6.84 -52.64
C ASN E 190 -13.57 8.06 -52.82
N ILE E 191 -13.72 8.84 -51.74
CA ILE E 191 -14.53 10.02 -51.75
C ILE E 191 -14.05 10.96 -52.86
N GLN E 192 -12.72 11.05 -53.03
CA GLN E 192 -12.13 11.91 -54.05
C GLN E 192 -12.29 11.34 -55.46
N THR E 193 -12.59 10.05 -55.59
CA THR E 193 -12.58 9.42 -56.90
C THR E 193 -13.93 8.83 -57.31
N ILE E 194 -15.00 9.06 -56.53
CA ILE E 194 -16.31 8.53 -56.89
C ILE E 194 -16.86 9.36 -58.05
N THR E 195 -17.24 8.69 -59.15
CA THR E 195 -17.80 9.37 -60.31
C THR E 195 -19.31 9.13 -60.41
N ASN E 196 -20.01 9.97 -61.19
CA ASN E 196 -21.43 9.78 -61.45
C ASN E 196 -21.67 8.45 -62.15
N THR E 197 -20.67 7.95 -62.88
CA THR E 197 -20.76 6.67 -63.57
C THR E 197 -20.93 5.53 -62.57
N GLU E 198 -20.06 5.50 -61.56
CA GLU E 198 -20.09 4.42 -60.60
C GLU E 198 -21.26 4.58 -59.63
N LEU E 199 -21.71 5.82 -59.41
CA LEU E 199 -22.93 6.06 -58.65
C LEU E 199 -24.13 5.45 -59.37
N ARG E 200 -24.20 5.69 -60.69
CA ARG E 200 -25.31 5.25 -61.50
C ARG E 200 -25.31 3.72 -61.54
N LYS E 201 -24.11 3.16 -61.69
CA LYS E 201 -23.94 1.71 -61.77
C LYS E 201 -24.41 1.07 -60.47
N PHE E 202 -24.11 1.71 -59.34
CA PHE E 202 -24.42 1.12 -58.05
C PHE E 202 -25.94 1.03 -57.90
N ILE E 203 -26.63 2.14 -58.19
CA ILE E 203 -28.06 2.21 -57.94
C ILE E 203 -28.82 1.45 -59.02
N THR E 204 -28.17 1.11 -60.13
CA THR E 204 -28.85 0.38 -61.19
C THR E 204 -28.79 -1.12 -60.89
N GLU E 205 -27.68 -1.53 -60.29
CA GLU E 205 -27.44 -2.91 -59.94
C GLU E 205 -28.20 -3.30 -58.67
N ASN E 206 -28.37 -2.35 -57.75
CA ASN E 206 -28.80 -2.71 -56.40
C ASN E 206 -30.24 -2.29 -56.12
N TYR E 207 -30.66 -1.13 -56.64
CA TYR E 207 -31.98 -0.59 -56.35
C TYR E 207 -32.98 -1.18 -57.36
N THR E 208 -33.19 -2.49 -57.24
CA THR E 208 -34.11 -3.17 -58.13
C THR E 208 -35.38 -3.51 -57.37
N ALA E 209 -36.45 -3.73 -58.12
CA ALA E 209 -37.80 -3.80 -57.60
C ALA E 209 -37.94 -4.99 -56.66
N ASP E 210 -37.22 -6.07 -56.93
CA ASP E 210 -37.32 -7.27 -56.11
C ASP E 210 -36.54 -7.09 -54.82
N ARG E 211 -35.83 -5.97 -54.67
CA ARG E 211 -35.07 -5.72 -53.45
C ARG E 211 -35.67 -4.59 -52.63
N MET E 212 -36.84 -4.10 -53.08
CA MET E 212 -37.39 -2.87 -52.53
C MET E 212 -38.76 -3.13 -51.94
N VAL E 213 -39.07 -2.42 -50.86
CA VAL E 213 -40.38 -2.52 -50.24
C VAL E 213 -40.91 -1.11 -50.04
N LEU E 214 -42.10 -0.83 -50.58
CA LEU E 214 -42.80 0.41 -50.28
C LEU E 214 -43.67 0.20 -49.05
N VAL E 215 -43.41 1.01 -48.00
CA VAL E 215 -44.04 0.78 -46.72
C VAL E 215 -44.90 1.98 -46.38
N GLY E 216 -46.11 1.74 -45.87
CA GLY E 216 -46.95 2.79 -45.32
C GLY E 216 -47.44 2.44 -43.91
N ALA E 217 -47.25 3.38 -42.96
CA ALA E 217 -47.79 3.22 -41.63
C ALA E 217 -48.50 4.51 -41.19
N GLY E 218 -49.59 4.34 -40.44
CA GLY E 218 -50.37 5.44 -39.92
C GLY E 218 -51.64 5.63 -40.74
N ALA E 219 -51.89 6.87 -41.15
CA ALA E 219 -53.12 7.16 -41.86
C ALA E 219 -52.93 6.94 -43.37
N VAL E 220 -52.81 5.66 -43.76
CA VAL E 220 -52.62 5.27 -45.14
C VAL E 220 -53.69 4.22 -45.46
N ASP E 221 -54.25 4.29 -46.67
CA ASP E 221 -55.04 3.18 -47.17
C ASP E 221 -54.14 2.31 -48.02
N HIS E 222 -54.17 0.98 -47.78
CA HIS E 222 -53.34 0.05 -48.53
C HIS E 222 -53.63 0.12 -50.02
N ASP E 223 -54.93 0.20 -50.38
CA ASP E 223 -55.34 0.11 -51.77
C ASP E 223 -54.91 1.36 -52.53
N ALA E 224 -54.87 2.50 -51.80
CA ALA E 224 -54.44 3.77 -52.34
C ALA E 224 -52.93 3.76 -52.58
N LEU E 225 -52.19 3.12 -51.65
CA LEU E 225 -50.74 3.04 -51.70
C LEU E 225 -50.29 2.13 -52.84
N VAL E 226 -51.05 1.07 -53.10
CA VAL E 226 -50.75 0.14 -54.18
C VAL E 226 -50.93 0.81 -55.53
N GLU E 227 -51.92 1.71 -55.62
CA GLU E 227 -52.21 2.44 -56.85
C GLU E 227 -51.09 3.44 -57.13
N LEU E 228 -50.61 4.10 -56.05
CA LEU E 228 -49.52 5.05 -56.13
C LEU E 228 -48.22 4.36 -56.55
N ALA E 229 -48.09 3.08 -56.20
CA ALA E 229 -46.91 2.30 -56.53
C ALA E 229 -46.93 1.91 -58.00
N GLU E 230 -48.14 1.66 -58.52
CA GLU E 230 -48.39 1.30 -59.90
C GLU E 230 -48.16 2.49 -60.80
N LYS E 231 -48.28 3.69 -60.22
CA LYS E 231 -48.21 4.94 -60.96
C LYS E 231 -46.76 5.42 -61.03
N TYR E 232 -45.97 5.12 -59.99
CA TYR E 232 -44.68 5.77 -59.86
C TYR E 232 -43.53 4.79 -59.90
N PHE E 233 -43.76 3.57 -59.41
CA PHE E 233 -42.66 2.63 -59.31
C PHE E 233 -42.84 1.46 -60.26
N SER E 234 -43.60 1.65 -61.34
CA SER E 234 -43.85 0.53 -62.22
C SER E 234 -42.69 0.27 -63.18
N HIS E 235 -41.98 1.35 -63.57
CA HIS E 235 -40.84 1.23 -64.45
C HIS E 235 -39.55 1.12 -63.63
N LEU E 236 -39.55 0.24 -62.62
CA LEU E 236 -38.31 -0.09 -61.89
C LEU E 236 -37.72 -1.34 -62.54
N PRO E 237 -36.38 -1.42 -62.71
CA PRO E 237 -35.75 -2.63 -63.23
C PRO E 237 -35.96 -3.80 -62.26
N SER E 238 -36.13 -4.99 -62.82
CA SER E 238 -36.02 -6.21 -62.04
C SER E 238 -34.61 -6.77 -62.18
N SER E 239 -34.09 -7.40 -61.12
CA SER E 239 -32.78 -8.02 -61.18
C SER E 239 -32.85 -9.30 -62.03
N GLN E 240 -31.70 -9.71 -62.56
CA GLN E 240 -31.57 -10.85 -63.46
C GLN E 240 -31.93 -12.14 -62.72
N SER E 241 -31.41 -12.27 -61.49
CA SER E 241 -31.64 -13.43 -60.63
C SER E 241 -32.36 -12.99 -59.36
N PRO E 242 -33.71 -12.94 -59.36
CA PRO E 242 -34.48 -12.54 -58.18
C PRO E 242 -34.43 -13.59 -57.06
N VAL E 243 -33.59 -13.30 -56.06
CA VAL E 243 -33.55 -14.07 -54.82
C VAL E 243 -34.62 -13.51 -53.88
N PRO E 244 -35.08 -14.27 -52.85
CA PRO E 244 -36.01 -13.74 -51.85
C PRO E 244 -35.40 -12.60 -51.03
N LEU E 245 -36.26 -11.75 -50.46
CA LEU E 245 -35.80 -10.66 -49.60
C LEU E 245 -35.06 -11.24 -48.40
N GLY E 246 -33.94 -10.59 -48.08
CA GLY E 246 -33.12 -10.90 -46.91
C GLY E 246 -32.21 -12.10 -47.14
N THR E 247 -31.83 -12.33 -48.41
CA THR E 247 -30.86 -13.34 -48.78
C THR E 247 -29.47 -12.72 -48.71
N PRO E 248 -28.46 -13.44 -48.15
CA PRO E 248 -27.08 -12.93 -48.04
C PRO E 248 -26.45 -12.36 -49.33
N ILE E 260 -18.59 -15.71 -47.08
CA ILE E 260 -19.14 -16.18 -45.77
C ILE E 260 -18.33 -15.52 -44.65
N PRO E 261 -18.94 -14.71 -43.76
CA PRO E 261 -18.19 -13.98 -42.74
C PRO E 261 -17.40 -14.90 -41.82
N ASN E 262 -16.13 -14.56 -41.61
CA ASN E 262 -15.27 -15.38 -40.79
C ASN E 262 -14.76 -14.47 -39.68
N PHE E 263 -15.37 -14.55 -38.49
CA PHE E 263 -15.10 -13.66 -37.37
C PHE E 263 -13.62 -13.72 -36.98
N VAL E 264 -13.02 -12.58 -36.63
CA VAL E 264 -11.63 -12.60 -36.15
C VAL E 264 -11.61 -12.13 -34.71
N GLY E 265 -11.21 -13.00 -33.78
CA GLY E 265 -10.91 -12.57 -32.43
C GLY E 265 -9.73 -11.61 -32.44
N SER E 266 -9.91 -10.40 -31.92
CA SER E 266 -8.95 -9.35 -32.16
C SER E 266 -9.30 -8.15 -31.29
N GLU E 267 -8.39 -7.17 -31.29
CA GLU E 267 -8.62 -5.98 -30.48
C GLU E 267 -8.09 -4.75 -31.20
N VAL E 268 -8.74 -3.63 -30.91
CA VAL E 268 -8.31 -2.30 -31.34
C VAL E 268 -8.26 -1.46 -30.08
N ARG E 269 -7.11 -0.84 -29.81
CA ARG E 269 -7.01 0.06 -28.68
C ARG E 269 -6.77 1.47 -29.20
N LEU E 270 -7.65 2.40 -28.84
CA LEU E 270 -7.52 3.79 -29.25
C LEU E 270 -7.35 4.60 -27.98
N ARG E 271 -6.19 4.44 -27.35
CA ARG E 271 -5.98 5.07 -26.07
C ARG E 271 -5.91 6.58 -26.26
N ASP E 272 -6.61 7.31 -25.39
CA ASP E 272 -6.58 8.76 -25.40
C ASP E 272 -6.71 9.22 -23.94
N ASP E 273 -5.56 9.53 -23.33
CA ASP E 273 -5.54 9.87 -21.91
C ASP E 273 -6.26 11.19 -21.62
N THR E 274 -6.48 12.01 -22.65
CA THR E 274 -7.14 13.29 -22.42
C THR E 274 -8.65 13.13 -22.31
N MET E 275 -9.22 12.01 -22.75
CA MET E 275 -10.66 11.80 -22.60
C MET E 275 -10.94 11.41 -21.15
N PRO E 276 -12.01 11.94 -20.53
CA PRO E 276 -12.43 11.49 -19.20
C PRO E 276 -13.18 10.16 -19.14
N VAL E 277 -13.84 9.76 -20.24
CA VAL E 277 -14.67 8.57 -20.21
C VAL E 277 -14.05 7.51 -21.12
N ALA E 278 -13.90 6.27 -20.62
CA ALA E 278 -13.49 5.14 -21.45
C ALA E 278 -14.72 4.52 -22.10
N HIS E 279 -14.62 4.18 -23.39
CA HIS E 279 -15.70 3.49 -24.10
C HIS E 279 -15.17 2.15 -24.55
N ILE E 280 -15.84 1.05 -24.17
CA ILE E 280 -15.32 -0.27 -24.45
C ILE E 280 -16.45 -1.10 -25.04
N ALA E 281 -16.21 -1.77 -26.17
CA ALA E 281 -17.16 -2.74 -26.65
C ALA E 281 -16.49 -4.11 -26.68
N ILE E 282 -17.25 -5.14 -26.30
CA ILE E 282 -16.77 -6.51 -26.36
C ILE E 282 -17.87 -7.30 -27.06
N ALA E 283 -17.51 -8.08 -28.07
CA ALA E 283 -18.53 -8.83 -28.79
C ALA E 283 -17.98 -10.20 -29.18
N VAL E 284 -18.90 -11.15 -29.37
CA VAL E 284 -18.59 -12.41 -30.02
C VAL E 284 -19.41 -12.44 -31.31
N GLU E 285 -19.09 -13.41 -32.17
CA GLU E 285 -19.94 -13.64 -33.32
C GLU E 285 -21.33 -14.05 -32.84
N GLY E 286 -22.36 -13.32 -33.30
CA GLY E 286 -23.74 -13.51 -32.86
C GLY E 286 -24.54 -14.27 -33.90
N VAL E 287 -25.80 -13.88 -34.10
CA VAL E 287 -26.74 -14.70 -34.86
C VAL E 287 -27.31 -13.85 -36.00
N SER E 288 -27.65 -14.51 -37.10
CA SER E 288 -28.30 -13.83 -38.21
C SER E 288 -29.81 -13.68 -37.96
N TRP E 289 -30.48 -12.89 -38.80
CA TRP E 289 -31.92 -12.66 -38.68
C TRP E 289 -32.69 -13.97 -38.68
N THR E 290 -32.24 -14.95 -39.47
CA THR E 290 -33.04 -16.13 -39.66
C THR E 290 -32.48 -17.31 -38.87
N SER E 291 -31.50 -17.05 -38.00
CA SER E 291 -31.00 -18.11 -37.14
C SER E 291 -32.13 -18.74 -36.34
N GLU E 292 -31.99 -20.03 -36.05
CA GLU E 292 -32.86 -20.72 -35.11
C GLU E 292 -32.61 -20.23 -33.68
N ASP E 293 -31.49 -19.56 -33.45
CA ASP E 293 -31.15 -19.11 -32.11
C ASP E 293 -31.43 -17.62 -31.92
N TYR E 294 -32.12 -17.02 -32.90
CA TYR E 294 -32.36 -15.59 -32.88
C TYR E 294 -33.00 -15.15 -31.57
N TYR E 295 -34.07 -15.83 -31.14
CA TYR E 295 -34.78 -15.45 -29.93
C TYR E 295 -34.01 -15.86 -28.68
N THR E 296 -33.30 -16.99 -28.76
CA THR E 296 -32.48 -17.41 -27.64
C THR E 296 -31.44 -16.35 -27.33
N ALA E 297 -30.82 -15.79 -28.37
CA ALA E 297 -29.80 -14.76 -28.21
C ALA E 297 -30.39 -13.47 -27.64
N LEU E 298 -31.65 -13.13 -27.99
CA LEU E 298 -32.33 -11.95 -27.47
C LEU E 298 -32.61 -12.13 -25.98
N VAL E 299 -33.05 -13.33 -25.60
CA VAL E 299 -33.28 -13.59 -24.20
C VAL E 299 -31.97 -13.50 -23.42
N ALA E 300 -30.90 -14.07 -23.96
CA ALA E 300 -29.62 -14.02 -23.27
C ALA E 300 -29.21 -12.56 -23.07
N GLN E 301 -29.41 -11.74 -24.11
CA GLN E 301 -29.05 -10.33 -24.05
C GLN E 301 -29.86 -9.62 -22.97
N ALA E 302 -31.14 -9.97 -22.82
CA ALA E 302 -32.00 -9.33 -21.83
C ALA E 302 -31.65 -9.74 -20.39
N ILE E 303 -31.04 -10.92 -20.20
CA ILE E 303 -30.60 -11.33 -18.88
C ILE E 303 -29.50 -10.39 -18.38
N ILE E 304 -28.61 -9.95 -19.27
CA ILE E 304 -27.57 -9.01 -18.86
C ILE E 304 -28.19 -7.61 -18.79
N GLY E 305 -28.87 -7.23 -19.88
CA GLY E 305 -29.65 -6.00 -19.92
C GLY E 305 -28.80 -4.75 -20.05
N ASN E 306 -29.39 -3.61 -19.73
CA ASN E 306 -28.77 -2.31 -19.86
C ASN E 306 -28.70 -1.62 -18.50
N TYR E 307 -27.89 -0.58 -18.41
CA TYR E 307 -27.78 0.15 -17.17
C TYR E 307 -27.36 1.57 -17.50
N ASP E 308 -27.88 2.54 -16.77
CA ASP E 308 -27.47 3.93 -16.95
C ASP E 308 -27.59 4.64 -15.61
N ARG E 309 -26.48 5.15 -15.07
CA ARG E 309 -26.51 5.77 -13.74
C ARG E 309 -27.44 6.98 -13.72
N ALA E 310 -27.73 7.57 -14.88
CA ALA E 310 -28.55 8.77 -14.92
C ALA E 310 -30.04 8.45 -14.83
N VAL E 311 -30.40 7.18 -14.99
CA VAL E 311 -31.81 6.84 -14.90
C VAL E 311 -32.06 6.41 -13.47
N GLY E 312 -33.14 6.92 -12.86
CA GLY E 312 -33.45 6.69 -11.45
C GLY E 312 -33.67 5.21 -11.12
N THR E 313 -34.35 4.50 -12.02
CA THR E 313 -34.74 3.12 -11.74
C THR E 313 -33.56 2.15 -11.88
N SER E 314 -32.45 2.57 -12.49
CA SER E 314 -31.42 1.62 -12.88
C SER E 314 -30.73 0.97 -11.67
N ARG E 315 -30.70 1.66 -10.53
CA ARG E 315 -30.09 1.05 -9.35
C ARG E 315 -30.93 -0.11 -8.81
N HIS E 316 -32.18 -0.25 -9.25
CA HIS E 316 -33.03 -1.28 -8.68
C HIS E 316 -33.29 -2.43 -9.65
N GLN E 317 -32.60 -2.47 -10.79
CA GLN E 317 -32.85 -3.50 -11.79
C GLN E 317 -32.44 -4.87 -11.26
N GLY E 318 -33.10 -5.91 -11.78
CA GLY E 318 -32.89 -7.29 -11.35
C GLY E 318 -31.58 -7.91 -11.85
N SER E 319 -31.08 -7.44 -13.00
CA SER E 319 -29.87 -7.95 -13.62
C SER E 319 -28.72 -7.95 -12.61
N ARG E 320 -28.02 -9.09 -12.50
CA ARG E 320 -26.89 -9.22 -11.60
C ARG E 320 -25.78 -8.23 -11.93
N LEU E 321 -25.48 -8.08 -13.23
CA LEU E 321 -24.42 -7.16 -13.63
C LEU E 321 -24.79 -5.74 -13.23
N SER E 322 -26.06 -5.37 -13.42
CA SER E 322 -26.55 -4.05 -13.04
C SER E 322 -26.27 -3.80 -11.56
N ASN E 323 -26.57 -4.79 -10.72
CA ASN E 323 -26.34 -4.67 -9.28
C ASN E 323 -24.85 -4.48 -8.97
N ILE E 324 -23.99 -5.31 -9.57
CA ILE E 324 -22.56 -5.23 -9.29
C ILE E 324 -22.04 -3.85 -9.69
N VAL E 325 -22.44 -3.41 -10.88
CA VAL E 325 -21.92 -2.18 -11.45
C VAL E 325 -22.40 -0.98 -10.65
N SER E 326 -23.69 -0.96 -10.28
CA SER E 326 -24.20 0.21 -9.57
C SER E 326 -23.65 0.28 -8.15
N GLU E 327 -23.60 -0.84 -7.44
CA GLU E 327 -23.10 -0.85 -6.06
C GLU E 327 -21.64 -0.43 -5.98
N ASN E 328 -20.86 -0.76 -7.00
CA ASN E 328 -19.42 -0.52 -6.94
C ASN E 328 -19.00 0.70 -7.76
N ASN E 329 -19.98 1.41 -8.33
CA ASN E 329 -19.72 2.55 -9.23
C ASN E 329 -18.72 2.19 -10.33
N LEU E 330 -18.95 1.07 -11.01
CA LEU E 330 -17.94 0.66 -11.96
C LEU E 330 -18.12 1.35 -13.30
N ALA E 331 -19.31 1.87 -13.61
CA ALA E 331 -19.54 2.37 -14.95
C ALA E 331 -20.56 3.50 -14.92
N ASN E 332 -20.58 4.32 -15.97
CA ASN E 332 -21.68 5.25 -16.16
C ASN E 332 -22.85 4.53 -16.82
N SER E 333 -22.53 3.60 -17.71
CA SER E 333 -23.57 2.90 -18.45
C SER E 333 -23.03 1.61 -19.04
N PHE E 334 -23.94 0.69 -19.33
CA PHE E 334 -23.66 -0.40 -20.25
C PHE E 334 -24.92 -0.72 -21.03
N GLN E 335 -24.73 -1.27 -22.22
CA GLN E 335 -25.83 -1.57 -23.10
C GLN E 335 -25.51 -2.90 -23.78
N SER E 336 -26.30 -3.93 -23.51
CA SER E 336 -26.13 -5.20 -24.19
C SER E 336 -26.71 -5.07 -25.59
N PHE E 337 -26.09 -5.71 -26.58
CA PHE E 337 -26.67 -5.68 -27.92
C PHE E 337 -26.59 -7.06 -28.54
N SER E 338 -27.50 -7.31 -29.48
CA SER E 338 -27.43 -8.47 -30.33
C SER E 338 -27.78 -8.01 -31.73
N THR E 339 -26.76 -7.60 -32.50
CA THR E 339 -26.90 -7.07 -33.84
C THR E 339 -26.91 -8.23 -34.84
N SER E 340 -27.89 -8.23 -35.76
CA SER E 340 -28.01 -9.31 -36.72
C SER E 340 -27.75 -8.79 -38.14
N TYR E 341 -27.16 -9.65 -38.96
CA TYR E 341 -27.07 -9.41 -40.39
C TYR E 341 -27.70 -10.60 -41.08
N SER E 342 -27.66 -10.62 -42.42
CA SER E 342 -28.24 -11.70 -43.18
C SER E 342 -27.54 -13.03 -42.89
N ASP E 343 -26.22 -13.01 -42.63
CA ASP E 343 -25.51 -14.28 -42.52
C ASP E 343 -24.62 -14.36 -41.29
N THR E 344 -24.69 -13.39 -40.38
CA THR E 344 -23.86 -13.37 -39.19
C THR E 344 -24.46 -12.35 -38.23
N GLY E 345 -23.77 -12.05 -37.12
CA GLY E 345 -24.19 -11.00 -36.22
C GLY E 345 -23.09 -10.72 -35.22
N LEU E 346 -23.30 -9.74 -34.33
CA LEU E 346 -22.37 -9.51 -33.24
C LEU E 346 -23.21 -9.45 -31.97
N TRP E 347 -22.79 -10.16 -30.93
CA TRP E 347 -23.52 -10.16 -29.69
C TRP E 347 -22.54 -9.68 -28.64
N GLY E 348 -22.89 -8.66 -27.85
CA GLY E 348 -21.91 -8.22 -26.88
C GLY E 348 -22.43 -7.08 -26.02
N ILE E 349 -21.51 -6.24 -25.56
CA ILE E 349 -21.90 -5.22 -24.62
C ILE E 349 -21.06 -3.98 -24.91
N TYR E 350 -21.65 -2.82 -24.68
CA TYR E 350 -20.95 -1.57 -24.81
C TYR E 350 -20.93 -0.89 -23.44
N LEU E 351 -19.75 -0.52 -22.94
CA LEU E 351 -19.58 0.00 -21.58
C LEU E 351 -19.03 1.42 -21.67
N THR E 352 -19.48 2.30 -20.78
CA THR E 352 -18.79 3.58 -20.63
C THR E 352 -18.48 3.77 -19.15
N SER E 353 -17.27 4.28 -18.86
CA SER E 353 -16.86 4.38 -17.47
C SER E 353 -15.88 5.53 -17.29
N GLU E 354 -16.00 6.24 -16.17
CA GLU E 354 -15.02 7.22 -15.72
C GLU E 354 -14.11 6.61 -14.67
N ASN E 355 -14.42 5.38 -14.24
CA ASN E 355 -13.66 4.79 -13.16
C ASN E 355 -12.42 4.15 -13.75
N THR E 356 -11.36 4.93 -13.97
CA THR E 356 -10.28 4.45 -14.81
C THR E 356 -9.38 3.43 -14.09
N THR E 357 -9.45 3.35 -12.76
CA THR E 357 -8.63 2.38 -12.07
C THR E 357 -9.39 1.08 -11.83
N GLN E 358 -10.66 1.02 -12.22
CA GLN E 358 -11.38 -0.23 -12.00
C GLN E 358 -11.99 -0.76 -13.29
N ILE E 359 -11.41 -0.36 -14.43
CA ILE E 359 -11.85 -0.93 -15.70
C ILE E 359 -11.70 -2.45 -15.65
N ASP E 360 -10.60 -2.90 -15.03
CA ASP E 360 -10.33 -4.32 -14.89
C ASP E 360 -11.51 -5.00 -14.19
N ASP E 361 -11.99 -4.43 -13.07
CA ASP E 361 -13.13 -5.01 -12.35
C ASP E 361 -14.38 -5.01 -13.22
N LEU E 362 -14.64 -3.89 -13.89
CA LEU E 362 -15.83 -3.78 -14.73
C LEU E 362 -15.83 -4.89 -15.78
N VAL E 363 -14.68 -5.06 -16.47
CA VAL E 363 -14.63 -6.05 -17.54
C VAL E 363 -14.71 -7.44 -16.92
N HIS E 364 -14.00 -7.64 -15.81
CA HIS E 364 -13.99 -8.92 -15.13
C HIS E 364 -15.43 -9.34 -14.77
N PHE E 365 -16.17 -8.45 -14.10
CA PHE E 365 -17.51 -8.82 -13.65
C PHE E 365 -18.47 -8.98 -14.81
N THR E 366 -18.29 -8.19 -15.87
CA THR E 366 -19.11 -8.36 -17.06
C THR E 366 -18.90 -9.77 -17.62
N LEU E 367 -17.65 -10.18 -17.81
CA LEU E 367 -17.46 -11.47 -18.46
C LEU E 367 -17.83 -12.62 -17.54
N LYS E 368 -17.78 -12.41 -16.23
CA LYS E 368 -18.21 -13.45 -15.30
C LYS E 368 -19.73 -13.62 -15.34
N GLU E 369 -20.49 -12.54 -15.58
CA GLU E 369 -21.93 -12.67 -15.80
C GLU E 369 -22.24 -13.38 -17.10
N TRP E 370 -21.46 -13.13 -18.17
CA TRP E 370 -21.62 -13.95 -19.37
C TRP E 370 -21.33 -15.42 -19.10
N ASN E 371 -20.31 -15.71 -18.28
CA ASN E 371 -19.99 -17.11 -17.99
C ASN E 371 -21.22 -17.80 -17.41
N ARG E 372 -21.98 -17.09 -16.56
CA ARG E 372 -23.13 -17.67 -15.88
C ARG E 372 -24.28 -18.01 -16.82
N LEU E 373 -24.30 -17.42 -18.03
CA LEU E 373 -25.25 -17.85 -19.04
C LEU E 373 -24.99 -19.30 -19.43
N SER E 374 -23.73 -19.75 -19.33
CA SER E 374 -23.39 -21.13 -19.62
C SER E 374 -23.54 -22.02 -18.40
N THR E 375 -23.23 -21.51 -17.21
CA THR E 375 -23.01 -22.41 -16.10
C THR E 375 -24.19 -22.45 -15.14
N SER E 376 -24.86 -21.31 -14.97
CA SER E 376 -25.69 -21.10 -13.78
C SER E 376 -27.15 -20.77 -14.10
N VAL E 377 -27.46 -20.26 -15.29
CA VAL E 377 -28.79 -19.71 -15.47
C VAL E 377 -29.82 -20.83 -15.41
N SER E 378 -30.97 -20.48 -14.85
CA SER E 378 -32.04 -21.44 -14.68
C SER E 378 -33.31 -20.74 -15.14
N ASN E 379 -34.42 -21.40 -14.85
CA ASN E 379 -35.72 -20.85 -15.16
C ASN E 379 -35.98 -19.51 -14.49
N LEU E 380 -35.28 -19.20 -13.39
CA LEU E 380 -35.51 -17.95 -12.70
C LEU E 380 -35.19 -16.75 -13.58
N GLN E 381 -33.99 -16.72 -14.18
CA GLN E 381 -33.54 -15.59 -14.98
C GLN E 381 -34.24 -15.63 -16.34
N VAL E 382 -34.36 -16.82 -16.91
CA VAL E 382 -34.92 -16.96 -18.25
C VAL E 382 -36.38 -16.50 -18.28
N GLU E 383 -37.21 -16.95 -17.32
CA GLU E 383 -38.62 -16.58 -17.35
C GLU E 383 -38.78 -15.07 -17.11
N ARG E 384 -37.91 -14.50 -16.28
CA ARG E 384 -37.93 -13.06 -16.04
C ARG E 384 -37.61 -12.28 -17.33
N ALA E 385 -36.58 -12.70 -18.06
CA ALA E 385 -36.17 -12.03 -19.30
C ALA E 385 -37.22 -12.19 -20.38
N LYS E 386 -37.88 -13.36 -20.44
CA LYS E 386 -38.92 -13.58 -21.42
C LYS E 386 -40.10 -12.65 -21.15
N SER E 387 -40.48 -12.47 -19.88
CA SER E 387 -41.56 -11.57 -19.50
C SER E 387 -41.28 -10.16 -20.00
N GLN E 388 -40.07 -9.69 -19.74
CA GLN E 388 -39.60 -8.36 -20.09
C GLN E 388 -39.59 -8.14 -21.62
N LEU E 389 -39.35 -9.19 -22.41
CA LEU E 389 -39.14 -9.09 -23.85
C LEU E 389 -40.47 -9.16 -24.60
N LYS E 390 -41.39 -9.96 -24.06
CA LYS E 390 -42.72 -10.12 -24.63
C LYS E 390 -43.36 -8.74 -24.77
N ALA E 391 -43.15 -7.88 -23.77
CA ALA E 391 -43.64 -6.51 -23.82
C ALA E 391 -42.72 -5.63 -24.66
N GLY E 392 -41.40 -5.74 -24.45
CA GLY E 392 -40.41 -4.87 -25.05
C GLY E 392 -40.48 -4.81 -26.58
N LEU E 393 -40.71 -5.98 -27.20
CA LEU E 393 -40.79 -6.10 -28.66
C LEU E 393 -42.03 -5.39 -29.22
N LEU E 394 -43.05 -5.19 -28.39
CA LEU E 394 -44.27 -4.50 -28.78
C LEU E 394 -44.18 -3.01 -28.43
N LEU E 395 -43.55 -2.67 -27.30
CA LEU E 395 -43.44 -1.30 -26.80
C LEU E 395 -42.69 -0.44 -27.80
N SER E 396 -41.58 -0.98 -28.31
CA SER E 396 -40.71 -0.31 -29.25
C SER E 396 -41.48 0.39 -30.37
N LEU E 397 -42.60 -0.20 -30.81
CA LEU E 397 -43.35 0.31 -31.96
C LEU E 397 -44.41 1.28 -31.45
N ASP E 398 -44.02 2.54 -31.21
CA ASP E 398 -44.96 3.45 -30.57
C ASP E 398 -45.37 4.65 -31.42
N GLY E 399 -44.74 4.87 -32.59
CA GLY E 399 -45.13 5.90 -33.54
C GLY E 399 -45.10 5.37 -34.97
N THR E 400 -45.63 6.15 -35.92
CA THR E 400 -45.79 5.68 -37.29
C THR E 400 -44.42 5.37 -37.90
N THR E 401 -43.39 6.12 -37.49
CA THR E 401 -42.06 5.92 -38.04
C THR E 401 -41.48 4.61 -37.50
N TYR E 402 -41.76 4.30 -36.23
CA TYR E 402 -41.26 3.07 -35.65
C TYR E 402 -41.98 1.87 -36.25
N VAL E 403 -43.27 2.05 -36.54
CA VAL E 403 -44.05 0.98 -37.14
C VAL E 403 -43.54 0.72 -38.56
N ALA E 404 -43.29 1.80 -39.32
CA ALA E 404 -42.83 1.67 -40.69
C ALA E 404 -41.44 1.04 -40.71
N GLU E 405 -40.62 1.41 -39.72
CA GLU E 405 -39.28 0.87 -39.64
C GLU E 405 -39.36 -0.62 -39.34
N ASP E 406 -40.34 -1.02 -38.52
CA ASP E 406 -40.50 -2.42 -38.16
C ASP E 406 -40.99 -3.22 -39.37
N ILE E 407 -41.97 -2.69 -40.10
CA ILE E 407 -42.47 -3.40 -41.25
C ILE E 407 -41.34 -3.54 -42.27
N GLY E 408 -40.65 -2.43 -42.53
CA GLY E 408 -39.62 -2.39 -43.55
C GLY E 408 -38.43 -3.29 -43.24
N ARG E 409 -38.01 -3.28 -41.97
CA ARG E 409 -36.89 -4.10 -41.54
C ARG E 409 -37.26 -5.57 -41.69
N GLN E 410 -38.41 -5.97 -41.14
CA GLN E 410 -38.82 -7.37 -41.19
C GLN E 410 -39.03 -7.84 -42.63
N LEU E 411 -39.57 -7.00 -43.51
CA LEU E 411 -39.81 -7.44 -44.87
C LEU E 411 -38.49 -7.60 -45.63
N THR E 412 -37.48 -6.80 -45.29
CA THR E 412 -36.23 -6.85 -46.03
C THR E 412 -35.22 -7.83 -45.43
N THR E 413 -35.52 -8.40 -44.25
CA THR E 413 -34.60 -9.34 -43.61
C THR E 413 -35.20 -10.74 -43.56
N LEU E 414 -36.53 -10.83 -43.45
CA LEU E 414 -37.19 -12.12 -43.28
C LEU E 414 -38.10 -12.44 -44.46
N GLY E 415 -38.44 -11.42 -45.25
CA GLY E 415 -39.34 -11.64 -46.37
C GLY E 415 -40.82 -11.56 -45.97
N ARG E 416 -41.10 -11.33 -44.69
CA ARG E 416 -42.47 -11.27 -44.19
C ARG E 416 -42.49 -10.49 -42.87
N ARG E 417 -43.67 -9.95 -42.52
CA ARG E 417 -43.87 -9.37 -41.22
C ARG E 417 -44.34 -10.48 -40.29
N VAL E 418 -43.63 -10.65 -39.18
CA VAL E 418 -44.00 -11.68 -38.23
C VAL E 418 -45.01 -11.07 -37.24
N THR E 419 -46.17 -11.72 -37.14
CA THR E 419 -47.27 -11.27 -36.29
C THR E 419 -46.85 -11.37 -34.82
N PRO E 420 -47.39 -10.51 -33.90
CA PRO E 420 -47.08 -10.63 -32.48
C PRO E 420 -47.37 -11.99 -31.84
N ALA E 421 -48.36 -12.71 -32.38
CA ALA E 421 -48.71 -14.04 -31.89
C ALA E 421 -47.58 -15.03 -32.17
N GLU E 422 -46.97 -14.93 -33.36
CA GLU E 422 -45.86 -15.79 -33.76
C GLU E 422 -44.65 -15.46 -32.90
N VAL E 423 -44.43 -14.17 -32.66
CA VAL E 423 -43.30 -13.71 -31.86
C VAL E 423 -43.46 -14.17 -30.42
N GLU E 424 -44.71 -14.19 -29.93
CA GLU E 424 -44.99 -14.57 -28.56
C GLU E 424 -44.71 -16.06 -28.39
N ALA E 425 -45.02 -16.83 -29.45
CA ALA E 425 -44.81 -18.28 -29.45
C ALA E 425 -43.32 -18.63 -29.52
N LYS E 426 -42.56 -17.90 -30.34
CA LYS E 426 -41.13 -18.13 -30.47
C LYS E 426 -40.39 -17.80 -29.18
N LEU E 427 -40.79 -16.71 -28.49
CA LEU E 427 -40.22 -16.36 -27.20
C LEU E 427 -40.56 -17.40 -26.15
N GLU E 428 -41.81 -17.89 -26.17
CA GLU E 428 -42.27 -18.86 -25.19
C GLU E 428 -41.53 -20.17 -25.35
N ALA E 429 -41.07 -20.46 -26.57
CA ALA E 429 -40.35 -21.69 -26.83
C ALA E 429 -38.93 -21.66 -26.26
N VAL E 430 -38.42 -20.49 -25.87
CA VAL E 430 -37.04 -20.44 -25.37
C VAL E 430 -37.02 -20.97 -23.93
N THR E 431 -36.24 -22.03 -23.67
CA THR E 431 -36.14 -22.51 -22.29
C THR E 431 -34.77 -22.14 -21.73
N GLU E 432 -34.60 -22.29 -20.40
CA GLU E 432 -33.32 -22.02 -19.73
C GLU E 432 -32.23 -22.86 -20.36
N HIS E 433 -32.67 -23.95 -20.88
CA HIS E 433 -31.74 -24.97 -21.23
C HIS E 433 -31.33 -24.83 -22.69
N ASP E 434 -32.19 -24.21 -23.52
CA ASP E 434 -31.80 -23.55 -24.77
C ASP E 434 -30.78 -22.42 -24.56
N VAL E 435 -30.98 -21.55 -23.56
CA VAL E 435 -30.05 -20.45 -23.31
C VAL E 435 -28.69 -21.02 -22.95
N ARG E 436 -28.66 -22.02 -22.06
CA ARG E 436 -27.41 -22.63 -21.64
C ARG E 436 -26.73 -23.27 -22.84
N ALA E 437 -27.49 -23.98 -23.67
CA ALA E 437 -26.86 -24.63 -24.81
C ALA E 437 -26.29 -23.58 -25.78
N TRP E 438 -27.03 -22.48 -25.97
CA TRP E 438 -26.59 -21.43 -26.88
C TRP E 438 -25.33 -20.77 -26.34
N ALA E 439 -25.31 -20.44 -25.04
CA ALA E 439 -24.18 -19.72 -24.47
C ALA E 439 -22.93 -20.60 -24.49
N GLN E 440 -23.12 -21.91 -24.31
CA GLN E 440 -22.01 -22.84 -24.28
C GLN E 440 -21.36 -22.97 -25.66
N LYS E 441 -22.11 -22.74 -26.74
CA LYS E 441 -21.48 -22.83 -28.04
C LYS E 441 -21.11 -21.45 -28.62
N THR E 442 -21.62 -20.37 -28.04
CA THR E 442 -21.46 -19.05 -28.64
C THR E 442 -20.56 -18.17 -27.80
N LEU E 443 -20.62 -18.31 -26.48
CA LEU E 443 -19.89 -17.41 -25.60
C LEU E 443 -18.75 -18.15 -24.92
N TYR E 444 -19.01 -19.37 -24.47
CA TYR E 444 -18.11 -19.98 -23.51
C TYR E 444 -16.75 -20.25 -24.14
N ASP E 445 -15.67 -19.69 -23.57
CA ASP E 445 -14.32 -19.95 -24.05
C ASP E 445 -14.18 -19.57 -25.53
N LYS E 446 -14.81 -18.47 -25.95
CA LYS E 446 -14.77 -18.11 -27.37
C LYS E 446 -13.92 -16.85 -27.54
N ASP E 447 -13.44 -16.63 -28.77
CA ASP E 447 -12.73 -15.42 -29.12
C ASP E 447 -13.68 -14.23 -29.08
N ILE E 448 -13.15 -13.07 -28.68
CA ILE E 448 -13.94 -11.86 -28.64
C ILE E 448 -13.30 -10.85 -29.57
N ALA E 449 -14.10 -9.88 -29.99
CA ALA E 449 -13.59 -8.68 -30.61
C ALA E 449 -13.72 -7.59 -29.57
N LEU E 450 -12.66 -6.82 -29.39
CA LEU E 450 -12.63 -5.89 -28.27
C LEU E 450 -12.16 -4.54 -28.80
N VAL E 451 -12.90 -3.47 -28.52
CA VAL E 451 -12.45 -2.14 -28.89
C VAL E 451 -12.45 -1.30 -27.62
N GLY E 452 -11.35 -0.61 -27.34
CA GLY E 452 -11.30 0.32 -26.23
C GLY E 452 -10.94 1.71 -26.74
N LEU E 453 -11.63 2.74 -26.25
CA LEU E 453 -11.33 4.11 -26.64
C LEU E 453 -11.26 4.96 -25.38
N GLY E 454 -10.23 5.80 -25.27
CA GLY E 454 -10.16 6.74 -24.17
C GLY E 454 -9.11 6.33 -23.15
N PRO E 455 -9.30 6.64 -21.85
CA PRO E 455 -8.28 6.31 -20.83
C PRO E 455 -8.30 4.84 -20.43
N ILE E 456 -7.74 3.98 -21.29
CA ILE E 456 -7.93 2.54 -21.19
C ILE E 456 -6.65 1.86 -20.75
N GLU E 457 -5.75 2.60 -20.10
CA GLU E 457 -4.53 2.01 -19.57
C GLU E 457 -4.87 0.79 -18.70
N GLY E 458 -5.96 0.88 -17.93
CA GLY E 458 -6.39 -0.18 -17.04
C GLY E 458 -7.06 -1.36 -17.76
N LEU E 459 -7.23 -1.28 -19.08
CA LEU E 459 -7.83 -2.42 -19.76
C LEU E 459 -6.69 -3.40 -20.03
N TYR E 460 -6.75 -4.63 -19.47
CA TYR E 460 -5.65 -5.57 -19.62
C TYR E 460 -5.51 -6.03 -21.07
N ASP E 461 -4.39 -6.69 -21.37
CA ASP E 461 -4.10 -7.24 -22.68
C ASP E 461 -5.16 -8.27 -23.08
N TYR E 462 -5.17 -8.63 -24.37
CA TYR E 462 -6.18 -9.51 -24.95
C TYR E 462 -6.33 -10.81 -24.16
N ASN E 463 -5.22 -11.49 -23.81
CA ASN E 463 -5.29 -12.78 -23.15
C ASN E 463 -6.07 -12.70 -21.83
N ARG E 464 -5.78 -11.71 -21.00
CA ARG E 464 -6.44 -11.65 -19.71
C ARG E 464 -7.93 -11.33 -19.88
N ILE E 465 -8.31 -10.62 -20.94
CA ILE E 465 -9.73 -10.41 -21.18
C ILE E 465 -10.33 -11.73 -21.65
N ARG E 466 -9.71 -12.35 -22.65
CA ARG E 466 -10.25 -13.57 -23.20
C ARG E 466 -10.24 -14.72 -22.18
N ASN E 467 -9.32 -14.72 -21.22
CA ASN E 467 -9.34 -15.73 -20.16
C ASN E 467 -10.60 -15.66 -19.30
N ASP E 468 -11.22 -14.48 -19.19
CA ASP E 468 -12.47 -14.38 -18.45
C ASP E 468 -13.67 -14.96 -19.20
N MET E 469 -13.48 -15.45 -20.43
CA MET E 469 -14.58 -16.07 -21.16
C MET E 469 -14.83 -17.50 -20.69
N SER E 470 -14.07 -17.99 -19.70
CA SER E 470 -14.42 -19.25 -19.10
C SER E 470 -14.18 -19.17 -17.60
N MET E 471 -14.63 -20.19 -16.86
CA MET E 471 -14.44 -20.24 -15.43
C MET E 471 -13.67 -21.51 -15.15
N MET E 472 -12.53 -21.40 -14.47
CA MET E 472 -11.78 -22.58 -14.09
C MET E 472 -12.52 -23.43 -13.05
N ARG E 473 -13.44 -22.83 -12.29
CA ARG E 473 -14.21 -23.56 -11.28
C ARG E 473 -15.26 -24.47 -11.92
N TRP E 474 -15.58 -24.29 -13.20
CA TRP E 474 -16.61 -25.07 -13.88
C TRP E 474 -15.97 -26.06 -14.84
N PHE F 15 -60.19 11.50 -27.21
CA PHE F 15 -60.07 11.45 -25.71
C PHE F 15 -61.40 11.85 -25.05
N SER F 16 -62.18 10.85 -24.66
CA SER F 16 -63.40 11.13 -23.92
C SER F 16 -63.07 11.59 -22.50
N THR F 17 -63.21 12.90 -22.28
CA THR F 17 -63.09 13.54 -20.97
C THR F 17 -64.25 13.10 -20.08
N ALA F 18 -63.93 12.61 -18.86
CA ALA F 18 -64.90 12.33 -17.82
C ALA F 18 -64.35 12.66 -16.43
N GLU F 19 -65.07 12.21 -15.40
CA GLU F 19 -64.71 12.44 -14.00
C GLU F 19 -64.92 11.17 -13.20
N ALA F 20 -63.92 10.83 -12.38
CA ALA F 20 -64.00 9.67 -11.54
C ALA F 20 -63.52 10.05 -10.15
N ALA F 21 -64.46 10.04 -9.20
CA ALA F 21 -64.21 10.40 -7.80
C ALA F 21 -63.43 11.70 -7.68
N GLY F 22 -63.86 12.72 -8.44
CA GLY F 22 -63.30 14.05 -8.28
C GLY F 22 -62.04 14.27 -9.12
N VAL F 23 -61.60 13.21 -9.81
CA VAL F 23 -60.41 13.29 -10.63
C VAL F 23 -60.87 13.26 -12.09
N LYS F 24 -60.34 14.20 -12.89
CA LYS F 24 -60.58 14.27 -14.32
C LYS F 24 -59.74 13.23 -15.08
N VAL F 25 -60.46 12.40 -15.86
CA VAL F 25 -59.91 11.25 -16.55
C VAL F 25 -60.22 11.38 -18.04
N ALA F 26 -59.19 11.37 -18.90
CA ALA F 26 -59.39 11.35 -20.34
C ALA F 26 -58.73 10.12 -20.95
N ALA F 27 -59.53 9.35 -21.70
CA ALA F 27 -59.02 8.14 -22.32
C ALA F 27 -59.53 8.01 -23.74
N GLN F 28 -58.72 7.34 -24.57
CA GLN F 28 -59.00 7.09 -25.96
C GLN F 28 -58.61 5.65 -26.21
N ASP F 29 -59.61 4.82 -26.53
CA ASP F 29 -59.36 3.43 -26.86
C ASP F 29 -58.76 3.32 -28.26
N GLY F 30 -57.94 2.28 -28.46
CA GLY F 30 -57.23 2.07 -29.72
C GLY F 30 -57.12 0.60 -30.05
N GLN F 31 -56.38 0.29 -31.11
CA GLN F 31 -56.16 -1.08 -31.52
C GLN F 31 -54.67 -1.35 -31.51
N SER F 32 -54.12 -1.50 -30.31
CA SER F 32 -52.71 -1.75 -30.11
C SER F 32 -52.56 -2.57 -28.84
N PRO F 33 -51.50 -3.40 -28.70
CA PRO F 33 -51.25 -4.07 -27.42
C PRO F 33 -50.60 -3.21 -26.35
N ILE F 34 -50.37 -1.91 -26.64
CA ILE F 34 -49.60 -1.04 -25.78
C ILE F 34 -50.43 0.13 -25.28
N SER F 35 -50.54 0.26 -23.96
CA SER F 35 -51.22 1.41 -23.36
C SER F 35 -50.21 2.37 -22.72
N ASP F 36 -50.50 3.67 -22.83
CA ASP F 36 -49.79 4.69 -22.07
C ASP F 36 -50.74 5.29 -21.04
N LEU F 37 -50.35 5.28 -19.77
CA LEU F 37 -51.14 5.97 -18.75
C LEU F 37 -50.28 7.07 -18.16
N SER F 38 -50.80 8.30 -18.18
CA SER F 38 -50.08 9.47 -17.70
C SER F 38 -50.88 10.18 -16.60
N VAL F 39 -50.19 10.52 -15.52
CA VAL F 39 -50.76 11.42 -14.55
C VAL F 39 -50.17 12.81 -14.79
N VAL F 40 -51.03 13.76 -15.11
CA VAL F 40 -50.55 15.12 -15.33
C VAL F 40 -50.86 15.93 -14.08
N LEU F 41 -49.83 16.57 -13.52
CA LEU F 41 -50.01 17.30 -12.28
C LEU F 41 -49.85 18.79 -12.54
N ARG F 42 -50.75 19.59 -11.98
CA ARG F 42 -50.56 21.03 -12.00
C ARG F 42 -49.47 21.39 -10.99
N GLY F 43 -48.22 21.19 -11.39
CA GLY F 43 -47.16 21.31 -10.41
C GLY F 43 -45.87 21.66 -11.11
N GLY F 44 -45.99 22.21 -12.32
CA GLY F 44 -44.81 22.62 -13.05
C GLY F 44 -44.12 23.79 -12.36
N SER F 45 -43.04 24.28 -12.98
CA SER F 45 -42.15 25.21 -12.29
C SER F 45 -42.76 26.60 -12.08
N ARG F 46 -43.82 26.95 -12.83
CA ARG F 46 -44.44 28.26 -12.64
C ARG F 46 -45.14 28.31 -11.29
N TYR F 47 -45.34 27.14 -10.68
CA TYR F 47 -46.03 27.03 -9.40
C TYR F 47 -45.04 26.72 -8.29
N ALA F 48 -43.77 26.52 -8.65
CA ALA F 48 -42.75 26.12 -7.69
C ALA F 48 -42.68 27.14 -6.55
N THR F 49 -42.88 26.63 -5.34
CA THR F 49 -42.76 27.43 -4.12
C THR F 49 -41.32 27.87 -3.93
N VAL F 50 -40.40 26.94 -4.18
CA VAL F 50 -38.96 27.11 -4.01
C VAL F 50 -38.32 26.74 -5.34
N PRO F 51 -37.24 27.41 -5.80
CA PRO F 51 -36.62 27.11 -7.09
C PRO F 51 -36.13 25.67 -7.21
N GLY F 52 -36.72 24.93 -8.16
CA GLY F 52 -36.26 23.60 -8.51
C GLY F 52 -37.10 22.53 -7.87
N VAL F 53 -38.12 22.95 -7.10
CA VAL F 53 -38.88 21.98 -6.32
C VAL F 53 -39.75 21.11 -7.22
N SER F 54 -40.16 21.62 -8.38
CA SER F 54 -40.98 20.83 -9.27
C SER F 54 -40.17 19.71 -9.91
N HIS F 55 -38.93 20.01 -10.26
CA HIS F 55 -38.00 19.02 -10.77
C HIS F 55 -37.73 17.92 -9.73
N ILE F 56 -37.53 18.32 -8.47
CA ILE F 56 -37.25 17.37 -7.40
C ILE F 56 -38.49 16.51 -7.14
N LEU F 57 -39.68 17.12 -7.14
CA LEU F 57 -40.89 16.33 -6.95
C LEU F 57 -41.05 15.30 -8.07
N GLU F 58 -40.76 15.70 -9.30
CA GLU F 58 -40.82 14.78 -10.44
C GLU F 58 -39.87 13.61 -10.21
N LYS F 59 -38.64 13.88 -9.77
CA LYS F 59 -37.66 12.83 -9.52
C LYS F 59 -38.01 12.00 -8.28
N PHE F 60 -38.90 12.51 -7.42
CA PHE F 60 -39.34 11.75 -6.26
C PHE F 60 -40.50 10.82 -6.59
N ALA F 61 -41.00 10.83 -7.82
CA ALA F 61 -42.08 9.90 -8.15
C ALA F 61 -41.52 8.49 -8.24
N PHE F 62 -42.29 7.52 -7.73
CA PHE F 62 -41.90 6.12 -7.70
C PHE F 62 -40.67 5.88 -6.83
N GLN F 63 -40.46 6.72 -5.81
CA GLN F 63 -39.56 6.36 -4.71
C GLN F 63 -40.33 5.47 -3.74
N ASN F 64 -39.85 5.33 -2.49
CA ASN F 64 -40.53 4.43 -1.58
C ASN F 64 -41.91 5.00 -1.23
N THR F 65 -42.92 4.15 -1.37
CA THR F 65 -44.23 4.48 -0.82
C THR F 65 -44.44 3.54 0.36
N VAL F 66 -45.51 3.76 1.12
CA VAL F 66 -45.80 2.93 2.28
C VAL F 66 -46.17 1.52 1.84
N PRO F 67 -47.06 1.31 0.85
CA PRO F 67 -47.35 -0.05 0.39
C PRO F 67 -46.28 -0.75 -0.46
N LYS F 68 -45.36 0.00 -1.09
CA LYS F 68 -44.47 -0.61 -2.05
C LYS F 68 -43.19 0.21 -2.15
N SER F 69 -42.04 -0.44 -1.92
CA SER F 69 -40.75 0.22 -2.02
C SER F 69 -40.41 0.53 -3.49
N ALA F 70 -39.52 1.50 -3.69
CA ALA F 70 -39.00 1.81 -5.01
C ALA F 70 -38.41 0.54 -5.65
N LEU F 71 -37.67 -0.23 -4.86
CA LEU F 71 -37.05 -1.46 -5.33
C LEU F 71 -38.12 -2.44 -5.79
N ARG F 72 -39.15 -2.65 -4.96
CA ARG F 72 -40.16 -3.61 -5.36
C ARG F 72 -40.89 -3.15 -6.62
N PHE F 73 -41.14 -1.85 -6.74
CA PHE F 73 -41.81 -1.34 -7.92
C PHE F 73 -41.01 -1.63 -9.19
N VAL F 74 -39.72 -1.33 -9.15
CA VAL F 74 -38.88 -1.55 -10.32
C VAL F 74 -38.83 -3.03 -10.68
N ARG F 75 -38.70 -3.92 -9.68
CA ARG F 75 -38.62 -5.35 -9.99
C ARG F 75 -39.93 -5.84 -10.61
N GLU F 76 -41.06 -5.26 -10.21
CA GLU F 76 -42.33 -5.74 -10.72
C GLU F 76 -42.60 -5.14 -12.10
N LEU F 77 -42.20 -3.89 -12.28
CA LEU F 77 -42.29 -3.21 -13.58
C LEU F 77 -41.56 -4.02 -14.64
N GLU F 78 -40.40 -4.61 -14.30
CA GLU F 78 -39.62 -5.43 -15.22
C GLU F 78 -40.34 -6.73 -15.56
N LEU F 79 -41.18 -7.24 -14.66
CA LEU F 79 -41.94 -8.47 -14.92
C LEU F 79 -43.11 -8.22 -15.87
N PHE F 80 -43.60 -6.97 -15.92
CA PHE F 80 -44.65 -6.58 -16.85
C PHE F 80 -44.02 -6.05 -18.14
N GLY F 81 -42.70 -5.85 -18.11
CA GLY F 81 -41.96 -5.21 -19.18
C GLY F 81 -42.39 -3.76 -19.40
N GLY F 82 -42.96 -3.13 -18.37
CA GLY F 82 -43.38 -1.73 -18.47
C GLY F 82 -42.21 -0.76 -18.46
N LYS F 83 -42.47 0.49 -18.86
CA LYS F 83 -41.48 1.54 -18.80
C LYS F 83 -42.07 2.74 -18.08
N LEU F 84 -41.19 3.56 -17.52
CA LEU F 84 -41.53 4.73 -16.74
C LEU F 84 -40.88 5.94 -17.40
N TYR F 85 -41.66 7.00 -17.60
CA TYR F 85 -41.12 8.25 -18.14
C TYR F 85 -41.65 9.38 -17.29
N THR F 86 -40.78 10.31 -16.89
CA THR F 86 -41.26 11.44 -16.12
C THR F 86 -40.62 12.69 -16.71
N HIS F 87 -41.33 13.82 -16.70
CA HIS F 87 -40.66 15.07 -17.01
C HIS F 87 -41.40 16.23 -16.35
N THR F 88 -40.72 17.38 -16.27
CA THR F 88 -41.25 18.60 -15.68
C THR F 88 -41.30 19.65 -16.78
N THR F 89 -42.39 20.41 -16.85
CA THR F 89 -42.45 21.58 -17.71
C THR F 89 -42.63 22.82 -16.84
N ARG F 90 -42.93 23.96 -17.46
CA ARG F 90 -43.24 25.17 -16.71
C ARG F 90 -44.65 25.06 -16.15
N GLU F 91 -45.45 24.19 -16.78
CA GLU F 91 -46.84 24.08 -16.41
C GLU F 91 -47.15 22.78 -15.66
N HIS F 92 -46.51 21.67 -16.04
CA HIS F 92 -46.92 20.39 -15.48
C HIS F 92 -45.72 19.58 -15.00
N ILE F 93 -46.02 18.61 -14.13
CA ILE F 93 -45.21 17.41 -13.98
C ILE F 93 -46.00 16.30 -14.66
N VAL F 94 -45.31 15.53 -15.50
CA VAL F 94 -45.94 14.43 -16.21
C VAL F 94 -45.24 13.13 -15.82
N LEU F 95 -46.04 12.16 -15.39
CA LEU F 95 -45.54 10.86 -15.01
C LEU F 95 -46.24 9.88 -15.94
N ARG F 96 -45.48 9.18 -16.79
CA ARG F 96 -46.10 8.33 -17.80
C ARG F 96 -45.59 6.89 -17.67
N THR F 97 -46.51 5.93 -17.71
CA THR F 97 -46.11 4.53 -17.78
C THR F 97 -46.57 3.93 -19.10
N GLN F 98 -45.77 3.02 -19.64
CA GLN F 98 -46.11 2.35 -20.88
C GLN F 98 -46.10 0.86 -20.60
N PHE F 99 -47.17 0.15 -20.95
CA PHE F 99 -47.31 -1.25 -20.54
C PHE F 99 -48.22 -1.96 -21.53
N LEU F 100 -48.41 -3.27 -21.35
CA LEU F 100 -49.37 -4.04 -22.13
C LEU F 100 -50.78 -3.77 -21.60
N LYS F 101 -51.77 -3.73 -22.51
CA LYS F 101 -53.10 -3.20 -22.23
C LYS F 101 -53.69 -3.81 -20.96
N GLN F 102 -53.58 -5.14 -20.85
CA GLN F 102 -54.18 -5.93 -19.78
C GLN F 102 -53.63 -5.55 -18.40
N ASP F 103 -52.43 -4.95 -18.32
CA ASP F 103 -51.84 -4.68 -17.01
C ASP F 103 -52.29 -3.33 -16.43
N LEU F 104 -53.39 -2.77 -16.95
CA LEU F 104 -53.89 -1.46 -16.54
C LEU F 104 -54.10 -1.35 -15.03
N PRO F 105 -54.81 -2.28 -14.33
CA PRO F 105 -55.08 -2.11 -12.89
C PRO F 105 -53.83 -1.89 -12.03
N TYR F 106 -52.76 -2.63 -12.33
CA TYR F 106 -51.50 -2.49 -11.62
C TYR F 106 -51.00 -1.05 -11.69
N PHE F 107 -51.02 -0.45 -12.89
CA PHE F 107 -50.44 0.87 -13.10
C PHE F 107 -51.30 1.97 -12.46
N VAL F 108 -52.62 1.76 -12.43
CA VAL F 108 -53.50 2.70 -11.78
C VAL F 108 -53.19 2.71 -10.28
N ASP F 109 -53.05 1.52 -9.71
CA ASP F 109 -52.76 1.37 -8.30
C ASP F 109 -51.39 1.94 -7.93
N ALA F 110 -50.42 1.84 -8.85
CA ALA F 110 -49.07 2.35 -8.59
C ALA F 110 -49.08 3.87 -8.51
N PHE F 111 -49.83 4.51 -9.41
CA PHE F 111 -50.00 5.95 -9.40
C PHE F 111 -50.69 6.38 -8.11
N ALA F 112 -51.73 5.65 -7.69
CA ALA F 112 -52.41 5.94 -6.44
C ALA F 112 -51.44 5.89 -5.27
N ASN F 113 -50.55 4.88 -5.23
CA ASN F 113 -49.59 4.78 -4.13
C ASN F 113 -48.66 5.99 -4.11
N VAL F 114 -48.27 6.47 -5.29
CA VAL F 114 -47.33 7.57 -5.37
C VAL F 114 -47.96 8.86 -4.84
N LEU F 115 -49.24 9.08 -5.17
CA LEU F 115 -49.91 10.34 -4.86
C LEU F 115 -50.36 10.37 -3.40
N LYS F 116 -50.72 9.20 -2.85
CA LYS F 116 -51.28 9.12 -1.52
C LYS F 116 -50.21 8.85 -0.45
N GLU F 117 -49.17 8.08 -0.79
CA GLU F 117 -48.39 7.40 0.24
C GLU F 117 -46.88 7.45 0.02
N THR F 118 -46.37 8.43 -0.74
CA THR F 118 -44.92 8.58 -0.88
C THR F 118 -44.29 8.90 0.49
N LYS F 119 -43.22 8.18 0.86
CA LYS F 119 -42.59 8.33 2.16
C LYS F 119 -41.82 9.65 2.29
N PHE F 120 -41.13 10.06 1.22
CA PHE F 120 -40.29 11.26 1.19
C PHE F 120 -39.23 11.20 2.30
N GLN F 121 -38.22 10.34 2.14
CA GLN F 121 -37.19 10.16 3.17
C GLN F 121 -35.97 11.00 2.82
N GLN F 122 -35.30 11.54 3.86
CA GLN F 122 -34.12 12.37 3.66
C GLN F 122 -33.06 11.63 2.86
N PHE F 123 -32.86 10.34 3.13
CA PHE F 123 -31.80 9.62 2.44
C PHE F 123 -32.12 9.50 0.94
N GLU F 124 -33.41 9.37 0.59
CA GLU F 124 -33.81 9.29 -0.81
C GLU F 124 -33.44 10.59 -1.52
N LEU F 125 -33.70 11.72 -0.85
CA LEU F 125 -33.36 13.00 -1.42
C LEU F 125 -31.86 13.12 -1.63
N THR F 126 -31.06 12.78 -0.61
CA THR F 126 -29.61 12.97 -0.68
C THR F 126 -28.96 12.00 -1.67
N GLU F 127 -29.41 10.74 -1.66
CA GLU F 127 -28.64 9.71 -2.33
C GLU F 127 -29.22 9.38 -3.70
N ARG F 128 -30.53 9.57 -3.87
CA ARG F 128 -31.19 9.04 -5.05
C ARG F 128 -31.71 10.20 -5.89
N VAL F 129 -32.55 11.03 -5.30
CA VAL F 129 -33.32 12.01 -6.05
C VAL F 129 -32.43 13.16 -6.51
N ALA F 130 -31.76 13.84 -5.58
CA ALA F 130 -30.96 15.01 -5.94
C ALA F 130 -29.85 14.66 -6.94
N PRO F 131 -29.06 13.57 -6.77
CA PRO F 131 -28.05 13.23 -7.78
C PRO F 131 -28.58 12.95 -9.19
N VAL F 132 -29.76 12.33 -9.28
CA VAL F 132 -30.38 12.07 -10.57
C VAL F 132 -30.84 13.39 -11.18
N ALA F 133 -31.42 14.29 -10.36
CA ALA F 133 -31.83 15.61 -10.84
C ALA F 133 -30.62 16.37 -11.38
N GLU F 134 -29.47 16.21 -10.74
CA GLU F 134 -28.28 16.94 -11.14
C GLU F 134 -27.73 16.41 -12.47
N LEU F 135 -27.75 15.09 -12.66
CA LEU F 135 -27.31 14.50 -13.92
C LEU F 135 -28.26 14.87 -15.06
N ASP F 136 -29.57 14.97 -14.76
CA ASP F 136 -30.59 15.34 -15.72
C ASP F 136 -30.25 16.73 -16.28
N LEU F 137 -29.95 17.67 -15.37
CA LEU F 137 -29.70 19.04 -15.80
C LEU F 137 -28.39 19.14 -16.57
N LEU F 138 -27.34 18.45 -16.11
CA LEU F 138 -26.05 18.53 -16.80
C LEU F 138 -26.16 17.97 -18.21
N LYS F 139 -26.99 16.95 -18.41
CA LYS F 139 -27.15 16.38 -19.73
C LYS F 139 -27.85 17.38 -20.65
N ARG F 140 -28.83 18.11 -20.13
CA ARG F 140 -29.58 19.06 -20.93
C ARG F 140 -28.69 20.25 -21.30
N GLU F 141 -27.82 20.65 -20.38
CA GLU F 141 -27.01 21.84 -20.55
C GLU F 141 -25.85 21.58 -21.50
N SER F 142 -25.59 20.30 -21.82
CA SER F 142 -24.56 19.99 -22.80
C SER F 142 -24.89 20.68 -24.13
N ASP F 143 -26.19 20.89 -24.38
CA ASP F 143 -26.68 21.66 -25.51
C ASP F 143 -26.76 23.14 -25.12
N PRO F 144 -25.92 24.03 -25.71
CA PRO F 144 -25.98 25.45 -25.36
C PRO F 144 -27.29 26.13 -25.75
N ALA F 145 -28.05 25.53 -26.67
CA ALA F 145 -29.31 26.10 -27.12
C ALA F 145 -30.38 25.95 -26.04
N PHE F 146 -30.30 24.85 -25.28
CA PHE F 146 -31.19 24.64 -24.14
C PHE F 146 -30.98 25.76 -23.13
N THR F 147 -29.72 25.96 -22.77
CA THR F 147 -29.31 26.98 -21.82
C THR F 147 -29.81 28.36 -22.26
N ALA F 148 -29.63 28.69 -23.55
CA ALA F 148 -30.01 29.99 -24.08
C ALA F 148 -31.50 30.21 -23.96
N LEU F 149 -32.28 29.17 -24.26
CA LEU F 149 -33.72 29.35 -24.22
C LEU F 149 -34.24 29.42 -22.78
N GLU F 150 -33.56 28.72 -21.86
CA GLU F 150 -33.90 28.78 -20.44
C GLU F 150 -33.57 30.16 -19.90
N ALA F 151 -32.38 30.67 -20.23
CA ALA F 151 -31.97 32.00 -19.80
C ALA F 151 -32.94 33.06 -20.32
N ALA F 152 -33.49 32.86 -21.52
CA ALA F 152 -34.37 33.84 -22.12
C ALA F 152 -35.70 33.90 -21.36
N HIS F 153 -36.20 32.75 -20.91
CA HIS F 153 -37.42 32.76 -20.12
C HIS F 153 -37.20 33.48 -18.79
N GLU F 154 -35.98 33.40 -18.28
CA GLU F 154 -35.68 33.92 -16.96
C GLU F 154 -35.70 35.45 -17.01
N VAL F 155 -35.11 36.01 -18.07
CA VAL F 155 -35.07 37.43 -18.32
C VAL F 155 -36.47 37.96 -18.59
N ALA F 156 -37.24 37.20 -19.38
CA ALA F 156 -38.50 37.69 -19.88
C ALA F 156 -39.57 37.74 -18.79
N PHE F 157 -39.55 36.77 -17.87
CA PHE F 157 -40.66 36.66 -16.94
C PHE F 157 -40.23 36.88 -15.48
N ARG F 158 -38.94 36.71 -15.20
CA ARG F 158 -38.35 36.84 -13.86
C ARG F 158 -38.82 35.75 -12.89
N THR F 159 -40.11 35.75 -12.54
CA THR F 159 -40.65 34.74 -11.65
C THR F 159 -41.75 34.00 -12.41
N GLY F 160 -42.38 33.02 -11.76
CA GLY F 160 -43.45 32.25 -12.39
C GLY F 160 -42.90 31.45 -13.56
N LEU F 161 -43.23 31.91 -14.78
CA LEU F 161 -42.67 31.35 -16.00
C LEU F 161 -41.17 31.60 -16.07
N GLY F 162 -40.68 32.54 -15.26
CA GLY F 162 -39.27 32.83 -15.28
C GLY F 162 -38.47 31.96 -14.31
N ASN F 163 -39.16 31.23 -13.41
CA ASN F 163 -38.46 30.29 -12.54
C ASN F 163 -37.74 29.24 -13.38
N SER F 164 -36.58 28.78 -12.91
CA SER F 164 -35.92 27.67 -13.58
C SER F 164 -36.78 26.42 -13.49
N VAL F 165 -36.76 25.62 -14.55
CA VAL F 165 -37.52 24.38 -14.58
C VAL F 165 -36.80 23.35 -13.69
N TYR F 166 -35.47 23.43 -13.68
CA TYR F 166 -34.63 22.37 -13.15
C TYR F 166 -34.01 22.83 -11.85
N ALA F 167 -33.73 21.86 -10.96
CA ALA F 167 -33.03 22.14 -9.73
C ALA F 167 -31.56 22.42 -10.03
N GLN F 168 -31.02 23.48 -9.41
CA GLN F 168 -29.61 23.81 -9.57
C GLN F 168 -28.92 23.77 -8.21
N GLY F 169 -27.59 23.67 -8.24
CA GLY F 169 -26.77 23.50 -7.04
C GLY F 169 -26.76 24.74 -6.15
N TYR F 170 -26.82 25.91 -6.78
CA TYR F 170 -26.70 27.15 -6.04
C TYR F 170 -27.93 27.39 -5.15
N SER F 171 -29.07 26.79 -5.51
CA SER F 171 -30.24 26.90 -4.66
C SER F 171 -30.73 25.52 -4.24
N PRO F 172 -30.39 25.03 -3.03
CA PRO F 172 -30.68 23.65 -2.63
C PRO F 172 -32.13 23.51 -2.18
N VAL F 173 -32.74 22.40 -2.60
CA VAL F 173 -34.12 22.09 -2.24
C VAL F 173 -34.05 21.17 -1.03
N THR F 174 -34.85 21.47 0.00
CA THR F 174 -34.80 20.68 1.22
C THR F 174 -35.97 19.68 1.20
N LEU F 175 -35.89 18.71 2.10
CA LEU F 175 -36.93 17.72 2.20
C LEU F 175 -38.24 18.38 2.63
N GLU F 176 -38.15 19.48 3.38
CA GLU F 176 -39.36 20.13 3.83
C GLU F 176 -40.04 20.89 2.70
N ASP F 177 -39.24 21.55 1.86
CA ASP F 177 -39.69 22.16 0.62
C ASP F 177 -40.45 21.17 -0.25
N VAL F 178 -39.86 19.98 -0.49
CA VAL F 178 -40.50 19.05 -1.40
C VAL F 178 -41.77 18.49 -0.76
N LYS F 179 -41.74 18.25 0.56
CA LYS F 179 -42.89 17.67 1.25
C LYS F 179 -44.08 18.63 1.23
N GLU F 180 -43.80 19.93 1.37
CA GLU F 180 -44.83 20.95 1.37
C GLU F 180 -45.45 21.08 -0.01
N PHE F 181 -44.60 21.16 -1.04
CA PHE F 181 -45.05 21.27 -2.41
C PHE F 181 -45.91 20.06 -2.77
N ALA F 182 -45.46 18.86 -2.38
CA ALA F 182 -46.22 17.65 -2.68
C ALA F 182 -47.58 17.66 -1.96
N ARG F 183 -47.68 18.32 -0.81
CA ARG F 183 -48.93 18.36 -0.06
C ARG F 183 -49.97 19.15 -0.86
N GLN F 184 -49.51 20.21 -1.53
CA GLN F 184 -50.35 21.01 -2.40
C GLN F 184 -50.67 20.26 -3.68
N VAL F 185 -49.64 19.72 -4.34
CA VAL F 185 -49.76 19.23 -5.70
C VAL F 185 -50.49 17.90 -5.72
N TYR F 186 -50.17 17.01 -4.79
CA TYR F 186 -50.75 15.68 -4.86
C TYR F 186 -52.15 15.71 -4.27
N ALA F 187 -53.12 16.27 -5.00
CA ALA F 187 -54.47 16.53 -4.50
C ALA F 187 -55.43 16.43 -5.68
N LYS F 188 -56.68 16.00 -5.46
CA LYS F 188 -57.65 15.78 -6.54
C LYS F 188 -57.75 16.98 -7.49
N GLN F 189 -57.51 18.18 -6.97
CA GLN F 189 -57.71 19.42 -7.72
C GLN F 189 -56.56 19.66 -8.70
N ASN F 190 -55.46 18.93 -8.56
CA ASN F 190 -54.29 19.26 -9.35
C ASN F 190 -53.87 18.06 -10.19
N VAL F 191 -54.74 17.05 -10.29
CA VAL F 191 -54.38 15.79 -10.91
C VAL F 191 -55.31 15.52 -12.08
N ALA F 192 -54.73 15.17 -13.24
CA ALA F 192 -55.47 14.68 -14.40
C ALA F 192 -54.87 13.35 -14.86
N VAL F 193 -55.73 12.40 -15.22
CA VAL F 193 -55.28 11.11 -15.67
C VAL F 193 -55.59 10.99 -17.15
N VAL F 194 -54.57 10.67 -17.97
CA VAL F 194 -54.69 10.55 -19.42
C VAL F 194 -54.27 9.17 -19.88
N GLY F 195 -55.21 8.42 -20.45
CA GLY F 195 -54.98 7.06 -20.93
C GLY F 195 -55.04 6.94 -22.46
N ASN F 196 -53.87 6.71 -23.07
CA ASN F 196 -53.77 6.42 -24.50
C ASN F 196 -53.85 4.91 -24.74
N ASN F 197 -54.82 4.48 -25.56
CA ASN F 197 -55.10 3.08 -25.87
C ASN F 197 -55.57 2.37 -24.60
N VAL F 198 -56.47 3.04 -23.88
CA VAL F 198 -57.05 2.54 -22.65
C VAL F 198 -58.55 2.62 -22.85
N VAL F 199 -59.29 1.55 -22.52
CA VAL F 199 -60.74 1.57 -22.62
C VAL F 199 -61.28 2.60 -21.63
N PRO F 200 -61.96 3.69 -22.07
CA PRO F 200 -62.38 4.77 -21.17
C PRO F 200 -63.26 4.37 -19.99
N ALA F 201 -64.12 3.37 -20.16
CA ALA F 201 -65.03 2.99 -19.10
C ALA F 201 -64.28 2.25 -18.00
N ASP F 202 -63.26 1.49 -18.40
CA ASP F 202 -62.47 0.66 -17.50
C ASP F 202 -61.56 1.54 -16.65
N LEU F 203 -61.02 2.60 -17.26
CA LEU F 203 -60.13 3.50 -16.54
C LEU F 203 -60.92 4.26 -15.47
N GLN F 204 -62.13 4.72 -15.82
CA GLN F 204 -62.94 5.50 -14.89
C GLN F 204 -63.27 4.67 -13.65
N GLN F 205 -63.57 3.38 -13.86
CA GLN F 205 -63.89 2.46 -12.78
C GLN F 205 -62.68 2.27 -11.86
N LEU F 206 -61.47 2.23 -12.43
CA LEU F 206 -60.30 1.91 -11.66
C LEU F 206 -59.81 3.14 -10.90
N VAL F 207 -59.83 4.30 -11.59
CA VAL F 207 -59.38 5.55 -10.98
C VAL F 207 -60.36 5.92 -9.86
N GLY F 208 -61.62 5.50 -10.03
CA GLY F 208 -62.68 5.84 -9.09
C GLY F 208 -62.50 5.08 -7.77
N THR F 209 -61.83 3.93 -7.83
CA THR F 209 -61.66 3.14 -6.63
C THR F 209 -60.31 3.44 -6.00
N ALA F 210 -59.31 3.77 -6.84
CA ALA F 210 -57.95 3.91 -6.40
C ALA F 210 -57.66 5.32 -5.87
N PHE F 211 -58.29 6.34 -6.48
CA PHE F 211 -57.99 7.72 -6.13
C PHE F 211 -59.10 8.34 -5.31
N ALA F 212 -59.87 7.51 -4.59
CA ALA F 212 -61.04 7.99 -3.85
C ALA F 212 -60.63 8.70 -2.55
N ASP F 213 -59.54 8.23 -1.94
CA ASP F 213 -59.09 8.70 -0.64
C ASP F 213 -57.94 9.70 -0.77
N LEU F 214 -57.67 10.16 -1.99
CA LEU F 214 -56.72 11.23 -2.22
C LEU F 214 -57.34 12.52 -1.69
N GLN F 215 -56.54 13.41 -1.07
CA GLN F 215 -57.10 14.66 -0.59
C GLN F 215 -57.75 15.39 -1.75
N GLU F 216 -58.72 16.24 -1.42
CA GLU F 216 -59.28 17.14 -2.41
C GLU F 216 -58.32 18.30 -2.67
N GLY F 217 -57.77 18.89 -1.60
CA GLY F 217 -56.81 19.98 -1.68
C GLY F 217 -57.42 21.22 -2.34
N SER F 218 -56.57 22.13 -2.80
CA SER F 218 -57.02 23.29 -3.56
C SER F 218 -56.14 23.46 -4.80
N LYS F 219 -56.65 24.21 -5.79
CA LYS F 219 -55.87 24.55 -6.97
C LYS F 219 -54.62 25.31 -6.59
N VAL F 220 -53.50 24.79 -7.06
CA VAL F 220 -52.20 25.45 -6.97
C VAL F 220 -52.23 26.67 -7.89
N THR F 221 -51.63 27.78 -7.43
CA THR F 221 -51.63 29.00 -8.19
C THR F 221 -50.21 29.56 -8.26
N GLN F 222 -49.97 30.38 -9.28
CA GLN F 222 -48.74 31.11 -9.47
C GLN F 222 -48.74 32.24 -8.43
N ALA F 223 -47.68 32.28 -7.61
CA ALA F 223 -47.44 33.40 -6.74
C ALA F 223 -47.12 34.62 -7.60
N GLY F 224 -48.10 35.53 -7.72
CA GLY F 224 -47.95 36.77 -8.47
C GLY F 224 -48.44 36.65 -9.91
N THR F 225 -48.79 37.79 -10.50
CA THR F 225 -49.22 37.85 -11.89
C THR F 225 -47.99 37.80 -12.80
N THR F 226 -48.21 37.30 -14.02
CA THR F 226 -47.16 37.25 -15.02
C THR F 226 -46.84 38.67 -15.50
N THR F 227 -45.58 39.07 -15.32
CA THR F 227 -45.08 40.35 -15.78
C THR F 227 -44.00 40.13 -16.84
N LEU F 228 -43.98 40.98 -17.86
CA LEU F 228 -43.06 40.87 -18.99
C LEU F 228 -41.96 41.91 -18.83
N HIS F 229 -40.73 41.51 -19.18
CA HIS F 229 -39.54 42.35 -19.06
C HIS F 229 -38.66 42.08 -20.27
N GLY F 230 -37.91 43.10 -20.69
CA GLY F 230 -36.88 42.93 -21.70
C GLY F 230 -35.52 42.77 -21.03
N GLY F 231 -34.46 42.57 -21.82
CA GLY F 231 -33.14 42.53 -21.20
C GLY F 231 -32.16 41.61 -21.92
N GLU F 232 -31.10 41.23 -21.20
CA GLU F 232 -30.03 40.40 -21.72
C GLU F 232 -29.55 39.46 -20.63
N ALA F 233 -29.18 38.24 -21.04
CA ALA F 233 -28.47 37.30 -20.19
C ALA F 233 -27.21 36.88 -20.93
N ARG F 234 -26.11 36.78 -20.17
CA ARG F 234 -24.81 36.46 -20.75
C ARG F 234 -24.18 35.30 -19.97
N VAL F 235 -24.65 34.09 -20.26
CA VAL F 235 -24.16 32.90 -19.59
C VAL F 235 -22.84 32.47 -20.22
N ARG F 236 -21.73 32.75 -19.53
CA ARG F 236 -20.40 32.34 -19.96
C ARG F 236 -20.17 30.84 -19.72
N THR F 237 -20.14 30.05 -20.82
CA THR F 237 -19.76 28.65 -20.77
C THR F 237 -18.51 28.45 -21.63
N SER F 238 -17.92 27.25 -21.59
CA SER F 238 -16.80 26.88 -22.43
C SER F 238 -17.19 25.73 -23.37
N THR F 239 -18.47 25.38 -23.36
CA THR F 239 -18.98 24.18 -24.00
C THR F 239 -20.01 24.52 -25.08
N GLY F 240 -19.60 25.34 -26.05
CA GLY F 240 -20.44 25.65 -27.20
C GLY F 240 -21.09 27.03 -27.08
N ASN F 241 -21.70 27.49 -28.17
CA ASN F 241 -22.16 28.85 -28.31
C ASN F 241 -23.59 28.83 -28.81
N ALA F 242 -24.44 29.65 -28.20
CA ALA F 242 -25.80 29.79 -28.68
C ALA F 242 -26.30 31.19 -28.39
N LEU F 243 -27.38 31.56 -29.06
CA LEU F 243 -27.99 32.86 -28.86
C LEU F 243 -29.48 32.74 -29.07
N THR F 244 -30.27 33.18 -28.08
CA THR F 244 -31.71 33.26 -28.27
C THR F 244 -32.12 34.73 -28.40
N ILE F 245 -33.00 35.00 -29.37
CA ILE F 245 -33.65 36.29 -29.46
C ILE F 245 -35.11 36.08 -29.14
N ALA F 246 -35.55 36.50 -27.96
CA ALA F 246 -36.93 36.18 -27.63
C ALA F 246 -37.73 37.46 -27.60
N LEU F 247 -39.04 37.35 -27.89
CA LEU F 247 -39.95 38.47 -27.77
C LEU F 247 -41.12 38.06 -26.89
N PRO F 248 -41.21 38.57 -25.65
CA PRO F 248 -42.35 38.25 -24.79
C PRO F 248 -43.68 38.74 -25.38
N ILE F 249 -44.71 37.90 -25.33
CA ILE F 249 -46.01 38.23 -25.89
C ILE F 249 -46.99 38.37 -24.74
N ALA F 250 -47.71 39.50 -24.71
CA ALA F 250 -48.66 39.77 -23.64
C ALA F 250 -50.00 39.10 -23.95
N GLU F 251 -50.35 39.05 -25.24
CA GLU F 251 -51.58 38.45 -25.72
C GLU F 251 -51.24 37.27 -26.61
N PRO F 252 -51.13 36.04 -26.06
CA PRO F 252 -50.85 34.85 -26.88
C PRO F 252 -51.98 34.64 -27.89
N LYS F 253 -51.59 34.46 -29.16
CA LYS F 253 -52.52 34.24 -30.26
C LYS F 253 -52.02 33.06 -31.08
N PRO F 254 -52.90 32.23 -31.69
CA PRO F 254 -52.47 31.07 -32.48
C PRO F 254 -51.69 31.35 -33.76
N VAL F 255 -51.73 32.61 -34.22
CA VAL F 255 -50.98 33.01 -35.40
C VAL F 255 -49.47 32.85 -35.17
N TYR F 256 -49.01 32.87 -33.91
CA TYR F 256 -47.57 32.80 -33.69
C TYR F 256 -47.01 31.40 -34.00
N HIS F 257 -47.87 30.36 -33.90
CA HIS F 257 -47.50 29.02 -34.33
C HIS F 257 -47.20 29.01 -35.82
N ALA F 258 -48.12 29.58 -36.61
CA ALA F 258 -47.94 29.68 -38.04
C ALA F 258 -46.66 30.46 -38.35
N LEU F 259 -46.44 31.56 -37.63
CA LEU F 259 -45.26 32.36 -37.87
C LEU F 259 -43.98 31.60 -37.52
N ALA F 260 -44.00 30.84 -36.41
CA ALA F 260 -42.82 30.06 -36.02
C ALA F 260 -42.46 29.03 -37.08
N SER F 261 -43.49 28.36 -37.64
CA SER F 261 -43.27 27.32 -38.63
C SER F 261 -42.86 27.94 -39.96
N PHE F 262 -43.48 29.08 -40.33
CA PHE F 262 -43.05 29.83 -41.51
C PHE F 262 -41.56 30.18 -41.44
N LEU F 263 -41.16 30.95 -40.41
CA LEU F 263 -39.77 31.36 -40.28
C LEU F 263 -38.87 30.13 -40.24
N GLY F 264 -39.38 29.07 -39.58
CA GLY F 264 -38.78 27.75 -39.63
C GLY F 264 -37.38 27.73 -39.02
N GLY F 265 -36.43 27.19 -39.80
CA GLY F 265 -35.05 27.07 -39.40
C GLY F 265 -34.45 25.70 -39.67
N PRO F 266 -35.00 24.56 -39.15
CA PRO F 266 -34.49 23.25 -39.49
C PRO F 266 -34.87 22.82 -40.91
N ALA F 267 -34.06 21.95 -41.52
CA ALA F 267 -34.28 21.44 -42.86
C ALA F 267 -35.28 20.28 -42.81
N SER F 268 -36.09 20.18 -43.88
CA SER F 268 -37.10 19.14 -44.00
C SER F 268 -36.55 17.95 -44.80
N MET F 269 -35.24 17.93 -44.99
CA MET F 269 -34.61 17.08 -45.98
C MET F 269 -33.16 16.87 -45.52
N PRO F 270 -32.59 15.65 -45.67
CA PRO F 270 -31.19 15.41 -45.30
C PRO F 270 -30.22 16.20 -46.18
N TRP F 271 -29.07 16.58 -45.59
CA TRP F 271 -27.97 17.23 -46.28
C TRP F 271 -28.43 18.50 -47.00
N SER F 272 -29.37 19.23 -46.39
CA SER F 272 -29.91 20.45 -46.99
C SER F 272 -29.90 21.58 -45.97
N VAL F 273 -30.17 22.79 -46.45
CA VAL F 273 -30.38 23.93 -45.58
C VAL F 273 -31.86 24.09 -45.27
N GLY F 274 -32.71 24.06 -46.30
CA GLY F 274 -34.12 24.38 -46.15
C GLY F 274 -34.49 25.68 -46.86
N ALA F 275 -35.78 25.82 -47.16
CA ALA F 275 -36.28 26.93 -47.95
C ALA F 275 -36.91 27.99 -47.04
N SER F 276 -36.91 27.74 -45.72
CA SER F 276 -37.45 28.69 -44.77
C SER F 276 -36.52 29.89 -44.66
N PRO F 277 -37.04 31.12 -44.43
CA PRO F 277 -36.21 32.31 -44.25
C PRO F 277 -35.06 32.16 -43.25
N LEU F 278 -35.32 31.57 -42.07
CA LEU F 278 -34.26 31.41 -41.08
C LEU F 278 -33.23 30.37 -41.51
N ALA F 279 -33.68 29.36 -42.27
CA ALA F 279 -32.78 28.33 -42.78
C ALA F 279 -31.81 28.95 -43.78
N GLN F 280 -32.32 29.88 -44.59
CA GLN F 280 -31.57 30.56 -45.63
C GLN F 280 -30.62 31.61 -45.05
N ALA F 281 -30.80 31.94 -43.77
CA ALA F 281 -29.92 32.87 -43.06
C ALA F 281 -28.62 32.19 -42.63
N THR F 282 -28.59 30.85 -42.69
CA THR F 282 -27.45 30.09 -42.20
C THR F 282 -26.54 29.65 -43.35
N VAL F 283 -26.80 30.10 -44.59
CA VAL F 283 -26.02 29.63 -45.72
C VAL F 283 -24.60 30.19 -45.65
N GLY F 284 -23.63 29.27 -45.75
CA GLY F 284 -22.21 29.61 -45.67
C GLY F 284 -21.66 29.41 -44.26
N THR F 285 -22.54 28.98 -43.34
CA THR F 285 -22.16 28.81 -41.94
C THR F 285 -22.56 27.41 -41.46
N HIS F 286 -21.76 26.87 -40.53
CA HIS F 286 -22.11 25.69 -39.78
C HIS F 286 -22.86 26.12 -38.51
N THR F 287 -24.05 26.67 -38.72
CA THR F 287 -24.94 27.08 -37.64
C THR F 287 -26.33 26.51 -37.91
N SER F 288 -27.08 26.28 -36.84
CA SER F 288 -28.48 25.93 -36.98
C SER F 288 -29.33 26.94 -36.21
N VAL F 289 -30.61 26.99 -36.59
CA VAL F 289 -31.54 28.01 -36.12
C VAL F 289 -32.89 27.34 -35.97
N LYS F 290 -33.70 27.82 -35.03
CA LYS F 290 -35.02 27.27 -34.82
C LYS F 290 -35.91 28.37 -34.25
N ALA F 291 -37.03 28.65 -34.91
CA ALA F 291 -38.02 29.54 -34.31
C ALA F 291 -39.03 28.73 -33.51
N THR F 292 -39.32 29.17 -32.29
CA THR F 292 -40.36 28.50 -31.53
C THR F 292 -41.29 29.48 -30.86
N TYR F 293 -42.53 29.04 -30.70
CA TYR F 293 -43.49 29.84 -29.97
C TYR F 293 -44.00 29.03 -28.79
N HIS F 294 -44.00 29.66 -27.61
CA HIS F 294 -44.43 29.02 -26.38
C HIS F 294 -45.65 29.74 -25.82
N ASN F 295 -46.79 29.07 -25.88
CA ASN F 295 -48.02 29.62 -25.32
C ASN F 295 -48.08 29.16 -23.87
N TYR F 296 -48.33 30.08 -22.93
CA TYR F 296 -48.47 29.70 -21.53
C TYR F 296 -49.80 30.20 -20.96
N GLY F 297 -50.73 30.49 -21.88
CA GLY F 297 -52.09 30.87 -21.53
C GLY F 297 -52.24 32.38 -21.34
N ASP F 298 -51.45 32.94 -20.43
CA ASP F 298 -51.62 34.32 -20.02
C ASP F 298 -50.48 35.18 -20.58
N ALA F 299 -49.45 34.51 -21.10
CA ALA F 299 -48.35 35.15 -21.78
C ALA F 299 -47.72 34.15 -22.73
N GLY F 300 -46.86 34.64 -23.61
CA GLY F 300 -46.23 33.76 -24.57
C GLY F 300 -44.79 34.18 -24.81
N LEU F 301 -44.04 33.32 -25.50
CA LEU F 301 -42.70 33.71 -25.84
C LEU F 301 -42.39 33.29 -27.26
N PHE F 302 -41.95 34.24 -28.08
CA PHE F 302 -41.53 33.87 -29.40
C PHE F 302 -40.02 33.92 -29.43
N ALA F 303 -39.39 32.80 -29.76
CA ALA F 303 -37.94 32.74 -29.64
C ALA F 303 -37.33 32.26 -30.95
N ILE F 304 -36.11 32.74 -31.22
CA ILE F 304 -35.29 32.29 -32.32
C ILE F 304 -33.93 31.95 -31.73
N THR F 305 -33.56 30.67 -31.77
CA THR F 305 -32.34 30.23 -31.14
C THR F 305 -31.35 29.80 -32.22
N ILE F 306 -30.10 30.20 -32.05
CA ILE F 306 -29.06 29.96 -33.03
C ILE F 306 -27.90 29.32 -32.30
N LYS F 307 -27.49 28.12 -32.72
CA LYS F 307 -26.29 27.56 -32.14
C LYS F 307 -25.26 27.36 -33.24
N GLY F 308 -24.00 27.21 -32.83
CA GLY F 308 -22.90 27.02 -33.76
C GLY F 308 -21.60 26.99 -32.97
N ASP F 309 -20.50 26.71 -33.67
CA ASP F 309 -19.19 26.65 -33.01
C ASP F 309 -18.47 27.99 -33.13
N SER F 310 -18.88 28.81 -34.11
CA SER F 310 -18.24 30.09 -34.32
C SER F 310 -19.14 31.20 -33.78
N PRO F 311 -18.65 32.02 -32.81
CA PRO F 311 -19.38 33.20 -32.34
C PRO F 311 -19.57 34.22 -33.46
N ALA F 312 -18.60 34.31 -34.37
CA ALA F 312 -18.67 35.24 -35.49
C ALA F 312 -19.81 34.85 -36.44
N GLU F 313 -20.00 33.55 -36.65
CA GLU F 313 -21.04 33.08 -37.56
C GLU F 313 -22.41 33.24 -36.90
N ILE F 314 -22.48 33.00 -35.59
CA ILE F 314 -23.73 33.17 -34.86
C ILE F 314 -24.18 34.62 -34.98
N SER F 315 -23.24 35.55 -34.80
CA SER F 315 -23.49 36.99 -34.87
C SER F 315 -24.05 37.37 -36.24
N GLN F 316 -23.43 36.81 -37.28
CA GLN F 316 -23.81 36.97 -38.67
C GLN F 316 -25.25 36.48 -38.90
N VAL F 317 -25.58 35.30 -38.36
CA VAL F 317 -26.92 34.75 -38.56
C VAL F 317 -27.95 35.57 -37.79
N ALA F 318 -27.55 36.06 -36.61
CA ALA F 318 -28.46 36.76 -35.71
C ALA F 318 -29.00 38.02 -36.38
N HIS F 319 -28.11 38.72 -37.10
CA HIS F 319 -28.49 39.91 -37.86
C HIS F 319 -29.47 39.56 -38.96
N LYS F 320 -29.18 38.49 -39.71
CA LYS F 320 -30.05 38.05 -40.79
C LYS F 320 -31.39 37.56 -40.24
N ALA F 321 -31.37 36.97 -39.04
CA ALA F 321 -32.59 36.49 -38.40
C ALA F 321 -33.54 37.64 -38.06
N VAL F 322 -33.01 38.74 -37.50
CA VAL F 322 -33.92 39.81 -37.16
C VAL F 322 -34.39 40.50 -38.44
N GLN F 323 -33.52 40.53 -39.46
CA GLN F 323 -33.92 41.06 -40.76
C GLN F 323 -35.08 40.25 -41.35
N ALA F 324 -34.96 38.91 -41.31
CA ALA F 324 -35.98 37.99 -41.79
C ALA F 324 -37.34 38.29 -41.14
N LEU F 325 -37.33 38.58 -39.84
CA LEU F 325 -38.56 38.87 -39.12
C LEU F 325 -39.14 40.20 -39.60
N LYS F 326 -38.28 41.19 -39.87
CA LYS F 326 -38.71 42.50 -40.35
C LYS F 326 -39.29 42.37 -41.76
N ASP F 327 -38.57 41.64 -42.63
CA ASP F 327 -39.00 41.31 -43.98
C ASP F 327 -40.35 40.62 -43.99
N THR F 328 -40.62 39.77 -42.98
CA THR F 328 -41.89 39.08 -42.92
C THR F 328 -42.99 40.07 -42.59
N GLY F 329 -42.67 41.03 -41.71
CA GLY F 329 -43.59 42.08 -41.30
C GLY F 329 -44.02 42.95 -42.48
N ALA F 330 -43.13 43.03 -43.49
CA ALA F 330 -43.39 43.79 -44.71
C ALA F 330 -44.43 43.03 -45.55
N GLU F 331 -44.06 41.84 -46.05
CA GLU F 331 -44.88 41.15 -47.01
C GLU F 331 -44.63 39.64 -47.03
N VAL F 332 -45.72 38.89 -46.94
CA VAL F 332 -45.70 37.45 -47.13
C VAL F 332 -46.46 37.17 -48.43
N THR F 333 -46.00 36.17 -49.18
CA THR F 333 -46.72 35.72 -50.37
C THR F 333 -47.78 34.70 -49.96
N GLU F 334 -48.72 34.42 -50.87
CA GLU F 334 -49.79 33.47 -50.67
C GLU F 334 -49.22 32.06 -50.54
N GLU F 335 -48.21 31.76 -51.38
CA GLU F 335 -47.48 30.50 -51.36
C GLU F 335 -46.89 30.27 -49.98
N GLN F 336 -46.26 31.31 -49.44
CA GLN F 336 -45.57 31.26 -48.16
C GLN F 336 -46.57 31.11 -47.03
N ALA F 337 -47.74 31.72 -47.17
CA ALA F 337 -48.78 31.59 -46.18
C ALA F 337 -49.35 30.18 -46.16
N ALA F 338 -49.37 29.53 -47.33
CA ALA F 338 -49.92 28.18 -47.44
C ALA F 338 -48.92 27.18 -46.87
N ARG F 339 -47.65 27.41 -47.17
CA ARG F 339 -46.51 26.67 -46.63
C ARG F 339 -46.51 26.76 -45.11
N ALA F 340 -47.05 27.86 -44.55
CA ALA F 340 -47.00 28.03 -43.11
C ALA F 340 -48.11 27.22 -42.48
N TYR F 341 -49.25 27.18 -43.18
CA TYR F 341 -50.40 26.43 -42.75
C TYR F 341 -50.07 24.94 -42.73
N ALA F 342 -49.38 24.48 -43.78
CA ALA F 342 -49.05 23.08 -43.95
C ALA F 342 -48.07 22.64 -42.87
N LYS F 343 -47.00 23.44 -42.66
CA LYS F 343 -45.98 23.11 -41.68
C LYS F 343 -46.56 23.18 -40.27
N SER F 344 -47.57 24.04 -40.08
CA SER F 344 -48.10 24.21 -38.74
C SER F 344 -49.09 23.09 -38.41
N LYS F 345 -49.90 22.69 -39.39
CA LYS F 345 -50.86 21.60 -39.23
C LYS F 345 -50.10 20.32 -38.91
N PHE F 346 -48.99 20.10 -39.63
CA PHE F 346 -48.13 18.95 -39.41
C PHE F 346 -47.54 18.97 -38.01
N ALA F 347 -47.05 20.13 -37.57
CA ALA F 347 -46.43 20.24 -36.25
C ALA F 347 -47.46 19.91 -35.18
N ALA F 348 -48.69 20.39 -35.36
CA ALA F 348 -49.77 20.13 -34.42
C ALA F 348 -50.07 18.63 -34.35
N ALA F 349 -50.04 17.96 -35.51
CA ALA F 349 -50.43 16.56 -35.60
C ALA F 349 -49.41 15.68 -34.87
N GLU F 350 -48.12 15.91 -35.14
CA GLU F 350 -47.07 15.09 -34.56
C GLU F 350 -46.95 15.32 -33.05
N ALA F 351 -47.36 16.51 -32.58
CA ALA F 351 -47.35 16.83 -31.16
C ALA F 351 -48.44 16.04 -30.43
N PHE F 352 -49.59 15.90 -31.09
CA PHE F 352 -50.72 15.16 -30.53
C PHE F 352 -50.47 13.65 -30.57
N GLU F 353 -49.46 13.23 -31.36
CA GLU F 353 -49.14 11.82 -31.49
C GLU F 353 -48.09 11.41 -30.45
N ASN F 354 -47.04 12.22 -30.30
CA ASN F 354 -45.98 11.95 -29.33
C ASN F 354 -46.59 11.86 -27.93
N PRO F 355 -46.44 10.72 -27.22
CA PRO F 355 -47.04 10.53 -25.89
C PRO F 355 -46.73 11.63 -24.86
N ASP F 356 -45.46 12.10 -24.81
CA ASP F 356 -45.14 13.11 -23.82
C ASP F 356 -45.96 14.37 -24.01
N SER F 357 -45.99 14.89 -25.26
CA SER F 357 -46.65 16.14 -25.53
C SER F 357 -48.16 15.95 -25.52
N SER F 358 -48.61 14.79 -26.02
CA SER F 358 -50.03 14.47 -26.02
C SER F 358 -50.62 14.64 -24.63
N ALA F 359 -50.02 13.95 -23.65
CA ALA F 359 -50.47 13.95 -22.26
C ALA F 359 -50.65 15.38 -21.75
N SER F 360 -49.68 16.26 -22.04
CA SER F 360 -49.72 17.62 -21.51
C SER F 360 -50.79 18.46 -22.21
N VAL F 361 -51.08 18.16 -23.49
CA VAL F 361 -52.07 18.89 -24.25
C VAL F 361 -53.44 18.66 -23.64
N ILE F 362 -53.80 17.38 -23.45
CA ILE F 362 -55.07 17.03 -22.85
C ILE F 362 -55.06 17.41 -21.37
N GLY F 363 -53.89 17.29 -20.73
CA GLY F 363 -53.70 17.71 -19.35
C GLY F 363 -54.10 19.17 -19.16
N MET F 364 -53.66 20.03 -20.10
CA MET F 364 -54.03 21.42 -20.10
C MET F 364 -55.55 21.58 -20.19
N GLU F 365 -56.17 20.83 -21.09
CA GLU F 365 -57.60 20.90 -21.35
C GLU F 365 -58.38 20.49 -20.09
N LEU F 366 -57.92 19.41 -19.44
CA LEU F 366 -58.55 18.94 -18.22
C LEU F 366 -58.28 19.87 -17.02
N LEU F 367 -57.04 20.34 -16.88
CA LEU F 367 -56.68 20.97 -15.62
C LEU F 367 -57.07 22.45 -15.65
N SER F 368 -56.79 23.08 -16.78
CA SER F 368 -57.23 24.44 -16.99
C SER F 368 -58.62 24.36 -17.62
N GLY F 369 -58.80 24.86 -18.83
CA GLY F 369 -60.06 24.59 -19.48
C GLY F 369 -59.90 24.88 -20.96
N VAL F 370 -58.65 25.10 -21.35
CA VAL F 370 -58.23 25.41 -22.71
C VAL F 370 -58.50 24.17 -23.57
N SER F 371 -59.63 24.17 -24.30
CA SER F 371 -59.93 23.16 -25.32
C SER F 371 -58.75 22.95 -26.25
N ARG F 372 -58.42 21.69 -26.51
CA ARG F 372 -57.38 21.35 -27.48
C ARG F 372 -57.86 21.75 -28.88
N ILE F 373 -56.94 22.35 -29.63
CA ILE F 373 -57.16 22.56 -31.05
C ILE F 373 -56.66 21.31 -31.77
N ALA F 374 -57.62 20.54 -32.29
CA ALA F 374 -57.36 19.40 -33.16
C ALA F 374 -56.53 19.82 -34.37
N PRO F 375 -55.52 19.03 -34.82
CA PRO F 375 -54.69 19.39 -35.97
C PRO F 375 -55.46 19.70 -37.26
N GLU F 376 -56.65 19.15 -37.38
CA GLU F 376 -57.52 19.27 -38.54
C GLU F 376 -58.37 20.53 -38.42
N ASN F 377 -58.18 21.29 -37.34
CA ASN F 377 -58.96 22.50 -37.08
C ASN F 377 -58.04 23.71 -36.92
N VAL F 378 -56.75 23.47 -37.14
CA VAL F 378 -55.71 24.49 -37.15
C VAL F 378 -56.07 25.53 -38.21
N GLN F 379 -56.13 26.78 -37.78
CA GLN F 379 -56.61 27.89 -38.60
C GLN F 379 -55.60 28.21 -39.70
N LYS F 380 -56.11 28.53 -40.90
CA LYS F 380 -55.26 29.04 -41.97
C LYS F 380 -55.22 30.56 -41.88
N PHE F 381 -53.99 31.09 -41.70
CA PHE F 381 -53.76 32.52 -41.63
C PHE F 381 -53.39 33.07 -42.99
N THR F 382 -54.07 34.17 -43.37
CA THR F 382 -53.83 34.89 -44.61
C THR F 382 -52.46 35.56 -44.56
N PRO F 383 -51.86 35.98 -45.70
CA PRO F 383 -50.59 36.72 -45.64
C PRO F 383 -50.68 38.03 -44.84
N ALA F 384 -51.89 38.60 -44.76
CA ALA F 384 -52.13 39.83 -44.01
C ALA F 384 -51.93 39.58 -42.51
N GLU F 385 -52.50 38.49 -42.01
CA GLU F 385 -52.50 38.14 -40.60
C GLU F 385 -51.09 37.76 -40.15
N LEU F 386 -50.31 37.16 -41.05
CA LEU F 386 -48.98 36.68 -40.72
C LEU F 386 -48.01 37.85 -40.64
N SER F 387 -48.14 38.78 -41.60
CA SER F 387 -47.27 39.93 -41.72
C SER F 387 -47.51 40.86 -40.54
N GLU F 388 -48.78 40.93 -40.11
CA GLU F 388 -49.20 41.76 -38.99
C GLU F 388 -48.59 41.23 -37.68
N ALA F 389 -48.55 39.90 -37.56
CA ALA F 389 -47.97 39.21 -36.43
C ALA F 389 -46.46 39.43 -36.36
N ALA F 390 -45.80 39.44 -37.51
CA ALA F 390 -44.35 39.60 -37.53
C ALA F 390 -43.97 41.05 -37.26
N ALA F 391 -44.91 41.95 -37.59
CA ALA F 391 -44.72 43.39 -37.47
C ALA F 391 -44.70 43.77 -36.00
N GLN F 392 -45.67 43.23 -35.23
CA GLN F 392 -45.78 43.39 -33.80
C GLN F 392 -44.49 42.97 -33.10
N LEU F 393 -43.88 41.88 -33.60
CA LEU F 393 -42.71 41.30 -32.97
C LEU F 393 -41.47 42.12 -33.28
N SER F 394 -41.35 42.61 -34.52
CA SER F 394 -40.22 43.43 -34.89
C SER F 394 -40.24 44.76 -34.12
N ALA F 395 -41.45 45.18 -33.72
CA ALA F 395 -41.67 46.45 -33.06
C ALA F 395 -42.04 46.23 -31.60
N SER F 396 -41.28 45.35 -30.94
CA SER F 396 -41.51 45.01 -29.55
C SER F 396 -40.65 45.90 -28.66
N ALA F 397 -41.26 46.35 -27.55
CA ALA F 397 -40.63 47.28 -26.62
C ALA F 397 -39.76 46.54 -25.61
N LYS F 398 -39.85 45.20 -25.58
CA LYS F 398 -39.19 44.44 -24.53
C LYS F 398 -38.42 43.26 -25.11
N PRO F 399 -37.46 43.45 -26.04
CA PRO F 399 -36.73 42.32 -26.60
C PRO F 399 -35.72 41.72 -25.63
N VAL F 400 -35.68 40.39 -25.64
CA VAL F 400 -34.81 39.61 -24.76
C VAL F 400 -33.74 38.98 -25.65
N VAL F 401 -32.49 38.98 -25.17
CA VAL F 401 -31.39 38.33 -25.85
C VAL F 401 -30.57 37.55 -24.83
N ALA F 402 -30.45 36.23 -25.02
CA ALA F 402 -29.63 35.43 -24.12
C ALA F 402 -28.47 34.84 -24.92
N ALA F 403 -27.25 35.21 -24.52
CA ALA F 403 -26.04 34.71 -25.18
C ALA F 403 -25.40 33.67 -24.28
N VAL F 404 -24.93 32.56 -24.88
CA VAL F 404 -24.31 31.47 -24.14
C VAL F 404 -22.99 31.12 -24.82
N GLY F 405 -21.89 31.02 -24.06
CA GLY F 405 -20.60 30.62 -24.60
C GLY F 405 -19.57 31.73 -24.51
N GLN F 406 -18.95 32.05 -25.65
CA GLN F 406 -18.01 33.16 -25.68
C GLN F 406 -18.81 34.45 -25.77
N VAL F 407 -19.27 34.94 -24.62
CA VAL F 407 -20.31 35.95 -24.58
C VAL F 407 -19.77 37.31 -25.03
N HIS F 408 -18.46 37.50 -24.93
CA HIS F 408 -17.81 38.73 -25.37
C HIS F 408 -17.90 38.89 -26.89
N ALA F 409 -18.15 37.79 -27.61
CA ALA F 409 -18.12 37.78 -29.06
C ALA F 409 -19.52 37.59 -29.62
N LEU F 410 -20.52 37.50 -28.75
CA LEU F 410 -21.86 37.32 -29.26
C LEU F 410 -22.58 38.67 -29.27
N PRO F 411 -23.65 38.87 -30.08
CA PRO F 411 -24.35 40.15 -30.16
C PRO F 411 -25.04 40.60 -28.89
N PHE F 412 -25.36 41.88 -28.81
CA PHE F 412 -26.15 42.45 -27.74
C PHE F 412 -27.50 42.87 -28.28
N ALA F 413 -28.47 43.11 -27.38
CA ALA F 413 -29.82 43.48 -27.77
C ALA F 413 -29.84 44.77 -28.59
N ASP F 414 -29.03 45.75 -28.19
CA ASP F 414 -29.02 47.07 -28.81
C ASP F 414 -28.33 47.02 -30.17
N GLU F 415 -27.55 45.97 -30.42
CA GLU F 415 -26.94 45.78 -31.73
C GLU F 415 -27.95 45.19 -32.72
N LEU F 416 -29.04 44.58 -32.22
CA LEU F 416 -29.97 43.82 -33.05
C LEU F 416 -31.24 44.63 -33.34
N MET G 85 54.17 -27.79 -11.03
CA MET G 85 54.61 -29.09 -10.48
C MET G 85 55.05 -29.98 -11.63
N THR G 86 56.02 -30.86 -11.33
CA THR G 86 56.50 -31.89 -12.23
C THR G 86 55.38 -32.88 -12.51
N ALA G 87 55.41 -33.53 -13.68
CA ALA G 87 54.47 -34.59 -14.03
C ALA G 87 54.55 -35.74 -13.01
N ALA G 88 55.77 -36.05 -12.58
CA ALA G 88 56.04 -37.07 -11.57
C ALA G 88 55.30 -36.76 -10.27
N GLU G 89 55.30 -35.48 -9.87
CA GLU G 89 54.66 -35.11 -8.62
C GLU G 89 53.14 -35.28 -8.75
N HIS G 90 52.61 -35.10 -9.96
CA HIS G 90 51.19 -35.26 -10.21
C HIS G 90 50.83 -36.75 -10.35
N GLY G 91 51.74 -37.54 -10.90
CA GLY G 91 51.37 -38.88 -11.33
C GLY G 91 50.91 -38.85 -12.79
N LEU G 92 51.22 -39.94 -13.51
CA LEU G 92 50.81 -40.11 -14.89
C LEU G 92 49.29 -40.20 -14.93
N HIS G 93 48.65 -39.58 -15.93
CA HIS G 93 47.21 -39.66 -15.99
C HIS G 93 46.79 -40.96 -16.64
N PRO G 94 45.82 -41.68 -16.04
CA PRO G 94 45.37 -42.95 -16.60
C PRO G 94 44.63 -42.76 -17.91
N ALA G 95 44.78 -43.75 -18.79
CA ALA G 95 44.01 -43.89 -20.02
C ALA G 95 42.51 -43.92 -19.73
N GLU G 96 41.71 -43.56 -20.72
CA GLU G 96 40.27 -43.74 -20.59
C GLU G 96 39.90 -45.10 -21.18
N TYR G 97 39.58 -46.04 -20.30
CA TYR G 97 39.23 -47.37 -20.75
C TYR G 97 37.73 -47.41 -21.04
N PRO G 98 37.26 -48.19 -22.04
CA PRO G 98 35.83 -48.32 -22.28
C PRO G 98 35.09 -49.28 -21.34
N TRP G 99 34.81 -48.81 -20.11
CA TRP G 99 34.07 -49.58 -19.13
C TRP G 99 32.67 -49.90 -19.64
N PRO G 100 32.09 -51.09 -19.35
CA PRO G 100 30.69 -51.37 -19.70
C PRO G 100 29.72 -50.31 -19.16
N GLN G 101 30.05 -49.72 -18.01
CA GLN G 101 29.16 -48.76 -17.39
C GLN G 101 29.33 -47.35 -17.98
N ASN G 102 30.31 -47.15 -18.87
CA ASN G 102 30.43 -45.85 -19.53
C ASN G 102 29.32 -45.77 -20.56
N GLY G 103 28.63 -44.65 -20.61
CA GLY G 103 27.49 -44.64 -21.49
C GLY G 103 26.26 -44.34 -20.65
N MET G 104 25.56 -43.29 -21.09
CA MET G 104 24.41 -42.79 -20.37
C MET G 104 23.41 -43.91 -20.11
N LEU G 105 23.33 -44.90 -20.99
CA LEU G 105 22.27 -45.89 -20.82
C LEU G 105 22.81 -47.23 -20.30
N SER G 106 24.04 -47.25 -19.77
CA SER G 106 24.68 -48.54 -19.53
C SER G 106 24.76 -48.87 -18.05
N THR G 107 24.42 -50.11 -17.69
CA THR G 107 24.63 -50.56 -16.33
C THR G 107 26.06 -51.10 -16.20
N PHE G 108 26.44 -51.44 -14.96
CA PHE G 108 27.56 -52.34 -14.70
C PHE G 108 27.31 -53.70 -15.34
N ASP G 109 28.40 -54.39 -15.67
CA ASP G 109 28.30 -55.80 -16.00
C ASP G 109 28.34 -56.59 -14.69
N HIS G 110 27.22 -57.23 -14.32
CA HIS G 110 27.14 -57.83 -12.99
C HIS G 110 28.00 -59.08 -12.87
N ALA G 111 28.30 -59.74 -14.00
CA ALA G 111 29.20 -60.88 -13.98
C ALA G 111 30.63 -60.44 -13.63
N SER G 112 31.01 -59.26 -14.12
CA SER G 112 32.28 -58.65 -13.78
C SER G 112 32.30 -58.20 -12.31
N LEU G 113 31.18 -57.69 -11.80
CA LEU G 113 31.10 -57.30 -10.39
C LEU G 113 31.35 -58.51 -9.50
N ARG G 114 30.73 -59.65 -9.82
CA ARG G 114 30.86 -60.87 -9.02
C ARG G 114 32.31 -61.36 -9.03
N ARG G 115 32.94 -61.35 -10.21
CA ARG G 115 34.34 -61.75 -10.32
C ARG G 115 35.21 -60.78 -9.54
N GLY G 116 34.86 -59.48 -9.56
CA GLY G 116 35.65 -58.49 -8.86
C GLY G 116 35.53 -58.65 -7.35
N TYR G 117 34.36 -59.09 -6.88
CA TYR G 117 34.22 -59.38 -5.47
C TYR G 117 35.21 -60.49 -5.09
N GLN G 118 35.33 -61.50 -5.96
CA GLN G 118 36.20 -62.61 -5.66
C GLN G 118 37.67 -62.17 -5.60
N VAL G 119 38.06 -61.22 -6.45
CA VAL G 119 39.40 -60.67 -6.40
C VAL G 119 39.57 -59.91 -5.08
N TYR G 120 38.58 -59.10 -4.72
CA TYR G 120 38.66 -58.38 -3.47
C TYR G 120 38.90 -59.35 -2.32
N LYS G 121 38.07 -60.39 -2.26
CA LYS G 121 38.04 -61.32 -1.14
C LYS G 121 39.36 -62.08 -1.04
N GLU G 122 39.98 -62.43 -2.16
CA GLU G 122 41.14 -63.33 -2.15
C GLU G 122 42.47 -62.60 -2.19
N VAL G 123 42.46 -61.32 -2.59
CA VAL G 123 43.70 -60.59 -2.74
C VAL G 123 43.69 -59.34 -1.86
N CYS G 124 42.77 -58.40 -2.13
CA CYS G 124 42.85 -57.08 -1.51
C CYS G 124 42.51 -57.16 -0.03
N ALA G 125 41.61 -58.08 0.35
CA ALA G 125 41.06 -58.11 1.70
C ALA G 125 42.14 -58.45 2.72
N ALA G 126 43.30 -58.95 2.28
CA ALA G 126 44.38 -59.19 3.23
C ALA G 126 44.84 -57.87 3.87
N CYS G 127 44.72 -56.76 3.14
CA CYS G 127 45.26 -55.51 3.64
C CYS G 127 44.20 -54.41 3.69
N HIS G 128 43.12 -54.55 2.94
CA HIS G 128 42.22 -53.44 2.77
C HIS G 128 40.85 -53.80 3.32
N SER G 129 40.22 -52.85 4.02
CA SER G 129 38.85 -53.07 4.44
C SER G 129 37.87 -52.57 3.38
N LEU G 130 36.62 -53.01 3.53
CA LEU G 130 35.49 -52.56 2.75
C LEU G 130 34.35 -52.33 3.73
N ASP G 131 34.56 -51.37 4.64
CA ASP G 131 33.76 -51.21 5.86
C ASP G 131 32.35 -50.69 5.61
N ARG G 132 32.12 -50.10 4.45
CA ARG G 132 30.82 -49.47 4.23
C ARG G 132 29.86 -50.43 3.53
N ILE G 133 30.32 -51.65 3.26
CA ILE G 133 29.50 -52.60 2.52
C ILE G 133 29.03 -53.67 3.51
N ALA G 134 27.71 -53.94 3.53
CA ALA G 134 27.19 -55.00 4.37
C ALA G 134 26.94 -56.23 3.50
N TRP G 135 26.79 -57.40 4.11
CA TRP G 135 26.49 -58.61 3.33
C TRP G 135 25.21 -58.47 2.52
N ARG G 136 24.19 -57.79 3.06
CA ARG G 136 22.93 -57.55 2.37
C ARG G 136 23.11 -56.77 1.06
N ASN G 137 24.15 -55.95 0.95
CA ASN G 137 24.40 -55.13 -0.24
C ASN G 137 24.76 -55.99 -1.45
N LEU G 138 25.39 -57.14 -1.23
CA LEU G 138 25.74 -58.04 -2.33
C LEU G 138 24.49 -58.71 -2.91
N VAL G 139 23.39 -58.74 -2.16
CA VAL G 139 22.29 -59.61 -2.54
C VAL G 139 21.53 -58.97 -3.70
N GLY G 140 21.37 -59.75 -4.79
CA GLY G 140 20.67 -59.26 -5.96
C GLY G 140 21.52 -58.31 -6.79
N VAL G 141 22.82 -58.26 -6.48
CA VAL G 141 23.77 -57.49 -7.25
C VAL G 141 24.82 -58.47 -7.79
N THR G 142 25.45 -59.21 -6.87
CA THR G 142 26.50 -60.15 -7.23
C THR G 142 26.15 -61.56 -6.77
N HIS G 143 25.29 -61.70 -5.75
CA HIS G 143 25.06 -62.98 -5.07
C HIS G 143 23.59 -63.16 -4.72
N THR G 144 23.16 -64.41 -4.52
CA THR G 144 21.81 -64.66 -4.04
C THR G 144 21.77 -64.45 -2.53
N THR G 145 20.57 -64.38 -1.95
CA THR G 145 20.39 -64.28 -0.51
C THR G 145 21.18 -65.36 0.23
N ASP G 146 21.14 -66.59 -0.29
CA ASP G 146 21.74 -67.74 0.37
C ASP G 146 23.27 -67.68 0.35
N GLU G 147 23.84 -67.29 -0.79
CA GLU G 147 25.29 -67.18 -0.88
C GLU G 147 25.81 -66.12 0.09
N ALA G 148 25.08 -65.00 0.20
CA ALA G 148 25.56 -63.93 1.06
C ALA G 148 25.37 -64.31 2.52
N LYS G 149 24.30 -65.07 2.83
CA LYS G 149 24.09 -65.52 4.19
C LYS G 149 25.20 -66.48 4.57
N ALA G 150 25.62 -67.32 3.62
CA ALA G 150 26.69 -68.27 3.87
C ALA G 150 28.00 -67.53 4.18
N PHE G 151 28.30 -66.45 3.42
CA PHE G 151 29.50 -65.67 3.72
C PHE G 151 29.43 -65.06 5.11
N ALA G 152 28.26 -64.54 5.50
CA ALA G 152 28.14 -63.88 6.79
C ALA G 152 28.30 -64.90 7.93
N GLU G 153 27.64 -66.06 7.81
CA GLU G 153 27.55 -67.08 8.85
C GLU G 153 28.90 -67.75 9.13
N GLU G 154 29.87 -67.63 8.21
CA GLU G 154 31.20 -68.19 8.42
C GLU G 154 32.01 -67.35 9.42
N LEU G 155 31.56 -66.12 9.69
CA LEU G 155 32.37 -65.23 10.49
C LEU G 155 31.76 -65.11 11.88
N GLU G 156 32.55 -64.62 12.83
CA GLU G 156 32.09 -64.34 14.18
C GLU G 156 32.10 -62.85 14.42
N TYR G 157 31.01 -62.36 15.00
CA TYR G 157 30.90 -60.95 15.34
C TYR G 157 30.64 -60.86 16.84
N ASP G 158 30.93 -59.69 17.41
CA ASP G 158 30.63 -59.41 18.80
C ASP G 158 29.13 -59.38 19.02
N ASP G 159 28.67 -60.19 19.98
CA ASP G 159 27.29 -60.21 20.42
C ASP G 159 27.15 -59.24 21.59
N GLU G 160 25.91 -59.07 22.07
CA GLU G 160 25.65 -58.41 23.34
C GLU G 160 26.18 -59.28 24.48
N PRO G 161 26.63 -58.73 25.62
CA PRO G 161 27.14 -59.54 26.72
C PRO G 161 26.09 -60.52 27.23
N ASP G 162 26.56 -61.66 27.76
CA ASP G 162 25.67 -62.65 28.36
C ASP G 162 25.14 -62.14 29.69
N ASP G 163 24.51 -63.04 30.46
CA ASP G 163 23.75 -62.65 31.65
C ASP G 163 24.67 -62.28 32.81
N GLU G 164 25.90 -62.80 32.80
CA GLU G 164 26.91 -62.42 33.78
C GLU G 164 27.71 -61.21 33.28
N GLY G 165 27.30 -60.67 32.12
CA GLY G 165 27.96 -59.53 31.52
C GLY G 165 29.31 -59.86 30.89
N ASN G 166 29.54 -61.15 30.57
CA ASN G 166 30.77 -61.55 29.92
C ASN G 166 30.63 -61.39 28.40
N PRO G 167 31.71 -61.04 27.65
CA PRO G 167 31.65 -60.97 26.19
C PRO G 167 31.30 -62.29 25.52
N ARG G 168 30.58 -62.19 24.38
CA ARG G 168 30.19 -63.33 23.55
C ARG G 168 30.38 -62.99 22.08
N LYS G 169 30.55 -64.03 21.26
CA LYS G 169 30.55 -63.92 19.81
C LYS G 169 29.29 -64.59 19.27
N ARG G 170 28.85 -64.12 18.09
CA ARG G 170 27.76 -64.75 17.36
C ARG G 170 28.18 -64.93 15.91
N PRO G 171 27.52 -65.82 15.13
CA PRO G 171 27.73 -65.86 13.68
C PRO G 171 27.16 -64.61 13.01
N GLY G 172 27.74 -64.25 11.85
CA GLY G 172 27.31 -63.07 11.12
C GLY G 172 25.93 -63.22 10.51
N LYS G 173 25.31 -62.06 10.23
CA LYS G 173 23.99 -61.94 9.62
C LYS G 173 24.12 -61.02 8.40
N LEU G 174 23.08 -60.96 7.56
CA LEU G 174 23.11 -60.11 6.38
C LEU G 174 23.29 -58.63 6.74
N ALA G 175 22.82 -58.22 7.93
CA ALA G 175 22.90 -56.83 8.37
C ALA G 175 24.33 -56.42 8.70
N ASP G 176 25.23 -57.40 8.93
CA ASP G 176 26.58 -57.13 9.37
C ASP G 176 27.42 -56.54 8.24
N TYR G 177 28.39 -55.70 8.59
CA TYR G 177 29.33 -55.13 7.64
C TYR G 177 30.50 -56.08 7.42
N ILE G 178 31.05 -56.06 6.21
CA ILE G 178 32.20 -56.90 5.91
C ILE G 178 33.35 -56.49 6.83
N PRO G 179 33.91 -57.43 7.62
CA PRO G 179 34.96 -57.08 8.58
C PRO G 179 36.31 -56.84 7.90
N GLY G 180 37.08 -55.88 8.47
CA GLY G 180 38.38 -55.51 7.93
C GLY G 180 39.49 -56.43 8.45
N PRO G 181 40.68 -56.44 7.82
CA PRO G 181 41.77 -57.30 8.28
C PRO G 181 42.46 -56.88 9.57
N TYR G 182 42.30 -55.61 9.98
CA TYR G 182 43.08 -55.09 11.10
C TYR G 182 42.15 -54.49 12.16
N PRO G 183 42.48 -54.62 13.47
CA PRO G 183 41.68 -53.99 14.53
C PRO G 183 41.75 -52.46 14.60
N ASN G 184 42.87 -51.87 14.15
CA ASN G 184 43.06 -50.43 14.20
C ASN G 184 44.14 -50.02 13.21
N GLU G 185 44.32 -48.70 13.06
CA GLU G 185 45.32 -48.08 12.19
C GLU G 185 46.73 -48.55 12.53
N GLN G 186 47.00 -48.72 13.83
CA GLN G 186 48.36 -48.97 14.29
C GLN G 186 48.77 -50.37 13.83
N ALA G 187 47.85 -51.31 13.97
CA ALA G 187 48.06 -52.66 13.50
C ALA G 187 48.17 -52.70 11.97
N ALA G 188 47.43 -51.82 11.29
CA ALA G 188 47.45 -51.81 9.84
C ALA G 188 48.83 -51.34 9.35
N ARG G 189 49.32 -50.26 9.98
CA ARG G 189 50.60 -49.67 9.60
C ARG G 189 51.75 -50.60 9.94
N ALA G 190 51.64 -51.34 11.05
CA ALA G 190 52.71 -52.23 11.48
C ALA G 190 52.88 -53.38 10.49
N ALA G 191 51.78 -53.77 9.84
CA ALA G 191 51.80 -54.88 8.88
C ALA G 191 52.22 -54.42 7.49
N ASN G 192 52.31 -53.10 7.28
CA ASN G 192 52.53 -52.58 5.95
C ASN G 192 53.67 -51.58 5.96
N GLN G 193 54.72 -51.86 6.75
CA GLN G 193 55.94 -51.08 6.78
C GLN G 193 55.62 -49.60 6.94
N GLY G 194 54.65 -49.28 7.79
CA GLY G 194 54.35 -47.90 8.12
C GLY G 194 53.22 -47.30 7.29
N ALA G 195 52.93 -47.86 6.11
CA ALA G 195 51.90 -47.32 5.24
C ALA G 195 50.51 -47.78 5.69
N LEU G 196 49.50 -46.95 5.47
CA LEU G 196 48.16 -47.34 5.87
C LEU G 196 47.34 -47.66 4.62
N PRO G 197 46.95 -48.94 4.37
CA PRO G 197 46.10 -49.24 3.21
C PRO G 197 44.72 -48.63 3.43
N PRO G 198 44.22 -47.75 2.53
CA PRO G 198 42.91 -47.11 2.76
C PRO G 198 41.77 -48.11 2.66
N ASP G 199 40.66 -47.78 3.31
CA ASP G 199 39.40 -48.46 3.10
C ASP G 199 39.03 -48.31 1.63
N LEU G 200 38.49 -49.36 0.99
CA LEU G 200 38.28 -49.27 -0.46
C LEU G 200 36.83 -48.95 -0.83
N SER G 201 35.97 -48.70 0.17
CA SER G 201 34.56 -48.50 -0.10
C SER G 201 34.29 -47.27 -0.97
N LEU G 202 35.14 -46.24 -0.87
CA LEU G 202 34.85 -45.02 -1.58
C LEU G 202 36.00 -44.68 -2.54
N ILE G 203 36.97 -45.59 -2.63
CA ILE G 203 38.21 -45.27 -3.30
C ILE G 203 37.98 -44.86 -4.76
N ALA G 204 36.96 -45.41 -5.43
CA ALA G 204 36.68 -45.04 -6.81
C ALA G 204 36.17 -43.60 -6.91
N LYS G 205 35.60 -43.05 -5.83
CA LYS G 205 35.18 -41.66 -5.90
C LYS G 205 36.23 -40.74 -5.28
N ALA G 206 37.15 -41.31 -4.51
CA ALA G 206 38.08 -40.52 -3.71
C ALA G 206 39.38 -40.26 -4.48
N ARG G 207 39.47 -40.74 -5.72
CA ARG G 207 40.65 -40.49 -6.52
C ARG G 207 40.21 -39.98 -7.88
N HIS G 208 40.92 -38.97 -8.42
CA HIS G 208 40.73 -38.54 -9.79
C HIS G 208 40.96 -39.74 -10.72
N GLY G 209 40.04 -39.98 -11.65
CA GLY G 209 40.24 -41.10 -12.54
C GLY G 209 39.28 -42.24 -12.27
N GLY G 210 38.88 -42.46 -11.00
CA GLY G 210 37.92 -43.51 -10.66
C GLY G 210 38.42 -44.90 -11.06
N ALA G 211 37.56 -45.69 -11.72
CA ALA G 211 37.91 -47.02 -12.21
C ALA G 211 39.19 -46.99 -13.04
N ASP G 212 39.40 -45.95 -13.86
CA ASP G 212 40.57 -45.93 -14.72
C ASP G 212 41.84 -45.85 -13.88
N TYR G 213 41.77 -45.10 -12.78
CA TYR G 213 42.93 -44.94 -11.92
C TYR G 213 43.23 -46.29 -11.24
N ILE G 214 42.18 -46.96 -10.76
CA ILE G 214 42.39 -48.22 -10.08
C ILE G 214 43.01 -49.23 -11.05
N PHE G 215 42.45 -49.31 -12.26
CA PHE G 215 42.95 -50.25 -13.24
C PHE G 215 44.40 -49.92 -13.60
N ALA G 216 44.68 -48.63 -13.87
CA ALA G 216 46.01 -48.19 -14.28
C ALA G 216 47.02 -48.48 -13.18
N LEU G 217 46.66 -48.19 -11.92
CA LEU G 217 47.56 -48.40 -10.81
C LEU G 217 47.90 -49.88 -10.66
N LEU G 218 46.89 -50.76 -10.71
CA LEU G 218 47.14 -52.17 -10.42
C LEU G 218 47.97 -52.82 -11.52
N THR G 219 47.83 -52.33 -12.75
CA THR G 219 48.49 -52.92 -13.90
C THR G 219 49.71 -52.11 -14.32
N GLY G 220 50.08 -51.08 -13.54
CA GLY G 220 51.10 -50.15 -14.01
C GLY G 220 52.40 -50.22 -13.22
N TYR G 221 52.71 -51.35 -12.59
CA TYR G 221 54.01 -51.50 -11.97
C TYR G 221 54.99 -51.99 -13.02
N PRO G 222 55.99 -51.18 -13.43
CA PRO G 222 57.01 -51.63 -14.37
C PRO G 222 57.91 -52.61 -13.64
N ASP G 223 58.53 -53.53 -14.39
CA ASP G 223 59.49 -54.46 -13.82
C ASP G 223 60.63 -53.69 -13.17
N GLU G 224 61.08 -52.62 -13.83
CA GLU G 224 62.19 -51.81 -13.35
C GLU G 224 61.78 -50.35 -13.29
N PRO G 225 62.06 -49.63 -12.18
CA PRO G 225 61.87 -48.18 -12.14
C PRO G 225 62.73 -47.48 -13.18
N PRO G 226 62.22 -46.42 -13.84
CA PRO G 226 62.99 -45.58 -14.75
C PRO G 226 64.32 -45.20 -14.11
N ALA G 227 65.40 -45.30 -14.90
CA ALA G 227 66.74 -45.01 -14.43
C ALA G 227 66.78 -43.63 -13.79
N GLY G 228 67.29 -43.59 -12.55
CA GLY G 228 67.50 -42.33 -11.86
C GLY G 228 66.54 -42.13 -10.68
N VAL G 229 65.46 -42.92 -10.64
CA VAL G 229 64.47 -42.86 -9.57
C VAL G 229 65.06 -43.54 -8.33
N VAL G 230 65.07 -42.81 -7.21
CA VAL G 230 65.50 -43.37 -5.95
C VAL G 230 64.26 -43.65 -5.10
N LEU G 231 63.99 -44.93 -4.86
CA LEU G 231 62.86 -45.26 -4.03
C LEU G 231 63.26 -45.24 -2.56
N ALA G 232 62.41 -44.61 -1.73
CA ALA G 232 62.48 -44.72 -0.29
C ALA G 232 62.28 -46.18 0.16
N PRO G 233 62.76 -46.61 1.35
CA PRO G 233 62.63 -48.01 1.76
C PRO G 233 61.17 -48.42 1.93
N GLY G 234 60.81 -49.58 1.38
CA GLY G 234 59.46 -50.13 1.43
C GLY G 234 58.54 -49.54 0.36
N MET G 235 59.11 -48.79 -0.59
CA MET G 235 58.36 -48.17 -1.67
C MET G 235 58.61 -48.92 -2.98
N ASN G 236 57.61 -48.85 -3.85
CA ASN G 236 57.58 -49.54 -5.12
C ASN G 236 57.31 -48.47 -6.17
N TYR G 237 57.90 -48.62 -7.37
CA TYR G 237 57.70 -47.58 -8.34
C TYR G 237 56.37 -47.81 -9.06
N ASN G 238 55.53 -46.78 -9.13
CA ASN G 238 54.32 -46.88 -9.93
C ASN G 238 54.05 -45.49 -10.49
N PRO G 239 54.11 -45.27 -11.82
CA PRO G 239 54.00 -43.91 -12.35
C PRO G 239 52.65 -43.24 -12.13
N TYR G 240 51.60 -44.04 -11.89
CA TYR G 240 50.26 -43.47 -11.72
C TYR G 240 50.10 -42.86 -10.34
N PHE G 241 50.93 -43.30 -9.40
CA PHE G 241 50.81 -42.80 -8.06
C PHE G 241 51.56 -41.48 -7.92
N PRO G 242 50.98 -40.41 -7.36
CA PRO G 242 51.69 -39.11 -7.27
C PRO G 242 53.01 -39.24 -6.53
N GLY G 243 54.10 -38.79 -7.17
CA GLY G 243 55.42 -38.94 -6.59
C GLY G 243 56.14 -40.21 -7.03
N GLY G 244 55.37 -41.25 -7.41
CA GLY G 244 55.93 -42.44 -8.04
C GLY G 244 56.23 -43.58 -7.07
N GLY G 245 56.41 -43.28 -5.78
CA GLY G 245 56.78 -44.31 -4.81
C GLY G 245 55.57 -44.70 -3.96
N ILE G 246 55.05 -45.91 -4.15
CA ILE G 246 53.86 -46.31 -3.44
C ILE G 246 54.22 -47.43 -2.46
N GLY G 247 53.57 -47.43 -1.29
CA GLY G 247 53.86 -48.46 -0.30
C GLY G 247 53.21 -49.80 -0.60
N MET G 248 52.40 -49.88 -1.67
CA MET G 248 51.73 -51.13 -2.01
C MET G 248 52.54 -51.76 -3.13
N ALA G 249 52.91 -53.04 -2.97
CA ALA G 249 53.63 -53.75 -4.01
C ALA G 249 52.64 -54.23 -5.07
N ARG G 250 53.16 -54.67 -6.22
CA ARG G 250 52.30 -55.34 -7.17
C ARG G 250 51.74 -56.62 -6.54
N THR G 251 50.43 -56.86 -6.74
CA THR G 251 49.75 -57.99 -6.12
C THR G 251 49.03 -58.87 -7.15
N LEU G 252 48.74 -58.32 -8.33
CA LEU G 252 48.01 -59.12 -9.30
C LEU G 252 48.99 -59.75 -10.27
N PHE G 253 49.02 -61.09 -10.26
CA PHE G 253 49.81 -61.86 -11.20
C PHE G 253 48.91 -62.90 -11.83
N ASP G 254 49.20 -63.26 -13.09
CA ASP G 254 48.38 -64.22 -13.81
C ASP G 254 48.16 -65.45 -12.93
N GLY G 255 46.88 -65.70 -12.62
CA GLY G 255 46.43 -66.93 -11.98
C GLY G 255 46.53 -66.91 -10.45
N VAL G 256 46.44 -65.73 -9.81
CA VAL G 256 46.45 -65.69 -8.34
C VAL G 256 45.05 -66.04 -7.82
N VAL G 257 44.06 -65.87 -8.70
CA VAL G 257 42.68 -66.21 -8.41
C VAL G 257 42.27 -67.25 -9.45
N GLU G 258 41.39 -68.18 -9.04
CA GLU G 258 40.76 -69.07 -10.00
C GLU G 258 39.29 -68.71 -10.05
N TYR G 259 38.86 -68.08 -11.14
CA TYR G 259 37.50 -67.58 -11.16
C TYR G 259 36.52 -68.74 -11.20
N GLU G 260 35.36 -68.56 -10.56
CA GLU G 260 34.40 -69.64 -10.43
C GLU G 260 33.55 -69.79 -11.69
N ASP G 261 33.67 -68.85 -12.64
CA ASP G 261 32.91 -68.86 -13.89
C ASP G 261 33.79 -69.26 -15.08
N GLY G 262 35.05 -69.61 -14.80
CA GLY G 262 35.96 -70.19 -15.79
C GLY G 262 36.77 -69.16 -16.59
N THR G 263 36.51 -67.86 -16.35
CA THR G 263 37.22 -66.75 -16.99
C THR G 263 38.72 -66.86 -16.71
N PRO G 264 39.63 -66.73 -17.72
CA PRO G 264 41.08 -66.72 -17.46
C PRO G 264 41.47 -65.53 -16.59
N ALA G 265 42.12 -65.81 -15.46
CA ALA G 265 42.43 -64.77 -14.49
C ALA G 265 43.80 -64.16 -14.80
N THR G 266 43.86 -63.33 -15.84
CA THR G 266 45.09 -62.61 -16.14
C THR G 266 45.13 -61.35 -15.27
N THR G 267 46.34 -60.78 -15.12
CA THR G 267 46.52 -59.52 -14.43
C THR G 267 45.46 -58.51 -14.89
N SER G 268 45.34 -58.34 -16.22
CA SER G 268 44.44 -57.36 -16.79
C SER G 268 42.99 -57.69 -16.45
N GLN G 269 42.62 -58.97 -16.53
CA GLN G 269 41.24 -59.36 -16.29
C GLN G 269 40.88 -59.08 -14.83
N MET G 270 41.78 -59.44 -13.92
CA MET G 270 41.49 -59.28 -12.50
C MET G 270 41.42 -57.80 -12.14
N ALA G 271 42.29 -57.00 -12.75
CA ALA G 271 42.31 -55.57 -12.47
C ALA G 271 41.02 -54.92 -12.95
N LYS G 272 40.54 -55.37 -14.11
CA LYS G 272 39.33 -54.82 -14.68
C LYS G 272 38.14 -55.17 -13.78
N ASP G 273 38.08 -56.43 -13.35
CA ASP G 273 36.97 -56.91 -12.53
C ASP G 273 36.95 -56.19 -11.18
N VAL G 274 38.12 -56.11 -10.53
CA VAL G 274 38.13 -55.52 -9.20
C VAL G 274 37.86 -54.02 -9.29
N ALA G 275 38.33 -53.37 -10.36
CA ALA G 275 38.05 -51.94 -10.53
C ALA G 275 36.55 -51.71 -10.72
N ALA G 276 35.88 -52.62 -11.45
CA ALA G 276 34.44 -52.54 -11.63
C ALA G 276 33.73 -52.73 -10.29
N PHE G 277 34.13 -53.76 -9.54
CA PHE G 277 33.53 -54.04 -8.25
C PHE G 277 33.68 -52.84 -7.31
N LEU G 278 34.86 -52.23 -7.27
CA LEU G 278 35.08 -51.10 -6.38
C LEU G 278 34.30 -49.86 -6.82
N THR G 279 34.08 -49.72 -8.13
CA THR G 279 33.26 -48.64 -8.64
C THR G 279 31.83 -48.83 -8.15
N TRP G 280 31.34 -50.06 -8.25
CA TRP G 280 30.03 -50.38 -7.70
C TRP G 280 30.02 -50.08 -6.19
N ALA G 281 31.07 -50.47 -5.47
CA ALA G 281 31.06 -50.28 -4.02
C ALA G 281 30.95 -48.78 -3.67
N ALA G 282 31.54 -47.92 -4.51
CA ALA G 282 31.50 -46.50 -4.24
C ALA G 282 30.14 -45.91 -4.60
N GLU G 283 29.49 -46.45 -5.63
CA GLU G 283 28.24 -45.86 -6.08
C GLU G 283 27.25 -46.96 -6.40
N PRO G 284 26.67 -47.64 -5.38
CA PRO G 284 25.76 -48.75 -5.62
C PRO G 284 24.41 -48.41 -6.26
N GLU G 285 24.04 -47.13 -6.20
CA GLU G 285 22.81 -46.61 -6.82
C GLU G 285 22.96 -46.43 -8.34
N HIS G 286 24.19 -46.54 -8.86
CA HIS G 286 24.55 -46.25 -10.24
C HIS G 286 23.51 -46.71 -11.27
N ASP G 287 23.15 -48.00 -11.24
CA ASP G 287 22.28 -48.56 -12.27
C ASP G 287 20.90 -47.92 -12.21
N GLU G 288 20.33 -47.83 -11.00
CA GLU G 288 19.01 -47.28 -10.81
C GLU G 288 19.00 -45.79 -11.17
N ARG G 289 20.05 -45.08 -10.78
CA ARG G 289 20.17 -43.65 -11.00
C ARG G 289 20.10 -43.34 -12.49
N LYS G 290 20.80 -44.13 -13.30
CA LYS G 290 20.87 -43.80 -14.70
C LYS G 290 19.55 -44.14 -15.39
N LYS G 291 18.85 -45.16 -14.90
CA LYS G 291 17.57 -45.46 -15.49
C LYS G 291 16.54 -44.38 -15.14
N LEU G 292 16.55 -43.90 -13.89
CA LEU G 292 15.64 -42.84 -13.52
C LEU G 292 15.95 -41.56 -14.30
N GLY G 293 17.25 -41.33 -14.57
CA GLY G 293 17.70 -40.19 -15.35
C GLY G 293 17.16 -40.24 -16.78
N LEU G 294 17.11 -41.44 -17.36
CA LEU G 294 16.54 -41.59 -18.70
C LEU G 294 15.08 -41.15 -18.67
N LYS G 295 14.32 -41.62 -17.68
CA LYS G 295 12.92 -41.23 -17.55
C LYS G 295 12.80 -39.71 -17.39
N ALA G 296 13.62 -39.12 -16.52
CA ALA G 296 13.57 -37.68 -16.29
C ALA G 296 13.89 -36.92 -17.57
N ILE G 297 14.94 -37.34 -18.29
CA ILE G 297 15.36 -36.67 -19.51
C ILE G 297 14.20 -36.61 -20.49
N ILE G 298 13.50 -37.74 -20.65
CA ILE G 298 12.43 -37.85 -21.63
C ILE G 298 11.28 -36.92 -21.22
N VAL G 299 10.84 -37.02 -19.97
CA VAL G 299 9.71 -36.23 -19.51
C VAL G 299 10.05 -34.74 -19.61
N ILE G 300 11.25 -34.37 -19.14
CA ILE G 300 11.64 -32.97 -19.06
C ILE G 300 11.78 -32.40 -20.47
N SER G 301 12.35 -33.18 -21.40
CA SER G 301 12.49 -32.73 -22.78
C SER G 301 11.12 -32.45 -23.42
N ALA G 302 10.18 -33.38 -23.23
CA ALA G 302 8.83 -33.23 -23.76
C ALA G 302 8.17 -31.98 -23.16
N MET G 303 8.35 -31.78 -21.84
CA MET G 303 7.77 -30.63 -21.17
C MET G 303 8.43 -29.35 -21.67
N LEU G 304 9.73 -29.42 -22.02
CA LEU G 304 10.40 -28.24 -22.52
C LEU G 304 9.80 -27.86 -23.89
N GLY G 305 9.64 -28.85 -24.77
CA GLY G 305 9.03 -28.63 -26.08
C GLY G 305 7.62 -28.05 -25.95
N LEU G 306 6.81 -28.62 -25.06
CA LEU G 306 5.44 -28.15 -24.89
C LEU G 306 5.43 -26.75 -24.29
N SER G 307 6.36 -26.46 -23.37
CA SER G 307 6.39 -25.14 -22.77
C SER G 307 6.74 -24.09 -23.82
N VAL G 308 7.52 -24.47 -24.84
CA VAL G 308 7.85 -23.54 -25.91
C VAL G 308 6.60 -23.23 -26.73
N TYR G 309 5.85 -24.28 -27.12
CA TYR G 309 4.60 -24.08 -27.83
C TYR G 309 3.67 -23.18 -27.02
N ILE G 310 3.52 -23.47 -25.73
CA ILE G 310 2.55 -22.74 -24.94
C ILE G 310 2.97 -21.28 -24.79
N LYS G 311 4.27 -21.05 -24.57
CA LYS G 311 4.73 -19.68 -24.43
C LYS G 311 4.44 -18.92 -25.72
N LYS G 312 4.81 -19.51 -26.86
CA LYS G 312 4.63 -18.83 -28.14
C LYS G 312 3.15 -18.57 -28.41
N PHE G 313 2.29 -19.55 -28.06
CA PHE G 313 0.86 -19.41 -28.22
C PHE G 313 0.36 -18.22 -27.42
N LYS G 314 0.73 -18.16 -26.14
CA LYS G 314 0.24 -17.09 -25.26
C LYS G 314 0.81 -15.74 -25.67
N TRP G 315 2.04 -15.71 -26.18
CA TRP G 315 2.69 -14.45 -26.48
C TRP G 315 2.29 -13.92 -27.85
N SER G 316 1.64 -14.71 -28.71
CA SER G 316 1.50 -14.24 -30.09
C SER G 316 0.73 -12.92 -30.19
N PRO G 317 -0.31 -12.61 -29.38
CA PRO G 317 -0.95 -11.30 -29.49
C PRO G 317 0.00 -10.14 -29.23
N ILE G 318 1.00 -10.34 -28.37
CA ILE G 318 1.95 -9.28 -28.06
C ILE G 318 2.94 -9.18 -29.21
N LYS G 319 3.44 -10.33 -29.67
CA LYS G 319 4.43 -10.33 -30.75
C LYS G 319 3.83 -9.77 -32.03
N ASN G 320 2.53 -10.02 -32.25
CA ASN G 320 1.89 -9.69 -33.52
C ASN G 320 1.31 -8.28 -33.54
N ARG G 321 1.43 -7.55 -32.43
CA ARG G 321 0.81 -6.24 -32.27
C ARG G 321 1.30 -5.26 -33.33
N LYS G 322 0.38 -4.47 -33.88
CA LYS G 322 0.68 -3.45 -34.88
C LYS G 322 0.12 -2.11 -34.44
N PHE G 323 0.77 -1.03 -34.88
CA PHE G 323 0.38 0.31 -34.45
C PHE G 323 0.14 1.18 -35.68
N ILE G 324 -0.79 2.13 -35.55
CA ILE G 324 -0.92 3.20 -36.51
C ILE G 324 -0.84 4.48 -35.69
N TYR G 325 0.11 5.37 -36.00
CA TYR G 325 0.19 6.59 -35.23
C TYR G 325 -0.28 7.77 -36.07
N ASN G 326 -1.21 8.55 -35.53
CA ASN G 326 -1.57 9.81 -36.16
C ASN G 326 -1.23 10.92 -35.20
N PRO G 327 -0.15 11.70 -35.41
CA PRO G 327 0.30 12.69 -34.43
C PRO G 327 -0.84 13.67 -34.15
N PRO G 328 -1.25 13.86 -32.87
CA PRO G 328 -2.35 14.76 -32.54
C PRO G 328 -2.07 16.22 -32.93
N TYR H 7 8.40 6.14 -9.18
CA TYR H 7 8.59 6.16 -10.68
C TYR H 7 7.74 5.11 -11.40
N MET H 8 6.95 4.35 -10.65
CA MET H 8 5.97 3.52 -11.30
C MET H 8 4.69 3.64 -10.50
N GLY H 9 3.54 3.83 -11.17
CA GLY H 9 2.27 3.81 -10.48
C GLY H 9 1.66 2.41 -10.55
N TRP H 10 0.41 2.33 -11.00
CA TRP H 10 -0.29 1.06 -11.13
C TRP H 10 -1.26 1.18 -12.30
N TRP H 11 -1.97 0.10 -12.63
CA TRP H 11 -2.89 0.13 -13.75
C TRP H 11 -3.86 1.31 -13.65
N GLY H 12 -3.94 2.11 -14.70
CA GLY H 12 -4.82 3.27 -14.69
C GLY H 12 -4.06 4.56 -14.39
N HIS H 13 -2.93 4.44 -13.68
CA HIS H 13 -2.12 5.62 -13.38
C HIS H 13 -0.66 5.19 -13.35
N MET H 14 -0.18 4.64 -14.46
CA MET H 14 1.12 4.00 -14.46
C MET H 14 2.24 5.04 -14.35
N GLY H 15 1.96 6.28 -14.76
CA GLY H 15 2.97 7.33 -14.79
C GLY H 15 3.50 7.61 -16.21
N SER H 16 2.80 7.10 -17.22
CA SER H 16 3.10 7.43 -18.61
C SER H 16 2.79 8.91 -18.85
N PRO H 17 3.55 9.62 -19.70
CA PRO H 17 3.07 10.90 -20.24
C PRO H 17 1.75 10.60 -20.94
N PRO H 18 0.82 11.58 -21.08
CA PRO H 18 -0.45 11.34 -21.77
C PRO H 18 -0.23 10.71 -23.14
N GLN H 19 -1.01 9.68 -23.44
CA GLN H 19 -0.90 9.00 -24.72
C GLN H 19 -2.11 9.41 -25.55
N LYS H 20 -1.85 9.72 -26.82
CA LYS H 20 -2.93 10.05 -27.75
C LYS H 20 -2.41 9.80 -29.16
N GLY H 21 -3.31 9.33 -30.02
CA GLY H 21 -3.04 9.25 -31.45
C GLY H 21 -2.48 7.90 -31.87
N ILE H 22 -2.24 6.99 -30.91
CA ILE H 22 -1.74 5.67 -31.28
C ILE H 22 -2.91 4.69 -31.32
N ALA H 23 -3.07 3.98 -32.43
CA ALA H 23 -4.03 2.89 -32.48
C ALA H 23 -3.24 1.58 -32.44
N GLY H 24 -3.59 0.67 -31.52
CA GLY H 24 -2.93 -0.62 -31.41
C GLY H 24 -3.87 -1.73 -31.83
N TYR H 25 -3.34 -2.71 -32.57
CA TYR H 25 -4.16 -3.80 -33.10
C TYR H 25 -3.47 -5.11 -32.80
N THR H 26 -4.25 -6.14 -32.52
CA THR H 26 -3.67 -7.47 -32.48
C THR H 26 -4.78 -8.51 -32.64
N ILE H 27 -4.39 -9.77 -32.76
CA ILE H 27 -5.35 -10.84 -32.99
C ILE H 27 -5.19 -11.87 -31.88
N SER H 28 -6.27 -12.64 -31.67
CA SER H 28 -6.39 -13.68 -30.67
C SER H 28 -5.29 -14.73 -30.84
N PRO H 29 -4.77 -15.33 -29.74
CA PRO H 29 -3.81 -16.43 -29.86
C PRO H 29 -4.42 -17.64 -30.59
N PHE H 30 -5.73 -17.83 -30.45
CA PHE H 30 -6.40 -18.91 -31.16
C PHE H 30 -6.51 -18.64 -32.66
N ALA H 31 -6.44 -17.36 -33.06
CA ALA H 31 -6.60 -17.00 -34.47
C ALA H 31 -5.27 -16.99 -35.20
N ALA H 32 -4.16 -17.03 -34.46
CA ALA H 32 -2.84 -16.83 -35.04
C ALA H 32 -2.10 -18.16 -35.13
N ARG H 33 -1.19 -18.27 -36.09
CA ARG H 33 -0.23 -19.37 -36.09
C ARG H 33 0.95 -18.99 -35.20
N PRO H 34 1.14 -19.64 -34.03
CA PRO H 34 2.20 -19.22 -33.10
C PRO H 34 3.59 -19.37 -33.71
N PHE H 35 3.76 -20.33 -34.63
CA PHE H 35 5.05 -20.57 -35.26
C PHE H 35 5.12 -20.01 -36.67
N ALA H 36 4.27 -19.03 -37.02
CA ALA H 36 4.39 -18.39 -38.32
C ALA H 36 5.79 -17.78 -38.47
N GLY H 37 6.43 -18.08 -39.62
CA GLY H 37 7.73 -17.52 -39.99
C GLY H 37 8.88 -18.00 -39.11
N VAL H 38 8.70 -19.16 -38.46
CA VAL H 38 9.67 -19.66 -37.50
C VAL H 38 10.98 -20.03 -38.21
N VAL H 39 10.88 -20.59 -39.42
CA VAL H 39 12.04 -21.08 -40.15
C VAL H 39 12.89 -19.90 -40.59
N HIS H 40 12.24 -18.88 -41.16
CA HIS H 40 12.92 -17.66 -41.51
C HIS H 40 13.60 -17.02 -40.30
N ALA H 41 12.90 -16.96 -39.16
CA ALA H 41 13.45 -16.34 -37.97
C ALA H 41 14.65 -17.14 -37.47
N ALA H 42 14.49 -18.47 -37.40
CA ALA H 42 15.50 -19.34 -36.84
C ALA H 42 16.79 -19.26 -37.65
N ILE H 43 16.69 -18.98 -38.95
CA ILE H 43 17.88 -18.94 -39.79
C ILE H 43 18.36 -17.50 -39.94
N PHE H 44 17.51 -16.65 -40.53
CA PHE H 44 17.96 -15.34 -40.97
C PHE H 44 18.02 -14.34 -39.81
N ASN H 45 17.01 -14.37 -38.93
CA ASN H 45 16.99 -13.41 -37.84
C ASN H 45 18.14 -13.73 -36.89
N THR H 46 18.33 -15.01 -36.59
CA THR H 46 19.37 -15.41 -35.66
C THR H 46 20.73 -15.06 -36.23
N PHE H 47 20.89 -15.25 -37.55
CA PHE H 47 22.15 -14.95 -38.19
C PHE H 47 22.44 -13.45 -38.08
N ARG H 48 21.45 -12.61 -38.40
CA ARG H 48 21.61 -11.17 -38.25
C ARG H 48 21.95 -10.84 -36.79
N ARG H 49 21.19 -11.43 -35.86
CA ARG H 49 21.35 -11.05 -34.46
C ARG H 49 22.76 -11.40 -34.00
N THR H 50 23.27 -12.56 -34.44
CA THR H 50 24.52 -13.12 -33.96
C THR H 50 25.70 -12.37 -34.59
N LYS H 51 25.59 -12.12 -35.90
CA LYS H 51 26.62 -11.41 -36.65
C LYS H 51 26.90 -10.05 -36.02
N ASN H 52 25.85 -9.32 -35.63
CA ASN H 52 26.02 -7.98 -35.09
C ASN H 52 26.66 -7.98 -33.70
N GLN H 53 26.62 -9.11 -32.99
CA GLN H 53 27.17 -9.13 -31.65
C GLN H 53 28.47 -9.93 -31.60
N ALA H 54 28.88 -10.55 -32.72
CA ALA H 54 29.96 -11.53 -32.69
C ALA H 54 31.27 -10.98 -32.13
N LEU H 55 31.69 -9.78 -32.58
CA LEU H 55 32.97 -9.19 -32.20
C LEU H 55 33.08 -8.95 -30.69
N PHE H 56 31.96 -8.60 -30.02
CA PHE H 56 31.98 -8.29 -28.61
C PHE H 56 32.21 -9.54 -27.77
N VAL H 57 32.02 -10.70 -28.37
CA VAL H 57 32.28 -11.95 -27.66
C VAL H 57 33.65 -12.45 -28.09
N ILE H 58 33.90 -12.45 -29.41
CA ILE H 58 35.09 -13.04 -29.97
C ILE H 58 36.34 -12.34 -29.44
N LEU H 59 36.37 -11.00 -29.49
CA LEU H 59 37.60 -10.30 -29.13
C LEU H 59 38.04 -10.61 -27.70
N PRO H 60 37.22 -10.42 -26.63
CA PRO H 60 37.68 -10.72 -25.28
C PRO H 60 37.94 -12.20 -25.04
N VAL H 61 37.09 -13.07 -25.61
CA VAL H 61 37.28 -14.50 -25.38
C VAL H 61 38.61 -14.93 -25.98
N SER H 62 38.89 -14.49 -27.21
CA SER H 62 40.11 -14.91 -27.90
C SER H 62 41.34 -14.34 -27.20
N PHE H 63 41.24 -13.12 -26.68
CA PHE H 63 42.38 -12.51 -26.01
C PHE H 63 42.70 -13.29 -24.73
N PHE H 64 41.69 -13.52 -23.90
CA PHE H 64 41.91 -14.14 -22.60
C PHE H 64 42.26 -15.62 -22.77
N TYR H 65 41.78 -16.24 -23.84
CA TYR H 65 42.15 -17.62 -24.09
C TYR H 65 43.61 -17.71 -24.54
N TYR H 66 44.04 -16.72 -25.31
CA TYR H 66 45.42 -16.69 -25.76
C TYR H 66 46.36 -16.50 -24.57
N VAL H 67 46.03 -15.55 -23.70
CA VAL H 67 46.79 -15.25 -22.48
C VAL H 67 46.92 -16.51 -21.63
N TRP H 68 45.81 -17.24 -21.43
CA TRP H 68 45.79 -18.44 -20.62
C TRP H 68 46.70 -19.51 -21.23
N THR H 69 46.55 -19.70 -22.54
CA THR H 69 47.29 -20.70 -23.32
C THR H 69 48.79 -20.47 -23.19
N GLN H 70 49.22 -19.21 -23.28
CA GLN H 70 50.63 -18.88 -23.21
C GLN H 70 51.14 -19.14 -21.80
N ALA H 71 50.35 -18.75 -20.80
CA ALA H 71 50.76 -18.89 -19.41
C ALA H 71 50.82 -20.37 -19.02
N SER H 72 49.82 -21.15 -19.44
CA SER H 72 49.78 -22.56 -19.07
C SER H 72 50.89 -23.33 -19.79
N GLU H 73 51.19 -22.96 -21.03
CA GLU H 73 52.27 -23.64 -21.75
C GLU H 73 53.63 -23.30 -21.13
N LYS H 74 53.81 -22.05 -20.69
CA LYS H 74 55.08 -21.68 -20.08
C LYS H 74 55.25 -22.44 -18.77
N ASN H 75 54.17 -22.48 -17.98
CA ASN H 75 54.21 -23.13 -16.69
C ASN H 75 54.58 -24.60 -16.88
N GLU H 76 53.99 -25.23 -17.90
CA GLU H 76 54.27 -26.64 -18.15
C GLU H 76 55.74 -26.84 -18.50
N TRP H 77 56.27 -25.92 -19.31
CA TRP H 77 57.64 -26.05 -19.81
C TRP H 77 58.64 -25.82 -18.69
N LEU H 78 58.30 -24.92 -17.76
CA LEU H 78 59.19 -24.56 -16.67
C LEU H 78 59.43 -25.74 -15.74
N TYR H 79 58.48 -26.68 -15.69
CA TYR H 79 58.56 -27.81 -14.77
C TYR H 79 59.00 -29.08 -15.48
N THR H 80 59.58 -28.93 -16.68
CA THR H 80 60.26 -30.03 -17.33
C THR H 80 61.75 -29.92 -17.02
N LYS H 81 62.52 -30.92 -17.46
CA LYS H 81 63.98 -30.95 -17.36
C LYS H 81 64.58 -29.77 -18.10
N ALA H 82 64.09 -29.55 -19.32
CA ALA H 82 64.57 -28.49 -20.20
C ALA H 82 64.37 -27.11 -19.57
N GLY H 83 63.35 -26.98 -18.71
CA GLY H 83 63.00 -25.67 -18.16
C GLY H 83 63.61 -25.40 -16.78
N ARG H 84 64.56 -26.26 -16.36
CA ARG H 84 65.17 -26.26 -15.04
C ARG H 84 65.78 -24.91 -14.69
N HIS H 85 66.55 -24.38 -15.64
CA HIS H 85 67.37 -23.21 -15.41
C HIS H 85 66.50 -21.96 -15.35
N GLU H 86 65.55 -21.89 -16.29
CA GLU H 86 64.59 -20.80 -16.36
C GLU H 86 63.68 -20.84 -15.14
N LEU H 87 63.42 -22.04 -14.60
CA LEU H 87 62.59 -22.15 -13.41
C LEU H 87 63.35 -21.62 -12.20
N ALA H 88 64.66 -21.86 -12.17
CA ALA H 88 65.49 -21.48 -11.03
C ALA H 88 65.54 -19.96 -10.90
N LYS H 89 65.59 -19.28 -12.06
CA LYS H 89 65.60 -17.82 -12.15
C LYS H 89 64.23 -17.26 -11.77
N ALA H 90 63.17 -17.92 -12.25
CA ALA H 90 61.80 -17.47 -12.04
C ALA H 90 61.44 -17.54 -10.55
N LEU H 91 62.00 -18.51 -9.82
CA LEU H 91 61.89 -18.54 -8.37
C LEU H 91 63.09 -17.80 -7.77
N ALA I 4 -14.80 -33.49 -33.20
CA ALA I 4 -13.99 -32.41 -32.57
C ALA I 4 -14.87 -31.61 -31.62
N THR I 5 -16.06 -31.25 -32.08
CA THR I 5 -17.06 -30.62 -31.23
C THR I 5 -17.42 -31.54 -30.07
N THR I 6 -17.67 -32.81 -30.41
CA THR I 6 -18.07 -33.78 -29.40
C THR I 6 -16.96 -33.91 -28.37
N PHE I 7 -15.74 -34.13 -28.87
CA PHE I 7 -14.61 -34.29 -27.99
C PHE I 7 -14.43 -33.07 -27.10
N TYR I 8 -14.53 -31.88 -27.70
CA TYR I 8 -14.37 -30.64 -26.94
C TYR I 8 -15.42 -30.57 -25.84
N ASN I 9 -16.68 -30.84 -26.19
CA ASN I 9 -17.81 -30.68 -25.30
C ASN I 9 -17.72 -31.62 -24.10
N VAL I 10 -17.20 -32.82 -24.33
CA VAL I 10 -17.16 -33.81 -23.26
C VAL I 10 -15.93 -33.60 -22.39
N PHE I 11 -14.75 -33.47 -23.01
CA PHE I 11 -13.54 -33.59 -22.21
C PHE I 11 -12.88 -32.24 -21.92
N VAL I 12 -13.25 -31.17 -22.62
CA VAL I 12 -12.43 -29.98 -22.56
C VAL I 12 -13.21 -28.79 -22.00
N LYS I 13 -14.44 -28.61 -22.46
CA LYS I 13 -15.26 -27.44 -22.18
C LYS I 13 -15.34 -27.16 -20.68
N ARG I 14 -15.74 -28.16 -19.90
CA ARG I 14 -15.80 -27.99 -18.45
C ARG I 14 -14.40 -28.24 -17.90
N ASN I 15 -13.88 -27.30 -17.11
CA ASN I 15 -12.55 -27.45 -16.53
C ASN I 15 -12.52 -28.64 -15.58
N SER I 16 -13.62 -28.89 -14.87
CA SER I 16 -13.69 -30.07 -14.03
C SER I 16 -13.39 -31.32 -14.87
N ALA I 17 -13.96 -31.39 -16.07
CA ALA I 17 -13.80 -32.56 -16.92
C ALA I 17 -12.39 -32.61 -17.51
N PHE I 18 -11.86 -31.43 -17.86
CA PHE I 18 -10.55 -31.28 -18.45
C PHE I 18 -9.50 -31.74 -17.44
N VAL I 19 -9.62 -31.30 -16.19
CA VAL I 19 -8.66 -31.67 -15.16
C VAL I 19 -8.78 -33.17 -14.87
N ALA I 20 -10.01 -33.69 -14.79
CA ALA I 20 -10.21 -35.13 -14.60
C ALA I 20 -9.54 -35.93 -15.72
N THR I 21 -9.66 -35.48 -16.97
CA THR I 21 -9.09 -36.17 -18.12
C THR I 21 -7.56 -36.13 -18.04
N ILE I 22 -7.01 -34.97 -17.66
CA ILE I 22 -5.56 -34.79 -17.57
C ILE I 22 -5.00 -35.74 -16.50
N LEU I 23 -5.66 -35.79 -15.33
CA LEU I 23 -5.20 -36.62 -14.22
C LEU I 23 -5.29 -38.10 -14.57
N ALA I 24 -6.39 -38.52 -15.21
CA ALA I 24 -6.54 -39.92 -15.62
C ALA I 24 -5.47 -40.28 -16.64
N SER I 25 -5.17 -39.37 -17.58
CA SER I 25 -4.14 -39.58 -18.58
C SER I 25 -2.77 -39.67 -17.92
N ALA I 26 -2.54 -38.86 -16.89
CA ALA I 26 -1.27 -38.87 -16.18
C ALA I 26 -1.07 -40.23 -15.51
N PHE I 27 -2.15 -40.77 -14.94
CA PHE I 27 -2.13 -42.08 -14.29
C PHE I 27 -1.74 -43.15 -15.31
N VAL I 28 -2.41 -43.12 -16.47
CA VAL I 28 -2.15 -44.09 -17.53
C VAL I 28 -0.71 -43.94 -18.02
N PHE I 29 -0.31 -42.69 -18.33
CA PHE I 29 1.04 -42.42 -18.79
C PHE I 29 2.04 -43.02 -17.82
N ASP I 30 1.90 -42.69 -16.54
CA ASP I 30 2.83 -43.09 -15.50
C ASP I 30 3.02 -44.61 -15.50
N MET I 31 1.92 -45.37 -15.60
CA MET I 31 1.98 -46.82 -15.55
C MET I 31 2.59 -47.40 -16.82
N THR I 32 2.21 -46.86 -17.98
CA THR I 32 2.66 -47.43 -19.24
C THR I 32 4.11 -47.04 -19.52
N PHE I 33 4.47 -45.80 -19.16
CA PHE I 33 5.83 -45.32 -19.35
C PHE I 33 6.81 -46.15 -18.52
N GLU I 34 6.43 -46.45 -17.29
CA GLU I 34 7.21 -47.28 -16.38
C GLU I 34 7.50 -48.63 -17.04
N THR I 35 6.45 -49.28 -17.54
CA THR I 35 6.59 -50.59 -18.15
C THR I 35 7.48 -50.52 -19.39
N ALA I 36 7.29 -49.49 -20.21
CA ALA I 36 8.01 -49.36 -21.47
C ALA I 36 9.49 -49.10 -21.23
N ILE I 37 9.82 -48.26 -20.23
CA ILE I 37 11.20 -47.95 -19.95
C ILE I 37 11.88 -49.20 -19.37
N ASP I 38 11.20 -49.88 -18.44
CA ASP I 38 11.74 -51.10 -17.84
C ASP I 38 12.17 -52.07 -18.95
N ASN I 39 11.29 -52.29 -19.94
CA ASN I 39 11.61 -53.25 -21.01
C ASN I 39 12.75 -52.73 -21.88
N PHE I 40 12.75 -51.44 -22.16
CA PHE I 40 13.78 -50.89 -23.02
C PHE I 40 15.14 -50.97 -22.34
N TRP I 41 15.17 -50.68 -21.04
CA TRP I 41 16.38 -50.65 -20.25
C TRP I 41 17.01 -52.04 -20.20
N ASP I 42 16.14 -53.06 -20.06
CA ASP I 42 16.54 -54.45 -19.97
C ASP I 42 17.12 -54.94 -21.30
N ARG I 43 16.63 -54.41 -22.44
CA ARG I 43 17.10 -54.83 -23.76
C ARG I 43 18.44 -54.19 -24.09
N ILE I 44 18.64 -52.92 -23.76
CA ILE I 44 19.91 -52.30 -24.08
C ILE I 44 21.02 -52.78 -23.16
N ASN I 45 20.66 -53.31 -21.98
CA ASN I 45 21.61 -53.78 -21.00
C ASN I 45 21.41 -55.28 -20.84
N ALA I 46 21.28 -56.00 -21.97
CA ALA I 46 20.98 -57.42 -21.97
C ALA I 46 22.23 -58.21 -21.62
N GLY I 47 22.08 -59.19 -20.73
CA GLY I 47 23.22 -60.02 -20.34
C GLY I 47 24.03 -59.41 -19.21
N LYS I 48 23.78 -58.15 -18.83
CA LYS I 48 24.65 -57.49 -17.88
C LYS I 48 24.06 -57.47 -16.48
N GLN I 49 22.73 -57.55 -16.37
CA GLN I 49 22.11 -57.24 -15.10
C GLN I 49 22.04 -58.51 -14.26
N TRP I 50 21.81 -58.36 -12.94
CA TRP I 50 21.68 -59.49 -12.05
C TRP I 50 20.62 -60.48 -12.54
N LYS I 51 19.47 -59.97 -12.94
CA LYS I 51 18.37 -60.77 -13.45
C LYS I 51 18.80 -61.66 -14.62
N ASP I 52 19.87 -61.28 -15.34
CA ASP I 52 20.37 -62.04 -16.48
C ASP I 52 21.33 -63.17 -16.08
N ILE I 53 21.94 -63.09 -14.89
CA ILE I 53 22.94 -64.07 -14.50
C ILE I 53 22.44 -64.87 -13.31
N ARG I 54 21.34 -64.41 -12.72
CA ARG I 54 20.75 -64.99 -11.52
C ARG I 54 20.57 -66.51 -11.65
N HIS I 55 20.24 -66.98 -12.87
CA HIS I 55 19.84 -68.37 -13.08
C HIS I 55 21.00 -69.34 -12.81
N LYS I 56 22.24 -68.86 -12.91
CA LYS I 56 23.42 -69.68 -12.65
C LYS I 56 23.57 -70.04 -11.17
N TYR I 57 22.83 -69.37 -10.27
CA TYR I 57 23.15 -69.42 -8.84
C TYR I 57 21.97 -69.87 -7.95
N TYR J 8 -58.03 -8.41 -17.55
CA TYR J 8 -57.14 -7.44 -16.83
C TYR J 8 -56.39 -8.12 -15.69
N VAL J 9 -55.10 -7.77 -15.57
CA VAL J 9 -54.20 -8.33 -14.58
C VAL J 9 -53.96 -7.25 -13.53
N LYS J 10 -54.19 -7.59 -12.25
CA LYS J 10 -54.07 -6.64 -11.16
C LYS J 10 -52.69 -6.70 -10.50
N LYS J 11 -52.02 -7.85 -10.63
CA LYS J 11 -50.79 -8.08 -9.90
C LYS J 11 -49.86 -8.95 -10.73
N PRO J 12 -48.51 -8.74 -10.68
CA PRO J 12 -47.59 -9.70 -11.29
C PRO J 12 -47.65 -11.00 -10.50
N SER J 13 -47.39 -12.11 -11.21
CA SER J 13 -47.55 -13.42 -10.60
C SER J 13 -46.17 -14.02 -10.35
N TYR J 14 -45.77 -14.10 -9.08
CA TYR J 14 -44.46 -14.61 -8.72
C TYR J 14 -44.47 -15.16 -7.30
N LYS J 15 -43.45 -15.96 -6.97
CA LYS J 15 -43.16 -16.38 -5.61
C LYS J 15 -41.67 -16.22 -5.33
N ILE J 16 -41.32 -16.29 -4.05
CA ILE J 16 -39.92 -16.27 -3.65
C ILE J 16 -39.49 -17.70 -3.38
N VAL J 17 -38.44 -18.15 -4.07
CA VAL J 17 -37.94 -19.49 -3.83
C VAL J 17 -37.08 -19.48 -2.56
N PRO J 18 -37.03 -20.59 -1.79
CA PRO J 18 -36.13 -20.66 -0.63
C PRO J 18 -34.67 -20.43 -1.03
N HIS J 19 -33.96 -19.67 -0.21
CA HIS J 19 -32.59 -19.33 -0.52
C HIS J 19 -31.82 -19.20 0.78
N PHE J 20 -30.50 -19.33 0.68
CA PHE J 20 -29.64 -19.31 1.85
C PHE J 20 -28.24 -18.95 1.39
N LEU J 21 -27.69 -17.88 1.99
CA LEU J 21 -26.35 -17.37 1.69
C LEU J 21 -26.23 -17.06 0.20
N GLY J 22 -27.35 -16.68 -0.41
CA GLY J 22 -27.40 -16.33 -1.83
C GLY J 22 -27.44 -17.54 -2.76
N PHE J 23 -27.73 -18.72 -2.22
CA PHE J 23 -27.91 -19.90 -3.07
C PHE J 23 -29.37 -20.32 -3.06
N ASN J 24 -29.83 -20.83 -4.20
CA ASN J 24 -31.17 -21.39 -4.28
C ASN J 24 -31.07 -22.74 -4.97
N ILE J 25 -32.12 -23.53 -4.88
CA ILE J 25 -32.11 -24.89 -5.41
C ILE J 25 -31.96 -24.90 -6.93
N PRO J 26 -32.70 -24.10 -7.73
CA PRO J 26 -32.46 -24.08 -9.18
C PRO J 26 -31.00 -23.90 -9.56
N THR J 27 -30.30 -22.95 -8.92
CA THR J 27 -28.90 -22.70 -9.26
C THR J 27 -28.02 -23.89 -8.85
N VAL J 28 -28.14 -24.32 -7.59
CA VAL J 28 -27.30 -25.38 -7.05
C VAL J 28 -27.47 -26.66 -7.87
N SER J 29 -28.70 -26.93 -8.33
CA SER J 29 -28.98 -28.14 -9.07
C SER J 29 -28.20 -28.17 -10.39
N LYS J 30 -27.93 -26.99 -10.98
CA LYS J 30 -27.12 -26.92 -12.19
C LYS J 30 -25.67 -27.30 -11.91
N TRP J 31 -25.22 -27.14 -10.66
CA TRP J 31 -23.82 -27.35 -10.34
C TRP J 31 -23.55 -28.74 -9.78
N ILE J 32 -24.62 -29.51 -9.47
CA ILE J 32 -24.49 -30.83 -8.88
C ILE J 32 -23.57 -31.71 -9.75
N PRO J 33 -23.84 -31.84 -11.07
CA PRO J 33 -22.95 -32.61 -11.94
C PRO J 33 -21.49 -32.17 -11.88
N ILE J 34 -21.26 -30.85 -11.75
CA ILE J 34 -19.91 -30.30 -11.72
C ILE J 34 -19.18 -30.75 -10.45
N PHE J 35 -19.88 -30.74 -9.31
CA PHE J 35 -19.29 -31.25 -8.07
C PHE J 35 -18.91 -32.71 -8.25
N GLY J 36 -19.78 -33.46 -8.91
CA GLY J 36 -19.53 -34.86 -9.24
C GLY J 36 -18.21 -35.06 -9.99
N ILE J 37 -18.01 -34.28 -11.06
CA ILE J 37 -16.80 -34.37 -11.87
C ILE J 37 -15.60 -33.93 -11.05
N TRP J 38 -15.73 -32.86 -10.27
CA TRP J 38 -14.62 -32.44 -9.43
C TRP J 38 -14.26 -33.53 -8.41
N GLY J 39 -15.28 -34.28 -7.96
CA GLY J 39 -15.07 -35.35 -6.99
C GLY J 39 -14.29 -36.49 -7.61
N ALA J 40 -14.64 -36.82 -8.85
CA ALA J 40 -13.92 -37.78 -9.66
C ALA J 40 -12.46 -37.33 -9.85
N ALA J 41 -12.26 -36.06 -10.22
CA ALA J 41 -10.94 -35.50 -10.41
C ALA J 41 -10.12 -35.62 -9.11
N ALA J 42 -10.75 -35.32 -7.98
CA ALA J 42 -10.07 -35.38 -6.68
C ALA J 42 -9.76 -36.83 -6.33
N GLY J 43 -10.71 -37.73 -6.62
CA GLY J 43 -10.54 -39.16 -6.40
C GLY J 43 -9.40 -39.74 -7.21
N ILE J 44 -9.42 -39.51 -8.54
CA ILE J 44 -8.38 -39.96 -9.43
C ILE J 44 -7.04 -39.40 -8.96
N GLY J 45 -7.01 -38.11 -8.64
CA GLY J 45 -5.78 -37.44 -8.21
C GLY J 45 -5.22 -38.03 -6.92
N ALA J 46 -6.11 -38.22 -5.93
CA ALA J 46 -5.69 -38.73 -4.63
C ALA J 46 -5.13 -40.13 -4.79
N LEU J 47 -5.85 -40.97 -5.54
CA LEU J 47 -5.46 -42.36 -5.75
C LEU J 47 -4.12 -42.44 -6.48
N PHE J 48 -3.95 -41.56 -7.47
CA PHE J 48 -2.72 -41.47 -8.23
C PHE J 48 -1.56 -41.10 -7.30
N LEU J 49 -1.80 -40.19 -6.36
CA LEU J 49 -0.76 -39.74 -5.44
C LEU J 49 -0.29 -40.85 -4.51
N ILE J 50 -1.17 -41.80 -4.20
CA ILE J 50 -0.79 -42.83 -3.23
C ILE J 50 -0.65 -44.18 -3.93
N GLU J 51 -0.49 -44.14 -5.25
CA GLU J 51 -0.37 -45.36 -6.04
C GLU J 51 0.86 -46.16 -5.59
N GLY J 52 1.88 -45.45 -5.12
CA GLY J 52 3.12 -46.08 -4.66
C GLY J 52 2.96 -46.80 -3.33
N VAL J 53 2.03 -46.33 -2.49
CA VAL J 53 1.83 -46.92 -1.17
C VAL J 53 1.44 -48.39 -1.33
N PRO J 54 2.18 -49.33 -0.70
CA PRO J 54 1.90 -50.77 -0.82
C PRO J 54 0.47 -51.19 -0.51
N ARG J 55 -0.14 -50.55 0.50
CA ARG J 55 -1.50 -50.86 0.90
C ARG J 55 -2.51 -50.50 -0.19
N THR J 56 -2.27 -49.39 -0.90
CA THR J 56 -3.10 -48.97 -2.03
C THR J 56 -3.11 -50.04 -3.10
N ARG J 57 -1.94 -50.65 -3.35
CA ARG J 57 -1.78 -51.66 -4.38
C ARG J 57 -2.51 -52.91 -3.94
N GLN J 58 -2.21 -53.34 -2.71
CA GLN J 58 -2.76 -54.55 -2.12
C GLN J 58 -4.28 -54.51 -2.07
N ASP J 59 -4.86 -53.40 -1.58
CA ASP J 59 -6.29 -53.32 -1.27
C ASP J 59 -7.14 -52.77 -2.42
N ILE J 60 -6.57 -51.92 -3.27
CA ILE J 60 -7.38 -51.27 -4.29
C ILE J 60 -6.92 -51.75 -5.66
N LEU J 61 -5.69 -51.40 -6.02
CA LEU J 61 -5.26 -51.38 -7.41
C LEU J 61 -5.14 -52.80 -7.97
N SER J 62 -4.71 -53.76 -7.15
CA SER J 62 -4.47 -55.10 -7.64
C SER J 62 -5.78 -55.87 -7.85
N LYS J 63 -6.89 -55.32 -7.34
CA LYS J 63 -8.20 -55.95 -7.40
C LYS J 63 -8.96 -55.55 -8.66
N ILE J 64 -8.51 -54.49 -9.33
CA ILE J 64 -9.13 -54.03 -10.59
C ILE J 64 -8.97 -55.14 -11.64
N PRO J 65 -10.06 -55.55 -12.32
CA PRO J 65 -9.99 -56.64 -13.31
C PRO J 65 -9.12 -56.29 -14.51
N ILE J 66 -8.33 -57.29 -14.96
CA ILE J 66 -7.45 -57.23 -16.14
C ILE J 66 -6.19 -56.44 -15.78
N ILE J 67 -6.39 -55.15 -15.49
CA ILE J 67 -5.39 -54.13 -15.26
C ILE J 67 -4.62 -54.44 -13.97
N GLY J 68 -5.28 -55.12 -13.03
CA GLY J 68 -4.84 -55.25 -11.65
C GLY J 68 -3.54 -56.04 -11.49
N GLU J 69 -3.15 -56.75 -12.53
CA GLU J 69 -1.95 -57.58 -12.45
C GLU J 69 -0.70 -56.73 -12.59
N HIS J 70 -0.89 -55.48 -13.05
CA HIS J 70 0.19 -54.52 -13.12
C HIS J 70 0.81 -54.31 -11.73
N TRP J 71 0.02 -54.49 -10.66
CA TRP J 71 0.46 -54.17 -9.31
C TRP J 71 0.74 -55.42 -8.47
N ILE J 72 0.67 -56.60 -9.10
CA ILE J 72 1.04 -57.83 -8.42
C ILE J 72 2.46 -58.18 -8.85
N ARG J 73 3.43 -57.74 -8.05
CA ARG J 73 4.85 -57.95 -8.32
C ARG J 73 5.52 -58.51 -7.07
N GLU J 74 6.18 -59.66 -7.24
CA GLU J 74 6.96 -60.32 -6.20
C GLU J 74 8.45 -60.26 -6.52
N ILE J 75 9.24 -59.85 -5.52
CA ILE J 75 10.68 -60.00 -5.54
C ILE J 75 10.99 -61.47 -5.30
N PRO J 76 11.81 -62.12 -6.17
CA PRO J 76 12.26 -63.49 -5.92
C PRO J 76 13.02 -63.56 -4.58
N ALA J 77 12.80 -64.64 -3.83
CA ALA J 77 13.39 -64.85 -2.51
C ALA J 77 14.92 -64.79 -2.56
N SER J 78 15.49 -65.10 -3.73
CA SER J 78 16.93 -65.13 -3.95
C SER J 78 17.51 -63.73 -4.02
N ASP J 79 16.66 -62.71 -4.26
CA ASP J 79 17.14 -61.37 -4.56
C ASP J 79 16.75 -60.42 -3.44
N ASN J 80 16.19 -60.97 -2.35
CA ASN J 80 15.65 -60.13 -1.30
C ASN J 80 16.49 -60.32 -0.03
N PRO J 81 17.25 -59.30 0.43
CA PRO J 81 18.04 -59.45 1.65
C PRO J 81 17.17 -59.53 2.90
N PHE J 82 16.00 -58.87 2.85
CA PHE J 82 15.12 -58.82 4.00
C PHE J 82 14.06 -59.92 3.87
N MET K 1 8.44 15.17 2.25
CA MET K 1 7.93 13.94 2.98
C MET K 1 9.05 13.28 3.79
N ALA K 2 8.73 12.92 5.05
CA ALA K 2 9.64 12.22 5.94
C ALA K 2 10.12 10.90 5.32
N LEU K 3 11.40 10.60 5.49
CA LEU K 3 12.00 9.39 4.93
C LEU K 3 11.24 8.14 5.38
N ARG K 4 10.78 8.11 6.63
CA ARG K 4 10.09 6.95 7.17
C ARG K 4 8.81 6.67 6.38
N LYS K 5 8.28 7.68 5.67
CA LYS K 5 7.05 7.51 4.90
C LYS K 5 7.39 7.31 3.42
N LYS K 6 8.50 7.88 2.97
CA LYS K 6 8.85 7.96 1.56
C LYS K 6 9.43 6.63 1.09
N ASN K 7 10.38 6.11 1.85
CA ASN K 7 11.07 4.89 1.47
C ASN K 7 10.17 3.69 1.73
N SER K 8 9.98 2.83 0.74
CA SER K 8 8.99 1.78 0.85
C SER K 8 9.34 0.77 1.97
N LEU K 9 10.61 0.43 2.14
CA LEU K 9 10.97 -0.50 3.20
C LEU K 9 10.73 0.12 4.58
N LEU K 10 11.27 1.32 4.82
CA LEU K 10 11.09 2.03 6.08
C LEU K 10 9.61 2.23 6.36
N ASN K 11 8.84 2.49 5.30
CA ASN K 11 7.41 2.74 5.47
C ASN K 11 6.67 1.51 5.95
N MET K 12 7.12 0.31 5.58
CA MET K 12 6.50 -0.89 6.11
C MET K 12 6.75 -1.02 7.61
N ALA K 13 7.98 -0.78 8.06
CA ALA K 13 8.24 -0.82 9.49
C ALA K 13 7.41 0.27 10.18
N ASN K 14 7.42 1.48 9.59
CA ASN K 14 6.71 2.64 10.11
C ASN K 14 5.24 2.31 10.34
N SER K 15 4.63 1.66 9.35
CA SER K 15 3.20 1.36 9.40
C SER K 15 2.86 0.37 10.52
N TYR K 16 3.84 -0.39 11.02
CA TYR K 16 3.53 -1.39 12.02
C TYR K 16 4.00 -0.97 13.40
N VAL K 17 5.08 -0.19 13.50
CA VAL K 17 5.64 -0.02 14.83
C VAL K 17 5.67 1.45 15.25
N LEU K 18 5.43 2.37 14.32
CA LEU K 18 5.61 3.76 14.72
C LEU K 18 4.34 4.57 14.47
N ASP K 19 4.01 4.84 13.21
CA ASP K 19 2.82 5.61 12.89
C ASP K 19 1.54 4.79 13.02
N SER K 20 1.66 3.47 13.20
CA SER K 20 0.47 2.61 13.26
C SER K 20 -0.60 3.23 14.17
N PRO K 21 -1.81 3.59 13.67
CA PRO K 21 -2.82 4.21 14.52
C PRO K 21 -3.52 3.19 15.42
N GLN K 22 -3.42 3.40 16.73
CA GLN K 22 -3.96 2.44 17.68
C GLN K 22 -5.11 3.11 18.43
N PRO K 23 -6.07 2.34 18.99
CA PRO K 23 -7.07 2.91 19.90
C PRO K 23 -6.33 3.52 21.08
N SER K 24 -6.89 4.57 21.69
CA SER K 24 -6.18 5.19 22.78
C SER K 24 -6.44 4.45 24.10
N ASN K 25 -7.33 3.46 24.11
CA ASN K 25 -7.75 2.86 25.37
C ASN K 25 -7.39 1.37 25.48
N LEU K 26 -6.36 0.87 24.80
CA LEU K 26 -5.98 -0.54 24.98
C LEU K 26 -5.57 -0.75 26.43
N ASN K 27 -6.02 -1.85 27.04
CA ASN K 27 -5.66 -2.15 28.42
C ASN K 27 -4.47 -3.13 28.40
N TYR K 28 -4.02 -3.59 29.57
CA TYR K 28 -2.83 -4.43 29.66
C TYR K 28 -3.00 -5.80 28.99
N PHE K 29 -4.23 -6.26 28.75
CA PHE K 29 -4.42 -7.50 28.01
C PHE K 29 -4.04 -7.37 26.53
N TRP K 30 -3.84 -6.14 26.04
CA TRP K 30 -3.32 -5.95 24.69
C TRP K 30 -1.80 -6.06 24.68
N ASN K 31 -1.18 -6.40 25.82
CA ASN K 31 0.28 -6.48 25.81
C ASN K 31 0.77 -7.89 25.52
N PHE K 32 -0.12 -8.89 25.43
CA PHE K 32 0.34 -10.26 25.25
C PHE K 32 0.90 -10.51 23.85
N GLY K 33 0.41 -9.77 22.86
CA GLY K 33 0.95 -9.87 21.51
C GLY K 33 2.45 -9.58 21.49
N SER K 34 2.88 -8.50 22.14
CA SER K 34 4.30 -8.22 22.15
C SER K 34 5.05 -9.20 23.05
N LEU K 35 4.41 -9.71 24.12
CA LEU K 35 5.09 -10.75 24.89
C LEU K 35 5.27 -12.01 24.05
N LEU K 36 4.29 -12.36 23.22
CA LEU K 36 4.45 -13.51 22.35
C LEU K 36 5.60 -13.29 21.36
N ALA K 37 5.76 -12.05 20.88
CA ALA K 37 6.85 -11.76 19.96
C ALA K 37 8.18 -11.91 20.71
N LEU K 38 8.22 -11.48 21.97
CA LEU K 38 9.39 -11.65 22.82
C LEU K 38 9.72 -13.12 23.05
N CYS K 39 8.72 -13.95 23.38
CA CYS K 39 8.93 -15.38 23.54
C CYS K 39 9.51 -15.96 22.26
N LEU K 40 8.97 -15.51 21.12
CA LEU K 40 9.44 -16.08 19.87
C LEU K 40 10.91 -15.71 19.65
N VAL K 41 11.29 -14.48 19.95
CA VAL K 41 12.66 -14.03 19.78
C VAL K 41 13.57 -14.80 20.74
N ILE K 42 13.14 -14.98 21.99
CA ILE K 42 13.96 -15.73 22.93
C ILE K 42 14.14 -17.17 22.45
N GLN K 43 13.06 -17.82 22.00
CA GLN K 43 13.13 -19.20 21.55
C GLN K 43 14.03 -19.30 20.32
N LEU K 44 13.98 -18.32 19.41
CA LEU K 44 14.86 -18.41 18.26
C LEU K 44 16.32 -18.27 18.70
N ALA K 45 16.61 -17.29 19.57
CA ALA K 45 17.99 -17.06 19.95
C ALA K 45 18.51 -18.26 20.74
N THR K 46 17.75 -18.72 21.73
CA THR K 46 18.21 -19.81 22.57
C THR K 46 18.21 -21.11 21.78
N GLY K 47 17.20 -21.30 20.92
CA GLY K 47 17.08 -22.54 20.18
C GLY K 47 18.22 -22.72 19.17
N ILE K 48 18.55 -21.66 18.43
CA ILE K 48 19.63 -21.73 17.46
C ILE K 48 20.94 -22.01 18.21
N THR K 49 21.08 -21.41 19.38
CA THR K 49 22.27 -21.64 20.19
C THR K 49 22.34 -23.08 20.68
N LEU K 50 21.23 -23.61 21.21
CA LEU K 50 21.22 -25.01 21.59
C LEU K 50 21.59 -25.90 20.41
N ALA K 51 21.09 -25.59 19.21
CA ALA K 51 21.39 -26.37 18.02
C ALA K 51 22.89 -26.38 17.73
N MET K 52 23.65 -25.40 18.20
CA MET K 52 25.10 -25.42 17.97
C MET K 52 25.82 -26.43 18.86
N HIS K 53 25.12 -26.99 19.86
CA HIS K 53 25.77 -27.84 20.84
C HIS K 53 25.05 -29.17 20.96
N TYR K 54 23.92 -29.32 20.28
CA TYR K 54 23.07 -30.48 20.48
C TYR K 54 23.39 -31.52 19.40
N THR K 55 23.28 -32.80 19.72
CA THR K 55 23.47 -33.80 18.67
C THR K 55 22.17 -34.56 18.54
N SER K 56 21.63 -34.68 17.32
CA SER K 56 20.29 -35.24 17.15
C SER K 56 20.30 -36.78 17.13
N HIS K 57 21.47 -37.40 17.03
CA HIS K 57 21.55 -38.85 17.01
C HIS K 57 21.12 -39.44 18.35
N ALA K 58 20.28 -40.49 18.35
CA ALA K 58 19.73 -41.08 19.57
C ALA K 58 20.80 -41.60 20.53
N SER K 59 21.99 -41.94 20.02
CA SER K 59 23.02 -42.44 20.92
C SER K 59 23.68 -41.30 21.69
N LEU K 60 23.48 -40.06 21.24
CA LEU K 60 24.23 -38.94 21.79
C LEU K 60 23.32 -37.81 22.28
N ALA K 61 22.01 -37.86 21.98
CA ALA K 61 21.13 -36.71 22.18
C ALA K 61 21.05 -36.33 23.66
N PHE K 62 20.68 -37.30 24.51
CA PHE K 62 20.53 -37.05 25.93
C PHE K 62 21.86 -36.57 26.51
N ASP K 63 22.96 -37.22 26.11
CA ASP K 63 24.27 -36.80 26.58
C ASP K 63 24.65 -35.41 26.06
N SER K 64 24.18 -35.01 24.87
CA SER K 64 24.54 -33.68 24.39
C SER K 64 23.80 -32.63 25.22
N VAL K 65 22.61 -32.97 25.72
CA VAL K 65 21.92 -32.04 26.57
C VAL K 65 22.63 -31.92 27.93
N GLU K 66 23.13 -33.03 28.49
CA GLU K 66 23.96 -32.95 29.69
C GLU K 66 25.25 -32.17 29.45
N HIS K 67 25.86 -32.29 28.27
CA HIS K 67 27.04 -31.52 27.92
C HIS K 67 26.74 -30.03 27.94
N ILE K 68 25.58 -29.64 27.39
CA ILE K 68 25.12 -28.27 27.42
C ILE K 68 25.01 -27.79 28.88
N MET K 69 24.33 -28.56 29.74
CA MET K 69 24.15 -28.21 31.14
C MET K 69 25.49 -28.08 31.85
N ARG K 70 26.48 -28.93 31.54
CA ARG K 70 27.65 -29.04 32.41
C ARG K 70 28.89 -28.33 31.87
N ASP K 71 29.11 -28.34 30.54
CA ASP K 71 30.39 -27.96 29.97
C ASP K 71 30.32 -26.64 29.20
N VAL K 72 29.19 -26.40 28.53
CA VAL K 72 29.08 -25.21 27.69
C VAL K 72 28.94 -24.00 28.59
N ASN K 73 29.71 -22.93 28.32
CA ASN K 73 29.61 -21.71 29.12
C ASN K 73 28.20 -21.15 29.01
N PHE K 74 27.56 -20.94 30.18
CA PHE K 74 26.17 -20.51 30.29
C PHE K 74 25.21 -21.46 29.58
N GLY K 75 25.63 -22.70 29.34
CA GLY K 75 24.75 -23.67 28.71
C GLY K 75 23.53 -23.94 29.56
N TRP K 76 23.72 -23.95 30.89
CA TRP K 76 22.60 -24.19 31.80
C TRP K 76 21.54 -23.11 31.58
N PHE K 77 21.99 -21.87 31.39
CA PHE K 77 21.08 -20.75 31.29
C PHE K 77 20.29 -20.87 29.98
N ILE K 78 21.02 -21.13 28.90
CA ILE K 78 20.42 -21.19 27.58
C ILE K 78 19.42 -22.34 27.57
N ARG K 79 19.77 -23.46 28.19
CA ARG K 79 18.86 -24.59 28.20
C ARG K 79 17.63 -24.25 29.05
N TYR K 80 17.84 -23.74 30.26
CA TYR K 80 16.70 -23.46 31.12
C TYR K 80 15.83 -22.36 30.53
N ALA K 81 16.45 -21.33 29.94
CA ALA K 81 15.69 -20.28 29.28
C ALA K 81 14.80 -20.88 28.20
N HIS K 82 15.34 -21.78 27.38
CA HIS K 82 14.58 -22.36 26.29
C HIS K 82 13.43 -23.20 26.82
N ALA K 83 13.68 -24.02 27.84
CA ALA K 83 12.67 -24.91 28.40
C ALA K 83 11.57 -24.10 29.10
N ASN K 84 11.93 -23.07 29.87
CA ASN K 84 10.95 -22.31 30.61
C ASN K 84 10.16 -21.36 29.71
N THR K 85 10.84 -20.81 28.71
CA THR K 85 10.16 -19.91 27.78
C THR K 85 9.12 -20.67 26.97
N ALA K 86 9.33 -21.96 26.70
CA ALA K 86 8.28 -22.72 26.07
C ALA K 86 7.00 -22.67 26.91
N SER K 87 7.11 -22.80 28.24
CA SER K 87 5.95 -22.68 29.12
C SER K 87 5.38 -21.26 29.10
N PHE K 88 6.24 -20.24 29.16
CA PHE K 88 5.76 -18.87 29.15
C PHE K 88 5.04 -18.53 27.85
N PHE K 89 5.51 -19.14 26.74
CA PHE K 89 4.91 -18.95 25.43
C PHE K 89 3.46 -19.40 25.51
N PHE K 90 3.18 -20.52 26.17
CA PHE K 90 1.81 -20.99 26.28
C PHE K 90 0.98 -20.18 27.27
N ILE K 91 1.59 -19.69 28.36
CA ILE K 91 0.84 -18.81 29.23
C ILE K 91 0.39 -17.58 28.45
N CYS K 92 1.32 -16.98 27.71
CA CYS K 92 1.02 -15.77 26.96
C CYS K 92 0.01 -16.04 25.86
N ILE K 93 0.07 -17.22 25.24
CA ILE K 93 -0.82 -17.49 24.12
C ILE K 93 -2.23 -17.75 24.63
N TYR K 94 -2.37 -18.42 25.77
CA TYR K 94 -3.68 -18.61 26.36
C TYR K 94 -4.27 -17.28 26.79
N ALA K 95 -3.46 -16.38 27.36
CA ALA K 95 -3.91 -15.05 27.76
C ALA K 95 -4.38 -14.26 26.54
N HIS K 96 -3.60 -14.32 25.46
CA HIS K 96 -3.90 -13.62 24.23
C HIS K 96 -5.21 -14.15 23.64
N MET K 97 -5.38 -15.47 23.59
CA MET K 97 -6.60 -16.07 23.07
C MET K 97 -7.78 -15.77 23.99
N GLY K 98 -7.55 -15.78 25.32
CA GLY K 98 -8.58 -15.41 26.28
C GLY K 98 -9.05 -13.98 26.05
N ARG K 99 -8.11 -13.04 25.89
CA ARG K 99 -8.43 -11.67 25.56
C ARG K 99 -9.29 -11.65 24.29
N ASN K 100 -8.85 -12.34 23.24
CA ASN K 100 -9.56 -12.33 21.98
C ASN K 100 -11.00 -12.82 22.15
N ILE K 101 -11.22 -13.84 22.97
CA ILE K 101 -12.56 -14.39 23.10
C ILE K 101 -13.42 -13.46 23.95
N TYR K 102 -12.87 -12.93 25.04
CA TYR K 102 -13.62 -12.05 25.91
C TYR K 102 -14.05 -10.77 25.17
N TYR K 103 -13.14 -10.20 24.39
CA TYR K 103 -13.41 -8.90 23.77
C TYR K 103 -13.97 -9.02 22.36
N GLY K 104 -14.28 -10.23 21.90
CA GLY K 104 -14.92 -10.38 20.61
C GLY K 104 -13.98 -10.04 19.46
N SER K 105 -12.67 -10.28 19.65
CA SER K 105 -11.71 -9.97 18.60
C SER K 105 -11.90 -10.88 17.41
N TYR K 106 -12.67 -11.96 17.57
CA TYR K 106 -12.89 -12.86 16.45
C TYR K 106 -14.01 -12.35 15.54
N LYS K 107 -14.78 -11.36 15.96
CA LYS K 107 -15.93 -10.94 15.16
C LYS K 107 -15.46 -10.18 13.92
N THR K 108 -16.31 -10.17 12.88
CA THR K 108 -16.12 -9.30 11.75
C THR K 108 -15.77 -7.90 12.27
N PRO K 109 -14.83 -7.14 11.67
CA PRO K 109 -14.11 -7.56 10.47
C PRO K 109 -12.77 -8.21 10.75
N ARG K 110 -12.68 -8.99 11.83
CA ARG K 110 -11.38 -9.56 12.18
C ARG K 110 -11.43 -11.08 12.15
N VAL K 111 -12.27 -11.66 11.28
CA VAL K 111 -12.34 -13.12 11.19
C VAL K 111 -11.02 -13.67 10.66
N LEU K 112 -10.41 -12.99 9.69
CA LEU K 112 -9.22 -13.56 9.09
C LEU K 112 -8.03 -13.60 10.06
N PRO K 113 -7.66 -12.52 10.79
CA PRO K 113 -6.58 -12.64 11.77
C PRO K 113 -6.88 -13.68 12.84
N TRP K 114 -8.14 -13.83 13.22
CA TRP K 114 -8.47 -14.83 14.22
C TRP K 114 -8.23 -16.24 13.67
N SER K 115 -8.66 -16.48 12.43
CA SER K 115 -8.55 -17.79 11.80
C SER K 115 -7.09 -18.16 11.55
N ILE K 116 -6.27 -17.20 11.13
CA ILE K 116 -4.84 -17.47 11.01
C ILE K 116 -4.26 -17.75 12.40
N GLY K 117 -4.76 -17.01 13.40
CA GLY K 117 -4.34 -17.22 14.78
C GLY K 117 -4.57 -18.67 15.23
N VAL K 118 -5.71 -19.25 14.87
CA VAL K 118 -5.97 -20.64 15.24
C VAL K 118 -4.89 -21.56 14.68
N ILE K 119 -4.43 -21.29 13.45
CA ILE K 119 -3.34 -22.07 12.86
C ILE K 119 -2.02 -21.84 13.60
N ILE K 120 -1.72 -20.60 13.99
CA ILE K 120 -0.54 -20.33 14.78
C ILE K 120 -0.54 -21.21 16.02
N PHE K 121 -1.70 -21.33 16.67
CA PHE K 121 -1.80 -22.09 17.91
C PHE K 121 -1.46 -23.56 17.66
N LEU K 122 -2.00 -24.13 16.57
CA LEU K 122 -1.68 -25.50 16.17
C LEU K 122 -0.19 -25.65 15.87
N LEU K 123 0.42 -24.68 15.18
CA LEU K 123 1.84 -24.77 14.89
C LEU K 123 2.66 -24.73 16.17
N LEU K 124 2.25 -23.92 17.16
CA LEU K 124 2.97 -23.86 18.43
C LEU K 124 2.93 -25.22 19.11
N ILE K 125 1.78 -25.88 19.08
CA ILE K 125 1.63 -27.17 19.75
C ILE K 125 2.59 -28.17 19.12
N ILE K 126 2.61 -28.21 17.78
CA ILE K 126 3.45 -29.15 17.08
C ILE K 126 4.92 -28.83 17.36
N THR K 127 5.28 -27.53 17.31
CA THR K 127 6.65 -27.12 17.59
C THR K 127 7.06 -27.63 18.96
N ALA K 128 6.26 -27.34 19.99
CA ALA K 128 6.65 -27.64 21.35
C ALA K 128 6.70 -29.15 21.57
N PHE K 129 5.78 -29.89 20.94
CA PHE K 129 5.77 -31.34 21.09
C PHE K 129 7.07 -31.93 20.56
N MET K 130 7.48 -31.50 19.36
CA MET K 130 8.69 -32.04 18.78
C MET K 130 9.92 -31.61 19.57
N GLY K 131 9.93 -30.39 20.12
CA GLY K 131 11.12 -29.96 20.84
C GLY K 131 11.29 -30.79 22.11
N TYR K 132 10.17 -31.15 22.73
CA TYR K 132 10.23 -31.93 23.96
C TYR K 132 10.83 -33.32 23.72
N VAL K 133 10.60 -33.90 22.55
CA VAL K 133 11.14 -35.22 22.22
C VAL K 133 12.67 -35.17 22.11
N LEU K 134 13.24 -34.01 21.77
CA LEU K 134 14.66 -33.93 21.45
C LEU K 134 15.57 -34.31 22.61
N VAL K 135 15.09 -34.13 23.84
CA VAL K 135 15.88 -34.46 25.01
C VAL K 135 16.17 -35.96 25.03
N PHE K 136 15.21 -36.75 24.57
CA PHE K 136 15.32 -38.20 24.55
C PHE K 136 15.48 -38.75 25.97
N GLY K 137 14.79 -38.14 26.94
CA GLY K 137 14.58 -38.76 28.23
C GLY K 137 13.36 -39.70 28.19
N GLN K 138 12.97 -40.23 29.36
CA GLN K 138 11.84 -41.13 29.41
C GLN K 138 10.54 -40.48 28.94
N MET K 139 10.28 -39.24 29.37
CA MET K 139 9.02 -38.61 28.97
C MET K 139 9.05 -38.28 27.48
N SER K 140 10.21 -37.84 26.98
CA SER K 140 10.39 -37.62 25.56
C SER K 140 9.95 -38.83 24.76
N LEU K 141 10.52 -40.01 25.07
CA LEU K 141 10.26 -41.20 24.26
C LEU K 141 8.81 -41.62 24.38
N TRP K 142 8.33 -41.74 25.62
CA TRP K 142 7.03 -42.33 25.85
C TRP K 142 5.92 -41.38 25.43
N GLY K 143 6.17 -40.07 25.59
CA GLY K 143 5.24 -39.07 25.08
C GLY K 143 5.15 -39.17 23.56
N ALA K 144 6.30 -39.29 22.89
CA ALA K 144 6.28 -39.41 21.44
C ALA K 144 5.52 -40.68 21.05
N THR K 145 5.77 -41.78 21.76
CA THR K 145 5.14 -43.05 21.41
C THR K 145 3.62 -42.92 21.47
N VAL K 146 3.08 -42.41 22.58
CA VAL K 146 1.63 -42.43 22.71
C VAL K 146 0.99 -41.40 21.79
N ILE K 147 1.64 -40.26 21.60
CA ILE K 147 1.02 -39.21 20.81
C ILE K 147 1.04 -39.61 19.33
N CYS K 148 2.15 -40.19 18.87
CA CYS K 148 2.24 -40.59 17.47
C CYS K 148 1.35 -41.79 17.18
N ASN K 149 1.06 -42.62 18.19
CA ASN K 149 0.16 -43.74 17.99
C ASN K 149 -1.29 -43.32 17.81
N LEU K 150 -1.64 -42.06 18.11
CA LEU K 150 -2.99 -41.55 17.87
C LEU K 150 -3.30 -41.53 16.37
N VAL K 151 -2.27 -41.32 15.55
CA VAL K 151 -2.36 -41.33 14.09
C VAL K 151 -2.77 -42.72 13.59
N SER K 152 -2.48 -43.79 14.35
CA SER K 152 -2.90 -45.13 13.98
C SER K 152 -4.42 -45.26 13.89
N ALA K 153 -5.16 -44.24 14.35
CA ALA K 153 -6.61 -44.27 14.38
C ALA K 153 -7.19 -43.85 13.03
N ILE K 154 -6.40 -43.12 12.23
CA ILE K 154 -6.81 -42.80 10.88
C ILE K 154 -7.17 -44.12 10.21
N PRO K 155 -8.40 -44.25 9.64
CA PRO K 155 -8.85 -45.54 9.11
C PRO K 155 -8.01 -45.93 7.90
N TRP K 156 -7.80 -47.24 7.76
CA TRP K 156 -7.17 -47.87 6.59
C TRP K 156 -5.65 -47.64 6.56
N LEU K 157 -5.22 -46.38 6.50
CA LEU K 157 -3.81 -46.03 6.32
C LEU K 157 -3.09 -45.64 7.62
N GLY K 158 -3.80 -45.64 8.75
CA GLY K 158 -3.27 -45.10 9.99
C GLY K 158 -1.93 -45.69 10.44
N GLU K 159 -1.83 -47.03 10.46
CA GLU K 159 -0.61 -47.73 10.84
C GLU K 159 0.57 -47.40 9.92
N ASP K 160 0.32 -47.44 8.59
CA ASP K 160 1.32 -47.10 7.60
C ASP K 160 1.83 -45.69 7.80
N ILE K 161 0.93 -44.76 8.16
CA ILE K 161 1.32 -43.38 8.35
C ILE K 161 2.23 -43.27 9.58
N VAL K 162 1.92 -44.02 10.63
CA VAL K 162 2.73 -43.95 11.83
C VAL K 162 4.16 -44.43 11.55
N HIS K 163 4.29 -45.56 10.84
CA HIS K 163 5.59 -46.09 10.50
C HIS K 163 6.35 -45.13 9.61
N PHE K 164 5.60 -44.41 8.79
CA PHE K 164 6.18 -43.42 7.91
C PHE K 164 6.72 -42.25 8.72
N LEU K 165 5.94 -41.76 9.69
CA LEU K 165 6.35 -40.66 10.55
C LEU K 165 7.57 -41.04 11.39
N TRP K 166 7.58 -42.26 11.95
CA TRP K 166 8.67 -42.72 12.78
C TRP K 166 9.95 -42.99 11.99
N GLY K 167 9.79 -43.37 10.71
CA GLY K 167 10.90 -43.88 9.91
C GLY K 167 11.36 -45.26 10.40
N GLY K 168 10.42 -46.06 10.91
CA GLY K 168 10.75 -47.35 11.49
C GLY K 168 9.54 -47.93 12.21
N PHE K 169 9.79 -48.92 13.08
CA PHE K 169 8.69 -49.66 13.67
C PHE K 169 8.39 -49.20 15.08
N SER K 170 9.22 -48.30 15.59
CA SER K 170 8.97 -47.65 16.87
C SER K 170 9.71 -46.32 16.82
N VAL K 171 9.52 -45.51 17.87
CA VAL K 171 10.24 -44.26 18.02
C VAL K 171 11.69 -44.60 18.27
N GLY K 172 12.58 -44.06 17.43
CA GLY K 172 14.00 -44.35 17.56
C GLY K 172 14.83 -43.23 16.98
N ASN K 173 16.06 -43.56 16.58
CA ASN K 173 16.95 -42.59 15.97
C ASN K 173 16.33 -41.85 14.79
N PRO K 174 15.71 -42.52 13.79
CA PRO K 174 15.18 -41.80 12.62
C PRO K 174 14.16 -40.75 13.05
N THR K 175 13.37 -41.06 14.08
CA THR K 175 12.32 -40.19 14.56
C THR K 175 12.96 -38.96 15.20
N LEU K 176 13.98 -39.20 16.01
CA LEU K 176 14.63 -38.12 16.72
C LEU K 176 15.27 -37.15 15.73
N GLN K 177 15.94 -37.69 14.71
CA GLN K 177 16.64 -36.83 13.77
C GLN K 177 15.65 -36.04 12.93
N ARG K 178 14.53 -36.64 12.57
CA ARG K 178 13.59 -35.85 11.79
C ARG K 178 12.89 -34.82 12.67
N PHE K 179 12.66 -35.13 13.96
CA PHE K 179 12.04 -34.16 14.84
C PHE K 179 12.97 -32.96 15.05
N PHE K 180 14.27 -33.20 15.06
CA PHE K 180 15.18 -32.08 15.19
C PHE K 180 15.04 -31.13 14.00
N ALA K 181 15.05 -31.70 12.79
CA ALA K 181 15.01 -30.88 11.58
C ALA K 181 13.70 -30.10 11.56
N LEU K 182 12.60 -30.75 11.93
CA LEU K 182 11.31 -30.09 11.84
C LEU K 182 11.11 -29.12 13.00
N HIS K 183 11.67 -29.43 14.17
CA HIS K 183 11.60 -28.51 15.29
C HIS K 183 12.34 -27.21 14.96
N TYR K 184 13.45 -27.32 14.24
CA TYR K 184 14.20 -26.15 13.80
C TYR K 184 13.33 -25.32 12.83
N LEU K 185 12.65 -26.01 11.90
CA LEU K 185 11.91 -25.35 10.84
C LEU K 185 10.64 -24.65 11.37
N MET K 186 9.86 -25.36 12.18
CA MET K 186 8.50 -24.96 12.52
C MET K 186 8.43 -23.54 13.10
N PRO K 187 9.35 -23.09 13.99
CA PRO K 187 9.33 -21.70 14.44
C PRO K 187 9.44 -20.65 13.34
N PHE K 188 10.11 -20.97 12.23
CA PHE K 188 10.16 -20.04 11.12
C PHE K 188 8.80 -19.97 10.43
N VAL K 189 8.12 -21.12 10.31
CA VAL K 189 6.79 -21.16 9.74
C VAL K 189 5.84 -20.36 10.64
N LEU K 190 6.01 -20.55 11.95
CA LEU K 190 5.19 -19.87 12.93
C LEU K 190 5.38 -18.36 12.82
N ALA K 191 6.62 -17.90 12.68
CA ALA K 191 6.90 -16.47 12.52
C ALA K 191 6.18 -15.91 11.29
N VAL K 192 6.17 -16.68 10.19
CA VAL K 192 5.50 -16.24 8.99
C VAL K 192 4.00 -16.07 9.26
N PHE K 193 3.37 -17.06 9.89
CA PHE K 193 1.94 -16.98 10.17
C PHE K 193 1.63 -15.86 11.16
N ALA K 194 2.54 -15.62 12.11
CA ALA K 194 2.36 -14.50 13.03
C ALA K 194 2.36 -13.19 12.25
N LEU K 195 3.27 -13.07 11.28
CA LEU K 195 3.29 -11.86 10.46
C LEU K 195 2.00 -11.75 9.65
N LEU K 196 1.55 -12.87 9.06
CA LEU K 196 0.33 -12.87 8.26
C LEU K 196 -0.87 -12.42 9.09
N HIS K 197 -1.01 -12.88 10.34
CA HIS K 197 -2.19 -12.49 11.07
C HIS K 197 -2.15 -11.00 11.40
N LEU K 198 -0.97 -10.41 11.55
CA LEU K 198 -0.86 -8.98 11.78
C LEU K 198 -1.18 -8.17 10.52
N ILE K 199 -0.74 -8.67 9.36
CA ILE K 199 -1.07 -7.99 8.13
C ILE K 199 -2.58 -8.05 7.93
N ALA K 200 -3.19 -9.21 8.18
CA ALA K 200 -4.64 -9.30 8.07
C ALA K 200 -5.32 -8.33 9.05
N LEU K 201 -4.76 -8.16 10.26
CA LEU K 201 -5.38 -7.28 11.24
C LEU K 201 -5.32 -5.82 10.80
N HIS K 202 -4.32 -5.48 10.00
CA HIS K 202 -4.02 -4.09 9.74
C HIS K 202 -5.12 -3.42 8.92
N THR K 203 -5.98 -4.21 8.29
CA THR K 203 -7.09 -3.65 7.54
C THR K 203 -8.15 -3.03 8.45
N ALA K 204 -8.37 -3.61 9.64
CA ALA K 204 -9.39 -3.08 10.54
C ALA K 204 -8.75 -2.30 11.69
N GLY K 205 -7.47 -2.57 11.94
CA GLY K 205 -6.78 -2.14 13.15
C GLY K 205 -7.18 -2.98 14.36
N SER K 206 -6.45 -2.77 15.47
CA SER K 206 -6.78 -3.39 16.74
C SER K 206 -8.21 -3.07 17.16
N SER K 207 -8.87 -4.06 17.79
CA SER K 207 -10.10 -3.77 18.51
C SER K 207 -9.72 -3.08 19.83
N ASN K 208 -10.69 -2.83 20.69
CA ASN K 208 -10.38 -2.16 21.94
C ASN K 208 -11.33 -2.69 23.01
N PRO K 209 -11.08 -2.44 24.31
CA PRO K 209 -11.93 -3.02 25.35
C PRO K 209 -13.39 -2.58 25.35
N LEU K 210 -13.74 -1.48 24.67
CA LEU K 210 -15.13 -1.07 24.66
C LEU K 210 -15.90 -1.74 23.53
N GLY K 211 -15.18 -2.26 22.54
CA GLY K 211 -15.83 -2.91 21.40
C GLY K 211 -16.37 -1.92 20.36
N ILE K 212 -16.08 -0.63 20.52
CA ILE K 212 -16.57 0.37 19.58
C ILE K 212 -15.46 0.70 18.60
N THR K 213 -15.77 1.52 17.59
CA THR K 213 -14.75 1.99 16.67
C THR K 213 -13.73 2.87 17.40
N SER K 214 -12.47 2.79 16.97
CA SER K 214 -11.48 3.73 17.47
C SER K 214 -11.13 4.75 16.39
N ASN K 215 -11.82 4.70 15.24
CA ASN K 215 -11.49 5.61 14.16
C ASN K 215 -11.66 7.07 14.60
N VAL K 216 -12.43 7.29 15.66
CA VAL K 216 -12.70 8.63 16.16
C VAL K 216 -11.52 9.18 16.97
N ASP K 217 -10.59 8.34 17.44
CA ASP K 217 -9.62 8.75 18.45
C ASP K 217 -8.39 7.85 18.50
N LYS K 218 -7.42 8.13 17.62
CA LYS K 218 -6.29 7.22 17.45
C LYS K 218 -5.05 7.78 18.14
N LEU K 219 -4.17 6.87 18.57
CA LEU K 219 -2.88 7.20 19.16
C LEU K 219 -1.82 6.51 18.33
N SER K 220 -0.66 7.14 18.12
CA SER K 220 0.45 6.44 17.47
C SER K 220 0.92 5.28 18.35
N MET K 221 1.24 4.17 17.72
CA MET K 221 1.85 3.03 18.38
C MET K 221 3.07 3.48 19.21
N HIS K 222 3.92 4.34 18.63
CA HIS K 222 5.07 4.87 19.34
C HIS K 222 4.83 6.36 19.55
N PRO K 223 5.10 6.96 20.73
CA PRO K 223 5.72 6.26 21.85
C PRO K 223 4.79 5.53 22.83
N TYR K 224 3.48 5.62 22.67
CA TYR K 224 2.57 5.24 23.73
C TYR K 224 2.61 3.75 24.05
N TYR K 225 2.43 2.91 23.02
CA TYR K 225 2.37 1.50 23.29
C TYR K 225 3.76 0.88 23.38
N SER K 226 4.76 1.48 22.74
CA SER K 226 6.15 1.09 22.96
C SER K 226 6.50 1.11 24.44
N PHE K 227 6.23 2.23 25.11
CA PHE K 227 6.60 2.36 26.51
C PHE K 227 5.65 1.56 27.40
N LYS K 228 4.39 1.40 27.00
CA LYS K 228 3.50 0.55 27.78
C LYS K 228 3.90 -0.92 27.68
N ASP K 229 4.40 -1.35 26.51
CA ASP K 229 4.90 -2.72 26.33
C ASP K 229 6.13 -2.99 27.19
N LEU K 230 6.98 -1.98 27.44
CA LEU K 230 8.16 -2.17 28.27
C LEU K 230 7.80 -2.61 29.68
N ILE K 231 6.70 -2.10 30.23
CA ILE K 231 6.31 -2.49 31.57
C ILE K 231 6.10 -4.01 31.62
N THR K 232 5.36 -4.55 30.64
CA THR K 232 5.07 -5.96 30.72
C THR K 232 6.29 -6.78 30.32
N VAL K 233 7.15 -6.22 29.47
CA VAL K 233 8.40 -6.90 29.17
C VAL K 233 9.19 -7.10 30.46
N PHE K 234 9.30 -6.07 31.31
CA PHE K 234 10.07 -6.23 32.54
C PHE K 234 9.34 -7.08 33.57
N ALA K 235 8.01 -7.04 33.59
CA ALA K 235 7.27 -7.97 34.45
C ALA K 235 7.49 -9.41 34.01
N PHE K 236 7.51 -9.63 32.70
CA PHE K 236 7.75 -10.95 32.14
C PHE K 236 9.16 -11.42 32.52
N LEU K 237 10.15 -10.53 32.37
CA LEU K 237 11.53 -10.88 32.65
C LEU K 237 11.75 -11.18 34.13
N LEU K 238 10.96 -10.57 35.00
CA LEU K 238 11.02 -10.88 36.42
C LEU K 238 10.52 -12.30 36.66
N MET K 239 9.40 -12.67 36.05
CA MET K 239 8.86 -14.02 36.15
C MET K 239 9.87 -15.02 35.58
N PHE K 240 10.42 -14.68 34.41
CA PHE K 240 11.42 -15.50 33.74
C PHE K 240 12.59 -15.74 34.69
N THR K 241 13.10 -14.67 35.30
CA THR K 241 14.23 -14.73 36.21
C THR K 241 13.94 -15.67 37.37
N LEU K 242 12.76 -15.54 37.97
CA LEU K 242 12.44 -16.38 39.12
C LEU K 242 12.43 -17.86 38.74
N PHE K 243 11.95 -18.21 37.54
CA PHE K 243 11.98 -19.61 37.16
C PHE K 243 13.38 -20.02 36.74
N VAL K 244 13.99 -19.28 35.83
CA VAL K 244 15.24 -19.74 35.23
C VAL K 244 16.35 -19.81 36.27
N PHE K 245 16.42 -18.84 37.18
CA PHE K 245 17.57 -18.81 38.07
C PHE K 245 17.30 -19.49 39.41
N PHE K 246 16.05 -19.50 39.87
CA PHE K 246 15.77 -19.94 41.23
C PHE K 246 14.99 -21.25 41.27
N SER K 247 14.18 -21.52 40.25
CA SER K 247 13.45 -22.79 40.27
C SER K 247 13.38 -23.38 38.86
N PRO K 248 14.53 -23.69 38.21
CA PRO K 248 14.50 -24.00 36.78
C PRO K 248 13.75 -25.27 36.37
N ASP K 249 13.48 -26.16 37.33
CA ASP K 249 12.87 -27.44 37.01
C ASP K 249 11.43 -27.54 37.50
N LYS K 250 10.87 -26.46 38.06
CA LYS K 250 9.54 -26.48 38.65
C LYS K 250 8.47 -26.92 37.65
N LEU K 251 8.62 -26.52 36.38
CA LEU K 251 7.58 -26.77 35.40
C LEU K 251 7.80 -28.09 34.65
N GLY K 252 8.88 -28.81 34.97
CA GLY K 252 9.25 -29.99 34.22
C GLY K 252 8.92 -31.30 34.95
N HIS K 253 9.20 -32.41 34.27
CA HIS K 253 8.97 -33.74 34.81
C HIS K 253 10.31 -34.39 35.14
N PRO K 254 10.55 -34.83 36.40
CA PRO K 254 11.79 -35.51 36.76
C PRO K 254 12.18 -36.70 35.88
N ASP K 255 11.18 -37.39 35.33
CA ASP K 255 11.45 -38.56 34.50
C ASP K 255 12.19 -38.18 33.21
N ASN K 256 12.15 -36.91 32.82
CA ASN K 256 12.91 -36.54 31.64
C ASN K 256 14.41 -36.40 31.92
N TYR K 257 14.83 -36.63 33.18
CA TYR K 257 16.24 -36.74 33.47
C TYR K 257 16.68 -38.19 33.53
N ILE K 258 15.80 -39.10 33.09
CA ILE K 258 16.20 -40.49 32.94
C ILE K 258 16.35 -40.74 31.44
N PRO K 259 17.47 -41.29 30.91
CA PRO K 259 17.57 -41.58 29.47
C PRO K 259 16.44 -42.50 28.98
N ALA K 260 15.91 -42.22 27.78
CA ALA K 260 14.85 -43.01 27.16
C ALA K 260 15.18 -44.50 27.27
N ASN K 261 14.18 -45.29 27.67
CA ASN K 261 14.36 -46.73 27.78
C ASN K 261 13.10 -47.39 27.22
N PRO K 262 13.12 -47.96 25.99
CA PRO K 262 11.92 -48.58 25.42
C PRO K 262 11.32 -49.74 26.20
N MET K 263 12.13 -50.34 27.09
CA MET K 263 11.68 -51.44 27.90
C MET K 263 10.81 -50.93 29.05
N VAL K 264 11.39 -50.10 29.93
CA VAL K 264 10.71 -49.61 31.11
C VAL K 264 9.70 -48.52 30.71
N THR K 265 8.44 -48.72 31.13
CA THR K 265 7.40 -47.72 30.95
C THR K 265 7.34 -46.86 32.21
N PRO K 266 7.34 -45.51 32.09
CA PRO K 266 7.20 -44.64 33.25
C PRO K 266 5.83 -44.85 33.93
N ALA K 267 5.79 -44.53 35.23
CA ALA K 267 4.61 -44.68 36.06
C ALA K 267 3.40 -44.00 35.41
N SER K 268 3.53 -42.73 35.03
CA SER K 268 2.48 -42.03 34.31
C SER K 268 3.03 -41.24 33.13
N ILE K 269 2.43 -41.47 31.96
CA ILE K 269 2.83 -40.74 30.78
C ILE K 269 1.83 -39.60 30.61
N VAL K 270 2.29 -38.38 30.88
CA VAL K 270 1.46 -37.19 30.70
C VAL K 270 2.15 -36.25 29.73
N PRO K 271 1.41 -35.48 28.91
CA PRO K 271 2.02 -34.40 28.14
C PRO K 271 2.46 -33.25 29.05
N GLU K 272 3.20 -32.31 28.48
CA GLU K 272 3.50 -31.06 29.15
C GLU K 272 2.20 -30.36 29.54
N TRP K 273 2.27 -29.56 30.61
CA TRP K 273 1.08 -29.01 31.24
C TRP K 273 0.19 -28.28 30.23
N TYR K 274 0.78 -27.62 29.22
CA TYR K 274 -0.03 -26.78 28.35
C TYR K 274 -0.88 -27.61 27.40
N LEU K 275 -0.57 -28.90 27.25
CA LEU K 275 -1.39 -29.75 26.41
C LEU K 275 -2.41 -30.52 27.25
N LEU K 276 -2.44 -30.34 28.57
CA LEU K 276 -3.26 -31.24 29.38
C LEU K 276 -4.76 -31.13 29.10
N PRO K 277 -5.36 -29.95 28.85
CA PRO K 277 -6.80 -29.90 28.60
C PRO K 277 -7.23 -30.76 27.41
N PHE K 278 -6.40 -30.76 26.35
CA PHE K 278 -6.72 -31.50 25.15
C PHE K 278 -6.58 -32.99 25.41
N TYR K 279 -5.65 -33.36 26.28
CA TYR K 279 -5.52 -34.74 26.66
C TYR K 279 -6.74 -35.21 27.45
N ALA K 280 -7.26 -34.35 28.34
CA ALA K 280 -8.47 -34.71 29.07
C ALA K 280 -9.65 -34.91 28.13
N ILE K 281 -9.75 -34.07 27.08
CA ILE K 281 -10.83 -34.18 26.12
C ILE K 281 -10.70 -35.51 25.38
N LEU K 282 -9.48 -35.88 25.01
CA LEU K 282 -9.29 -37.14 24.31
C LEU K 282 -9.75 -38.32 25.19
N ARG K 283 -9.32 -38.35 26.45
CA ARG K 283 -9.67 -39.43 27.37
C ARG K 283 -11.19 -39.56 27.52
N ALA K 284 -11.91 -38.44 27.42
CA ALA K 284 -13.34 -38.44 27.69
C ALA K 284 -14.10 -39.34 26.71
N ILE K 285 -13.60 -39.43 25.47
CA ILE K 285 -14.30 -40.22 24.47
C ILE K 285 -13.74 -41.62 24.53
N PRO K 286 -14.55 -42.68 24.72
CA PRO K 286 -14.01 -44.04 24.83
C PRO K 286 -13.35 -44.59 23.56
N ASP K 287 -13.93 -44.26 22.39
CA ASP K 287 -13.41 -44.66 21.09
C ASP K 287 -12.08 -43.95 20.80
N LYS K 288 -11.12 -44.68 20.21
CA LYS K 288 -9.82 -44.15 19.81
C LYS K 288 -10.00 -43.02 18.78
N LEU K 289 -10.65 -43.33 17.66
CA LEU K 289 -10.80 -42.36 16.60
C LEU K 289 -11.65 -41.19 17.10
N GLY K 290 -12.75 -41.52 17.80
CA GLY K 290 -13.61 -40.54 18.43
C GLY K 290 -12.80 -39.55 19.27
N GLY K 291 -11.91 -40.09 20.10
CA GLY K 291 -11.08 -39.29 20.99
C GLY K 291 -10.17 -38.35 20.20
N VAL K 292 -9.62 -38.84 19.09
CA VAL K 292 -8.68 -38.04 18.33
C VAL K 292 -9.46 -36.90 17.67
N ILE K 293 -10.63 -37.23 17.13
CA ILE K 293 -11.46 -36.25 16.46
C ILE K 293 -11.86 -35.16 17.45
N ALA K 294 -12.33 -35.56 18.64
CA ALA K 294 -12.74 -34.61 19.67
C ALA K 294 -11.58 -33.69 20.04
N MET K 295 -10.37 -34.25 20.14
CA MET K 295 -9.23 -33.48 20.58
C MET K 295 -8.91 -32.41 19.53
N VAL K 296 -8.98 -32.78 18.25
CA VAL K 296 -8.68 -31.86 17.17
C VAL K 296 -9.80 -30.82 17.05
N ALA K 297 -11.05 -31.30 17.13
CA ALA K 297 -12.23 -30.46 17.09
C ALA K 297 -12.22 -29.42 18.21
N ALA K 298 -11.63 -29.76 19.37
CA ALA K 298 -11.55 -28.82 20.48
C ALA K 298 -10.74 -27.57 20.10
N ILE K 299 -9.83 -27.72 19.13
CA ILE K 299 -9.12 -26.55 18.69
C ILE K 299 -9.80 -25.96 17.47
N LEU K 300 -10.23 -26.82 16.54
CA LEU K 300 -10.79 -26.29 15.31
C LEU K 300 -12.13 -25.58 15.54
N ILE K 301 -12.83 -25.92 16.64
CA ILE K 301 -14.10 -25.30 16.95
C ILE K 301 -13.96 -23.80 17.22
N LEU K 302 -12.74 -23.34 17.56
CA LEU K 302 -12.49 -21.91 17.70
C LEU K 302 -12.87 -21.16 16.42
N LEU K 303 -12.78 -21.84 15.27
CA LEU K 303 -13.05 -21.23 13.98
C LEU K 303 -14.53 -20.86 13.82
N ILE K 304 -15.42 -21.39 14.67
CA ILE K 304 -16.83 -21.11 14.47
C ILE K 304 -17.32 -20.00 15.40
N LEU K 305 -16.46 -19.50 16.28
CA LEU K 305 -16.91 -18.40 17.15
C LEU K 305 -17.53 -17.26 16.33
N PRO K 306 -16.99 -16.84 15.18
CA PRO K 306 -17.61 -15.76 14.41
C PRO K 306 -19.06 -16.05 14.03
N ILE K 307 -19.43 -17.32 13.93
CA ILE K 307 -20.78 -17.70 13.53
C ILE K 307 -21.71 -17.85 14.73
N VAL K 308 -21.23 -18.49 15.79
CA VAL K 308 -22.13 -18.87 16.87
C VAL K 308 -22.37 -17.71 17.83
N ASP K 309 -21.49 -16.70 17.81
CA ASP K 309 -21.76 -15.50 18.59
C ASP K 309 -22.76 -14.64 17.84
N ARG K 310 -24.01 -14.56 18.32
CA ARG K 310 -25.05 -13.89 17.57
C ARG K 310 -25.23 -12.44 18.03
N SER K 311 -24.32 -11.94 18.85
CA SER K 311 -24.50 -10.65 19.49
C SER K 311 -24.42 -9.53 18.46
N ILE K 312 -25.19 -8.46 18.68
CA ILE K 312 -25.05 -7.27 17.86
C ILE K 312 -23.97 -6.35 18.42
N ILE K 313 -23.36 -6.75 19.55
CA ILE K 313 -22.35 -5.93 20.21
C ILE K 313 -21.05 -6.71 20.30
N ARG K 314 -19.90 -6.04 20.09
CA ARG K 314 -18.63 -6.73 20.13
C ARG K 314 -18.12 -6.78 21.56
N GLY K 315 -17.86 -8.00 22.07
CA GLY K 315 -17.10 -8.21 23.29
C GLY K 315 -17.97 -8.20 24.54
N ASN K 316 -17.37 -8.49 25.70
CA ASN K 316 -18.14 -8.82 26.88
C ASN K 316 -18.19 -7.69 27.89
N ALA K 317 -17.53 -6.56 27.65
CA ALA K 317 -17.44 -5.55 28.71
C ALA K 317 -18.81 -5.15 29.26
N PHE K 318 -19.84 -5.15 28.41
CA PHE K 318 -21.15 -4.68 28.83
C PHE K 318 -22.16 -5.82 28.89
N LYS K 319 -21.70 -7.06 29.01
CA LYS K 319 -22.64 -8.17 28.93
C LYS K 319 -22.49 -9.02 30.19
N PRO K 320 -23.23 -8.72 31.28
CA PRO K 320 -23.09 -9.49 32.52
C PRO K 320 -23.24 -11.00 32.37
N ILE K 321 -24.21 -11.46 31.57
CA ILE K 321 -24.44 -12.89 31.45
C ILE K 321 -23.31 -13.55 30.67
N SER K 322 -22.90 -12.94 29.54
CA SER K 322 -21.77 -13.43 28.79
C SER K 322 -20.52 -13.48 29.66
N LYS K 323 -20.33 -12.50 30.55
CA LYS K 323 -19.14 -12.49 31.39
C LYS K 323 -19.14 -13.68 32.34
N LEU K 324 -20.31 -14.03 32.87
CA LEU K 324 -20.40 -15.15 33.78
C LEU K 324 -20.14 -16.46 33.04
N LEU K 325 -20.76 -16.61 31.87
CA LEU K 325 -20.54 -17.78 31.02
C LEU K 325 -19.05 -17.91 30.67
N PHE K 326 -18.40 -16.79 30.32
CA PHE K 326 -16.99 -16.80 29.98
C PHE K 326 -16.18 -17.30 31.17
N GLY K 327 -16.52 -16.83 32.37
CA GLY K 327 -15.83 -17.22 33.58
C GLY K 327 -15.89 -18.73 33.80
N PHE K 328 -17.09 -19.30 33.62
CA PHE K 328 -17.28 -20.73 33.76
C PHE K 328 -16.52 -21.50 32.68
N PHE K 329 -16.53 -20.99 31.45
CA PHE K 329 -15.80 -21.61 30.36
C PHE K 329 -14.30 -21.67 30.69
N ILE K 330 -13.73 -20.56 31.18
CA ILE K 330 -12.30 -20.52 31.45
C ILE K 330 -11.95 -21.48 32.58
N CYS K 331 -12.73 -21.47 33.66
CA CYS K 331 -12.44 -22.32 34.81
C CYS K 331 -12.59 -23.81 34.45
N ASN K 332 -13.56 -24.12 33.59
CA ASN K 332 -13.74 -25.46 33.06
C ASN K 332 -12.51 -25.88 32.27
N PHE K 333 -11.93 -24.96 31.50
CA PHE K 333 -10.74 -25.27 30.73
C PHE K 333 -9.57 -25.59 31.66
N LEU K 334 -9.47 -24.88 32.78
CA LEU K 334 -8.44 -25.16 33.78
C LEU K 334 -8.68 -26.51 34.47
N LEU K 335 -9.95 -26.81 34.79
CA LEU K 335 -10.27 -28.11 35.38
C LEU K 335 -9.92 -29.23 34.41
N LEU K 336 -10.24 -29.08 33.12
CA LEU K 336 -9.81 -30.05 32.13
C LEU K 336 -8.30 -30.26 32.21
N GLY K 337 -7.54 -29.16 32.34
CA GLY K 337 -6.09 -29.24 32.47
C GLY K 337 -5.69 -30.11 33.66
N VAL K 338 -6.28 -29.85 34.82
CA VAL K 338 -6.02 -30.66 36.00
C VAL K 338 -6.38 -32.11 35.76
N LEU K 339 -7.54 -32.38 35.12
CA LEU K 339 -7.97 -33.76 34.89
C LEU K 339 -7.09 -34.49 33.87
N GLY K 340 -6.35 -33.73 33.06
CA GLY K 340 -5.43 -34.37 32.13
C GLY K 340 -4.26 -35.06 32.84
N GLN K 341 -4.00 -34.69 34.10
CA GLN K 341 -2.82 -35.26 34.75
C GLN K 341 -3.18 -36.15 35.95
N VAL K 342 -4.46 -36.34 36.24
CA VAL K 342 -4.85 -37.31 37.25
C VAL K 342 -4.78 -38.71 36.64
N HIS K 343 -4.82 -39.74 37.50
CA HIS K 343 -4.90 -41.10 37.01
C HIS K 343 -6.31 -41.37 36.48
N ILE K 344 -6.41 -42.26 35.50
CA ILE K 344 -7.71 -42.69 34.98
C ILE K 344 -8.38 -43.56 36.05
N GLU K 345 -9.08 -42.90 36.97
CA GLU K 345 -9.66 -43.53 38.14
C GLU K 345 -10.98 -42.84 38.47
N PRO K 346 -11.93 -43.50 39.17
CA PRO K 346 -13.10 -42.79 39.71
C PRO K 346 -12.68 -41.77 40.76
N PRO K 347 -13.40 -40.63 40.91
CA PRO K 347 -14.51 -40.28 40.02
C PRO K 347 -14.10 -39.37 38.88
N PHE K 348 -12.81 -39.38 38.53
CA PHE K 348 -12.31 -38.40 37.58
C PHE K 348 -12.72 -38.75 36.16
N ILE K 349 -13.11 -40.01 35.93
CA ILE K 349 -13.47 -40.43 34.59
C ILE K 349 -14.74 -39.70 34.14
N VAL K 350 -15.77 -39.75 34.98
CA VAL K 350 -17.06 -39.13 34.68
C VAL K 350 -16.93 -37.60 34.70
N LEU K 351 -16.19 -37.07 35.67
CA LEU K 351 -15.97 -35.62 35.73
C LEU K 351 -15.36 -35.11 34.42
N GLY K 352 -14.40 -35.86 33.87
CA GLY K 352 -13.73 -35.46 32.63
C GLY K 352 -14.71 -35.39 31.46
N GLN K 353 -15.71 -36.28 31.49
CA GLN K 353 -16.73 -36.35 30.46
C GLN K 353 -17.68 -35.17 30.57
N ILE K 354 -18.09 -34.86 31.81
CA ILE K 354 -18.94 -33.71 32.03
C ILE K 354 -18.24 -32.43 31.58
N CYS K 355 -16.97 -32.24 32.00
CA CYS K 355 -16.22 -31.07 31.60
C CYS K 355 -16.03 -30.98 30.08
N THR K 356 -15.85 -32.13 29.42
CA THR K 356 -15.73 -32.14 27.97
C THR K 356 -17.04 -31.70 27.33
N ILE K 357 -18.17 -32.19 27.85
CA ILE K 357 -19.46 -31.79 27.30
C ILE K 357 -19.64 -30.28 27.48
N PHE K 358 -19.27 -29.77 28.66
CA PHE K 358 -19.40 -28.34 28.90
C PHE K 358 -18.53 -27.54 27.93
N TYR K 359 -17.30 -28.00 27.69
CA TYR K 359 -16.40 -27.30 26.78
C TYR K 359 -17.06 -27.11 25.42
N PHE K 360 -17.64 -28.18 24.86
CA PHE K 360 -18.20 -28.09 23.52
C PHE K 360 -19.52 -27.34 23.52
N SER K 361 -20.28 -27.45 24.62
CA SER K 361 -21.59 -26.84 24.66
C SER K 361 -21.50 -25.32 24.76
N TYR K 362 -20.36 -24.80 25.22
CA TYR K 362 -20.13 -23.37 25.18
C TYR K 362 -20.27 -22.88 23.74
N PHE K 363 -19.58 -23.52 22.81
CA PHE K 363 -19.62 -23.08 21.42
C PHE K 363 -20.96 -23.39 20.78
N LEU K 364 -21.55 -24.54 21.11
CA LEU K 364 -22.60 -25.05 20.25
C LEU K 364 -23.99 -24.64 20.74
N ILE K 365 -24.09 -24.36 22.04
CA ILE K 365 -25.41 -24.17 22.64
C ILE K 365 -25.44 -22.87 23.42
N LEU K 366 -24.54 -22.75 24.40
CA LEU K 366 -24.66 -21.68 25.40
C LEU K 366 -24.38 -20.31 24.79
N LEU K 367 -23.28 -20.17 24.06
CA LEU K 367 -22.95 -18.86 23.51
C LEU K 367 -24.02 -18.42 22.52
N PRO K 368 -24.49 -19.26 21.55
CA PRO K 368 -25.59 -18.85 20.70
C PRO K 368 -26.86 -18.47 21.46
N MET K 369 -27.20 -19.20 22.54
CA MET K 369 -28.41 -18.87 23.27
C MET K 369 -28.25 -17.58 24.07
N VAL K 370 -27.13 -17.47 24.80
CA VAL K 370 -26.92 -16.33 25.68
C VAL K 370 -26.83 -15.06 24.84
N SER K 371 -26.13 -15.15 23.70
CA SER K 371 -25.93 -13.96 22.90
C SER K 371 -27.24 -13.51 22.25
N THR K 372 -28.13 -14.46 21.89
CA THR K 372 -29.45 -14.14 21.37
C THR K 372 -30.29 -13.41 22.43
N ILE K 373 -30.32 -13.96 23.65
CA ILE K 373 -31.08 -13.39 24.74
C ILE K 373 -30.56 -12.00 25.14
N GLU K 374 -29.24 -11.84 25.14
CA GLU K 374 -28.70 -10.54 25.53
C GLU K 374 -29.08 -9.46 24.51
N ASN K 375 -29.13 -9.82 23.22
CA ASN K 375 -29.57 -8.89 22.20
C ASN K 375 -30.95 -8.35 22.59
N ILE K 376 -31.86 -9.25 22.96
CA ILE K 376 -33.23 -8.87 23.27
C ILE K 376 -33.26 -8.02 24.54
N PHE K 377 -32.46 -8.38 25.54
CA PHE K 377 -32.40 -7.61 26.78
C PHE K 377 -31.88 -6.20 26.53
N PHE K 378 -30.87 -6.05 25.65
CA PHE K 378 -30.38 -4.70 25.40
C PHE K 378 -31.47 -3.84 24.78
N TYR K 379 -32.22 -4.42 23.83
CA TYR K 379 -33.22 -3.67 23.09
C TYR K 379 -34.39 -3.32 24.00
N ILE K 380 -34.96 -4.32 24.68
CA ILE K 380 -36.13 -4.09 25.51
C ILE K 380 -35.74 -3.24 26.72
N GLY K 381 -34.57 -3.52 27.30
CA GLY K 381 -34.14 -2.86 28.52
C GLY K 381 -33.90 -1.36 28.32
N SER K 382 -33.59 -0.96 27.09
CA SER K 382 -33.26 0.44 26.86
C SER K 382 -34.42 1.20 26.20
N LEU K 383 -35.48 0.50 25.79
CA LEU K 383 -36.71 1.18 25.37
C LEU K 383 -37.08 2.08 26.55
N GLY L 39 -1.79 3.82 -42.20
CA GLY L 39 -0.94 5.06 -42.32
C GLY L 39 -1.61 6.30 -41.72
N LYS L 40 -2.94 6.36 -41.87
CA LYS L 40 -3.75 7.43 -41.31
C LYS L 40 -5.09 6.89 -40.82
N SER L 41 -5.86 6.22 -41.70
CA SER L 41 -7.15 5.70 -41.28
C SER L 41 -6.96 4.60 -40.24
N THR L 42 -7.68 4.70 -39.12
CA THR L 42 -7.58 3.65 -38.10
C THR L 42 -8.60 2.53 -38.34
N TYR L 43 -9.46 2.67 -39.35
CA TYR L 43 -10.44 1.64 -39.69
C TYR L 43 -9.85 0.64 -40.66
N LYS L 44 -8.70 0.98 -41.24
CA LYS L 44 -8.06 0.02 -42.10
C LYS L 44 -7.11 -0.83 -41.25
N ILE L 45 -7.56 -2.04 -40.91
CA ILE L 45 -6.79 -2.88 -40.01
C ILE L 45 -5.45 -3.20 -40.67
N PRO L 46 -4.32 -3.10 -39.94
CA PRO L 46 -3.03 -3.55 -40.46
C PRO L 46 -3.09 -5.00 -40.93
N ASP L 47 -2.13 -5.38 -41.76
CA ASP L 47 -2.18 -6.69 -42.39
C ASP L 47 -1.81 -7.77 -41.39
N PHE L 48 -2.75 -8.70 -41.13
CA PHE L 48 -2.50 -9.83 -40.25
C PHE L 48 -2.52 -11.16 -41.00
N THR L 49 -2.57 -11.11 -42.33
CA THR L 49 -2.68 -12.31 -43.17
C THR L 49 -1.49 -13.26 -42.97
N PRO L 50 -0.22 -12.80 -42.77
CA PRO L 50 0.86 -13.74 -42.45
C PRO L 50 0.63 -14.60 -41.21
N TYR L 51 -0.31 -14.21 -40.33
CA TYR L 51 -0.47 -14.95 -39.09
C TYR L 51 -1.82 -15.64 -38.96
N LEU L 52 -2.84 -15.11 -39.65
CA LEU L 52 -4.22 -15.54 -39.44
C LEU L 52 -4.41 -16.99 -39.89
N LYS L 53 -5.10 -17.79 -39.07
CA LYS L 53 -5.55 -19.09 -39.53
C LYS L 53 -6.94 -18.94 -40.14
N LYS L 54 -7.20 -19.65 -41.24
CA LYS L 54 -8.51 -19.64 -41.85
C LYS L 54 -9.54 -20.31 -40.92
N ASP L 55 -9.15 -21.43 -40.30
CA ASP L 55 -10.04 -22.18 -39.44
C ASP L 55 -9.81 -21.70 -38.01
N ARG L 56 -10.13 -20.45 -37.70
CA ARG L 56 -9.82 -19.95 -36.38
C ARG L 56 -11.02 -20.15 -35.44
N ASN L 57 -12.22 -20.27 -36.02
CA ASN L 57 -13.42 -20.35 -35.24
C ASN L 57 -13.87 -21.80 -34.99
N THR L 58 -13.17 -22.79 -35.56
CA THR L 58 -13.62 -24.18 -35.47
C THR L 58 -13.23 -24.80 -34.14
N ASP L 59 -14.02 -25.80 -33.72
CA ASP L 59 -13.72 -26.60 -32.55
C ASP L 59 -12.41 -27.36 -32.70
N ALA L 60 -12.11 -27.84 -33.92
CA ALA L 60 -10.85 -28.53 -34.15
C ALA L 60 -9.67 -27.63 -33.82
N ASN L 61 -9.79 -26.34 -34.17
CA ASN L 61 -8.72 -25.38 -33.94
C ASN L 61 -8.46 -25.22 -32.44
N ARG L 62 -9.53 -25.03 -31.66
CA ARG L 62 -9.37 -24.83 -30.22
C ARG L 62 -8.83 -26.10 -29.56
N LEU L 63 -9.39 -27.24 -29.98
CA LEU L 63 -9.08 -28.54 -29.41
C LEU L 63 -7.59 -28.82 -29.57
N PHE L 64 -7.00 -28.42 -30.70
CA PHE L 64 -5.58 -28.67 -30.87
C PHE L 64 -4.76 -28.00 -29.78
N SER L 65 -5.05 -26.71 -29.51
CA SER L 65 -4.28 -25.96 -28.53
CA SER L 65 -4.32 -25.93 -28.52
C SER L 65 -4.54 -26.48 -27.12
N TYR L 66 -5.74 -27.03 -26.87
CA TYR L 66 -6.00 -27.58 -25.56
C TYR L 66 -5.37 -28.96 -25.42
N PHE L 67 -5.13 -29.64 -26.54
CA PHE L 67 -4.38 -30.88 -26.51
C PHE L 67 -2.95 -30.62 -26.03
N MET L 68 -2.32 -29.56 -26.56
CA MET L 68 -0.98 -29.15 -26.13
C MET L 68 -0.98 -28.75 -24.65
N ILE L 69 -1.93 -27.89 -24.25
CA ILE L 69 -2.04 -27.48 -22.86
C ILE L 69 -2.27 -28.70 -21.97
N GLY L 70 -3.19 -29.58 -22.40
CA GLY L 70 -3.53 -30.78 -21.65
C GLY L 70 -2.35 -31.75 -21.52
N SER L 71 -1.58 -31.93 -22.60
CA SER L 71 -0.41 -32.79 -22.55
C SER L 71 0.62 -32.24 -21.58
N PHE L 72 0.73 -30.92 -21.57
CA PHE L 72 1.69 -30.29 -20.69
C PHE L 72 1.24 -30.48 -19.24
N GLY L 73 -0.06 -30.34 -19.00
CA GLY L 73 -0.62 -30.56 -17.68
C GLY L 73 -0.46 -32.03 -17.27
N MET L 74 -0.56 -32.93 -18.27
CA MET L 74 -0.49 -34.36 -17.99
C MET L 74 0.92 -34.72 -17.55
N LEU L 75 1.93 -34.27 -18.31
CA LEU L 75 3.31 -34.56 -17.96
C LEU L 75 3.71 -33.88 -16.65
N SER L 76 3.16 -32.70 -16.39
CA SER L 76 3.45 -32.01 -15.14
C SER L 76 2.84 -32.78 -13.96
N ALA L 77 1.64 -33.33 -14.13
CA ALA L 77 1.02 -34.16 -13.09
C ALA L 77 1.82 -35.44 -12.87
N ALA L 78 2.22 -36.10 -13.97
CA ALA L 78 2.97 -37.34 -13.85
C ALA L 78 4.34 -37.08 -13.23
N GLY L 79 4.98 -35.98 -13.62
CA GLY L 79 6.28 -35.58 -13.10
C GLY L 79 6.22 -35.19 -11.64
N ALA L 80 5.19 -34.42 -11.24
CA ALA L 80 4.99 -34.07 -9.84
C ALA L 80 4.77 -35.31 -8.99
N LYS L 81 3.92 -36.22 -9.47
CA LYS L 81 3.63 -37.43 -8.72
C LYS L 81 4.92 -38.24 -8.50
N ALA L 82 5.71 -38.41 -9.57
CA ALA L 82 6.94 -39.18 -9.49
C ALA L 82 7.91 -38.52 -8.52
N THR L 83 7.98 -37.18 -8.59
CA THR L 83 8.92 -36.42 -7.80
C THR L 83 8.53 -36.55 -6.33
N VAL L 84 7.26 -36.30 -6.03
CA VAL L 84 6.75 -36.35 -4.68
C VAL L 84 6.96 -37.74 -4.10
N GLN L 85 6.61 -38.78 -4.85
CA GLN L 85 6.70 -40.16 -4.37
C GLN L 85 8.14 -40.53 -4.06
N ASP L 86 9.06 -40.27 -5.00
CA ASP L 86 10.45 -40.66 -4.84
C ASP L 86 11.05 -39.88 -3.68
N PHE L 87 10.80 -38.58 -3.68
CA PHE L 87 11.38 -37.69 -2.69
C PHE L 87 10.91 -38.05 -1.28
N LEU L 88 9.59 -38.19 -1.07
CA LEU L 88 9.07 -38.42 0.26
C LEU L 88 9.41 -39.81 0.79
N SER L 89 9.75 -40.73 -0.11
CA SER L 89 10.10 -42.08 0.34
C SER L 89 11.34 -42.06 1.23
N ASN L 90 12.12 -40.97 1.23
CA ASN L 90 13.26 -40.84 2.12
C ASN L 90 12.82 -41.00 3.58
N MET L 91 11.56 -40.69 3.87
CA MET L 91 11.11 -40.72 5.25
C MET L 91 10.67 -42.12 5.69
N SER L 92 10.46 -43.03 4.74
CA SER L 92 10.14 -44.41 5.08
C SER L 92 11.41 -45.11 5.59
N ALA L 93 11.26 -46.20 6.36
CA ALA L 93 12.39 -46.92 6.94
C ALA L 93 13.52 -47.12 5.93
N SER L 94 14.72 -46.68 6.29
CA SER L 94 15.90 -46.85 5.46
C SER L 94 16.36 -48.31 5.51
N ALA L 95 17.27 -48.67 4.59
CA ALA L 95 17.70 -50.05 4.38
C ALA L 95 18.31 -50.65 5.64
N ASP L 96 19.05 -49.84 6.40
CA ASP L 96 19.67 -50.31 7.63
C ASP L 96 18.62 -50.57 8.70
N VAL L 97 17.52 -49.78 8.71
CA VAL L 97 16.44 -49.99 9.66
C VAL L 97 15.68 -51.27 9.29
N LEU L 98 15.41 -51.47 7.99
CA LEU L 98 14.69 -52.66 7.54
C LEU L 98 15.51 -53.93 7.77
N ALA L 99 16.84 -53.81 7.78
CA ALA L 99 17.71 -54.96 7.97
C ALA L 99 17.61 -55.51 9.39
N MET L 100 17.28 -54.65 10.35
CA MET L 100 17.24 -54.99 11.77
C MET L 100 15.83 -55.34 12.22
N ALA L 101 14.92 -55.64 11.29
CA ALA L 101 13.51 -55.77 11.63
C ALA L 101 13.06 -57.24 11.80
N ALA M 2 -26.52 -11.61 14.50
CA ALA M 2 -28.00 -11.38 14.27
C ALA M 2 -28.21 -9.98 13.69
N SER M 3 -29.21 -9.89 12.80
CA SER M 3 -29.62 -8.61 12.23
C SER M 3 -30.42 -7.84 13.27
N ILE M 4 -30.35 -6.50 13.18
CA ILE M 4 -31.18 -5.66 14.03
C ILE M 4 -32.65 -6.01 13.81
N THR M 5 -33.01 -6.28 12.55
CA THR M 5 -34.37 -6.67 12.21
C THR M 5 -34.84 -7.82 13.08
N SER M 6 -34.04 -8.91 13.15
CA SER M 6 -34.39 -10.07 13.97
C SER M 6 -34.67 -9.66 15.40
N VAL M 7 -33.76 -8.83 15.94
CA VAL M 7 -33.78 -8.52 17.34
C VAL M 7 -35.04 -7.72 17.62
N VAL M 8 -35.35 -6.80 16.70
CA VAL M 8 -36.50 -5.93 16.89
C VAL M 8 -37.78 -6.74 16.77
N LYS M 9 -37.85 -7.66 15.79
CA LYS M 9 -39.06 -8.45 15.60
C LYS M 9 -39.35 -9.37 16.79
N THR M 10 -38.31 -10.07 17.27
CA THR M 10 -38.45 -10.96 18.40
C THR M 10 -38.89 -10.18 19.64
N SER M 11 -38.26 -9.02 19.86
CA SER M 11 -38.62 -8.16 20.98
C SER M 11 -40.08 -7.74 20.90
N GLU M 12 -40.56 -7.48 19.68
CA GLU M 12 -41.95 -7.04 19.53
C GLU M 12 -42.91 -8.19 19.81
N LEU M 13 -42.54 -9.42 19.45
CA LEU M 13 -43.36 -10.59 19.81
C LEU M 13 -43.50 -10.71 21.32
N ILE M 14 -42.41 -10.43 22.05
CA ILE M 14 -42.38 -10.53 23.49
C ILE M 14 -43.25 -9.42 24.08
N LEU M 15 -43.11 -8.21 23.55
CA LEU M 15 -43.80 -7.07 24.11
C LEU M 15 -45.31 -7.16 23.90
N LYS M 16 -45.73 -7.93 22.88
CA LYS M 16 -47.14 -8.15 22.58
C LYS M 16 -47.75 -9.06 23.64
N SER M 17 -47.13 -10.23 23.87
CA SER M 17 -47.61 -11.21 24.83
C SER M 17 -47.61 -10.62 26.24
N PRO M 18 -48.77 -10.50 26.93
CA PRO M 18 -48.84 -9.89 28.25
C PRO M 18 -47.98 -10.63 29.28
N LEU M 19 -48.15 -11.96 29.33
CA LEU M 19 -47.39 -12.83 30.22
C LEU M 19 -45.89 -12.63 29.97
N LEU M 20 -45.49 -12.76 28.70
CA LEU M 20 -44.08 -12.71 28.33
C LEU M 20 -43.47 -11.39 28.77
N SER M 21 -44.16 -10.28 28.47
CA SER M 21 -43.66 -8.96 28.80
C SER M 21 -43.54 -8.79 30.32
N LYS M 22 -44.50 -9.34 31.07
CA LYS M 22 -44.52 -9.22 32.52
C LYS M 22 -43.25 -9.80 33.13
N ILE M 23 -42.67 -10.82 32.49
CA ILE M 23 -41.46 -11.46 32.97
C ILE M 23 -40.21 -10.80 32.38
N VAL M 24 -40.22 -10.58 31.06
CA VAL M 24 -39.01 -10.19 30.34
C VAL M 24 -38.65 -8.73 30.61
N VAL M 25 -39.65 -7.84 30.63
CA VAL M 25 -39.34 -6.42 30.72
C VAL M 25 -38.57 -6.09 32.00
N PRO M 26 -38.96 -6.57 33.20
CA PRO M 26 -38.18 -6.33 34.41
C PRO M 26 -36.78 -6.91 34.36
N LEU M 27 -36.63 -8.11 33.78
CA LEU M 27 -35.32 -8.72 33.64
C LEU M 27 -34.44 -7.85 32.75
N ALA M 28 -35.01 -7.34 31.65
CA ALA M 28 -34.24 -6.60 30.66
C ALA M 28 -33.75 -5.28 31.27
N LYS M 29 -34.59 -4.67 32.10
CA LYS M 29 -34.24 -3.40 32.73
C LYS M 29 -33.11 -3.60 33.73
N THR M 30 -33.15 -4.71 34.48
CA THR M 30 -32.09 -5.06 35.40
C THR M 30 -30.80 -5.32 34.62
N TYR M 31 -30.90 -6.12 33.56
CA TYR M 31 -29.75 -6.42 32.73
C TYR M 31 -29.06 -5.12 32.32
N VAL M 32 -29.85 -4.15 31.87
CA VAL M 32 -29.31 -2.91 31.33
C VAL M 32 -28.61 -2.13 32.43
N LYS M 33 -29.17 -2.17 33.65
CA LYS M 33 -28.56 -1.51 34.79
C LYS M 33 -27.22 -2.15 35.15
N PHE M 34 -27.14 -3.49 35.17
CA PHE M 34 -25.87 -4.12 35.47
C PHE M 34 -24.89 -4.05 34.31
N SER M 35 -25.39 -3.90 33.08
CA SER M 35 -24.51 -3.79 31.92
C SER M 35 -23.54 -2.64 32.13
N GLY M 36 -24.05 -1.51 32.61
CA GLY M 36 -23.24 -0.39 33.02
C GLY M 36 -22.71 0.45 31.86
N TYR M 37 -23.25 0.29 30.64
CA TYR M 37 -22.80 1.16 29.57
C TYR M 37 -23.21 2.61 29.82
N ARG M 38 -24.29 2.83 30.57
CA ARG M 38 -24.73 4.19 30.86
C ARG M 38 -23.71 4.92 31.74
N GLN M 39 -22.94 4.17 32.52
CA GLN M 39 -21.93 4.76 33.40
C GLN M 39 -20.72 5.25 32.62
N LEU M 40 -20.65 4.98 31.30
CA LEU M 40 -19.61 5.59 30.48
C LEU M 40 -20.22 6.61 29.54
N GLY M 41 -21.48 6.96 29.78
CA GLY M 41 -22.15 7.99 28.99
C GLY M 41 -22.55 7.50 27.60
N PHE M 42 -22.61 6.18 27.39
CA PHE M 42 -23.09 5.67 26.12
C PHE M 42 -24.61 5.61 26.08
N LYS M 43 -25.17 5.67 24.86
CA LYS M 43 -26.51 5.18 24.63
C LYS M 43 -26.40 3.76 24.11
N MET M 44 -27.44 2.94 24.29
CA MET M 44 -27.38 1.55 23.87
C MET M 44 -26.92 1.41 22.42
N ASN M 45 -27.47 2.26 21.53
CA ASN M 45 -27.18 2.14 20.11
C ASN M 45 -25.72 2.45 19.78
N ASP M 46 -25.01 3.16 20.66
CA ASP M 46 -23.59 3.42 20.43
C ASP M 46 -22.77 2.13 20.42
N LEU M 47 -23.30 1.05 21.01
CA LEU M 47 -22.53 -0.16 21.18
C LEU M 47 -22.63 -1.09 19.98
N ILE M 48 -23.57 -0.82 19.06
CA ILE M 48 -23.83 -1.76 17.98
C ILE M 48 -22.62 -1.78 17.03
N ILE M 49 -22.20 -3.00 16.62
CA ILE M 49 -21.08 -3.21 15.72
C ILE M 49 -21.32 -2.40 14.44
N GLU M 50 -20.33 -1.59 14.05
CA GLU M 50 -20.56 -0.69 12.94
C GLU M 50 -19.81 -1.12 11.68
N GLU M 51 -18.91 -2.11 11.79
CA GLU M 51 -18.03 -2.44 10.67
C GLU M 51 -18.74 -3.41 9.73
N THR M 52 -19.87 -2.99 9.18
CA THR M 52 -20.58 -3.76 8.17
C THR M 52 -21.08 -2.79 7.10
N PRO M 53 -21.22 -3.19 5.81
CA PRO M 53 -21.78 -2.28 4.79
C PRO M 53 -23.10 -1.66 5.24
N ASN M 54 -24.00 -2.48 5.80
CA ASN M 54 -25.32 -2.00 6.20
C ASN M 54 -25.20 -0.92 7.27
N MET M 55 -24.33 -1.15 8.25
CA MET M 55 -24.26 -0.23 9.37
C MET M 55 -23.55 1.05 8.97
N GLN M 56 -22.54 0.93 8.09
CA GLN M 56 -21.87 2.12 7.58
C GLN M 56 -22.87 2.98 6.83
N LEU M 57 -23.79 2.35 6.08
CA LEU M 57 -24.81 3.08 5.35
C LEU M 57 -25.79 3.74 6.33
N ALA M 58 -26.22 3.02 7.37
CA ALA M 58 -27.11 3.62 8.34
C ALA M 58 -26.47 4.83 9.03
N LEU M 59 -25.16 4.74 9.33
CA LEU M 59 -24.49 5.84 10.03
C LEU M 59 -24.38 7.08 9.15
N ARG M 60 -24.19 6.88 7.83
CA ARG M 60 -24.13 7.98 6.87
C ARG M 60 -25.48 8.69 6.76
N ARG M 61 -26.58 8.00 7.11
CA ARG M 61 -27.91 8.58 6.98
C ARG M 61 -28.33 9.32 8.25
N LEU M 62 -27.53 9.22 9.32
CA LEU M 62 -27.87 9.95 10.54
C LEU M 62 -27.93 11.44 10.23
N PRO M 63 -28.88 12.20 10.81
CA PRO M 63 -28.83 13.66 10.75
C PRO M 63 -27.50 14.17 11.32
N PRO M 64 -26.91 15.23 10.73
CA PRO M 64 -25.59 15.71 11.15
C PRO M 64 -25.47 15.91 12.66
N THR M 65 -26.53 16.42 13.27
CA THR M 65 -26.54 16.69 14.70
C THR M 65 -26.33 15.41 15.52
N GLU M 66 -27.14 14.38 15.23
CA GLU M 66 -27.05 13.09 15.87
C GLU M 66 -25.67 12.50 15.64
N SER M 67 -25.13 12.72 14.45
CA SER M 67 -23.85 12.16 14.07
C SER M 67 -22.73 12.82 14.90
N TYR M 68 -22.79 14.15 15.04
CA TYR M 68 -21.78 14.86 15.82
C TYR M 68 -21.84 14.46 17.29
N ASP M 69 -23.05 14.28 17.83
CA ASP M 69 -23.21 13.91 19.22
C ASP M 69 -22.69 12.50 19.48
N ARG M 70 -22.91 11.60 18.53
CA ARG M 70 -22.43 10.23 18.68
C ARG M 70 -20.91 10.22 18.75
N VAL M 71 -20.25 10.99 17.86
CA VAL M 71 -18.81 11.08 17.85
C VAL M 71 -18.32 11.53 19.23
N TYR M 72 -18.98 12.53 19.81
CA TYR M 72 -18.54 13.00 21.11
C TYR M 72 -18.70 11.94 22.19
N ARG M 73 -19.83 11.22 22.18
CA ARG M 73 -20.04 10.18 23.17
C ARG M 73 -18.98 9.09 23.04
N LEU M 74 -18.57 8.75 21.81
CA LEU M 74 -17.57 7.71 21.64
C LEU M 74 -16.22 8.17 22.17
N ILE M 75 -15.87 9.43 21.89
CA ILE M 75 -14.59 9.98 22.32
C ILE M 75 -14.58 10.10 23.84
N ARG M 76 -15.68 10.59 24.41
CA ARG M 76 -15.78 10.71 25.84
C ARG M 76 -15.67 9.34 26.53
N ALA M 77 -16.34 8.32 25.99
CA ALA M 77 -16.29 6.99 26.59
C ALA M 77 -14.89 6.41 26.48
N THR M 78 -14.22 6.67 25.36
CA THR M 78 -12.85 6.20 25.16
C THR M 78 -11.94 6.82 26.21
N GLN M 79 -12.16 8.09 26.52
CA GLN M 79 -11.36 8.78 27.53
C GLN M 79 -11.64 8.21 28.91
N PHE M 80 -12.90 7.92 29.27
CA PHE M 80 -13.19 7.25 30.53
C PHE M 80 -12.53 5.88 30.61
N SER M 81 -12.57 5.12 29.51
CA SER M 81 -12.00 3.78 29.43
C SER M 81 -10.48 3.84 29.69
N LEU M 82 -9.78 4.74 29.02
CA LEU M 82 -8.33 4.72 29.17
C LEU M 82 -7.91 5.24 30.54
N SER M 83 -8.74 6.06 31.17
CA SER M 83 -8.45 6.62 32.48
C SER M 83 -8.94 5.71 33.60
N HIS M 84 -9.67 4.65 33.27
CA HIS M 84 -10.31 3.79 34.27
C HIS M 84 -11.20 4.58 35.23
N LYS M 85 -11.98 5.52 34.69
CA LYS M 85 -12.92 6.33 35.45
C LYS M 85 -14.33 6.02 34.95
N LEU M 86 -15.33 6.36 35.75
CA LEU M 86 -16.72 6.31 35.31
C LEU M 86 -17.22 7.73 35.11
N ALA M 87 -18.28 7.89 34.30
CA ALA M 87 -18.98 9.15 34.16
C ALA M 87 -19.56 9.57 35.51
N THR M 88 -19.64 10.89 35.74
CA THR M 88 -20.35 11.39 36.91
C THR M 88 -21.28 12.49 36.42
N GLY M 89 -22.31 12.78 37.23
CA GLY M 89 -23.19 13.93 37.01
C GLY M 89 -23.92 13.83 35.68
N ASN M 90 -23.74 14.85 34.84
CA ASN M 90 -24.48 14.95 33.59
C ASN M 90 -23.92 14.01 32.53
N ASP M 91 -22.75 13.43 32.76
CA ASP M 91 -22.18 12.54 31.77
C ASP M 91 -22.86 11.17 31.81
N ILE M 92 -23.47 10.81 32.95
CA ILE M 92 -24.13 9.53 33.06
C ILE M 92 -25.38 9.58 32.17
N THR M 93 -25.58 8.56 31.33
CA THR M 93 -26.79 8.53 30.51
C THR M 93 -27.97 8.19 31.40
N LYS M 94 -28.96 9.08 31.45
CA LYS M 94 -30.17 8.79 32.20
C LYS M 94 -31.07 7.89 31.35
N PRO M 95 -31.93 7.02 31.95
CA PRO M 95 -32.84 6.17 31.17
C PRO M 95 -33.66 6.85 30.08
N GLU M 96 -34.07 8.11 30.34
CA GLU M 96 -34.86 8.91 29.42
C GLU M 96 -34.02 9.46 28.26
N GLU M 97 -32.70 9.45 28.42
CA GLU M 97 -31.82 9.94 27.35
C GLU M 97 -31.38 8.78 26.47
N ASP M 98 -31.71 7.55 26.84
CA ASP M 98 -31.15 6.41 26.14
C ASP M 98 -32.04 6.08 24.95
N ASP M 99 -32.07 6.97 23.95
CA ASP M 99 -33.00 6.84 22.85
C ASP M 99 -32.39 6.03 21.71
N HIS M 100 -33.25 5.29 21.01
CA HIS M 100 -32.87 4.44 19.90
C HIS M 100 -32.72 5.28 18.64
N TYR M 101 -31.70 6.15 18.60
CA TYR M 101 -31.55 7.10 17.50
C TYR M 101 -31.17 6.37 16.22
N LEU M 102 -30.55 5.19 16.29
CA LEU M 102 -30.00 4.58 15.09
C LEU M 102 -30.93 3.51 14.55
N ILE M 103 -31.75 2.92 15.42
CA ILE M 103 -32.56 1.77 15.07
C ILE M 103 -33.40 2.02 13.81
N PRO M 104 -34.13 3.16 13.67
CA PRO M 104 -34.92 3.40 12.46
C PRO M 104 -34.12 3.40 11.18
N TYR M 105 -32.90 3.93 11.22
CA TYR M 105 -32.06 3.99 10.02
C TYR M 105 -31.60 2.59 9.62
N ILE M 106 -31.17 1.78 10.60
CA ILE M 106 -30.65 0.47 10.24
C ILE M 106 -31.81 -0.43 9.83
N LEU M 107 -32.98 -0.25 10.44
CA LEU M 107 -34.13 -1.06 10.02
C LEU M 107 -34.50 -0.77 8.57
N ASP M 108 -34.38 0.49 8.11
CA ASP M 108 -34.68 0.81 6.72
C ASP M 108 -33.61 0.23 5.77
N VAL M 109 -32.33 0.39 6.14
CA VAL M 109 -31.25 -0.18 5.35
C VAL M 109 -31.47 -1.67 5.18
N GLU M 110 -31.79 -2.37 6.27
CA GLU M 110 -31.91 -3.83 6.27
C GLU M 110 -33.17 -4.25 5.51
N ALA M 111 -34.25 -3.48 5.63
CA ALA M 111 -35.48 -3.80 4.93
C ALA M 111 -35.20 -3.88 3.44
N GLU M 112 -34.48 -2.88 2.90
CA GLU M 112 -34.16 -2.89 1.49
C GLU M 112 -33.24 -4.05 1.14
N ALA M 113 -32.20 -4.28 1.96
CA ALA M 113 -31.24 -5.35 1.68
C ALA M 113 -31.93 -6.71 1.69
N PHE M 114 -32.90 -6.91 2.60
CA PHE M 114 -33.54 -8.22 2.65
C PHE M 114 -34.58 -8.35 1.54
N GLU M 115 -35.21 -7.24 1.14
CA GLU M 115 -36.13 -7.29 0.02
C GLU M 115 -35.36 -7.62 -1.26
N LYS M 116 -34.16 -7.03 -1.38
CA LYS M 116 -33.33 -7.28 -2.54
C LYS M 116 -33.00 -8.76 -2.64
N ASP M 117 -32.59 -9.37 -1.51
CA ASP M 117 -32.30 -10.79 -1.47
C ASP M 117 -33.53 -11.61 -1.85
N ALA M 118 -34.70 -11.25 -1.35
CA ALA M 118 -35.90 -12.00 -1.72
C ALA M 118 -36.16 -11.87 -3.21
N LEU M 119 -36.08 -10.64 -3.75
CA LEU M 119 -36.49 -10.41 -5.13
C LEU M 119 -35.49 -10.98 -6.13
N ASP M 120 -34.23 -11.16 -5.70
CA ASP M 120 -33.21 -11.84 -6.47
C ASP M 120 -33.56 -13.33 -6.66
N ASN M 121 -34.50 -13.81 -5.85
CA ASN M 121 -34.90 -15.21 -5.87
C ASN M 121 -36.36 -15.34 -6.29
N LEU M 122 -36.88 -14.37 -7.04
CA LEU M 122 -38.28 -14.52 -7.43
C LEU M 122 -38.40 -15.45 -8.64
N GLU M 123 -39.52 -16.17 -8.68
CA GLU M 123 -39.86 -17.13 -9.72
C GLU M 123 -41.19 -16.72 -10.33
N VAL M 124 -41.17 -16.37 -11.62
CA VAL M 124 -42.38 -16.06 -12.36
C VAL M 124 -43.29 -17.28 -12.32
N VAL M 125 -44.56 -17.07 -11.95
CA VAL M 125 -45.55 -18.14 -11.92
C VAL M 125 -46.44 -18.06 -13.16
N PRO N 66 25.46 -41.83 69.16
CA PRO N 66 24.53 -42.50 68.25
C PRO N 66 23.71 -41.56 67.37
N ASP N 67 23.00 -42.15 66.40
CA ASP N 67 22.18 -41.42 65.45
C ASP N 67 21.14 -40.58 66.20
N PRO N 68 21.20 -39.23 66.08
CA PRO N 68 20.29 -38.36 66.80
C PRO N 68 18.83 -38.61 66.43
N ALA N 69 18.62 -39.24 65.27
CA ALA N 69 17.26 -39.44 64.75
C ALA N 69 16.52 -40.49 65.58
N ILE N 70 17.27 -41.43 66.16
CA ILE N 70 16.68 -42.54 66.92
C ILE N 70 15.86 -42.00 68.09
N ALA N 71 16.44 -41.04 68.83
CA ALA N 71 15.82 -40.45 70.01
C ALA N 71 14.70 -39.48 69.62
N LEU N 72 14.92 -38.71 68.54
CA LEU N 72 13.95 -37.70 68.13
C LEU N 72 12.66 -38.38 67.65
N HIS N 73 12.82 -39.49 66.92
CA HIS N 73 11.72 -40.25 66.36
C HIS N 73 10.92 -40.94 67.47
N GLU N 74 11.63 -41.39 68.50
CA GLU N 74 10.99 -42.13 69.58
C GLU N 74 10.13 -41.18 70.40
N ALA N 75 10.69 -39.99 70.64
CA ALA N 75 10.07 -38.93 71.41
C ALA N 75 8.81 -38.43 70.70
N ALA N 76 8.89 -38.28 69.37
CA ALA N 76 7.78 -37.80 68.57
C ALA N 76 6.66 -38.85 68.50
N ALA N 77 7.02 -40.14 68.60
CA ALA N 77 6.03 -41.20 68.51
C ALA N 77 5.23 -41.29 69.81
N GLU N 78 5.91 -41.10 70.94
CA GLU N 78 5.27 -41.25 72.24
C GLU N 78 4.46 -40.01 72.57
N GLY N 79 4.86 -38.88 71.97
CA GLY N 79 4.33 -37.56 72.29
C GLY N 79 3.29 -37.10 71.28
N PRO N 80 3.64 -36.19 70.33
CA PRO N 80 2.68 -35.59 69.40
C PRO N 80 2.03 -36.55 68.41
N CYS N 81 2.60 -37.75 68.26
CA CYS N 81 2.11 -38.69 67.27
C CYS N 81 1.66 -39.97 67.98
N HIS N 82 1.05 -39.83 69.17
CA HIS N 82 0.69 -41.00 69.98
C HIS N 82 -0.56 -41.69 69.44
N ASP N 83 -1.44 -40.87 68.85
CA ASP N 83 -2.67 -41.39 68.27
C ASP N 83 -2.33 -42.32 67.10
N PHE N 84 -1.31 -41.91 66.33
CA PHE N 84 -0.96 -42.57 65.10
C PHE N 84 -0.17 -43.82 65.46
N LYS N 85 0.56 -43.73 66.57
CA LYS N 85 1.34 -44.84 67.09
C LYS N 85 0.42 -45.97 67.53
N HIS N 86 -0.66 -45.64 68.24
CA HIS N 86 -1.66 -46.61 68.62
C HIS N 86 -2.38 -47.27 67.45
N HIS N 87 -2.70 -46.47 66.42
CA HIS N 87 -3.40 -47.04 65.30
C HIS N 87 -2.52 -48.11 64.67
N PHE N 88 -1.24 -47.79 64.47
CA PHE N 88 -0.28 -48.70 63.89
C PHE N 88 -0.15 -49.97 64.74
N ASP N 89 0.02 -49.78 66.07
CA ASP N 89 0.10 -50.87 67.05
C ASP N 89 -1.11 -51.79 66.97
N GLU N 90 -2.30 -51.21 67.09
CA GLU N 90 -3.54 -51.98 67.07
C GLU N 90 -3.65 -52.74 65.76
N CYS N 91 -3.32 -52.07 64.64
CA CYS N 91 -3.34 -52.68 63.31
C CYS N 91 -2.42 -53.90 63.27
N VAL N 92 -1.15 -53.74 63.71
CA VAL N 92 -0.21 -54.84 63.61
C VAL N 92 -0.71 -56.03 64.43
N GLU N 93 -1.27 -55.76 65.62
CA GLU N 93 -1.82 -56.80 66.47
C GLU N 93 -2.88 -57.61 65.73
N ARG N 94 -3.80 -56.91 65.04
CA ARG N 94 -4.89 -57.56 64.31
C ARG N 94 -4.34 -58.40 63.16
N VAL N 95 -3.36 -57.85 62.44
CA VAL N 95 -2.85 -58.48 61.23
C VAL N 95 -2.06 -59.74 61.60
N THR N 96 -1.24 -59.64 62.64
CA THR N 96 -0.42 -60.76 63.10
C THR N 96 -1.31 -61.90 63.57
N LYS N 97 -2.38 -61.55 64.31
CA LYS N 97 -3.35 -62.50 64.82
C LYS N 97 -4.10 -63.16 63.66
N ALA N 98 -4.34 -62.39 62.60
CA ALA N 98 -5.07 -62.88 61.45
C ALA N 98 -4.20 -63.83 60.64
N GLN N 99 -2.88 -63.60 60.67
CA GLN N 99 -1.92 -64.43 59.96
C GLN N 99 -1.72 -65.74 60.71
N GLU N 100 -1.88 -65.67 62.05
CA GLU N 100 -1.74 -66.80 62.96
C GLU N 100 -2.84 -67.82 62.70
N ALA N 101 -4.05 -67.32 62.41
CA ALA N 101 -5.22 -68.15 62.11
C ALA N 101 -5.01 -68.90 60.81
N GLU N 102 -5.52 -70.14 60.76
CA GLU N 102 -5.36 -71.02 59.62
C GLU N 102 -6.36 -70.64 58.52
N ASP N 103 -6.05 -71.05 57.29
CA ASP N 103 -6.78 -70.69 56.07
C ASP N 103 -6.71 -69.17 55.86
N TYR N 104 -5.57 -68.59 56.27
CA TYR N 104 -5.26 -67.20 55.99
C TYR N 104 -4.70 -67.09 54.58
N ASP N 105 -3.94 -68.11 54.18
CA ASP N 105 -3.28 -68.14 52.88
C ASP N 105 -4.31 -68.24 51.76
N HIS N 106 -5.47 -68.84 52.07
CA HIS N 106 -6.58 -68.99 51.14
C HIS N 106 -7.69 -68.00 51.49
N ALA N 107 -7.29 -66.75 51.78
CA ALA N 107 -8.23 -65.66 51.98
C ALA N 107 -8.18 -64.74 50.76
N GLU N 108 -9.29 -64.02 50.54
CA GLU N 108 -9.42 -63.13 49.40
C GLU N 108 -8.64 -61.85 49.70
N TYR N 109 -8.96 -61.26 50.86
CA TYR N 109 -8.38 -60.00 51.28
C TYR N 109 -7.42 -60.22 52.44
N LYS N 110 -6.14 -59.90 52.22
CA LYS N 110 -5.16 -59.85 53.29
C LYS N 110 -4.88 -58.38 53.62
N GLU N 111 -5.20 -57.98 54.85
CA GLU N 111 -4.95 -56.64 55.37
C GLU N 111 -3.46 -56.46 55.67
N ASP N 112 -2.91 -55.29 55.32
CA ASP N 112 -1.62 -54.84 55.79
C ASP N 112 -1.78 -53.62 56.70
N CYS N 113 -0.66 -53.06 57.14
CA CYS N 113 -0.68 -51.87 57.99
C CYS N 113 0.11 -50.74 57.36
N VAL N 114 0.23 -50.77 56.02
CA VAL N 114 0.98 -49.75 55.32
C VAL N 114 0.35 -48.37 55.58
N GLU N 115 -0.98 -48.28 55.49
CA GLU N 115 -1.66 -47.00 55.61
C GLU N 115 -1.35 -46.36 56.95
N GLU N 116 -1.47 -47.16 58.02
CA GLU N 116 -1.28 -46.65 59.37
C GLU N 116 0.18 -46.27 59.59
N PHE N 117 1.07 -47.06 58.98
CA PHE N 117 2.49 -46.80 59.04
C PHE N 117 2.78 -45.45 58.40
N PHE N 118 2.19 -45.22 57.21
CA PHE N 118 2.37 -43.95 56.51
C PHE N 118 1.88 -42.79 57.36
N HIS N 119 0.71 -42.94 58.01
CA HIS N 119 0.17 -41.86 58.81
C HIS N 119 1.11 -41.53 59.96
N LEU N 120 1.70 -42.57 60.55
CA LEU N 120 2.60 -42.39 61.67
C LEU N 120 3.89 -41.71 61.21
N GLN N 121 4.48 -42.22 60.12
CA GLN N 121 5.77 -41.72 59.66
C GLN N 121 5.63 -40.28 59.21
N HIS N 122 4.53 -39.99 58.50
CA HIS N 122 4.28 -38.63 58.04
C HIS N 122 4.24 -37.68 59.24
N CYS N 123 3.65 -38.15 60.33
CA CYS N 123 3.50 -37.36 61.54
C CYS N 123 4.86 -37.18 62.20
N ILE N 124 5.60 -38.27 62.38
CA ILE N 124 6.94 -38.19 62.96
C ILE N 124 7.79 -37.21 62.16
N ASN N 125 7.72 -37.27 60.82
CA ASN N 125 8.57 -36.45 59.97
C ASN N 125 8.28 -34.97 60.16
N ASP N 126 6.99 -34.63 60.31
CA ASP N 126 6.54 -33.25 60.52
C ASP N 126 7.07 -32.68 61.83
N ASN N 127 7.29 -33.56 62.81
CA ASN N 127 7.68 -33.10 64.15
C ASN N 127 9.18 -33.23 64.39
N THR N 128 9.94 -33.59 63.37
CA THR N 128 11.31 -34.01 63.60
C THR N 128 12.28 -33.39 62.60
N ALA N 129 11.82 -33.24 61.35
CA ALA N 129 12.67 -32.85 60.23
C ALA N 129 13.60 -31.69 60.62
N ASP N 130 13.01 -30.60 61.13
CA ASP N 130 13.75 -29.39 61.47
C ASP N 130 14.69 -29.63 62.65
N LYS N 131 14.23 -30.42 63.63
CA LYS N 131 15.01 -30.68 64.82
C LYS N 131 16.27 -31.49 64.46
N LEU N 132 16.09 -32.46 63.56
CA LEU N 132 17.17 -33.35 63.18
C LEU N 132 18.26 -32.57 62.44
N PHE N 133 17.85 -31.76 61.45
CA PHE N 133 18.83 -31.06 60.65
C PHE N 133 19.58 -30.01 61.48
N ARG N 134 18.98 -29.62 62.62
CA ARG N 134 19.58 -28.63 63.50
C ARG N 134 20.80 -29.19 64.21
N VAL N 135 20.84 -30.52 64.42
CA VAL N 135 21.92 -31.16 65.14
C VAL N 135 22.85 -31.94 64.21
N LEU N 136 22.84 -31.61 62.91
CA LEU N 136 23.80 -32.20 61.98
C LEU N 136 24.69 -31.09 61.39
N VAL O 26 17.96 59.53 6.02
CA VAL O 26 17.84 59.81 7.50
C VAL O 26 16.54 60.58 7.75
N SER O 27 15.63 59.93 8.49
CA SER O 27 14.33 60.45 8.86
C SER O 27 14.47 61.61 9.85
N PRO O 28 13.54 62.60 9.89
CA PRO O 28 13.58 63.65 10.91
C PRO O 28 13.50 63.08 12.33
N LYS O 29 14.14 63.79 13.27
CA LYS O 29 14.16 63.45 14.68
C LYS O 29 12.75 63.47 15.29
N THR O 30 12.46 62.47 16.13
CA THR O 30 11.28 62.46 16.97
C THR O 30 11.49 63.40 18.15
N ARG O 31 10.67 64.45 18.20
CA ARG O 31 10.69 65.36 19.32
C ARG O 31 9.79 64.81 20.42
N THR O 32 10.19 65.03 21.68
CA THR O 32 9.48 64.56 22.85
C THR O 32 9.43 65.67 23.90
N SER O 33 8.23 65.94 24.42
CA SER O 33 8.05 66.82 25.56
C SER O 33 7.11 66.17 26.56
N ASN O 34 7.14 66.66 27.80
CA ASN O 34 6.24 66.26 28.87
C ASN O 34 5.41 67.46 29.30
N LEU O 35 4.24 67.17 29.90
CA LEU O 35 3.48 68.14 30.69
C LEU O 35 3.81 67.93 32.17
N LYS O 36 3.18 68.75 33.01
CA LYS O 36 3.36 68.71 34.47
C LYS O 36 2.71 67.45 35.06
N ASN O 37 1.54 67.07 34.53
CA ASN O 37 0.86 65.87 35.03
C ASN O 37 1.66 64.61 34.69
N GLY O 38 2.46 64.67 33.62
CA GLY O 38 3.32 63.56 33.26
C GLY O 38 2.95 62.96 31.91
N LEU O 39 2.09 63.67 31.18
CA LEU O 39 1.71 63.26 29.83
C LEU O 39 2.90 63.51 28.90
N THR O 40 3.28 62.49 28.14
CA THR O 40 4.31 62.60 27.13
C THR O 40 3.67 63.03 25.80
N ILE O 41 4.33 63.98 25.13
CA ILE O 41 3.98 64.38 23.77
C ILE O 41 5.14 64.02 22.85
N ALA O 42 4.86 63.26 21.79
CA ALA O 42 5.94 62.82 20.91
C ALA O 42 5.51 63.01 19.46
N SER O 43 6.38 63.58 18.63
CA SER O 43 5.94 63.87 17.28
C SER O 43 7.07 63.67 16.27
N GLU O 44 6.69 63.29 15.05
CA GLU O 44 7.65 63.26 13.95
C GLU O 44 7.03 63.91 12.72
N SER O 45 7.55 65.09 12.36
CA SER O 45 7.02 65.88 11.25
C SER O 45 7.57 65.40 9.90
N ASN O 46 6.71 65.50 8.88
CA ASN O 46 7.03 65.13 7.50
C ASN O 46 6.45 66.21 6.57
N PRO O 47 7.27 67.22 6.15
CA PRO O 47 6.77 68.32 5.34
C PRO O 47 6.38 67.99 3.89
N LEU O 48 6.42 66.70 3.55
CA LEU O 48 6.08 66.20 2.23
C LEU O 48 4.63 65.76 2.13
N VAL O 49 3.98 65.50 3.29
CA VAL O 49 2.61 65.03 3.30
C VAL O 49 1.67 66.17 3.68
N GLN O 50 0.37 65.88 3.55
CA GLN O 50 -0.69 66.86 3.73
C GLN O 50 -1.64 66.40 4.84
N THR O 51 -1.42 65.19 5.35
CA THR O 51 -2.29 64.62 6.36
C THR O 51 -1.48 64.39 7.64
N ALA O 52 -2.16 64.40 8.78
CA ALA O 52 -1.52 64.11 10.05
C ALA O 52 -2.30 63.01 10.76
N THR O 53 -1.59 62.15 11.49
CA THR O 53 -2.20 61.24 12.44
C THR O 53 -1.82 61.66 13.85
N VAL O 54 -2.80 62.14 14.62
CA VAL O 54 -2.60 62.42 16.04
C VAL O 54 -3.42 61.40 16.83
N GLY O 55 -2.88 60.99 17.97
CA GLY O 55 -3.62 60.06 18.80
C GLY O 55 -3.01 59.88 20.18
N VAL O 56 -3.70 59.08 20.99
CA VAL O 56 -3.30 58.81 22.35
C VAL O 56 -2.99 57.32 22.46
N TRP O 57 -1.74 57.01 22.78
CA TRP O 57 -1.32 55.65 23.05
C TRP O 57 -1.31 55.47 24.57
N ILE O 58 -1.98 54.42 25.04
CA ILE O 58 -2.09 54.22 26.48
C ILE O 58 -1.44 52.90 26.85
N ASP O 59 -0.60 52.95 27.88
CA ASP O 59 0.03 51.77 28.42
C ASP O 59 -0.95 51.09 29.38
N ALA O 60 -2.01 50.49 28.82
CA ALA O 60 -3.08 49.84 29.56
C ALA O 60 -3.88 49.03 28.57
N GLY O 61 -4.42 47.88 28.99
CA GLY O 61 -5.27 47.12 28.09
C GLY O 61 -6.02 46.06 28.88
N SER O 62 -6.44 44.98 28.22
CA SER O 62 -7.23 43.93 28.86
C SER O 62 -6.50 43.30 30.04
N ARG O 63 -5.17 43.29 29.98
CA ARG O 63 -4.38 42.63 31.00
C ARG O 63 -4.57 43.30 32.36
N ASN O 64 -5.08 44.53 32.36
CA ASN O 64 -5.23 45.29 33.60
C ASN O 64 -6.54 44.95 34.30
N GLU O 65 -7.41 44.19 33.63
CA GLU O 65 -8.66 43.76 34.24
C GLU O 65 -8.39 42.55 35.12
N ASN O 66 -9.32 42.28 36.06
CA ASN O 66 -9.34 41.00 36.75
C ASN O 66 -10.35 40.08 36.05
N ALA O 67 -10.73 38.98 36.69
CA ALA O 67 -11.56 37.99 36.02
C ALA O 67 -13.01 38.46 35.96
N TYR O 68 -13.39 39.32 36.93
CA TYR O 68 -14.75 39.78 37.09
C TYR O 68 -15.08 40.91 36.12
N ASN O 69 -14.11 41.78 35.82
CA ASN O 69 -14.37 42.87 34.91
C ASN O 69 -13.64 42.66 33.58
N ASN O 70 -13.32 41.40 33.24
CA ASN O 70 -12.65 41.12 31.98
C ASN O 70 -13.61 41.43 30.83
N GLY O 71 -13.15 42.28 29.91
CA GLY O 71 -13.98 42.75 28.82
C GLY O 71 -14.27 44.24 28.94
N THR O 72 -13.97 44.84 30.10
CA THR O 72 -14.28 46.24 30.35
C THR O 72 -13.57 47.16 29.35
N ALA O 73 -12.27 46.92 29.13
CA ALA O 73 -11.45 47.77 28.28
C ALA O 73 -12.05 47.82 26.87
N HIS O 74 -12.49 46.66 26.38
CA HIS O 74 -13.07 46.59 25.05
C HIS O 74 -14.46 47.22 25.02
N PHE O 75 -15.18 47.06 26.14
CA PHE O 75 -16.51 47.65 26.29
C PHE O 75 -16.41 49.17 26.21
N PHE O 76 -15.42 49.73 26.91
CA PHE O 76 -15.23 51.17 26.93
C PHE O 76 -14.97 51.72 25.52
N GLU O 77 -14.17 50.99 24.73
CA GLU O 77 -13.85 51.38 23.36
C GLU O 77 -15.11 51.58 22.53
N HIS O 78 -16.17 50.82 22.83
CA HIS O 78 -17.43 50.94 22.11
C HIS O 78 -18.25 52.14 22.59
N LEU O 79 -17.97 52.60 23.82
CA LEU O 79 -18.80 53.61 24.45
C LEU O 79 -18.14 54.97 24.36
N ALA O 80 -16.82 54.98 24.11
CA ALA O 80 -16.09 56.20 23.87
C ALA O 80 -16.66 56.92 22.67
N PHE O 81 -17.32 56.16 21.79
CA PHE O 81 -17.87 56.76 20.59
C PHE O 81 -19.38 56.96 20.71
N LYS O 82 -19.94 56.83 21.92
CA LYS O 82 -21.38 56.88 22.09
C LYS O 82 -21.85 58.21 22.67
N GLY O 83 -20.96 59.22 22.71
CA GLY O 83 -21.39 60.54 23.16
C GLY O 83 -20.75 60.96 24.49
N THR O 84 -20.57 62.27 24.59
CA THR O 84 -19.89 62.89 25.71
C THR O 84 -20.87 63.83 26.42
N ASP O 85 -20.35 64.54 27.44
CA ASP O 85 -21.09 65.51 28.23
C ASP O 85 -21.55 66.69 27.38
N LYS O 86 -20.81 67.00 26.30
CA LYS O 86 -21.13 68.12 25.42
C LYS O 86 -21.82 67.60 24.16
N ARG O 87 -21.16 66.64 23.50
CA ARG O 87 -21.58 66.13 22.20
C ARG O 87 -22.38 64.83 22.40
N SER O 88 -23.58 64.79 21.80
CA SER O 88 -24.37 63.57 21.74
C SER O 88 -23.75 62.64 20.70
N GLN O 89 -24.27 61.42 20.59
CA GLN O 89 -23.69 60.48 19.65
C GLN O 89 -23.75 61.06 18.24
N HIS O 90 -24.83 61.77 17.94
CA HIS O 90 -25.07 62.27 16.60
C HIS O 90 -24.20 63.48 16.29
N GLN O 91 -24.06 64.35 17.28
CA GLN O 91 -23.17 65.50 17.18
C GLN O 91 -21.73 65.03 16.98
N LEU O 92 -21.31 63.99 17.73
CA LEU O 92 -19.98 63.43 17.58
C LEU O 92 -19.75 62.98 16.14
N GLU O 93 -20.69 62.19 15.60
CA GLU O 93 -20.65 61.72 14.22
C GLU O 93 -20.45 62.90 13.28
N LEU O 94 -21.29 63.94 13.43
CA LEU O 94 -21.22 65.10 12.55
C LEU O 94 -19.87 65.82 12.66
N ASP O 95 -19.37 65.99 13.90
CA ASP O 95 -18.14 66.74 14.13
C ASP O 95 -16.99 66.11 13.36
N ILE O 96 -16.91 64.77 13.38
CA ILE O 96 -15.87 64.04 12.69
C ILE O 96 -16.08 64.11 11.17
N GLU O 97 -17.34 63.93 10.73
CA GLU O 97 -17.67 64.06 9.31
C GLU O 97 -17.24 65.42 8.79
N ASN O 98 -17.41 66.46 9.61
CA ASN O 98 -17.15 67.83 9.19
C ASN O 98 -15.65 68.14 9.11
N MET O 99 -14.82 67.39 9.86
CA MET O 99 -13.39 67.61 9.78
C MET O 99 -12.77 66.87 8.58
N GLY O 100 -13.45 65.84 8.09
CA GLY O 100 -13.10 65.24 6.81
C GLY O 100 -12.30 63.96 6.95
N GLY O 101 -11.61 63.78 8.08
CA GLY O 101 -10.83 62.57 8.32
C GLY O 101 -11.65 61.49 9.01
N HIS O 102 -10.97 60.59 9.72
CA HIS O 102 -11.65 59.59 10.52
C HIS O 102 -10.98 59.43 11.87
N LEU O 103 -11.67 58.70 12.76
CA LEU O 103 -11.15 58.31 14.04
C LEU O 103 -11.04 56.79 14.06
N ASN O 104 -10.13 56.27 14.86
CA ASN O 104 -9.99 54.83 14.98
C ASN O 104 -9.51 54.51 16.38
N ALA O 105 -9.75 53.27 16.82
CA ALA O 105 -9.36 52.82 18.14
C ALA O 105 -9.09 51.32 18.10
N TYR O 106 -8.18 50.86 18.95
CA TYR O 106 -8.11 49.44 19.21
C TYR O 106 -7.56 49.21 20.62
N THR O 107 -7.99 48.09 21.17
CA THR O 107 -7.61 47.66 22.50
C THR O 107 -6.89 46.33 22.35
N SER O 108 -5.70 46.22 22.93
CA SER O 108 -5.05 44.92 22.96
C SER O 108 -4.85 44.52 24.43
N ARG O 109 -4.02 43.49 24.65
CA ARG O 109 -3.79 42.98 25.98
C ARG O 109 -3.05 44.01 26.84
N GLU O 110 -2.11 44.74 26.23
CA GLU O 110 -1.28 45.64 27.02
C GLU O 110 -1.35 47.08 26.54
N SER O 111 -2.11 47.33 25.47
CA SER O 111 -2.05 48.63 24.84
C SER O 111 -3.44 49.06 24.40
N THR O 112 -3.73 50.36 24.49
CA THR O 112 -4.96 50.91 23.92
C THR O 112 -4.58 52.13 23.10
N VAL O 113 -5.23 52.28 21.94
CA VAL O 113 -4.91 53.38 21.05
C VAL O 113 -6.20 54.07 20.62
N TYR O 114 -6.21 55.41 20.62
CA TYR O 114 -7.29 56.17 20.01
C TYR O 114 -6.64 57.22 19.13
N TYR O 115 -6.91 57.19 17.82
CA TYR O 115 -6.24 58.19 16.99
C TYR O 115 -7.20 58.79 15.96
N ALA O 116 -6.75 59.91 15.41
CA ALA O 116 -7.51 60.66 14.41
C ALA O 116 -6.57 60.94 13.24
N LYS O 117 -7.01 60.58 12.04
CA LYS O 117 -6.32 60.99 10.84
C LYS O 117 -7.09 62.15 10.23
N SER O 118 -6.38 63.24 9.93
CA SER O 118 -7.08 64.40 9.41
C SER O 118 -6.19 65.11 8.41
N PHE O 119 -6.66 66.28 7.95
CA PHE O 119 -5.88 67.22 7.20
C PHE O 119 -4.96 68.00 8.13
N LYS O 120 -3.93 68.63 7.57
CA LYS O 120 -2.93 69.37 8.31
C LYS O 120 -3.56 70.36 9.30
N ASP O 121 -4.61 71.06 8.87
CA ASP O 121 -5.08 72.22 9.61
C ASP O 121 -6.32 71.86 10.44
N ASP O 122 -6.69 70.59 10.41
CA ASP O 122 -7.79 70.03 11.17
C ASP O 122 -7.28 69.30 12.41
N VAL O 123 -6.00 69.53 12.76
CA VAL O 123 -5.37 68.80 13.83
C VAL O 123 -5.92 69.30 15.17
N PRO O 124 -6.08 70.63 15.39
CA PRO O 124 -6.68 71.13 16.63
C PRO O 124 -8.08 70.62 16.92
N LYS O 125 -8.85 70.30 15.87
CA LYS O 125 -10.21 69.81 16.04
C LYS O 125 -10.15 68.38 16.56
N SER O 126 -9.26 67.60 15.93
CA SER O 126 -9.14 66.18 16.21
C SER O 126 -8.58 65.95 17.62
N VAL O 127 -7.62 66.78 18.05
CA VAL O 127 -7.09 66.66 19.41
C VAL O 127 -8.19 66.93 20.43
N GLU O 128 -9.05 67.91 20.10
CA GLU O 128 -10.13 68.33 20.96
C GLU O 128 -11.17 67.22 21.08
N ILE O 129 -11.46 66.56 19.95
CA ILE O 129 -12.43 65.48 19.98
C ILE O 129 -11.87 64.29 20.79
N LEU O 130 -10.59 63.96 20.60
CA LEU O 130 -10.01 62.83 21.31
C LEU O 130 -10.01 63.08 22.81
N ALA O 131 -9.69 64.34 23.20
CA ALA O 131 -9.62 64.71 24.61
C ALA O 131 -10.99 64.59 25.26
N ASP O 132 -12.03 64.84 24.46
CA ASP O 132 -13.40 64.83 24.93
C ASP O 132 -13.89 63.40 25.15
N ILE O 133 -13.61 62.52 24.20
CA ILE O 133 -14.15 61.16 24.28
C ILE O 133 -13.43 60.37 25.37
N LEU O 134 -12.20 60.77 25.71
CA LEU O 134 -11.41 60.05 26.70
C LEU O 134 -11.70 60.53 28.12
N GLN O 135 -11.95 61.82 28.28
CA GLN O 135 -12.05 62.37 29.63
C GLN O 135 -13.52 62.52 30.03
N HIS O 136 -14.40 62.77 29.05
CA HIS O 136 -15.70 63.30 29.36
C HIS O 136 -16.79 62.47 28.68
N SER O 137 -16.64 61.15 28.65
CA SER O 137 -17.61 60.31 27.96
C SER O 137 -18.82 60.10 28.85
N LYS O 138 -20.02 59.98 28.27
CA LYS O 138 -21.21 59.91 29.12
C LYS O 138 -21.27 58.59 29.90
N LEU O 139 -21.14 57.46 29.19
CA LEU O 139 -21.34 56.12 29.71
C LEU O 139 -22.73 56.07 30.35
N ALA O 140 -23.75 56.36 29.53
CA ALA O 140 -25.14 56.41 29.96
C ALA O 140 -25.72 54.99 29.98
N GLU O 141 -26.45 54.64 31.06
CA GLU O 141 -27.02 53.30 31.20
C GLU O 141 -27.71 52.82 29.92
N SER O 142 -28.37 53.73 29.20
CA SER O 142 -29.09 53.38 27.97
C SER O 142 -28.14 52.89 26.88
N ALA O 143 -26.93 53.46 26.85
CA ALA O 143 -25.95 53.13 25.82
C ALA O 143 -25.20 51.85 26.18
N ILE O 144 -24.93 51.66 27.49
CA ILE O 144 -24.36 50.42 28.00
C ILE O 144 -25.26 49.26 27.58
N ASP O 145 -26.58 49.46 27.70
CA ASP O 145 -27.54 48.40 27.51
C ASP O 145 -27.65 48.05 26.02
N ARG O 146 -27.55 49.08 25.18
CA ARG O 146 -27.58 48.93 23.73
C ARG O 146 -26.35 48.19 23.21
N GLU O 147 -25.14 48.51 23.73
CA GLU O 147 -23.90 47.95 23.22
C GLU O 147 -23.74 46.51 23.69
N ARG O 148 -24.40 46.21 24.82
CA ARG O 148 -24.33 44.92 25.47
C ARG O 148 -24.82 43.82 24.53
N GLU O 149 -25.61 44.20 23.51
CA GLU O 149 -26.13 43.25 22.53
C GLU O 149 -25.17 43.15 21.34
N VAL O 150 -24.62 44.31 20.95
CA VAL O 150 -23.69 44.45 19.84
C VAL O 150 -22.45 43.61 20.14
N ILE O 151 -21.99 43.69 21.38
CA ILE O 151 -20.79 43.01 21.84
C ILE O 151 -21.11 41.52 22.00
N THR O 152 -22.35 41.20 22.38
CA THR O 152 -22.77 39.81 22.51
C THR O 152 -22.68 39.12 21.14
N ARG O 153 -23.10 39.83 20.09
CA ARG O 153 -23.05 39.35 18.72
C ARG O 153 -21.62 39.22 18.20
N GLU O 154 -20.67 39.97 18.77
CA GLU O 154 -19.28 39.93 18.35
C GLU O 154 -18.63 38.61 18.76
N LEU O 155 -19.07 38.06 19.90
CA LEU O 155 -18.66 36.75 20.37
C LEU O 155 -18.90 35.65 19.33
N GLU O 156 -19.93 35.80 18.47
CA GLU O 156 -20.30 34.73 17.56
C GLU O 156 -19.95 35.04 16.11
N GLU O 157 -18.96 35.92 15.90
CA GLU O 157 -18.59 36.34 14.55
C GLU O 157 -17.08 36.44 14.40
N VAL O 158 -16.37 36.44 15.54
CA VAL O 158 -14.92 36.25 15.56
C VAL O 158 -14.60 34.84 15.10
N ASN O 159 -15.56 33.92 15.33
CA ASN O 159 -15.54 32.50 15.00
C ASN O 159 -15.09 32.27 13.55
N LYS O 160 -15.28 33.29 12.71
CA LYS O 160 -14.98 33.22 11.30
C LYS O 160 -13.52 33.63 11.03
N GLN O 161 -12.97 34.51 11.88
CA GLN O 161 -11.61 35.01 11.69
C GLN O 161 -10.63 34.01 12.28
N TYR O 162 -10.22 33.05 11.45
CA TYR O 162 -9.58 31.85 11.95
C TYR O 162 -8.26 32.19 12.62
N GLU O 163 -7.51 33.11 12.02
CA GLU O 163 -6.23 33.48 12.60
C GLU O 163 -6.44 33.99 14.03
N GLU O 164 -7.46 34.82 14.23
CA GLU O 164 -7.74 35.40 15.54
C GLU O 164 -8.18 34.33 16.52
N VAL O 165 -8.98 33.38 16.05
CA VAL O 165 -9.42 32.27 16.89
C VAL O 165 -8.21 31.51 17.39
N VAL O 166 -7.29 31.21 16.46
CA VAL O 166 -6.10 30.45 16.76
C VAL O 166 -5.24 31.23 17.77
N PHE O 167 -4.98 32.51 17.52
CA PHE O 167 -4.12 33.23 18.44
C PHE O 167 -4.76 33.47 19.80
N ASP O 168 -6.09 33.63 19.85
CA ASP O 168 -6.70 33.78 21.17
C ASP O 168 -6.63 32.48 21.96
N HIS O 169 -6.78 31.32 21.30
CA HIS O 169 -6.63 30.09 22.05
C HIS O 169 -5.18 29.88 22.45
N LEU O 170 -4.26 30.35 21.61
CA LEU O 170 -2.84 30.21 21.89
C LEU O 170 -2.48 30.95 23.17
N HIS O 171 -2.96 32.19 23.32
CA HIS O 171 -2.70 32.91 24.56
C HIS O 171 -3.39 32.23 25.74
N ALA O 172 -4.60 31.73 25.53
CA ALA O 172 -5.40 31.17 26.62
C ALA O 172 -4.67 29.95 27.21
N THR O 173 -4.03 29.17 26.34
CA THR O 173 -3.41 27.94 26.82
C THR O 173 -1.98 28.21 27.32
N ALA O 174 -1.20 29.02 26.58
CA ALA O 174 0.17 29.32 26.96
C ALA O 174 0.20 30.02 28.33
N PHE O 175 -0.76 30.92 28.57
CA PHE O 175 -0.76 31.64 29.84
C PHE O 175 -1.97 31.21 30.64
N MET O 176 -2.11 29.91 30.83
CA MET O 176 -3.30 29.29 31.39
C MET O 176 -3.60 29.91 32.76
N ASN O 177 -4.84 30.41 32.92
CA ASN O 177 -5.35 31.02 34.14
C ASN O 177 -4.57 32.25 34.58
N GLN O 178 -3.92 32.95 33.65
CA GLN O 178 -3.18 34.14 34.02
C GLN O 178 -3.77 35.31 33.24
N PRO O 179 -3.58 36.59 33.68
CA PRO O 179 -4.12 37.74 32.93
C PRO O 179 -3.81 37.80 31.43
N LEU O 180 -2.60 37.42 31.01
CA LEU O 180 -2.33 37.42 29.57
C LEU O 180 -3.13 36.35 28.84
N GLY O 181 -3.67 35.37 29.56
CA GLY O 181 -4.42 34.31 28.91
C GLY O 181 -5.86 34.69 28.61
N ARG O 182 -6.33 35.84 29.12
CA ARG O 182 -7.73 36.17 28.95
C ARG O 182 -7.94 36.79 27.58
N THR O 183 -9.17 36.65 27.09
CA THR O 183 -9.57 37.28 25.84
C THR O 183 -9.75 38.78 26.08
N ILE O 184 -9.74 39.53 24.98
CA ILE O 184 -10.01 40.96 25.04
C ILE O 184 -11.51 41.20 25.21
N LEU O 185 -12.35 40.42 24.50
CA LEU O 185 -13.79 40.61 24.57
C LEU O 185 -14.36 40.23 25.94
N GLY O 186 -13.72 39.27 26.60
CA GLY O 186 -14.16 38.80 27.89
C GLY O 186 -15.28 37.77 27.74
N PRO O 187 -15.68 37.07 28.83
CA PRO O 187 -16.75 36.08 28.74
C PRO O 187 -18.13 36.73 28.60
N ARG O 188 -19.08 35.96 28.05
CA ARG O 188 -20.47 36.35 27.85
C ARG O 188 -21.08 36.91 29.13
N GLU O 189 -20.74 36.28 30.26
CA GLU O 189 -21.29 36.57 31.57
C GLU O 189 -20.95 38.00 32.00
N ASN O 190 -19.74 38.46 31.64
CA ASN O 190 -19.26 39.76 32.06
C ASN O 190 -19.93 40.82 31.20
N ILE O 191 -20.14 40.48 29.94
CA ILE O 191 -20.76 41.40 29.01
C ILE O 191 -22.15 41.78 29.51
N GLN O 192 -22.84 40.84 30.18
CA GLN O 192 -24.18 41.08 30.68
C GLN O 192 -24.18 41.84 32.01
N THR O 193 -23.01 41.96 32.65
CA THR O 193 -22.96 42.52 34.01
C THR O 193 -22.03 43.73 34.12
N ILE O 194 -21.50 44.23 33.00
CA ILE O 194 -20.62 45.40 33.05
C ILE O 194 -21.50 46.63 33.29
N THR O 195 -21.19 47.40 34.35
CA THR O 195 -21.94 48.60 34.71
C THR O 195 -21.11 49.83 34.39
N ASN O 196 -21.77 51.01 34.36
CA ASN O 196 -21.08 52.28 34.12
C ASN O 196 -20.10 52.57 35.24
N THR O 197 -20.34 52.00 36.43
CA THR O 197 -19.48 52.17 37.60
C THR O 197 -18.13 51.53 37.34
N GLU O 198 -18.17 50.26 36.88
CA GLU O 198 -16.98 49.50 36.60
C GLU O 198 -16.21 50.16 35.46
N LEU O 199 -16.95 50.62 34.45
CA LEU O 199 -16.33 51.29 33.31
C LEU O 199 -15.58 52.52 33.76
N ARG O 200 -16.20 53.29 34.67
CA ARG O 200 -15.67 54.56 35.11
C ARG O 200 -14.44 54.30 35.97
N LYS O 201 -14.53 53.25 36.79
CA LYS O 201 -13.45 52.87 37.67
C LYS O 201 -12.24 52.44 36.86
N PHE O 202 -12.47 51.73 35.74
CA PHE O 202 -11.39 51.18 34.97
C PHE O 202 -10.59 52.31 34.34
N ILE O 203 -11.30 53.26 33.72
CA ILE O 203 -10.65 54.32 32.98
C ILE O 203 -10.09 55.37 33.92
N THR O 204 -10.50 55.35 35.20
CA THR O 204 -9.99 56.32 36.15
C THR O 204 -8.67 55.81 36.74
N GLU O 205 -8.61 54.49 36.91
CA GLU O 205 -7.44 53.84 37.47
C GLU O 205 -6.34 53.72 36.42
N ASN O 206 -6.71 53.56 35.14
CA ASN O 206 -5.74 53.12 34.15
C ASN O 206 -5.34 54.23 33.19
N TYR O 207 -6.30 55.09 32.81
CA TYR O 207 -6.05 56.13 31.83
C TYR O 207 -5.51 57.37 32.54
N THR O 208 -4.30 57.22 33.08
CA THR O 208 -3.66 58.32 33.80
C THR O 208 -2.55 58.88 32.92
N ALA O 209 -2.19 60.13 33.22
CA ALA O 209 -1.35 60.94 32.38
C ALA O 209 0.04 60.31 32.23
N ASP O 210 0.51 59.65 33.28
CA ASP O 210 1.84 59.06 33.25
C ASP O 210 1.82 57.75 32.44
N ARG O 211 0.64 57.33 32.00
CA ARG O 211 0.56 56.10 31.21
C ARG O 211 0.18 56.40 29.76
N MET O 212 0.12 57.69 29.43
CA MET O 212 -0.45 58.10 28.16
C MET O 212 0.58 58.86 27.33
N VAL O 213 0.52 58.69 26.01
CA VAL O 213 1.40 59.42 25.12
C VAL O 213 0.55 60.03 24.03
N LEU O 214 0.65 61.35 23.86
CA LEU O 214 0.02 62.02 22.72
C LEU O 214 1.02 62.03 21.56
N VAL O 215 0.63 61.43 20.44
CA VAL O 215 1.56 61.22 19.35
C VAL O 215 1.05 61.98 18.13
N GLY O 216 1.97 62.66 17.42
CA GLY O 216 1.66 63.24 16.12
C GLY O 216 2.66 62.80 15.05
N ALA O 217 2.14 62.39 13.89
CA ALA O 217 3.01 62.09 12.76
C ALA O 217 2.42 62.70 11.49
N GLY O 218 3.32 63.17 10.62
CA GLY O 218 2.95 63.76 9.35
C GLY O 218 3.05 65.28 9.44
N ALA O 219 2.00 65.97 9.01
CA ALA O 219 2.05 67.42 8.95
C ALA O 219 1.59 68.00 10.28
N VAL O 220 2.44 67.85 11.30
CA VAL O 220 2.18 68.35 12.64
C VAL O 220 3.39 69.19 13.04
N ASP O 221 3.15 70.32 13.71
CA ASP O 221 4.22 71.01 14.40
C ASP O 221 4.23 70.53 15.84
N HIS O 222 5.42 70.17 16.34
CA HIS O 222 5.56 69.68 17.70
C HIS O 222 5.09 70.72 18.71
N ASP O 223 5.47 71.99 18.49
CA ASP O 223 5.21 73.06 19.44
C ASP O 223 3.71 73.36 19.52
N ALA O 224 3.04 73.18 18.37
CA ALA O 224 1.60 73.36 18.27
C ALA O 224 0.86 72.23 18.99
N LEU O 225 1.40 71.02 18.90
CA LEU O 225 0.82 69.83 19.49
C LEU O 225 0.94 69.88 21.02
N VAL O 226 2.06 70.44 21.51
CA VAL O 226 2.30 70.56 22.93
C VAL O 226 1.33 71.57 23.54
N GLU O 227 0.99 72.61 22.76
CA GLU O 227 0.07 73.64 23.20
C GLU O 227 -1.35 73.07 23.29
N LEU O 228 -1.71 72.25 22.31
CA LEU O 228 -3.00 71.58 22.27
C LEU O 228 -3.14 70.61 23.43
N ALA O 229 -2.01 70.05 23.89
CA ALA O 229 -2.00 69.10 25.00
C ALA O 229 -2.19 69.83 26.32
N GLU O 230 -1.64 71.04 26.40
CA GLU O 230 -1.75 71.91 27.57
C GLU O 230 -3.18 72.43 27.69
N LYS O 231 -3.89 72.47 26.56
CA LYS O 231 -5.21 73.05 26.50
C LYS O 231 -6.27 71.99 26.84
N TYR O 232 -5.99 70.73 26.49
CA TYR O 232 -7.05 69.73 26.51
C TYR O 232 -6.75 68.61 27.49
N PHE O 233 -5.47 68.29 27.68
CA PHE O 233 -5.14 67.14 28.49
C PHE O 233 -4.44 67.56 29.78
N SER O 234 -4.67 68.80 30.23
CA SER O 234 -3.94 69.25 31.41
C SER O 234 -4.59 68.75 32.70
N HIS O 235 -5.92 68.59 32.69
CA HIS O 235 -6.65 68.09 33.83
C HIS O 235 -6.82 66.58 33.74
N LEU O 236 -5.74 65.85 33.43
CA LEU O 236 -5.75 64.39 33.51
C LEU O 236 -5.21 63.99 34.87
N PRO O 237 -5.79 62.97 35.54
CA PRO O 237 -5.25 62.48 36.81
C PRO O 237 -3.85 61.90 36.62
N SER O 238 -2.99 62.11 37.60
CA SER O 238 -1.75 61.36 37.69
C SER O 238 -1.95 60.16 38.62
N SER O 239 -1.29 59.04 38.32
CA SER O 239 -1.37 57.87 39.19
C SER O 239 -0.60 58.12 40.48
N GLN O 240 -0.95 57.37 41.53
CA GLN O 240 -0.39 57.51 42.87
C GLN O 240 1.09 57.15 42.86
N SER O 241 1.43 56.04 42.18
CA SER O 241 2.79 55.54 42.05
C SER O 241 3.21 55.54 40.58
N PRO O 242 3.76 56.67 40.06
CA PRO O 242 4.19 56.75 38.66
C PRO O 242 5.43 55.91 38.37
N VAL O 243 5.21 54.74 37.77
CA VAL O 243 6.26 53.90 37.25
C VAL O 243 6.61 54.38 35.84
N PRO O 244 7.80 54.05 35.28
CA PRO O 244 8.15 54.42 33.89
C PRO O 244 7.24 53.72 32.89
N LEU O 245 7.12 54.29 31.68
CA LEU O 245 6.34 53.67 30.61
C LEU O 245 6.93 52.31 30.26
N GLY O 246 6.04 51.33 30.09
CA GLY O 246 6.36 49.97 29.66
C GLY O 246 6.82 49.08 30.81
N THR O 247 6.44 49.45 32.04
CA THR O 247 6.69 48.65 33.22
C THR O 247 5.60 47.58 33.34
N PRO O 248 5.97 46.29 33.60
CA PRO O 248 4.99 45.21 33.77
C PRO O 248 3.80 45.49 34.70
N ILE O 260 3.88 37.13 37.66
CA ILE O 260 4.98 36.80 36.69
C ILE O 260 4.50 35.67 35.80
N PRO O 261 4.46 35.86 34.46
CA PRO O 261 3.88 34.86 33.54
C PRO O 261 4.63 33.53 33.61
N ASN O 262 3.88 32.45 33.73
CA ASN O 262 4.47 31.14 33.86
C ASN O 262 3.90 30.32 32.71
N PHE O 263 4.67 30.17 31.62
CA PHE O 263 4.22 29.53 30.39
C PHE O 263 3.77 28.10 30.66
N VAL O 264 2.70 27.64 30.00
CA VAL O 264 2.29 26.25 30.15
C VAL O 264 2.42 25.56 28.80
N GLY O 265 3.29 24.55 28.71
CA GLY O 265 3.30 23.67 27.55
C GLY O 265 1.98 22.90 27.47
N SER O 266 1.26 23.01 26.36
CA SER O 266 -0.13 22.57 26.34
C SER O 266 -0.65 22.62 24.91
N GLU O 267 -1.84 22.04 24.69
CA GLU O 267 -2.43 22.11 23.37
C GLU O 267 -3.94 22.31 23.48
N VAL O 268 -4.48 22.94 22.43
CA VAL O 268 -5.91 23.05 22.21
C VAL O 268 -6.15 22.50 20.82
N ARG O 269 -7.06 21.54 20.70
CA ARG O 269 -7.43 21.02 19.40
C ARG O 269 -8.89 21.38 19.13
N LEU O 270 -9.14 22.10 18.04
CA LEU O 270 -10.49 22.48 17.68
C LEU O 270 -10.77 21.84 16.33
N ARG O 271 -10.91 20.52 16.36
CA ARG O 271 -11.06 19.80 15.12
C ARG O 271 -12.40 20.15 14.49
N ASP O 272 -12.38 20.41 13.18
CA ASP O 272 -13.60 20.67 12.44
C ASP O 272 -13.39 20.10 11.04
N ASP O 273 -13.94 18.91 10.80
CA ASP O 273 -13.70 18.20 9.57
C ASP O 273 -14.37 18.89 8.38
N THR O 274 -15.28 19.82 8.65
CA THR O 274 -15.99 20.47 7.55
C THR O 274 -15.18 21.65 6.99
N MET O 275 -14.13 22.10 7.69
CA MET O 275 -13.28 23.16 7.17
C MET O 275 -12.30 22.55 6.16
N PRO O 276 -12.06 23.20 5.02
CA PRO O 276 -11.03 22.75 4.09
C PRO O 276 -9.59 23.06 4.48
N VAL O 277 -9.37 24.10 5.30
CA VAL O 277 -8.01 24.54 5.61
C VAL O 277 -7.74 24.29 7.09
N ALA O 278 -6.61 23.65 7.41
CA ALA O 278 -6.16 23.52 8.79
C ALA O 278 -5.37 24.78 9.18
N HIS O 279 -5.58 25.30 10.39
CA HIS O 279 -4.81 26.42 10.90
C HIS O 279 -4.09 25.94 12.15
N ILE O 280 -2.77 26.09 12.21
CA ILE O 280 -2.00 25.55 13.32
C ILE O 280 -1.03 26.62 13.79
N ALA O 281 -1.00 26.89 15.10
CA ALA O 281 0.04 27.74 15.64
C ALA O 281 0.86 26.92 16.63
N ILE O 282 2.19 27.14 16.61
CA ILE O 282 3.08 26.50 17.56
C ILE O 282 3.95 27.62 18.11
N ALA O 283 4.07 27.70 19.44
CA ALA O 283 4.87 28.76 20.01
C ALA O 283 5.61 28.25 21.24
N VAL O 284 6.72 28.92 21.55
CA VAL O 284 7.39 28.75 22.83
C VAL O 284 7.31 30.10 23.53
N GLU O 285 7.64 30.10 24.82
CA GLU O 285 7.81 31.36 25.52
C GLU O 285 8.91 32.17 24.85
N GLY O 286 8.60 33.41 24.45
CA GLY O 286 9.51 34.27 23.71
C GLY O 286 10.10 35.34 24.62
N VAL O 287 10.26 36.56 24.10
CA VAL O 287 11.07 37.57 24.78
C VAL O 287 10.21 38.81 24.99
N SER O 288 10.50 39.55 26.07
CA SER O 288 9.81 40.81 26.32
C SER O 288 10.44 41.94 25.49
N TRP O 289 9.77 43.11 25.49
CA TRP O 289 10.26 44.27 24.75
C TRP O 289 11.68 44.64 25.15
N THR O 290 12.00 44.49 26.44
CA THR O 290 13.26 45.02 26.92
C THR O 290 14.26 43.90 27.15
N SER O 291 13.94 42.68 26.71
CA SER O 291 14.91 41.60 26.79
C SER O 291 16.22 41.98 26.10
N GLU O 292 17.32 41.45 26.63
CA GLU O 292 18.60 41.53 25.95
C GLU O 292 18.61 40.68 24.68
N ASP O 293 17.65 39.76 24.54
CA ASP O 293 17.64 38.88 23.39
C ASP O 293 16.59 39.31 22.37
N TYR O 294 16.03 40.50 22.55
CA TYR O 294 14.97 40.98 21.69
C TYR O 294 15.36 40.88 20.22
N TYR O 295 16.55 41.41 19.87
CA TYR O 295 16.99 41.42 18.48
C TYR O 295 17.44 40.04 18.03
N THR O 296 18.03 39.28 18.93
CA THR O 296 18.42 37.92 18.61
C THR O 296 17.21 37.11 18.19
N ALA O 297 16.10 37.27 18.91
CA ALA O 297 14.88 36.55 18.61
C ALA O 297 14.27 36.99 17.27
N LEU O 298 14.42 38.28 16.91
CA LEU O 298 13.93 38.80 15.64
C LEU O 298 14.74 38.20 14.49
N VAL O 299 16.06 38.12 14.67
CA VAL O 299 16.90 37.52 13.66
C VAL O 299 16.52 36.04 13.49
N ALA O 300 16.34 35.33 14.59
CA ALA O 300 15.98 33.92 14.50
C ALA O 300 14.67 33.77 13.72
N GLN O 301 13.71 34.65 14.01
CA GLN O 301 12.41 34.62 13.35
C GLN O 301 12.57 34.84 11.84
N ALA O 302 13.48 35.75 11.45
CA ALA O 302 13.70 36.06 10.03
C ALA O 302 14.40 34.92 9.29
N ILE O 303 15.17 34.09 9.99
CA ILE O 303 15.80 32.93 9.36
C ILE O 303 14.72 31.96 8.89
N ILE O 304 13.65 31.78 9.65
CA ILE O 304 12.57 30.90 9.21
C ILE O 304 11.72 31.66 8.19
N GLY O 305 11.29 32.86 8.58
CA GLY O 305 10.61 33.78 7.67
C GLY O 305 9.16 33.40 7.42
N ASN O 306 8.61 33.95 6.34
CA ASN O 306 7.21 33.76 5.98
C ASN O 306 7.12 33.13 4.60
N TYR O 307 5.94 32.62 4.27
CA TYR O 307 5.73 32.02 2.98
C TYR O 307 4.27 32.14 2.63
N ASP O 308 3.95 32.36 1.36
CA ASP O 308 2.57 32.41 0.92
C ASP O 308 2.53 31.94 -0.53
N ARG O 309 1.82 30.84 -0.81
CA ARG O 309 1.81 30.29 -2.17
C ARG O 309 1.22 31.28 -3.16
N ALA O 310 0.44 32.25 -2.70
CA ALA O 310 -0.20 33.19 -3.61
C ALA O 310 0.74 34.31 -4.04
N VAL O 311 1.89 34.43 -3.38
CA VAL O 311 2.81 35.48 -3.77
C VAL O 311 3.80 34.84 -4.74
N GLY O 312 4.07 35.51 -5.86
CA GLY O 312 4.90 34.96 -6.93
C GLY O 312 6.34 34.67 -6.48
N THR O 313 6.90 35.56 -5.66
CA THR O 313 8.30 35.46 -5.28
C THR O 313 8.54 34.37 -4.23
N SER O 314 7.49 33.86 -3.58
CA SER O 314 7.68 33.03 -2.40
C SER O 314 8.35 31.69 -2.74
N ARG O 315 8.19 31.19 -3.97
CA ARG O 315 8.84 29.95 -4.32
C ARG O 315 10.37 30.12 -4.44
N HIS O 316 10.86 31.36 -4.46
CA HIS O 316 12.29 31.54 -4.66
C HIS O 316 13.01 32.03 -3.41
N GLN O 317 12.32 32.06 -2.26
CA GLN O 317 12.91 32.59 -1.04
C GLN O 317 14.06 31.70 -0.56
N GLY O 318 15.02 32.31 0.15
CA GLY O 318 16.22 31.64 0.62
C GLY O 318 15.98 30.71 1.81
N SER O 319 14.94 30.99 2.62
CA SER O 319 14.61 30.22 3.81
C SER O 319 14.47 28.74 3.45
N ARG O 320 15.15 27.88 4.23
CA ARG O 320 15.09 26.44 4.01
C ARG O 320 13.66 25.91 4.15
N LEU O 321 12.94 26.37 5.17
CA LEU O 321 11.57 25.90 5.37
C LEU O 321 10.71 26.28 4.18
N SER O 322 10.89 27.50 3.67
CA SER O 322 10.16 27.97 2.50
C SER O 322 10.37 27.01 1.33
N ASN O 323 11.61 26.60 1.11
CA ASN O 323 11.94 25.68 0.02
C ASN O 323 11.26 24.32 0.22
N ILE O 324 11.35 23.76 1.44
CA ILE O 324 10.75 22.45 1.71
C ILE O 324 9.25 22.52 1.47
N VAL O 325 8.62 23.57 2.00
CA VAL O 325 7.18 23.69 1.98
C VAL O 325 6.69 23.90 0.55
N SER O 326 7.37 24.77 -0.21
CA SER O 326 6.89 25.05 -1.56
C SER O 326 7.11 23.86 -2.49
N GLU O 327 8.28 23.21 -2.42
CA GLU O 327 8.57 22.07 -3.28
C GLU O 327 7.60 20.91 -3.04
N ASN O 328 7.15 20.74 -1.79
CA ASN O 328 6.37 19.57 -1.46
C ASN O 328 4.88 19.91 -1.32
N ASN O 329 4.50 21.17 -1.62
CA ASN O 329 3.14 21.65 -1.44
C ASN O 329 2.60 21.34 -0.05
N LEU O 330 3.37 21.67 0.99
CA LEU O 330 2.92 21.26 2.30
C LEU O 330 1.94 22.26 2.90
N ALA O 331 1.92 23.51 2.42
CA ALA O 331 1.12 24.51 3.10
C ALA O 331 0.65 25.56 2.10
N ASN O 332 -0.40 26.29 2.45
CA ASN O 332 -0.75 27.49 1.71
C ASN O 332 0.11 28.66 2.18
N SER O 333 0.41 28.68 3.48
CA SER O 333 1.17 29.79 4.03
C SER O 333 1.78 29.40 5.37
N PHE O 334 2.83 30.11 5.75
CA PHE O 334 3.27 30.15 7.13
C PHE O 334 3.79 31.55 7.43
N GLN O 335 3.74 31.91 8.71
CA GLN O 335 4.15 33.22 9.14
C GLN O 335 4.85 33.05 10.48
N SER O 336 6.14 33.34 10.54
CA SER O 336 6.87 33.31 11.80
C SER O 336 6.50 34.56 12.59
N PHE O 337 6.39 34.45 13.91
CA PHE O 337 6.14 35.64 14.70
C PHE O 337 7.02 35.63 15.94
N SER O 338 7.27 36.83 16.47
CA SER O 338 7.90 36.99 17.76
C SER O 338 7.15 38.11 18.46
N THR O 339 6.10 37.76 19.19
CA THR O 339 5.24 38.70 19.89
C THR O 339 5.82 39.00 21.27
N SER O 340 5.91 40.29 21.63
CA SER O 340 6.51 40.69 22.88
C SER O 340 5.46 41.33 23.78
N TYR O 341 5.61 41.11 25.09
CA TYR O 341 4.84 41.85 26.09
C TYR O 341 5.83 42.50 27.03
N SER O 342 5.32 43.16 28.08
CA SER O 342 6.20 43.83 29.02
C SER O 342 7.11 42.82 29.76
N ASP O 343 6.62 41.60 30.01
CA ASP O 343 7.39 40.71 30.87
C ASP O 343 7.53 39.30 30.29
N THR O 344 7.09 39.08 29.06
CA THR O 344 7.15 37.76 28.43
C THR O 344 6.92 37.96 26.93
N GLY O 345 6.77 36.86 26.19
CA GLY O 345 6.42 36.94 24.78
C GLY O 345 6.07 35.55 24.26
N LEU O 346 5.67 35.46 23.00
CA LEU O 346 5.48 34.16 22.37
C LEU O 346 6.26 34.18 21.07
N TRP O 347 7.04 33.14 20.80
CA TRP O 347 7.81 33.09 19.58
C TRP O 347 7.37 31.82 18.88
N GLY O 348 6.98 31.90 17.61
CA GLY O 348 6.53 30.67 16.99
C GLY O 348 6.14 30.86 15.54
N ILE O 349 5.21 30.02 15.07
CA ILE O 349 4.89 30.06 13.67
C ILE O 349 3.40 29.77 13.54
N TYR O 350 2.78 30.37 12.53
CA TYR O 350 1.39 30.12 12.23
C TYR O 350 1.33 29.51 10.82
N LEU O 351 0.70 28.34 10.67
CA LEU O 351 0.68 27.58 9.44
C LEU O 351 -0.76 27.46 8.93
N THR O 352 -0.97 27.54 7.62
CA THR O 352 -2.26 27.15 7.08
C THR O 352 -2.02 26.15 5.96
N SER O 353 -2.86 25.10 5.90
CA SER O 353 -2.62 24.05 4.94
C SER O 353 -3.94 23.37 4.57
N GLU O 354 -4.05 23.02 3.28
CA GLU O 354 -5.12 22.17 2.76
C GLU O 354 -4.63 20.74 2.61
N ASN O 355 -3.34 20.52 2.82
CA ASN O 355 -2.78 19.21 2.58
C ASN O 355 -3.00 18.37 3.83
N THR O 356 -4.19 17.77 3.97
CA THR O 356 -4.58 17.23 5.26
C THR O 356 -3.87 15.90 5.57
N THR O 357 -3.29 15.24 4.57
CA THR O 357 -2.60 14.00 4.87
C THR O 357 -1.11 14.24 5.09
N GLN O 358 -0.64 15.48 4.96
CA GLN O 358 0.78 15.70 5.19
C GLN O 358 1.01 16.78 6.24
N ILE O 359 0.02 16.99 7.11
CA ILE O 359 0.21 17.91 8.22
C ILE O 359 1.41 17.45 9.05
N ASP O 360 1.53 16.13 9.21
CA ASP O 360 2.64 15.56 9.95
C ASP O 360 3.96 16.01 9.35
N ASP O 361 4.12 15.92 8.02
CA ASP O 361 5.34 16.37 7.36
C ASP O 361 5.57 17.86 7.57
N LEU O 362 4.52 18.66 7.41
CA LEU O 362 4.65 20.09 7.55
C LEU O 362 5.18 20.43 8.94
N VAL O 363 4.57 19.82 9.97
CA VAL O 363 4.97 20.14 11.33
C VAL O 363 6.38 19.60 11.57
N HIS O 364 6.63 18.39 11.09
CA HIS O 364 7.93 17.76 11.25
C HIS O 364 9.03 18.67 10.68
N PHE O 365 8.87 19.10 9.43
CA PHE O 365 9.92 19.89 8.78
C PHE O 365 10.05 21.27 9.41
N THR O 366 8.94 21.84 9.87
CA THR O 366 9.00 23.11 10.57
C THR O 366 9.88 22.96 11.82
N LEU O 367 9.60 21.94 12.64
CA LEU O 367 10.33 21.87 13.89
C LEU O 367 11.78 21.46 13.66
N LYS O 368 12.06 20.76 12.57
CA LYS O 368 13.43 20.41 12.26
C LYS O 368 14.23 21.65 11.81
N GLU O 369 13.58 22.62 11.16
CA GLU O 369 14.23 23.89 10.86
C GLU O 369 14.49 24.70 12.13
N TRP O 370 13.55 24.68 13.10
CA TRP O 370 13.84 25.29 14.39
C TRP O 370 15.03 24.59 15.07
N ASN O 371 15.13 23.26 14.98
CA ASN O 371 16.24 22.57 15.61
C ASN O 371 17.56 23.13 15.07
N ARG O 372 17.62 23.45 13.77
CA ARG O 372 18.84 23.92 13.15
C ARG O 372 19.28 25.30 13.63
N LEU O 373 18.36 26.07 14.24
CA LEU O 373 18.76 27.31 14.88
C LEU O 373 19.72 27.02 16.03
N SER O 374 19.58 25.84 16.66
CA SER O 374 20.44 25.43 17.77
C SER O 374 21.69 24.72 17.25
N THR O 375 21.58 23.94 16.17
CA THR O 375 22.63 22.98 15.87
C THR O 375 23.51 23.43 14.71
N SER O 376 22.94 24.12 13.71
CA SER O 376 23.58 24.25 12.41
C SER O 376 23.78 25.69 11.95
N VAL O 377 23.05 26.66 12.49
CA VAL O 377 23.11 27.98 11.86
C VAL O 377 24.52 28.55 12.00
N SER O 378 24.97 29.23 10.94
CA SER O 378 26.28 29.84 10.91
C SER O 378 26.10 31.30 10.50
N ASN O 379 27.19 32.06 10.25
CA ASN O 379 26.81 33.38 9.80
C ASN O 379 26.32 33.48 8.37
N LEU O 380 26.41 32.41 7.60
CA LEU O 380 25.63 32.43 6.36
C LEU O 380 24.18 32.89 6.56
N GLN O 381 23.39 32.11 7.33
CA GLN O 381 21.98 32.40 7.57
C GLN O 381 21.86 33.70 8.36
N VAL O 382 22.70 33.86 9.38
CA VAL O 382 22.55 34.99 10.28
C VAL O 382 22.79 36.30 9.53
N GLU O 383 23.84 36.35 8.69
CA GLU O 383 24.15 37.62 8.04
C GLU O 383 23.12 37.92 6.97
N ARG O 384 22.52 36.87 6.39
CA ARG O 384 21.45 37.07 5.44
C ARG O 384 20.21 37.67 6.11
N ALA O 385 19.83 37.16 7.30
CA ALA O 385 18.65 37.61 8.02
C ALA O 385 18.84 39.03 8.56
N LYS O 386 20.07 39.35 9.00
CA LYS O 386 20.34 40.69 9.49
C LYS O 386 20.15 41.70 8.36
N SER O 387 20.68 41.39 7.16
CA SER O 387 20.55 42.25 5.99
C SER O 387 19.09 42.56 5.70
N GLN O 388 18.26 41.51 5.72
CA GLN O 388 16.84 41.59 5.43
C GLN O 388 16.10 42.42 6.48
N LEU O 389 16.57 42.44 7.74
CA LEU O 389 15.88 43.05 8.86
C LEU O 389 16.22 44.54 8.96
N LYS O 390 17.49 44.85 8.68
CA LYS O 390 17.98 46.22 8.70
C LYS O 390 17.08 47.10 7.84
N ALA O 391 16.62 46.58 6.70
CA ALA O 391 15.70 47.29 5.84
C ALA O 391 14.26 47.13 6.35
N GLY O 392 13.91 45.89 6.72
CA GLY O 392 12.53 45.55 7.06
C GLY O 392 11.97 46.38 8.22
N LEU O 393 12.84 46.74 9.18
CA LEU O 393 12.43 47.54 10.33
C LEU O 393 12.20 49.00 9.94
N LEU O 394 12.70 49.42 8.78
CA LEU O 394 12.52 50.78 8.29
C LEU O 394 11.37 50.85 7.30
N LEU O 395 11.21 49.82 6.45
CA LEU O 395 10.21 49.79 5.39
C LEU O 395 8.80 49.86 5.96
N SER O 396 8.60 49.11 7.05
CA SER O 396 7.31 49.01 7.72
C SER O 396 6.72 50.40 7.97
N LEU O 397 7.57 51.42 8.16
CA LEU O 397 7.10 52.75 8.46
C LEU O 397 6.85 53.53 7.16
N ASP O 398 5.68 53.29 6.56
CA ASP O 398 5.32 53.81 5.25
C ASP O 398 4.55 55.12 5.36
N GLY O 399 3.34 55.07 5.90
CA GLY O 399 2.47 56.23 5.99
C GLY O 399 2.52 56.82 7.40
N THR O 400 1.74 57.89 7.63
CA THR O 400 1.74 58.62 8.90
C THR O 400 1.19 57.75 10.02
N THR O 401 0.25 56.86 9.68
CA THR O 401 -0.38 56.01 10.69
C THR O 401 0.63 54.99 11.19
N TYR O 402 1.50 54.49 10.29
CA TYR O 402 2.50 53.51 10.68
C TYR O 402 3.59 54.19 11.52
N VAL O 403 3.89 55.45 11.18
CA VAL O 403 4.90 56.18 11.92
C VAL O 403 4.36 56.47 13.32
N ALA O 404 3.09 56.88 13.41
CA ALA O 404 2.48 57.21 14.69
C ALA O 404 2.41 55.95 15.55
N GLU O 405 2.11 54.82 14.89
CA GLU O 405 1.99 53.57 15.61
C GLU O 405 3.36 53.17 16.14
N ASP O 406 4.42 53.45 15.37
CA ASP O 406 5.77 53.13 15.78
C ASP O 406 6.20 54.00 16.95
N ILE O 407 5.94 55.30 16.87
CA ILE O 407 6.32 56.19 17.96
C ILE O 407 5.56 55.77 19.22
N GLY O 408 4.25 55.56 19.08
CA GLY O 408 3.39 55.26 20.21
C GLY O 408 3.73 53.94 20.88
N ARG O 409 4.00 52.91 20.06
CA ARG O 409 4.35 51.60 20.57
C ARG O 409 5.67 51.68 21.33
N GLN O 410 6.69 52.26 20.70
CA GLN O 410 8.00 52.35 21.33
C GLN O 410 7.96 53.19 22.61
N LEU O 411 7.18 54.27 22.65
CA LEU O 411 7.15 55.11 23.83
C LEU O 411 6.44 54.39 24.98
N THR O 412 5.46 53.53 24.66
CA THR O 412 4.68 52.89 25.70
C THR O 412 5.28 51.54 26.14
N THR O 413 6.30 51.04 25.44
CA THR O 413 6.92 49.76 25.77
C THR O 413 8.35 49.94 26.25
N LEU O 414 9.04 50.97 25.73
CA LEU O 414 10.45 51.16 26.05
C LEU O 414 10.68 52.46 26.79
N GLY O 415 9.70 53.38 26.73
CA GLY O 415 9.86 54.67 27.37
C GLY O 415 10.58 55.69 26.49
N ARG O 416 10.98 55.29 25.29
CA ARG O 416 11.71 56.16 24.37
C ARG O 416 11.57 55.63 22.95
N ARG O 417 11.76 56.52 21.97
CA ARG O 417 11.85 56.12 20.57
C ARG O 417 13.30 55.78 20.29
N VAL O 418 13.53 54.58 19.79
CA VAL O 418 14.89 54.17 19.47
C VAL O 418 15.18 54.60 18.03
N THR O 419 16.27 55.37 17.86
CA THR O 419 16.68 55.91 16.58
C THR O 419 17.11 54.77 15.66
N PRO O 420 16.98 54.89 14.32
CA PRO O 420 17.46 53.85 13.39
C PRO O 420 18.94 53.49 13.52
N ALA O 421 19.77 54.45 13.96
CA ALA O 421 21.19 54.21 14.17
C ALA O 421 21.41 53.22 15.32
N GLU O 422 20.63 53.38 16.39
CA GLU O 422 20.72 52.51 17.55
C GLU O 422 20.23 51.11 17.17
N VAL O 423 19.15 51.06 16.37
CA VAL O 423 18.56 49.80 15.95
C VAL O 423 19.54 49.08 15.01
N GLU O 424 20.27 49.84 14.20
CA GLU O 424 21.22 49.27 13.26
C GLU O 424 22.38 48.65 14.02
N ALA O 425 22.77 49.31 15.12
CA ALA O 425 23.86 48.85 15.96
C ALA O 425 23.48 47.59 16.74
N LYS O 426 22.25 47.54 17.26
CA LYS O 426 21.77 46.38 18.01
C LYS O 426 21.64 45.16 17.11
N LEU O 427 21.18 45.34 15.87
CA LEU O 427 21.10 44.26 14.89
C LEU O 427 22.50 43.77 14.53
N GLU O 428 23.42 44.71 14.32
CA GLU O 428 24.79 44.38 13.93
C GLU O 428 25.49 43.59 15.03
N ALA O 429 25.06 43.80 16.28
CA ALA O 429 25.69 43.10 17.39
C ALA O 429 25.26 41.63 17.47
N VAL O 430 24.23 41.22 16.72
CA VAL O 430 23.76 39.84 16.79
C VAL O 430 24.70 38.94 15.98
N THR O 431 25.35 37.98 16.64
CA THR O 431 26.22 37.03 15.95
C THR O 431 25.50 35.70 15.78
N GLU O 432 26.11 34.79 15.01
CA GLU O 432 25.66 33.42 14.92
C GLU O 432 25.69 32.74 16.29
N HIS O 433 26.67 33.09 17.15
CA HIS O 433 26.64 32.42 18.43
C HIS O 433 25.49 32.90 19.28
N ASP O 434 25.17 34.20 19.20
CA ASP O 434 24.03 34.72 19.91
C ASP O 434 22.80 33.92 19.51
N VAL O 435 22.61 33.69 18.20
CA VAL O 435 21.43 32.99 17.75
C VAL O 435 21.44 31.55 18.28
N ARG O 436 22.57 30.86 18.13
CA ARG O 436 22.69 29.49 18.62
C ARG O 436 22.45 29.44 20.12
N ALA O 437 23.06 30.36 20.87
CA ALA O 437 22.92 30.32 22.32
C ALA O 437 21.47 30.58 22.71
N TRP O 438 20.82 31.52 22.02
CA TRP O 438 19.43 31.84 22.31
C TRP O 438 18.53 30.65 21.99
N ALA O 439 18.74 30.01 20.84
CA ALA O 439 17.87 28.92 20.42
C ALA O 439 18.02 27.72 21.36
N GLN O 440 19.26 27.51 21.83
CA GLN O 440 19.55 26.39 22.72
C GLN O 440 18.87 26.56 24.07
N LYS O 441 18.59 27.80 24.47
CA LYS O 441 17.97 28.04 25.76
C LYS O 441 16.46 28.27 25.62
N THR O 442 16.00 28.60 24.42
CA THR O 442 14.62 29.05 24.24
C THR O 442 13.81 28.02 23.46
N LEU O 443 14.44 27.35 22.51
CA LEU O 443 13.69 26.46 21.63
C LEU O 443 14.03 25.02 21.92
N TYR O 444 15.33 24.75 22.13
CA TYR O 444 15.77 23.37 22.03
C TYR O 444 15.18 22.53 23.16
N ASP O 445 14.46 21.45 22.81
CA ASP O 445 13.91 20.54 23.82
C ASP O 445 13.00 21.30 24.79
N LYS O 446 12.22 22.26 24.31
CA LYS O 446 11.38 23.05 25.20
C LYS O 446 9.92 22.70 24.98
N ASP O 447 9.07 23.00 25.98
CA ASP O 447 7.63 22.85 25.87
C ASP O 447 7.08 23.84 24.86
N ILE O 448 6.05 23.42 24.14
CA ILE O 448 5.42 24.29 23.17
C ILE O 448 3.97 24.47 23.58
N ALA O 449 3.37 25.54 23.09
CA ALA O 449 1.93 25.71 23.12
C ALA O 449 1.46 25.48 21.69
N LEU O 450 0.43 24.66 21.53
CA LEU O 450 0.06 24.22 20.20
C LEU O 450 -1.45 24.40 20.06
N VAL O 451 -1.91 25.06 19.00
CA VAL O 451 -3.33 25.16 18.74
C VAL O 451 -3.56 24.66 17.32
N GLY O 452 -4.50 23.74 17.14
CA GLY O 452 -4.89 23.30 15.81
C GLY O 452 -6.37 23.55 15.61
N LEU O 453 -6.74 24.08 14.43
CA LEU O 453 -8.14 24.31 14.12
C LEU O 453 -8.41 23.76 12.73
N GLY O 454 -9.52 23.02 12.56
CA GLY O 454 -9.92 22.56 11.25
C GLY O 454 -9.67 21.08 11.06
N PRO O 455 -9.37 20.60 9.84
CA PRO O 455 -9.16 19.17 9.61
C PRO O 455 -7.80 18.67 10.08
N ILE O 456 -7.65 18.48 11.39
CA ILE O 456 -6.35 18.30 12.01
C ILE O 456 -6.18 16.87 12.51
N GLU O 457 -6.96 15.93 11.94
CA GLU O 457 -6.80 14.53 12.30
C GLU O 457 -5.34 14.11 12.15
N GLY O 458 -4.66 14.61 11.11
CA GLY O 458 -3.27 14.28 10.84
C GLY O 458 -2.27 14.97 11.77
N LEU O 459 -2.74 15.83 12.68
CA LEU O 459 -1.79 16.45 13.58
C LEU O 459 -1.57 15.47 14.73
N TYR O 460 -0.34 14.95 14.92
CA TYR O 460 -0.09 13.95 15.94
C TYR O 460 -0.31 14.52 17.34
N ASP O 461 -0.35 13.63 18.34
CA ASP O 461 -0.52 13.99 19.73
C ASP O 461 0.65 14.87 20.21
N TYR O 462 0.47 15.49 21.37
CA TYR O 462 1.43 16.43 21.93
C TYR O 462 2.86 15.86 21.94
N ASN O 463 3.06 14.64 22.45
CA ASN O 463 4.39 14.08 22.61
C ASN O 463 5.14 14.04 21.28
N ARG O 464 4.50 13.56 20.22
CA ARG O 464 5.21 13.44 18.96
C ARG O 464 5.54 14.81 18.38
N ILE O 465 4.72 15.83 18.68
CA ILE O 465 5.08 17.16 18.23
C ILE O 465 6.27 17.64 19.07
N ARG O 466 6.14 17.54 20.38
CA ARG O 466 7.19 18.03 21.26
C ARG O 466 8.50 17.24 21.10
N ASN O 467 8.45 15.98 20.69
CA ASN O 467 9.68 15.24 20.41
C ASN O 467 10.48 15.83 19.24
N ASP O 468 9.82 16.53 18.32
CA ASP O 468 10.56 17.18 17.25
C ASP O 468 11.28 18.45 17.69
N MET O 469 11.16 18.83 18.97
CA MET O 469 11.88 20.00 19.45
C MET O 469 13.33 19.67 19.76
N SER O 470 13.76 18.42 19.54
CA SER O 470 15.19 18.15 19.62
C SER O 470 15.55 17.16 18.52
N MET O 471 16.84 16.94 18.33
CA MET O 471 17.31 16.01 17.32
C MET O 471 18.14 14.98 18.06
N MET O 472 17.80 13.70 17.91
CA MET O 472 18.59 12.64 18.52
C MET O 472 19.99 12.52 17.91
N ARG O 473 20.19 13.01 16.68
CA ARG O 473 21.48 12.95 16.02
C ARG O 473 22.47 13.97 16.60
N TRP O 474 21.98 14.95 17.37
CA TRP O 474 22.83 16.00 17.91
C TRP O 474 23.00 15.78 19.41
N PHE P 15 6.74 66.32 -7.15
CA PHE P 15 7.38 65.45 -8.19
C PHE P 15 7.84 66.30 -9.37
N SER P 16 9.17 66.43 -9.51
CA SER P 16 9.78 67.08 -10.66
C SER P 16 9.80 66.15 -11.86
N THR P 17 8.92 66.46 -12.81
CA THR P 17 8.80 65.80 -14.10
C THR P 17 10.00 66.21 -14.96
N ALA P 18 10.71 65.20 -15.48
CA ALA P 18 11.74 65.38 -16.51
C ALA P 18 11.72 64.21 -17.49
N GLU P 19 12.70 64.22 -18.39
CA GLU P 19 12.84 63.25 -19.46
C GLU P 19 14.26 62.73 -19.50
N ALA P 20 14.40 61.40 -19.53
CA ALA P 20 15.71 60.79 -19.57
C ALA P 20 15.70 59.72 -20.66
N ALA P 21 16.46 59.98 -21.72
CA ALA P 21 16.56 59.12 -22.90
C ALA P 21 15.16 58.72 -23.39
N GLY P 22 14.23 59.69 -23.47
CA GLY P 22 12.96 59.43 -24.13
C GLY P 22 11.93 58.86 -23.17
N VAL P 23 12.33 58.70 -21.92
CA VAL P 23 11.47 58.14 -20.90
C VAL P 23 11.15 59.28 -19.95
N LYS P 24 9.87 59.47 -19.64
CA LYS P 24 9.40 60.40 -18.63
C LYS P 24 9.68 59.89 -17.22
N VAL P 25 10.38 60.72 -16.44
CA VAL P 25 10.84 60.40 -15.10
C VAL P 25 10.32 61.47 -14.14
N ALA P 26 9.60 61.08 -13.09
CA ALA P 26 9.17 62.00 -12.04
C ALA P 26 9.68 61.53 -10.68
N ALA P 27 10.38 62.41 -9.98
CA ALA P 27 10.93 62.05 -8.68
C ALA P 27 10.73 63.20 -7.70
N GLN P 28 10.60 62.83 -6.42
CA GLN P 28 10.43 63.76 -5.33
C GLN P 28 11.37 63.30 -4.24
N ASP P 29 12.38 64.12 -3.92
CA ASP P 29 13.29 63.81 -2.83
C ASP P 29 12.61 64.04 -1.49
N GLY P 30 13.04 63.27 -0.48
CA GLY P 30 12.45 63.32 0.83
C GLY P 30 13.50 63.11 1.92
N GLN P 31 13.03 62.99 3.16
CA GLN P 31 13.92 62.76 4.29
C GLN P 31 13.48 61.49 4.98
N SER P 32 13.86 60.36 4.37
CA SER P 32 13.50 59.05 4.87
C SER P 32 14.54 58.07 4.35
N PRO P 33 14.80 56.94 5.05
CA PRO P 33 15.71 55.92 4.52
C PRO P 33 15.15 55.02 3.42
N ILE P 34 13.85 55.15 3.12
CA ILE P 34 13.14 54.22 2.25
C ILE P 34 12.71 54.92 0.96
N SER P 35 13.11 54.35 -0.19
CA SER P 35 12.67 54.85 -1.47
C SER P 35 11.63 53.91 -2.07
N ASP P 36 10.72 54.46 -2.89
CA ASP P 36 9.83 53.66 -3.70
C ASP P 36 10.05 53.98 -5.18
N LEU P 37 10.49 53.00 -5.96
CA LEU P 37 10.59 53.25 -7.39
C LEU P 37 9.51 52.45 -8.09
N SER P 38 8.72 53.14 -8.93
CA SER P 38 7.62 52.52 -9.65
C SER P 38 7.72 52.77 -11.16
N VAL P 39 7.63 51.68 -11.92
CA VAL P 39 7.46 51.82 -13.36
C VAL P 39 5.96 51.74 -13.65
N VAL P 40 5.45 52.77 -14.32
CA VAL P 40 4.04 52.78 -14.68
C VAL P 40 3.95 52.55 -16.19
N LEU P 41 3.16 51.55 -16.58
CA LEU P 41 3.10 51.18 -17.99
C LEU P 41 1.71 51.49 -18.50
N ARG P 42 1.64 52.11 -19.68
CA ARG P 42 0.36 52.24 -20.37
C ARG P 42 -0.02 50.87 -20.92
N GLY P 43 -0.54 50.03 -20.05
CA GLY P 43 -0.76 48.67 -20.48
C GLY P 43 -1.86 48.04 -19.67
N GLY P 44 -2.70 48.88 -19.06
CA GLY P 44 -3.82 48.37 -18.28
C GLY P 44 -4.84 47.66 -19.17
N SER P 45 -5.92 47.19 -18.58
CA SER P 45 -6.79 46.27 -19.28
C SER P 45 -7.62 46.93 -20.36
N ARG P 46 -7.71 48.27 -20.38
CA ARG P 46 -8.47 48.91 -21.45
C ARG P 46 -7.71 48.78 -22.77
N TYR P 47 -6.40 48.51 -22.68
CA TYR P 47 -5.57 48.43 -23.86
C TYR P 47 -5.36 46.97 -24.24
N ALA P 48 -5.93 46.05 -23.45
CA ALA P 48 -5.63 44.64 -23.61
C ALA P 48 -6.09 44.18 -24.98
N THR P 49 -5.33 43.28 -25.59
CA THR P 49 -5.56 42.80 -26.95
C THR P 49 -6.40 41.54 -26.87
N VAL P 50 -6.13 40.80 -25.80
CA VAL P 50 -6.81 39.57 -25.45
C VAL P 50 -7.26 39.72 -24.00
N PRO P 51 -8.46 39.23 -23.62
CA PRO P 51 -8.95 39.35 -22.25
C PRO P 51 -7.99 38.74 -21.24
N GLY P 52 -7.47 39.59 -20.34
CA GLY P 52 -6.69 39.14 -19.21
C GLY P 52 -5.20 39.28 -19.48
N VAL P 53 -4.80 39.75 -20.67
CA VAL P 53 -3.36 39.79 -20.92
C VAL P 53 -2.63 40.80 -20.05
N SER P 54 -3.29 41.88 -19.65
CA SER P 54 -2.54 42.87 -18.90
C SER P 54 -2.30 42.35 -17.49
N HIS P 55 -3.23 41.54 -16.96
CA HIS P 55 -3.00 40.86 -15.70
C HIS P 55 -1.85 39.85 -15.79
N ILE P 56 -1.81 39.06 -16.87
CA ILE P 56 -0.75 38.09 -17.09
C ILE P 56 0.58 38.82 -17.28
N LEU P 57 0.60 39.91 -18.05
CA LEU P 57 1.86 40.64 -18.21
C LEU P 57 2.38 41.17 -16.88
N GLU P 58 1.46 41.64 -16.03
CA GLU P 58 1.82 42.12 -14.70
C GLU P 58 2.45 40.99 -13.90
N LYS P 59 1.84 39.80 -13.94
CA LYS P 59 2.34 38.64 -13.22
C LYS P 59 3.65 38.13 -13.83
N PHE P 60 3.98 38.51 -15.08
CA PHE P 60 5.22 38.09 -15.71
C PHE P 60 6.38 39.03 -15.39
N ALA P 61 6.13 40.11 -14.64
CA ALA P 61 7.24 40.99 -14.31
C ALA P 61 8.14 40.29 -13.30
N PHE P 62 9.46 40.44 -13.46
CA PHE P 62 10.45 39.82 -12.59
C PHE P 62 10.43 38.30 -12.68
N GLN P 63 10.01 37.76 -13.83
CA GLN P 63 10.32 36.37 -14.15
C GLN P 63 11.72 36.34 -14.74
N ASN P 64 12.10 35.22 -15.37
CA ASN P 64 13.46 35.09 -15.87
C ASN P 64 13.72 36.16 -16.93
N THR P 65 14.81 36.89 -16.75
CA THR P 65 15.31 37.74 -17.81
C THR P 65 16.60 37.09 -18.30
N VAL P 66 17.17 37.63 -19.38
CA VAL P 66 18.39 37.08 -19.94
C VAL P 66 19.56 37.33 -18.98
N PRO P 67 19.76 38.55 -18.43
CA PRO P 67 20.83 38.77 -17.46
C PRO P 67 20.63 38.18 -16.06
N LYS P 68 19.38 37.92 -15.65
CA LYS P 68 19.15 37.56 -14.26
C LYS P 68 17.87 36.72 -14.15
N SER P 69 17.99 35.52 -13.56
CA SER P 69 16.84 34.66 -13.37
C SER P 69 15.92 35.21 -12.28
N ALA P 70 14.66 34.76 -12.29
CA ALA P 70 13.69 35.12 -11.27
C ALA P 70 14.25 34.73 -9.89
N LEU P 71 14.84 33.53 -9.83
CA LEU P 71 15.41 33.03 -8.59
C LEU P 71 16.52 33.97 -8.12
N ARG P 72 17.45 34.32 -9.01
CA ARG P 72 18.54 35.18 -8.58
C ARG P 72 18.01 36.53 -8.10
N PHE P 73 17.02 37.07 -8.80
CA PHE P 73 16.45 38.35 -8.41
C PHE P 73 15.89 38.30 -6.99
N VAL P 74 15.08 37.27 -6.70
CA VAL P 74 14.47 37.17 -5.39
C VAL P 74 15.53 37.02 -4.30
N ARG P 75 16.57 36.22 -4.55
CA ARG P 75 17.59 36.02 -3.52
C ARG P 75 18.35 37.33 -3.27
N GLU P 76 18.52 38.15 -4.30
CA GLU P 76 19.27 39.37 -4.12
C GLU P 76 18.39 40.45 -3.48
N LEU P 77 17.11 40.47 -3.87
CA LEU P 77 16.13 41.37 -3.27
C LEU P 77 16.10 41.18 -1.74
N GLU P 78 16.21 39.93 -1.27
CA GLU P 78 16.22 39.61 0.13
C GLU P 78 17.47 40.16 0.83
N LEU P 79 18.61 40.18 0.12
CA LEU P 79 19.84 40.73 0.69
C LEU P 79 19.77 42.25 0.85
N PHE P 80 18.93 42.92 0.04
CA PHE P 80 18.73 44.36 0.16
C PHE P 80 17.56 44.63 1.10
N GLY P 81 16.84 43.55 1.46
CA GLY P 81 15.61 43.65 2.20
C GLY P 81 14.52 44.41 1.45
N GLY P 82 14.63 44.49 0.11
CA GLY P 82 13.63 45.17 -0.69
C GLY P 82 12.32 44.40 -0.79
N LYS P 83 11.27 45.08 -1.25
CA LYS P 83 9.98 44.45 -1.49
C LYS P 83 9.53 44.79 -2.89
N LEU P 84 8.65 43.94 -3.41
CA LEU P 84 8.16 44.03 -4.77
C LEU P 84 6.63 44.07 -4.72
N TYR P 85 6.02 45.02 -5.43
CA TYR P 85 4.57 45.12 -5.45
C TYR P 85 4.15 45.36 -6.89
N THR P 86 3.16 44.60 -7.36
CA THR P 86 2.71 44.81 -8.73
C THR P 86 1.19 44.84 -8.70
N HIS P 87 0.58 45.64 -9.57
CA HIS P 87 -0.86 45.52 -9.75
C HIS P 87 -1.26 46.03 -11.13
N THR P 88 -2.48 45.69 -11.54
CA THR P 88 -3.03 46.04 -12.84
C THR P 88 -4.29 46.86 -12.59
N THR P 89 -4.46 47.95 -13.33
CA THR P 89 -5.71 48.69 -13.30
C THR P 89 -6.31 48.67 -14.70
N ARG P 90 -7.36 49.46 -14.94
CA ARG P 90 -7.93 49.55 -16.28
C ARG P 90 -7.02 50.37 -17.17
N GLU P 91 -6.19 51.21 -16.55
CA GLU P 91 -5.35 52.13 -17.29
C GLU P 91 -3.88 51.70 -17.27
N HIS P 92 -3.37 51.16 -16.16
CA HIS P 92 -1.94 50.94 -16.04
C HIS P 92 -1.60 49.55 -15.55
N ILE P 93 -0.35 49.14 -15.80
CA ILE P 93 0.32 48.14 -14.99
C ILE P 93 1.31 48.92 -14.15
N VAL P 94 1.33 48.66 -12.85
CA VAL P 94 2.26 49.34 -11.96
C VAL P 94 3.15 48.30 -11.33
N LEU P 95 4.47 48.52 -11.43
CA LEU P 95 5.46 47.66 -10.83
C LEU P 95 6.24 48.53 -9.86
N ARG P 96 6.17 48.21 -8.57
CA ARG P 96 6.78 49.09 -7.57
C ARG P 96 7.77 48.30 -6.71
N THR P 97 8.96 48.89 -6.49
CA THR P 97 9.90 48.31 -5.55
C THR P 97 10.13 49.29 -4.40
N GLN P 98 10.31 48.73 -3.20
CA GLN P 98 10.55 49.55 -2.03
C GLN P 98 11.88 49.08 -1.44
N PHE P 99 12.81 50.00 -1.18
CA PHE P 99 14.17 49.61 -0.80
C PHE P 99 14.82 50.75 -0.03
N LEU P 100 16.01 50.50 0.52
CA LEU P 100 16.79 51.56 1.13
C LEU P 100 17.32 52.49 0.05
N LYS P 101 17.28 53.80 0.33
CA LYS P 101 17.63 54.87 -0.60
C LYS P 101 18.86 54.53 -1.45
N GLN P 102 19.95 54.13 -0.79
CA GLN P 102 21.25 53.92 -1.41
C GLN P 102 21.24 52.81 -2.47
N ASP P 103 20.26 51.90 -2.44
CA ASP P 103 20.23 50.76 -3.35
C ASP P 103 19.59 51.11 -4.70
N LEU P 104 19.35 52.39 -4.95
CA LEU P 104 18.66 52.85 -6.15
C LEU P 104 19.22 52.24 -7.45
N PRO P 105 20.54 52.26 -7.74
CA PRO P 105 21.05 51.77 -9.03
C PRO P 105 20.73 50.31 -9.34
N TYR P 106 20.63 49.48 -8.31
CA TYR P 106 20.26 48.08 -8.49
C TYR P 106 18.83 47.99 -9.02
N PHE P 107 17.91 48.76 -8.43
CA PHE P 107 16.49 48.66 -8.76
C PHE P 107 16.21 49.23 -10.14
N VAL P 108 16.94 50.27 -10.54
CA VAL P 108 16.79 50.84 -11.87
C VAL P 108 17.19 49.79 -12.89
N ASP P 109 18.33 49.13 -12.65
CA ASP P 109 18.84 48.11 -13.55
C ASP P 109 17.92 46.90 -13.63
N ALA P 110 17.23 46.57 -12.53
CA ALA P 110 16.33 45.42 -12.50
C ALA P 110 15.10 45.70 -13.37
N PHE P 111 14.58 46.92 -13.29
CA PHE P 111 13.49 47.36 -14.14
C PHE P 111 13.90 47.32 -15.60
N ALA P 112 15.11 47.81 -15.91
CA ALA P 112 15.62 47.76 -17.26
C ALA P 112 15.67 46.33 -17.78
N ASN P 113 16.11 45.38 -16.94
CA ASN P 113 16.18 43.98 -17.37
C ASN P 113 14.79 43.45 -17.71
N VAL P 114 13.79 43.85 -16.92
CA VAL P 114 12.45 43.33 -17.10
C VAL P 114 11.87 43.83 -18.42
N LEU P 115 12.12 45.10 -18.75
CA LEU P 115 11.49 45.74 -19.90
C LEU P 115 12.20 45.34 -21.20
N LYS P 116 13.51 45.11 -21.12
CA LYS P 116 14.31 44.86 -22.31
C LYS P 116 14.48 43.37 -22.59
N GLU P 117 14.61 42.53 -21.55
CA GLU P 117 15.03 41.15 -21.78
C GLU P 117 14.22 40.08 -21.05
N THR P 118 12.92 40.27 -20.77
CA THR P 118 12.14 39.19 -20.18
C THR P 118 12.11 38.01 -21.16
N LYS P 119 12.42 36.79 -20.67
CA LYS P 119 12.49 35.60 -21.52
C LYS P 119 11.13 35.16 -22.05
N PHE P 120 10.08 35.25 -21.20
CA PHE P 120 8.72 34.79 -21.52
C PHE P 120 8.71 33.33 -21.96
N GLN P 121 8.93 32.41 -21.01
CA GLN P 121 9.01 30.99 -21.34
C GLN P 121 7.66 30.32 -21.06
N GLN P 122 7.30 29.34 -21.90
CA GLN P 122 6.03 28.64 -21.77
C GLN P 122 5.87 28.05 -20.37
N PHE P 123 6.96 27.47 -19.83
CA PHE P 123 6.83 26.84 -18.52
C PHE P 123 6.52 27.86 -17.44
N GLU P 124 7.08 29.09 -17.55
CA GLU P 124 6.79 30.14 -16.58
C GLU P 124 5.30 30.47 -16.60
N LEU P 125 4.74 30.55 -17.82
CA LEU P 125 3.33 30.84 -17.94
C LEU P 125 2.50 29.73 -17.29
N THR P 126 2.79 28.46 -17.60
CA THR P 126 1.98 27.35 -17.11
C THR P 126 2.14 27.14 -15.61
N GLU P 127 3.37 27.25 -15.11
CA GLU P 127 3.65 26.77 -13.77
C GLU P 127 3.66 27.91 -12.75
N ARG P 128 4.03 29.11 -13.20
CA ARG P 128 4.32 30.18 -12.26
C ARG P 128 3.28 31.29 -12.41
N VAL P 129 3.18 31.83 -13.62
CA VAL P 129 2.43 33.07 -13.84
C VAL P 129 0.93 32.80 -13.78
N ALA P 130 0.41 31.90 -14.61
CA ALA P 130 -1.02 31.67 -14.66
C ALA P 130 -1.59 31.21 -13.31
N PRO P 131 -0.96 30.27 -12.57
CA PRO P 131 -1.49 29.88 -11.25
C PRO P 131 -1.55 31.01 -10.22
N VAL P 132 -0.56 31.91 -10.25
CA VAL P 132 -0.54 33.05 -9.35
C VAL P 132 -1.65 34.03 -9.75
N ALA P 133 -1.84 34.24 -11.06
CA ALA P 133 -2.91 35.10 -11.55
C ALA P 133 -4.25 34.55 -11.09
N GLU P 134 -4.40 33.22 -11.08
CA GLU P 134 -5.66 32.61 -10.74
C GLU P 134 -5.96 32.76 -9.24
N LEU P 135 -4.93 32.61 -8.39
CA LEU P 135 -5.10 32.80 -6.96
C LEU P 135 -5.40 34.25 -6.62
N ASP P 136 -4.80 35.18 -7.39
CA ASP P 136 -5.01 36.62 -7.20
C ASP P 136 -6.50 36.92 -7.39
N LEU P 137 -7.08 36.38 -8.47
CA LEU P 137 -8.46 36.67 -8.78
C LEU P 137 -9.39 36.05 -7.75
N LEU P 138 -9.15 34.78 -7.39
CA LEU P 138 -10.01 34.10 -6.42
C LEU P 138 -10.00 34.80 -5.07
N LYS P 139 -8.88 35.42 -4.71
CA LYS P 139 -8.82 36.14 -3.46
C LYS P 139 -9.68 37.40 -3.52
N ARG P 140 -9.67 38.08 -4.68
CA ARG P 140 -10.42 39.31 -4.84
C ARG P 140 -11.92 39.03 -4.87
N GLU P 141 -12.29 37.90 -5.48
CA GLU P 141 -13.69 37.56 -5.69
C GLU P 141 -14.32 37.04 -4.41
N SER P 142 -13.50 36.77 -3.38
CA SER P 142 -14.05 36.38 -2.09
C SER P 142 -14.96 37.48 -1.57
N ASP P 143 -14.64 38.73 -1.93
CA ASP P 143 -15.48 39.89 -1.65
C ASP P 143 -16.51 40.05 -2.76
N PRO P 144 -17.83 39.84 -2.51
CA PRO P 144 -18.84 39.99 -3.55
C PRO P 144 -18.96 41.42 -4.09
N ALA P 145 -18.50 42.41 -3.32
CA ALA P 145 -18.58 43.80 -3.76
C ALA P 145 -17.59 44.07 -4.89
N PHE P 146 -16.44 43.38 -4.84
CA PHE P 146 -15.46 43.46 -5.91
C PHE P 146 -16.10 42.98 -7.21
N THR P 147 -16.70 41.79 -7.13
CA THR P 147 -17.38 41.15 -8.25
C THR P 147 -18.45 42.07 -8.83
N ALA P 148 -19.27 42.68 -7.96
CA ALA P 148 -20.38 43.53 -8.39
C ALA P 148 -19.85 44.74 -9.14
N LEU P 149 -18.76 45.33 -8.65
CA LEU P 149 -18.27 46.54 -9.28
C LEU P 149 -17.58 46.21 -10.61
N GLU P 150 -16.96 45.02 -10.71
CA GLU P 150 -16.34 44.57 -11.94
C GLU P 150 -17.43 44.28 -12.98
N ALA P 151 -18.49 43.58 -12.56
CA ALA P 151 -19.59 43.28 -13.45
C ALA P 151 -20.24 44.58 -13.97
N ALA P 152 -20.27 45.62 -13.13
CA ALA P 152 -20.92 46.86 -13.52
C ALA P 152 -20.11 47.56 -14.62
N HIS P 153 -18.78 47.50 -14.54
CA HIS P 153 -17.99 48.09 -15.59
C HIS P 153 -18.17 47.35 -16.91
N GLU P 154 -18.46 46.04 -16.81
CA GLU P 154 -18.54 45.21 -17.99
C GLU P 154 -19.80 45.56 -18.78
N VAL P 155 -20.90 45.73 -18.05
CA VAL P 155 -22.18 46.13 -18.61
C VAL P 155 -22.09 47.54 -19.18
N ALA P 156 -21.43 48.43 -18.45
CA ALA P 156 -21.48 49.84 -18.78
C ALA P 156 -20.67 50.15 -20.02
N PHE P 157 -19.54 49.45 -20.21
CA PHE P 157 -18.62 49.85 -21.27
C PHE P 157 -18.46 48.77 -22.34
N ARG P 158 -18.78 47.52 -22.01
CA ARG P 158 -18.65 46.36 -22.89
C ARG P 158 -17.20 46.01 -23.22
N THR P 159 -16.51 46.88 -23.96
CA THR P 159 -15.11 46.66 -24.29
C THR P 159 -14.30 47.80 -23.72
N GLY P 160 -12.98 47.79 -23.93
CA GLY P 160 -12.11 48.84 -23.43
C GLY P 160 -12.13 48.86 -21.90
N LEU P 161 -12.80 49.87 -21.34
CA LEU P 161 -13.02 49.95 -19.91
C LEU P 161 -13.90 48.79 -19.45
N GLY P 162 -14.60 48.15 -20.39
CA GLY P 162 -15.46 47.05 -20.00
C GLY P 162 -14.74 45.71 -19.99
N ASN P 163 -13.51 45.64 -20.54
CA ASN P 163 -12.73 44.41 -20.45
C ASN P 163 -12.47 44.06 -19.00
N SER P 164 -12.44 42.75 -18.68
CA SER P 164 -12.07 42.33 -17.35
C SER P 164 -10.63 42.75 -17.06
N VAL P 165 -10.36 43.14 -15.81
CA VAL P 165 -9.02 43.52 -15.40
C VAL P 165 -8.17 42.25 -15.27
N TYR P 166 -8.80 41.17 -14.82
CA TYR P 166 -8.08 39.98 -14.39
C TYR P 166 -8.29 38.87 -15.41
N ALA P 167 -7.29 37.99 -15.50
CA ALA P 167 -7.38 36.82 -16.33
C ALA P 167 -8.42 35.87 -15.72
N GLN P 168 -9.27 35.28 -16.57
CA GLN P 168 -10.21 34.26 -16.13
C GLN P 168 -9.98 32.96 -16.89
N GLY P 169 -10.46 31.86 -16.29
CA GLY P 169 -10.25 30.51 -16.79
C GLY P 169 -10.91 30.27 -18.15
N TYR P 170 -12.07 30.91 -18.35
CA TYR P 170 -12.87 30.70 -19.54
C TYR P 170 -12.18 31.27 -20.79
N SER P 171 -11.31 32.28 -20.62
CA SER P 171 -10.60 32.89 -21.73
C SER P 171 -9.09 32.76 -21.51
N PRO P 172 -8.48 31.65 -21.97
CA PRO P 172 -7.06 31.39 -21.72
C PRO P 172 -6.14 32.31 -22.50
N VAL P 173 -5.20 32.91 -21.77
CA VAL P 173 -4.17 33.74 -22.37
C VAL P 173 -3.02 32.84 -22.80
N THR P 174 -2.53 33.00 -24.04
CA THR P 174 -1.43 32.19 -24.53
C THR P 174 -0.11 32.94 -24.42
N LEU P 175 0.99 32.20 -24.58
CA LEU P 175 2.30 32.79 -24.51
C LEU P 175 2.48 33.79 -25.65
N GLU P 176 1.82 33.53 -26.78
CA GLU P 176 1.97 34.41 -27.92
C GLU P 176 1.25 35.73 -27.70
N ASP P 177 0.03 35.65 -27.13
CA ASP P 177 -0.72 36.80 -26.66
C ASP P 177 0.13 37.69 -25.75
N VAL P 178 0.76 37.08 -24.72
CA VAL P 178 1.46 37.91 -23.77
C VAL P 178 2.71 38.51 -24.41
N LYS P 179 3.38 37.74 -25.28
CA LYS P 179 4.61 38.20 -25.91
C LYS P 179 4.33 39.38 -26.84
N GLU P 180 3.19 39.34 -27.52
CA GLU P 180 2.81 40.39 -28.45
C GLU P 180 2.45 41.67 -27.71
N PHE P 181 1.63 41.52 -26.67
CA PHE P 181 1.26 42.65 -25.84
C PHE P 181 2.49 43.32 -25.24
N ALA P 182 3.42 42.51 -24.71
CA ALA P 182 4.65 43.03 -24.13
C ALA P 182 5.50 43.78 -25.16
N ARG P 183 5.42 43.36 -26.44
CA ARG P 183 6.20 44.01 -27.49
C ARG P 183 5.72 45.44 -27.69
N GLN P 184 4.41 45.64 -27.53
CA GLN P 184 3.80 46.96 -27.61
C GLN P 184 4.06 47.76 -26.33
N VAL P 185 3.83 47.14 -25.17
CA VAL P 185 3.80 47.87 -23.92
C VAL P 185 5.23 48.21 -23.47
N TYR P 186 6.15 47.26 -23.60
CA TYR P 186 7.47 47.50 -23.05
C TYR P 186 8.27 48.36 -24.02
N ALA P 187 7.95 49.65 -24.11
CA ALA P 187 8.50 50.55 -25.12
C ALA P 187 8.57 51.95 -24.51
N LYS P 188 9.56 52.77 -24.91
CA LYS P 188 9.76 54.07 -24.29
C LYS P 188 8.48 54.92 -24.27
N GLN P 189 7.58 54.69 -25.23
CA GLN P 189 6.38 55.51 -25.37
C GLN P 189 5.32 55.14 -24.33
N ASN P 190 5.49 54.01 -23.65
CA ASN P 190 4.42 53.53 -22.81
C ASN P 190 4.91 53.41 -21.36
N VAL P 191 6.08 53.97 -21.07
CA VAL P 191 6.73 53.73 -19.80
C VAL P 191 6.92 55.08 -19.10
N ALA P 192 6.53 55.15 -17.81
CA ALA P 192 6.87 56.27 -16.95
C ALA P 192 7.52 55.74 -15.67
N VAL P 193 8.56 56.46 -15.22
CA VAL P 193 9.27 56.09 -14.01
C VAL P 193 8.96 57.12 -12.92
N VAL P 194 8.51 56.62 -11.76
CA VAL P 194 8.10 57.45 -10.63
C VAL P 194 8.89 57.06 -9.38
N GLY P 195 9.70 58.02 -8.88
CA GLY P 195 10.55 57.82 -7.71
C GLY P 195 10.13 58.64 -6.50
N ASN P 196 9.60 57.96 -5.48
CA ASN P 196 9.26 58.56 -4.20
C ASN P 196 10.44 58.45 -3.24
N ASN P 197 10.90 59.62 -2.76
CA ASN P 197 12.08 59.74 -1.87
C ASN P 197 13.33 59.29 -2.64
N VAL P 198 13.43 59.78 -3.87
CA VAL P 198 14.54 59.50 -4.74
C VAL P 198 15.06 60.86 -5.19
N VAL P 199 16.39 61.07 -5.14
CA VAL P 199 16.96 62.32 -5.61
C VAL P 199 16.71 62.45 -7.11
N PRO P 200 15.96 63.47 -7.59
CA PRO P 200 15.57 63.55 -9.00
C PRO P 200 16.71 63.57 -10.01
N ALA P 201 17.85 64.17 -9.67
CA ALA P 201 18.94 64.27 -10.61
C ALA P 201 19.63 62.92 -10.78
N ASP P 202 19.66 62.14 -9.70
CA ASP P 202 20.33 60.85 -9.67
C ASP P 202 19.52 59.83 -10.46
N LEU P 203 18.18 59.92 -10.36
CA LEU P 203 17.32 58.99 -11.06
C LEU P 203 17.43 59.22 -12.56
N GLN P 204 17.45 60.49 -12.99
CA GLN P 204 17.50 60.83 -14.40
C GLN P 204 18.77 60.26 -15.02
N GLN P 205 19.89 60.36 -14.30
CA GLN P 205 21.18 59.87 -14.75
C GLN P 205 21.14 58.35 -14.92
N LEU P 206 20.44 57.66 -14.01
CA LEU P 206 20.48 56.21 -14.01
C LEU P 206 19.52 55.65 -15.06
N VAL P 207 18.34 56.27 -15.17
CA VAL P 207 17.33 55.83 -16.12
C VAL P 207 17.86 56.12 -17.53
N GLY P 208 18.68 57.16 -17.64
CA GLY P 208 19.20 57.59 -18.92
C GLY P 208 20.24 56.61 -19.47
N THR P 209 20.86 55.86 -18.58
CA THR P 209 21.89 54.91 -19.00
C THR P 209 21.28 53.52 -19.15
N ALA P 210 20.27 53.22 -18.32
CA ALA P 210 19.72 51.88 -18.23
C ALA P 210 18.63 51.65 -19.28
N PHE P 211 17.84 52.69 -19.59
CA PHE P 211 16.70 52.54 -20.47
C PHE P 211 16.98 53.14 -21.85
N ALA P 212 18.26 53.22 -22.23
CA ALA P 212 18.64 53.89 -23.47
C ALA P 212 18.35 53.02 -24.70
N ASP P 213 18.48 51.70 -24.53
CA ASP P 213 18.37 50.73 -25.60
C ASP P 213 17.00 50.06 -25.62
N LEU P 214 16.06 50.58 -24.82
CA LEU P 214 14.67 50.13 -24.88
C LEU P 214 14.09 50.62 -26.20
N GLN P 215 13.23 49.80 -26.84
CA GLN P 215 12.62 50.25 -28.09
C GLN P 215 11.88 51.55 -27.83
N GLU P 216 11.71 52.33 -28.89
CA GLU P 216 10.82 53.46 -28.80
C GLU P 216 9.36 53.02 -28.87
N GLY P 217 9.04 52.16 -29.83
CA GLY P 217 7.69 51.65 -30.00
C GLY P 217 6.71 52.77 -30.35
N SER P 218 5.41 52.49 -30.18
CA SER P 218 4.39 53.51 -30.37
C SER P 218 3.42 53.48 -29.19
N LYS P 219 2.66 54.57 -29.02
CA LYS P 219 1.62 54.64 -27.99
C LYS P 219 0.57 53.56 -28.25
N VAL P 220 0.36 52.77 -27.20
CA VAL P 220 -0.72 51.80 -27.15
C VAL P 220 -2.05 52.55 -27.09
N THR P 221 -3.05 52.04 -27.83
CA THR P 221 -4.35 52.68 -27.90
C THR P 221 -5.44 51.66 -27.63
N GLN P 222 -6.59 52.19 -27.20
CA GLN P 222 -7.80 51.41 -27.00
C GLN P 222 -8.35 51.08 -28.38
N ALA P 223 -8.54 49.79 -28.65
CA ALA P 223 -9.26 49.35 -29.83
C ALA P 223 -10.72 49.79 -29.69
N GLY P 224 -11.08 50.85 -30.44
CA GLY P 224 -12.44 51.37 -30.47
C GLY P 224 -12.65 52.51 -29.49
N THR P 225 -13.67 53.34 -29.77
CA THR P 225 -14.02 54.44 -28.88
C THR P 225 -14.84 53.91 -27.71
N THR P 226 -14.79 54.64 -26.60
CA THR P 226 -15.58 54.30 -25.42
C THR P 226 -17.05 54.58 -25.69
N THR P 227 -17.86 53.52 -25.60
CA THR P 227 -19.31 53.62 -25.74
C THR P 227 -19.97 53.25 -24.42
N LEU P 228 -21.04 53.96 -24.08
CA LEU P 228 -21.76 53.78 -22.83
C LEU P 228 -23.04 53.00 -23.10
N HIS P 229 -23.37 52.08 -22.17
CA HIS P 229 -24.53 51.21 -22.27
C HIS P 229 -25.10 51.08 -20.87
N GLY P 230 -26.42 50.84 -20.80
CA GLY P 230 -27.11 50.51 -19.57
C GLY P 230 -27.41 49.01 -19.52
N GLY P 231 -27.98 48.54 -18.41
CA GLY P 231 -28.30 47.12 -18.38
C GLY P 231 -28.22 46.51 -16.99
N GLU P 232 -28.09 45.17 -16.97
CA GLU P 232 -28.07 44.40 -15.74
C GLU P 232 -27.10 43.24 -15.90
N ALA P 233 -26.40 42.93 -14.80
CA ALA P 233 -25.63 41.71 -14.70
C ALA P 233 -26.12 40.96 -13.47
N ARG P 234 -26.26 39.65 -13.60
CA ARG P 234 -26.73 38.83 -12.51
C ARG P 234 -25.79 37.67 -12.36
N VAL P 235 -24.84 37.81 -11.42
CA VAL P 235 -23.79 36.83 -11.17
C VAL P 235 -24.19 35.97 -9.97
N ARG P 236 -24.57 34.71 -10.22
CA ARG P 236 -24.92 33.77 -9.17
C ARG P 236 -23.67 33.20 -8.51
N THR P 237 -23.39 33.68 -7.29
CA THR P 237 -22.40 33.07 -6.41
C THR P 237 -23.15 32.46 -5.22
N SER P 238 -22.47 31.60 -4.45
CA SER P 238 -22.99 31.09 -3.19
C SER P 238 -22.24 31.73 -2.03
N THR P 239 -21.38 32.71 -2.35
CA THR P 239 -20.41 33.25 -1.41
C THR P 239 -20.67 34.74 -1.16
N GLY P 240 -21.86 35.05 -0.64
CA GLY P 240 -22.19 36.41 -0.20
C GLY P 240 -22.92 37.19 -1.29
N ASN P 241 -23.48 38.33 -0.88
CA ASN P 241 -24.41 39.09 -1.70
C ASN P 241 -23.92 40.53 -1.83
N ALA P 242 -24.00 41.08 -3.03
CA ALA P 242 -23.70 42.48 -3.23
C ALA P 242 -24.54 43.01 -4.38
N LEU P 243 -24.62 44.34 -4.46
CA LEU P 243 -25.34 44.99 -5.53
C LEU P 243 -24.67 46.31 -5.84
N THR P 244 -24.34 46.51 -7.12
CA THR P 244 -23.84 47.81 -7.55
C THR P 244 -24.92 48.52 -8.37
N ILE P 245 -25.12 49.81 -8.09
CA ILE P 245 -25.93 50.65 -8.94
C ILE P 245 -24.99 51.65 -9.60
N ALA P 246 -24.72 51.47 -10.89
CA ALA P 246 -23.75 52.35 -11.48
C ALA P 246 -24.45 53.28 -12.46
N LEU P 247 -23.87 54.47 -12.65
CA LEU P 247 -24.33 55.38 -13.68
C LEU P 247 -23.14 55.79 -14.54
N PRO P 248 -23.10 55.38 -15.83
CA PRO P 248 -22.02 55.79 -16.72
C PRO P 248 -22.04 57.31 -16.90
N ILE P 249 -20.87 57.91 -17.05
CA ILE P 249 -20.78 59.35 -17.22
C ILE P 249 -20.05 59.58 -18.54
N ALA P 250 -20.67 60.37 -19.42
CA ALA P 250 -20.09 60.64 -20.72
C ALA P 250 -19.07 61.78 -20.64
N GLU P 251 -19.34 62.75 -19.74
CA GLU P 251 -18.47 63.89 -19.52
C GLU P 251 -17.98 63.84 -18.07
N PRO P 252 -16.82 63.21 -17.79
CA PRO P 252 -16.26 63.16 -16.43
C PRO P 252 -15.97 64.57 -15.95
N LYS P 253 -16.45 64.90 -14.73
CA LYS P 253 -16.30 66.20 -14.11
C LYS P 253 -15.86 66.01 -12.66
N PRO P 254 -14.98 66.88 -12.10
CA PRO P 254 -14.48 66.70 -10.72
C PRO P 254 -15.54 66.78 -9.63
N VAL P 255 -16.73 67.29 -9.96
CA VAL P 255 -17.81 67.40 -9.00
C VAL P 255 -18.26 66.02 -8.51
N TYR P 256 -18.03 64.96 -9.32
CA TYR P 256 -18.52 63.65 -8.92
C TYR P 256 -17.71 63.09 -7.74
N HIS P 257 -16.44 63.52 -7.58
CA HIS P 257 -15.66 63.19 -6.40
C HIS P 257 -16.35 63.74 -5.15
N ALA P 258 -16.71 65.03 -5.21
CA ALA P 258 -17.39 65.66 -4.10
C ALA P 258 -18.71 64.94 -3.81
N LEU P 259 -19.43 64.57 -4.87
CA LEU P 259 -20.70 63.88 -4.67
C LEU P 259 -20.50 62.49 -4.05
N ALA P 260 -19.46 61.78 -4.50
CA ALA P 260 -19.17 60.45 -3.96
C ALA P 260 -18.88 60.53 -2.46
N SER P 261 -18.10 61.55 -2.07
CA SER P 261 -17.70 61.72 -0.68
C SER P 261 -18.88 62.16 0.17
N PHE P 262 -19.70 63.08 -0.38
CA PHE P 262 -20.91 63.50 0.29
C PHE P 262 -21.82 62.30 0.60
N LEU P 263 -22.25 61.58 -0.45
CA LEU P 263 -23.12 60.43 -0.26
C LEU P 263 -22.48 59.42 0.68
N GLY P 264 -21.16 59.27 0.55
CA GLY P 264 -20.35 58.55 1.53
C GLY P 264 -20.72 57.07 1.60
N GLY P 265 -21.00 56.61 2.83
CA GLY P 265 -21.36 55.23 3.07
C GLY P 265 -20.56 54.58 4.21
N PRO P 266 -19.21 54.58 4.20
CA PRO P 266 -18.44 54.05 5.33
C PRO P 266 -18.46 55.03 6.50
N ALA P 267 -18.32 54.49 7.72
CA ALA P 267 -18.30 55.29 8.94
C ALA P 267 -16.91 55.86 9.14
N SER P 268 -16.85 57.04 9.77
CA SER P 268 -15.59 57.70 10.02
C SER P 268 -15.21 57.57 11.49
N MET P 269 -15.86 56.62 12.18
CA MET P 269 -15.52 56.31 13.56
C MET P 269 -15.96 54.90 13.92
N PRO P 270 -15.27 54.22 14.86
CA PRO P 270 -15.57 52.82 15.18
C PRO P 270 -16.95 52.63 15.80
N TRP P 271 -17.55 51.47 15.51
CA TRP P 271 -18.81 51.03 16.12
C TRP P 271 -19.93 52.01 15.86
N SER P 272 -19.83 52.72 14.75
CA SER P 272 -20.87 53.69 14.45
C SER P 272 -21.35 53.46 13.02
N VAL P 273 -22.42 54.18 12.66
CA VAL P 273 -23.01 54.02 11.34
C VAL P 273 -22.48 55.10 10.41
N GLY P 274 -22.43 56.36 10.89
CA GLY P 274 -21.99 57.47 10.06
C GLY P 274 -23.14 58.42 9.74
N ALA P 275 -22.79 59.66 9.38
CA ALA P 275 -23.78 60.72 9.23
C ALA P 275 -24.06 60.99 7.75
N SER P 276 -23.40 60.23 6.88
CA SER P 276 -23.56 60.36 5.43
C SER P 276 -24.92 59.80 5.01
N PRO P 277 -25.60 60.38 4.00
CA PRO P 277 -26.89 59.86 3.54
C PRO P 277 -26.94 58.38 3.21
N LEU P 278 -25.85 57.80 2.69
CA LEU P 278 -25.87 56.38 2.35
C LEU P 278 -25.61 55.51 3.57
N ALA P 279 -24.94 56.08 4.58
CA ALA P 279 -24.64 55.35 5.80
C ALA P 279 -25.93 55.19 6.62
N GLN P 280 -26.74 56.26 6.60
CA GLN P 280 -28.01 56.35 7.31
C GLN P 280 -29.07 55.49 6.63
N ALA P 281 -28.77 54.98 5.43
CA ALA P 281 -29.66 54.11 4.68
C ALA P 281 -29.50 52.67 5.17
N THR P 282 -28.45 52.41 5.94
CA THR P 282 -28.15 51.05 6.38
C THR P 282 -28.66 50.80 7.79
N VAL P 283 -29.28 51.81 8.43
CA VAL P 283 -29.67 51.68 9.82
C VAL P 283 -30.72 50.58 9.97
N GLY P 284 -30.44 49.66 10.90
CA GLY P 284 -31.30 48.52 11.16
C GLY P 284 -30.86 47.28 10.39
N THR P 285 -29.79 47.43 9.60
CA THR P 285 -29.30 46.35 8.76
C THR P 285 -27.80 46.12 8.99
N HIS P 286 -27.39 44.86 8.85
CA HIS P 286 -25.97 44.51 8.78
C HIS P 286 -25.55 44.54 7.31
N THR P 287 -25.55 45.75 6.74
CA THR P 287 -25.11 45.98 5.37
C THR P 287 -24.13 47.15 5.38
N SER P 288 -23.22 47.15 4.40
CA SER P 288 -22.37 48.30 4.19
C SER P 288 -22.56 48.81 2.76
N VAL P 289 -22.19 50.07 2.56
CA VAL P 289 -22.44 50.80 1.33
C VAL P 289 -21.25 51.70 1.08
N LYS P 290 -20.97 51.97 -0.19
CA LYS P 290 -19.86 52.83 -0.55
C LYS P 290 -20.18 53.48 -1.89
N ALA P 291 -20.16 54.82 -1.95
CA ALA P 291 -20.26 55.48 -3.24
C ALA P 291 -18.86 55.66 -3.80
N THR P 292 -18.71 55.47 -5.11
CA THR P 292 -17.39 55.66 -5.69
C THR P 292 -17.50 56.34 -7.04
N TYR P 293 -16.49 57.15 -7.35
CA TYR P 293 -16.49 57.73 -8.68
C TYR P 293 -15.18 57.36 -9.36
N HIS P 294 -15.27 56.88 -10.60
CA HIS P 294 -14.11 56.45 -11.36
C HIS P 294 -13.99 57.32 -12.60
N ASN P 295 -12.91 58.08 -12.65
CA ASN P 295 -12.65 58.93 -13.80
C ASN P 295 -11.71 58.13 -14.70
N TYR P 296 -12.02 58.03 -16.01
CA TYR P 296 -11.15 57.31 -16.92
C TYR P 296 -10.78 58.20 -18.10
N GLY P 297 -10.93 59.51 -17.90
CA GLY P 297 -10.52 60.52 -18.86
C GLY P 297 -11.63 60.87 -19.85
N ASP P 298 -12.12 59.84 -20.56
CA ASP P 298 -13.04 60.05 -21.66
C ASP P 298 -14.44 59.58 -21.27
N ALA P 299 -14.52 58.87 -20.16
CA ALA P 299 -15.78 58.45 -19.58
C ALA P 299 -15.57 58.24 -18.09
N GLY P 300 -16.66 58.11 -17.34
CA GLY P 300 -16.55 57.89 -15.92
C GLY P 300 -17.61 56.92 -15.45
N LEU P 301 -17.50 56.49 -14.20
CA LEU P 301 -18.56 55.66 -13.67
C LEU P 301 -18.85 56.08 -12.23
N PHE P 302 -20.12 56.34 -11.94
CA PHE P 302 -20.46 56.62 -10.57
C PHE P 302 -21.15 55.40 -10.02
N ALA P 303 -20.62 54.83 -8.93
CA ALA P 303 -21.18 53.57 -8.47
C ALA P 303 -21.55 53.68 -7.00
N ILE P 304 -22.57 52.90 -6.61
CA ILE P 304 -22.95 52.72 -5.23
C ILE P 304 -23.04 51.22 -5.01
N THR P 305 -22.17 50.68 -4.16
CA THR P 305 -22.11 49.25 -3.96
C THR P 305 -22.58 48.93 -2.56
N ILE P 306 -23.40 47.89 -2.44
CA ILE P 306 -24.01 47.51 -1.18
C ILE P 306 -23.73 46.04 -0.98
N LYS P 307 -23.09 45.67 0.12
CA LYS P 307 -22.94 44.25 0.40
C LYS P 307 -23.60 43.96 1.72
N GLY P 308 -23.86 42.68 1.98
CA GLY P 308 -24.54 42.24 3.17
C GLY P 308 -24.81 40.74 3.06
N ASP P 309 -25.30 40.13 4.14
CA ASP P 309 -25.58 38.72 4.16
C ASP P 309 -27.04 38.45 3.80
N SER P 310 -27.89 39.47 3.95
CA SER P 310 -29.30 39.32 3.66
C SER P 310 -29.63 39.99 2.34
N PRO P 311 -30.17 39.24 1.34
CA PRO P 311 -30.65 39.82 0.10
C PRO P 311 -31.81 40.79 0.33
N ALA P 312 -32.64 40.48 1.33
CA ALA P 312 -33.79 41.33 1.67
C ALA P 312 -33.31 42.69 2.19
N GLU P 313 -32.23 42.69 2.99
CA GLU P 313 -31.72 43.94 3.55
C GLU P 313 -31.02 44.76 2.45
N ILE P 314 -30.32 44.05 1.56
CA ILE P 314 -29.64 44.74 0.45
C ILE P 314 -30.69 45.47 -0.39
N SER P 315 -31.80 44.79 -0.67
CA SER P 315 -32.91 45.31 -1.46
C SER P 315 -33.47 46.58 -0.82
N GLN P 316 -33.66 46.51 0.50
CA GLN P 316 -34.13 47.60 1.33
C GLN P 316 -33.18 48.80 1.23
N VAL P 317 -31.88 48.56 1.33
CA VAL P 317 -30.90 49.65 1.29
C VAL P 317 -30.85 50.26 -0.11
N ALA P 318 -30.98 49.39 -1.13
CA ALA P 318 -30.85 49.82 -2.52
C ALA P 318 -31.92 50.84 -2.86
N HIS P 319 -33.14 50.63 -2.35
CA HIS P 319 -34.21 51.58 -2.55
C HIS P 319 -33.89 52.91 -1.88
N LYS P 320 -33.42 52.86 -0.63
CA LYS P 320 -33.06 54.06 0.11
C LYS P 320 -31.88 54.77 -0.55
N ALA P 321 -30.94 53.99 -1.11
CA ALA P 321 -29.77 54.55 -1.78
C ALA P 321 -30.19 55.37 -2.99
N VAL P 322 -31.18 54.89 -3.74
CA VAL P 322 -31.56 55.60 -4.95
C VAL P 322 -32.31 56.87 -4.56
N GLN P 323 -33.14 56.75 -3.50
CA GLN P 323 -33.86 57.87 -2.94
C GLN P 323 -32.88 58.95 -2.47
N ALA P 324 -31.81 58.56 -1.77
CA ALA P 324 -30.79 59.47 -1.27
C ALA P 324 -30.22 60.32 -2.41
N LEU P 325 -29.98 59.66 -3.55
CA LEU P 325 -29.42 60.34 -4.70
C LEU P 325 -30.41 61.37 -5.25
N LYS P 326 -31.71 61.02 -5.26
CA LYS P 326 -32.78 61.88 -5.74
C LYS P 326 -32.94 63.08 -4.81
N ASP P 327 -32.97 62.80 -3.50
CA ASP P 327 -33.01 63.81 -2.45
C ASP P 327 -31.85 64.79 -2.58
N THR P 328 -30.67 64.29 -2.98
CA THR P 328 -29.51 65.16 -3.14
C THR P 328 -29.71 66.07 -4.33
N GLY P 329 -30.39 65.55 -5.37
CA GLY P 329 -30.68 66.31 -6.58
C GLY P 329 -31.64 67.48 -6.31
N ALA P 330 -32.39 67.36 -5.20
CA ALA P 330 -33.35 68.36 -4.74
C ALA P 330 -32.63 69.48 -4.01
N GLU P 331 -31.99 69.14 -2.88
CA GLU P 331 -31.30 70.12 -2.08
C GLU P 331 -30.11 69.51 -1.34
N VAL P 332 -29.02 70.28 -1.31
CA VAL P 332 -28.00 70.14 -0.29
C VAL P 332 -27.84 71.46 0.46
N THR P 333 -27.68 71.35 1.77
CA THR P 333 -27.42 72.48 2.65
C THR P 333 -25.96 72.91 2.51
N GLU P 334 -25.66 74.12 3.01
CA GLU P 334 -24.32 74.68 2.95
C GLU P 334 -23.35 73.86 3.80
N GLU P 335 -23.83 73.37 4.95
CA GLU P 335 -23.10 72.49 5.84
C GLU P 335 -22.64 71.25 5.07
N GLN P 336 -23.55 70.69 4.25
CA GLN P 336 -23.37 69.39 3.63
C GLN P 336 -22.35 69.54 2.52
N ALA P 337 -22.39 70.70 1.86
CA ALA P 337 -21.47 71.01 0.79
C ALA P 337 -20.06 71.20 1.34
N ALA P 338 -19.95 71.74 2.57
CA ALA P 338 -18.65 71.96 3.18
C ALA P 338 -18.08 70.64 3.66
N ARG P 339 -18.94 69.79 4.23
CA ARG P 339 -18.54 68.46 4.65
C ARG P 339 -18.04 67.67 3.43
N ALA P 340 -18.64 67.93 2.27
CA ALA P 340 -18.26 67.20 1.06
C ALA P 340 -16.88 67.66 0.59
N TYR P 341 -16.61 68.95 0.73
CA TYR P 341 -15.33 69.51 0.37
C TYR P 341 -14.25 68.94 1.27
N ALA P 342 -14.57 68.82 2.57
CA ALA P 342 -13.62 68.36 3.56
C ALA P 342 -13.30 66.88 3.32
N LYS P 343 -14.33 66.07 3.12
CA LYS P 343 -14.15 64.65 2.91
C LYS P 343 -13.45 64.40 1.58
N SER P 344 -13.62 65.32 0.62
CA SER P 344 -13.04 65.10 -0.70
C SER P 344 -11.57 65.50 -0.71
N LYS P 345 -11.24 66.59 -0.01
CA LYS P 345 -9.87 67.05 0.09
C LYS P 345 -9.02 66.00 0.80
N PHE P 346 -9.60 65.40 1.85
CA PHE P 346 -8.94 64.34 2.61
C PHE P 346 -8.70 63.12 1.73
N ALA P 347 -9.73 62.69 0.98
CA ALA P 347 -9.61 61.50 0.14
C ALA P 347 -8.49 61.72 -0.87
N ALA P 348 -8.41 62.94 -1.44
CA ALA P 348 -7.38 63.27 -2.40
C ALA P 348 -6.00 63.17 -1.76
N ALA P 349 -5.86 63.68 -0.53
CA ALA P 349 -4.57 63.78 0.14
C ALA P 349 -4.01 62.38 0.40
N GLU P 350 -4.85 61.50 0.97
CA GLU P 350 -4.42 60.16 1.33
C GLU P 350 -4.14 59.32 0.09
N ALA P 351 -4.79 59.64 -1.04
CA ALA P 351 -4.54 58.93 -2.29
C ALA P 351 -3.16 59.28 -2.84
N PHE P 352 -2.77 60.55 -2.67
CA PHE P 352 -1.48 61.02 -3.12
C PHE P 352 -0.38 60.51 -2.19
N GLU P 353 -0.76 60.04 -0.99
CA GLU P 353 0.22 59.57 -0.01
C GLU P 353 0.50 58.08 -0.23
N ASN P 354 -0.55 57.27 -0.33
CA ASN P 354 -0.43 55.84 -0.57
C ASN P 354 0.43 55.60 -1.82
N PRO P 355 1.59 54.90 -1.71
CA PRO P 355 2.53 54.76 -2.83
C PRO P 355 1.91 54.09 -4.05
N ASP P 356 0.95 53.23 -3.77
CA ASP P 356 0.29 52.43 -4.77
C ASP P 356 -0.53 53.32 -5.71
N SER P 357 -1.38 54.19 -5.15
CA SER P 357 -2.19 55.11 -5.95
C SER P 357 -1.42 56.35 -6.41
N SER P 358 -0.45 56.78 -5.59
CA SER P 358 0.40 57.91 -5.90
C SER P 358 1.05 57.71 -7.27
N ALA P 359 1.61 56.51 -7.51
CA ALA P 359 2.36 56.19 -8.71
C ALA P 359 1.48 56.33 -9.94
N SER P 360 0.23 55.85 -9.86
CA SER P 360 -0.67 55.90 -10.99
C SER P 360 -1.16 57.32 -11.27
N VAL P 361 -1.21 58.17 -10.22
CA VAL P 361 -1.67 59.54 -10.39
C VAL P 361 -0.66 60.31 -11.24
N ILE P 362 0.63 60.25 -10.88
CA ILE P 362 1.68 60.90 -11.64
C ILE P 362 1.91 60.16 -12.95
N GLY P 363 1.70 58.83 -12.91
CA GLY P 363 1.77 58.01 -14.10
C GLY P 363 0.80 58.49 -15.17
N MET P 364 -0.38 58.98 -14.73
CA MET P 364 -1.40 59.49 -15.63
C MET P 364 -1.03 60.88 -16.16
N GLU P 365 -0.22 61.58 -15.39
CA GLU P 365 0.19 62.92 -15.80
C GLU P 365 1.33 62.81 -16.80
N LEU P 366 2.19 61.80 -16.58
CA LEU P 366 3.36 61.60 -17.40
C LEU P 366 2.95 60.95 -18.73
N LEU P 367 2.14 59.90 -18.66
CA LEU P 367 1.81 59.13 -19.84
C LEU P 367 0.77 59.89 -20.67
N SER P 368 -0.36 60.22 -20.07
CA SER P 368 -1.41 60.93 -20.77
C SER P 368 -1.07 62.43 -20.86
N GLY P 369 -1.15 63.12 -19.74
CA GLY P 369 -0.94 64.55 -19.79
C GLY P 369 -1.94 65.30 -18.94
N VAL P 370 -2.79 64.53 -18.26
CA VAL P 370 -3.74 65.01 -17.25
C VAL P 370 -2.93 65.47 -16.05
N SER P 371 -2.68 66.78 -15.98
CA SER P 371 -1.98 67.37 -14.86
C SER P 371 -2.69 67.00 -13.57
N ARG P 372 -1.92 66.57 -12.55
CA ARG P 372 -2.53 66.17 -11.29
C ARG P 372 -3.18 67.38 -10.62
N ILE P 373 -4.24 67.10 -9.84
CA ILE P 373 -4.87 68.08 -8.97
C ILE P 373 -4.37 67.82 -7.55
N ALA P 374 -3.52 68.74 -7.08
CA ALA P 374 -2.98 68.74 -5.73
C ALA P 374 -4.14 68.79 -4.74
N PRO P 375 -4.08 68.02 -3.62
CA PRO P 375 -5.16 68.04 -2.62
C PRO P 375 -5.52 69.43 -2.11
N GLU P 376 -4.54 70.35 -2.09
CA GLU P 376 -4.74 71.71 -1.63
C GLU P 376 -5.45 72.57 -2.69
N ASN P 377 -5.71 72.00 -3.88
CA ASN P 377 -6.28 72.75 -4.99
C ASN P 377 -7.63 72.17 -5.41
N VAL P 378 -8.07 71.17 -4.65
CA VAL P 378 -9.36 70.53 -4.82
C VAL P 378 -10.44 71.60 -4.70
N GLN P 379 -11.31 71.67 -5.71
CA GLN P 379 -12.31 72.72 -5.85
C GLN P 379 -13.42 72.54 -4.81
N LYS P 380 -13.89 73.65 -4.26
CA LYS P 380 -15.06 73.63 -3.40
C LYS P 380 -16.31 73.84 -4.25
N PHE P 381 -17.21 72.86 -4.22
CA PHE P 381 -18.46 72.90 -4.96
C PHE P 381 -19.58 73.44 -4.06
N THR P 382 -20.31 74.42 -4.61
CA THR P 382 -21.46 75.04 -3.96
C THR P 382 -22.59 74.03 -3.86
N PRO P 383 -23.61 74.23 -3.00
CA PRO P 383 -24.76 73.32 -2.97
C PRO P 383 -25.50 73.21 -4.31
N ALA P 384 -25.42 74.28 -5.12
CA ALA P 384 -26.06 74.31 -6.42
C ALA P 384 -25.40 73.31 -7.37
N GLU P 385 -24.06 73.28 -7.37
CA GLU P 385 -23.27 72.47 -8.28
C GLU P 385 -23.40 70.99 -7.92
N LEU P 386 -23.59 70.70 -6.62
CA LEU P 386 -23.64 69.33 -6.13
C LEU P 386 -25.00 68.72 -6.46
N SER P 387 -26.05 69.53 -6.29
CA SER P 387 -27.42 69.11 -6.48
C SER P 387 -27.66 68.87 -7.97
N GLU P 388 -26.99 69.67 -8.80
CA GLU P 388 -27.10 69.58 -10.25
C GLU P 388 -26.45 68.29 -10.74
N ALA P 389 -25.32 67.93 -10.12
CA ALA P 389 -24.59 66.71 -10.43
C ALA P 389 -25.43 65.49 -10.05
N ALA P 390 -26.11 65.56 -8.90
CA ALA P 390 -26.88 64.42 -8.43
C ALA P 390 -28.14 64.27 -9.27
N ALA P 391 -28.63 65.41 -9.80
CA ALA P 391 -29.88 65.46 -10.54
C ALA P 391 -29.67 64.83 -11.91
N GLN P 392 -28.46 65.02 -12.42
CA GLN P 392 -28.00 64.52 -13.70
C GLN P 392 -27.81 63.01 -13.66
N LEU P 393 -27.72 62.44 -12.45
CA LEU P 393 -27.42 61.02 -12.27
C LEU P 393 -28.71 60.24 -12.05
N SER P 394 -29.61 60.80 -11.24
CA SER P 394 -30.94 60.27 -10.98
C SER P 394 -31.76 60.18 -12.26
N ALA P 395 -31.41 61.01 -13.24
CA ALA P 395 -32.13 61.13 -14.49
C ALA P 395 -31.24 60.64 -15.63
N SER P 396 -30.54 59.53 -15.41
CA SER P 396 -29.69 59.00 -16.46
C SER P 396 -30.47 57.94 -17.26
N ALA P 397 -30.18 57.89 -18.56
CA ALA P 397 -30.90 57.08 -19.52
C ALA P 397 -30.30 55.67 -19.60
N LYS P 398 -29.14 55.48 -18.94
CA LYS P 398 -28.40 54.23 -19.08
C LYS P 398 -27.98 53.68 -17.72
N PRO P 399 -28.89 53.43 -16.75
CA PRO P 399 -28.48 52.90 -15.46
C PRO P 399 -28.08 51.42 -15.50
N VAL P 400 -27.00 51.12 -14.79
CA VAL P 400 -26.45 49.79 -14.72
C VAL P 400 -26.72 49.26 -13.32
N VAL P 401 -27.09 47.97 -13.24
CA VAL P 401 -27.28 47.30 -11.96
C VAL P 401 -26.62 45.91 -12.03
N ALA P 402 -25.65 45.66 -11.15
CA ALA P 402 -25.03 44.35 -11.11
C ALA P 402 -25.34 43.69 -9.77
N ALA P 403 -26.02 42.55 -9.82
CA ALA P 403 -26.38 41.81 -8.63
C ALA P 403 -25.47 40.59 -8.52
N VAL P 404 -24.99 40.31 -7.30
CA VAL P 404 -24.09 39.19 -7.05
C VAL P 404 -24.62 38.39 -5.86
N GLY P 405 -24.75 37.07 -6.01
CA GLY P 405 -25.18 36.24 -4.89
C GLY P 405 -26.51 35.57 -5.16
N GLN P 406 -27.47 35.70 -4.24
CA GLN P 406 -28.79 35.15 -4.48
C GLN P 406 -29.54 36.12 -5.37
N VAL P 407 -29.33 35.98 -6.68
CA VAL P 407 -29.69 37.04 -7.62
C VAL P 407 -31.19 37.10 -7.81
N HIS P 408 -31.89 35.98 -7.53
CA HIS P 408 -33.34 35.94 -7.61
C HIS P 408 -33.99 36.85 -6.57
N ALA P 409 -33.24 37.22 -5.52
CA ALA P 409 -33.78 37.97 -4.40
C ALA P 409 -33.22 39.39 -4.36
N LEU P 410 -32.39 39.72 -5.34
CA LEU P 410 -31.84 41.06 -5.37
C LEU P 410 -32.64 41.92 -6.34
N PRO P 411 -32.60 43.27 -6.22
CA PRO P 411 -33.41 44.14 -7.08
C PRO P 411 -33.00 44.13 -8.55
N PHE P 412 -33.89 44.62 -9.40
CA PHE P 412 -33.63 44.80 -10.82
C PHE P 412 -33.58 46.30 -11.11
N ALA P 413 -33.04 46.67 -12.27
CA ALA P 413 -32.89 48.05 -12.67
C ALA P 413 -34.24 48.78 -12.72
N ASP P 414 -35.26 48.09 -13.27
CA ASP P 414 -36.57 48.67 -13.49
C ASP P 414 -37.33 48.82 -12.17
N GLU P 415 -36.90 48.09 -11.13
CA GLU P 415 -37.48 48.26 -9.81
C GLU P 415 -36.92 49.50 -9.11
N LEU P 416 -35.75 49.99 -9.57
CA LEU P 416 -35.02 51.04 -8.85
C LEU P 416 -35.24 52.42 -9.52
N MET Q 85 -4.74 -44.33 42.93
CA MET Q 85 -3.68 -45.28 43.37
C MET Q 85 -3.56 -45.20 44.89
N THR Q 86 -3.17 -46.32 45.51
CA THR Q 86 -2.93 -46.28 46.95
C THR Q 86 -1.64 -45.52 47.23
N ALA Q 87 -1.54 -45.07 48.49
CA ALA Q 87 -0.39 -44.33 48.98
C ALA Q 87 0.88 -45.17 48.84
N ALA Q 88 0.76 -46.48 49.11
CA ALA Q 88 1.84 -47.44 48.95
C ALA Q 88 2.36 -47.43 47.51
N GLU Q 89 1.46 -47.44 46.52
CA GLU Q 89 1.90 -47.48 45.14
C GLU Q 89 2.66 -46.20 44.78
N HIS Q 90 2.30 -45.08 45.42
CA HIS Q 90 2.97 -43.81 45.19
C HIS Q 90 4.30 -43.75 45.95
N GLY Q 91 4.36 -44.36 47.12
CA GLY Q 91 5.46 -44.10 48.05
C GLY Q 91 5.12 -42.94 48.97
N LEU Q 92 5.61 -43.02 50.21
CA LEU Q 92 5.43 -41.98 51.20
C LEU Q 92 6.15 -40.72 50.73
N HIS Q 93 5.54 -39.55 50.95
CA HIS Q 93 6.21 -38.35 50.50
C HIS Q 93 7.24 -37.91 51.54
N PRO Q 94 8.47 -37.57 51.11
CA PRO Q 94 9.51 -37.17 52.05
C PRO Q 94 9.20 -35.82 52.69
N ALA Q 95 9.63 -35.67 53.94
CA ALA Q 95 9.62 -34.43 54.67
C ALA Q 95 10.42 -33.36 53.92
N GLU Q 96 10.10 -32.09 54.18
CA GLU Q 96 10.93 -31.00 53.67
C GLU Q 96 12.00 -30.66 54.70
N TYR Q 97 13.24 -31.06 54.41
CA TYR Q 97 14.32 -30.79 55.34
C TYR Q 97 14.90 -29.42 55.04
N PRO Q 98 15.38 -28.67 56.05
CA PRO Q 98 16.02 -27.38 55.78
C PRO Q 98 17.47 -27.47 55.29
N TRP Q 99 17.66 -27.79 54.01
CA TRP Q 99 18.98 -27.86 53.40
C TRP Q 99 19.67 -26.50 53.45
N PRO Q 100 21.00 -26.41 53.64
CA PRO Q 100 21.71 -25.14 53.55
C PRO Q 100 21.45 -24.42 52.23
N GLN Q 101 21.25 -25.18 51.14
CA GLN Q 101 21.08 -24.57 49.83
C GLN Q 101 19.63 -24.12 49.60
N ASN Q 102 18.71 -24.41 50.54
CA ASN Q 102 17.35 -23.90 50.40
C ASN Q 102 17.38 -22.42 50.74
N GLY Q 103 16.74 -21.61 49.92
CA GLY Q 103 16.93 -20.19 50.17
C GLY Q 103 17.51 -19.57 48.94
N MET Q 104 16.80 -18.55 48.46
CA MET Q 104 17.15 -17.88 47.22
C MET Q 104 18.60 -17.42 47.25
N LEU Q 105 19.13 -17.09 48.43
CA LEU Q 105 20.46 -16.51 48.44
C LEU Q 105 21.52 -17.50 48.95
N SER Q 106 21.20 -18.79 49.00
CA SER Q 106 22.06 -19.71 49.74
C SER Q 106 22.85 -20.63 48.81
N THR Q 107 24.15 -20.78 49.07
CA THR Q 107 24.92 -21.77 48.35
C THR Q 107 24.79 -23.13 49.05
N PHE Q 108 25.36 -24.17 48.43
CA PHE Q 108 25.69 -25.41 49.11
C PHE Q 108 26.69 -25.13 50.23
N ASP Q 109 26.66 -25.99 51.25
CA ASP Q 109 27.76 -26.02 52.20
C ASP Q 109 28.85 -26.91 51.63
N HIS Q 110 30.01 -26.33 51.28
CA HIS Q 110 31.02 -27.08 50.55
C HIS Q 110 31.71 -28.12 51.42
N ALA Q 111 31.73 -27.90 52.75
CA ALA Q 111 32.27 -28.88 53.68
C ALA Q 111 31.40 -30.14 53.70
N SER Q 112 30.08 -29.95 53.62
CA SER Q 112 29.15 -31.06 53.48
C SER Q 112 29.34 -31.75 52.12
N LEU Q 113 29.58 -30.97 51.05
CA LEU Q 113 29.80 -31.58 49.74
C LEU Q 113 31.02 -32.51 49.78
N ARG Q 114 32.11 -32.07 50.43
CA ARG Q 114 33.34 -32.85 50.50
C ARG Q 114 33.10 -34.13 51.28
N ARG Q 115 32.40 -34.03 52.41
CA ARG Q 115 32.08 -35.20 53.22
C ARG Q 115 31.17 -36.15 52.42
N GLY Q 116 30.27 -35.59 51.62
CA GLY Q 116 29.34 -36.41 50.84
C GLY Q 116 30.08 -37.14 49.73
N TYR Q 117 31.13 -36.52 49.18
CA TYR Q 117 31.95 -37.21 48.21
C TYR Q 117 32.56 -38.45 48.86
N GLN Q 118 33.02 -38.29 50.10
CA GLN Q 118 33.67 -39.39 50.79
C GLN Q 118 32.69 -40.54 51.05
N VAL Q 119 31.43 -40.23 51.33
CA VAL Q 119 30.40 -41.25 51.48
C VAL Q 119 30.18 -41.94 50.14
N TYR Q 120 30.07 -41.15 49.07
CA TYR Q 120 29.91 -41.73 47.74
C TYR Q 120 31.03 -42.75 47.48
N LYS Q 121 32.26 -42.30 47.69
CA LYS Q 121 33.44 -43.05 47.31
C LYS Q 121 33.55 -44.34 48.12
N GLU Q 122 33.14 -44.33 49.39
CA GLU Q 122 33.39 -45.46 50.28
C GLU Q 122 32.19 -46.39 50.41
N VAL Q 123 31.00 -45.91 50.02
CA VAL Q 123 29.79 -46.71 50.21
C VAL Q 123 29.09 -46.92 48.86
N CYS Q 124 28.62 -45.83 48.24
CA CYS Q 124 27.73 -45.95 47.09
C CYS Q 124 28.48 -46.48 45.87
N ALA Q 125 29.76 -46.12 45.75
CA ALA Q 125 30.52 -46.39 44.54
C ALA Q 125 30.72 -47.89 44.32
N ALA Q 126 30.46 -48.72 45.33
CA ALA Q 126 30.52 -50.15 45.14
C ALA Q 126 29.47 -50.60 44.12
N CYS Q 127 28.34 -49.90 44.05
CA CYS Q 127 27.26 -50.36 43.19
C CYS Q 127 26.84 -49.30 42.19
N HIS Q 128 27.15 -48.03 42.45
CA HIS Q 128 26.56 -46.97 41.66
C HIS Q 128 27.65 -46.21 40.92
N SER Q 129 27.40 -45.88 39.66
CA SER Q 129 28.33 -45.03 38.97
C SER Q 129 27.96 -43.56 39.15
N LEU Q 130 28.91 -42.69 38.81
CA LEU Q 130 28.75 -41.26 38.79
C LEU Q 130 29.36 -40.76 37.48
N ASP Q 131 28.83 -41.24 36.36
CA ASP Q 131 29.49 -41.22 35.06
C ASP Q 131 29.60 -39.83 34.47
N ARG Q 132 28.81 -38.87 34.96
CA ARG Q 132 28.79 -37.58 34.29
C ARG Q 132 29.76 -36.62 34.97
N ILE Q 133 30.45 -37.09 36.01
CA ILE Q 133 31.32 -36.21 36.78
C ILE Q 133 32.76 -36.55 36.40
N ALA Q 134 33.56 -35.54 36.06
CA ALA Q 134 34.97 -35.77 35.79
C ALA Q 134 35.79 -35.33 37.01
N TRP Q 135 37.04 -35.81 37.14
CA TRP Q 135 37.87 -35.38 38.25
C TRP Q 135 37.99 -33.85 38.32
N ARG Q 136 38.11 -33.19 37.16
CA ARG Q 136 38.21 -31.74 37.11
C ARG Q 136 37.02 -31.03 37.77
N ASN Q 137 35.85 -31.68 37.81
CA ASN Q 137 34.65 -31.06 38.36
C ASN Q 137 34.73 -30.89 39.88
N LEU Q 138 35.51 -31.73 40.56
CA LEU Q 138 35.69 -31.63 42.00
C LEU Q 138 36.57 -30.43 42.35
N VAL Q 139 37.37 -29.94 41.40
CA VAL Q 139 38.41 -29.00 41.74
C VAL Q 139 37.78 -27.62 42.03
N GLY Q 140 38.09 -27.08 43.20
CA GLY Q 140 37.58 -25.77 43.58
C GLY Q 140 36.12 -25.84 44.02
N VAL Q 141 35.63 -27.07 44.23
CA VAL Q 141 34.30 -27.28 44.76
C VAL Q 141 34.45 -28.05 46.07
N THR Q 142 35.12 -29.21 45.99
CA THR Q 142 35.31 -30.08 47.15
C THR Q 142 36.79 -30.32 47.42
N HIS Q 143 37.65 -30.18 46.40
CA HIS Q 143 39.05 -30.61 46.48
C HIS Q 143 39.97 -29.62 45.78
N THR Q 144 41.26 -29.63 46.12
CA THR Q 144 42.22 -28.82 45.40
C THR Q 144 42.61 -29.55 44.11
N THR Q 145 43.29 -28.84 43.19
CA THR Q 145 43.81 -29.44 41.97
C THR Q 145 44.63 -30.70 42.28
N ASP Q 146 45.46 -30.64 43.32
CA ASP Q 146 46.39 -31.72 43.64
C ASP Q 146 45.68 -32.95 44.19
N GLU Q 147 44.67 -32.73 45.05
CA GLU Q 147 43.93 -33.86 45.60
C GLU Q 147 43.19 -34.60 44.47
N ALA Q 148 42.63 -33.84 43.52
CA ALA Q 148 41.85 -34.47 42.47
C ALA Q 148 42.77 -35.18 41.49
N LYS Q 149 43.97 -34.63 41.25
CA LYS Q 149 44.92 -35.29 40.36
C LYS Q 149 45.37 -36.60 40.99
N ALA Q 150 45.55 -36.59 42.32
CA ALA Q 150 45.94 -37.78 43.03
C ALA Q 150 44.86 -38.85 42.89
N PHE Q 151 43.58 -38.49 43.00
CA PHE Q 151 42.52 -39.46 42.79
C PHE Q 151 42.56 -40.03 41.38
N ALA Q 152 42.79 -39.16 40.38
CA ALA Q 152 42.77 -39.63 39.00
C ALA Q 152 43.95 -40.56 38.73
N GLU Q 153 45.14 -40.18 39.21
CA GLU Q 153 46.39 -40.87 38.92
C GLU Q 153 46.46 -42.27 39.54
N GLU Q 154 45.60 -42.55 40.53
CA GLU Q 154 45.57 -43.88 41.15
C GLU Q 154 44.88 -44.91 40.24
N LEU Q 155 44.17 -44.43 39.22
CA LEU Q 155 43.37 -45.35 38.42
C LEU Q 155 44.04 -45.55 37.07
N GLU Q 156 43.63 -46.62 36.37
CA GLU Q 156 44.11 -46.89 35.03
C GLU Q 156 42.95 -46.72 34.06
N TYR Q 157 43.24 -46.04 32.96
CA TYR Q 157 42.26 -45.85 31.90
C TYR Q 157 42.85 -46.40 30.61
N ASP Q 158 41.96 -46.72 29.67
CA ASP Q 158 42.37 -47.15 28.34
C ASP Q 158 43.08 -46.03 27.61
N ASP Q 159 44.29 -46.33 27.14
CA ASP Q 159 45.07 -45.42 26.32
C ASP Q 159 44.76 -45.73 24.85
N GLU Q 160 45.34 -44.94 23.93
CA GLU Q 160 45.36 -45.27 22.51
C GLU Q 160 46.27 -46.48 22.31
N PRO Q 161 46.03 -47.35 21.29
CA PRO Q 161 46.88 -48.52 21.09
C PRO Q 161 48.33 -48.12 20.84
N ASP Q 162 49.26 -49.00 21.20
CA ASP Q 162 50.68 -48.79 20.95
C ASP Q 162 50.97 -48.97 19.46
N ASP Q 163 52.27 -49.04 19.12
CA ASP Q 163 52.71 -48.97 17.73
C ASP Q 163 52.43 -50.26 16.98
N GLU Q 164 52.31 -51.38 17.70
CA GLU Q 164 51.92 -52.66 17.12
C GLU Q 164 50.39 -52.80 17.16
N GLY Q 165 49.70 -51.74 17.61
CA GLY Q 165 48.25 -51.73 17.69
C GLY Q 165 47.71 -52.56 18.86
N ASN Q 166 48.55 -52.85 19.85
CA ASN Q 166 48.12 -53.60 21.02
C ASN Q 166 47.49 -52.65 22.04
N PRO Q 167 46.46 -53.07 22.83
CA PRO Q 167 45.89 -52.23 23.89
C PRO Q 167 46.89 -51.85 24.98
N ARG Q 168 46.70 -50.64 25.53
CA ARG Q 168 47.51 -50.11 26.62
C ARG Q 168 46.61 -49.41 27.63
N LYS Q 169 47.10 -49.33 28.87
CA LYS Q 169 46.48 -48.54 29.92
C LYS Q 169 47.38 -47.34 30.25
N ARG Q 170 46.76 -46.26 30.74
CA ARG Q 170 47.49 -45.10 31.23
C ARG Q 170 46.93 -44.72 32.59
N PRO Q 171 47.66 -43.94 33.42
CA PRO Q 171 47.07 -43.33 34.62
C PRO Q 171 46.05 -42.26 34.27
N GLY Q 172 45.08 -42.05 35.17
CA GLY Q 172 44.02 -41.08 34.94
C GLY Q 172 44.52 -39.64 34.98
N LYS Q 173 43.75 -38.76 34.35
CA LYS Q 173 44.00 -37.33 34.29
C LYS Q 173 42.76 -36.60 34.80
N LEU Q 174 42.84 -35.28 35.01
CA LEU Q 174 41.69 -34.51 35.46
C LEU Q 174 40.53 -34.55 34.48
N ALA Q 175 40.83 -34.70 33.18
CA ALA Q 175 39.81 -34.74 32.14
C ALA Q 175 38.98 -36.02 32.20
N ASP Q 176 39.48 -37.07 32.85
CA ASP Q 176 38.81 -38.37 32.85
C ASP Q 176 37.55 -38.33 33.72
N TYR Q 177 36.57 -39.15 33.35
CA TYR Q 177 35.35 -39.29 34.13
C TYR Q 177 35.57 -40.31 35.23
N ILE Q 178 34.86 -40.14 36.34
CA ILE Q 178 34.95 -41.09 37.43
C ILE Q 178 34.44 -42.45 36.93
N PRO Q 179 35.24 -43.54 37.07
CA PRO Q 179 34.83 -44.82 36.51
C PRO Q 179 33.81 -45.54 37.38
N GLY Q 180 32.88 -46.25 36.73
CA GLY Q 180 31.82 -46.97 37.40
C GLY Q 180 32.28 -48.34 37.92
N PRO Q 181 31.53 -48.98 38.84
CA PRO Q 181 31.92 -50.30 39.34
C PRO Q 181 31.76 -51.47 38.36
N TYR Q 182 30.93 -51.33 37.32
CA TYR Q 182 30.58 -52.45 36.46
C TYR Q 182 30.88 -52.12 35.00
N PRO Q 183 31.32 -53.11 34.18
CA PRO Q 183 31.53 -52.89 32.75
C PRO Q 183 30.27 -52.68 31.91
N ASN Q 184 29.14 -53.23 32.35
CA ASN Q 184 27.88 -53.13 31.61
C ASN Q 184 26.71 -53.40 32.55
N GLU Q 185 25.49 -53.22 32.03
CA GLU Q 185 24.23 -53.45 32.73
C GLU Q 185 24.12 -54.89 33.23
N GLN Q 186 24.62 -55.84 32.41
CA GLN Q 186 24.40 -57.24 32.70
C GLN Q 186 25.19 -57.63 33.94
N ALA Q 187 26.44 -57.13 34.00
CA ALA Q 187 27.28 -57.33 35.16
C ALA Q 187 26.71 -56.61 36.38
N ALA Q 188 26.06 -55.46 36.17
CA ALA Q 188 25.51 -54.70 37.29
C ALA Q 188 24.36 -55.49 37.90
N ARG Q 189 23.47 -56.01 37.04
CA ARG Q 189 22.29 -56.74 37.48
C ARG Q 189 22.68 -58.06 38.13
N ALA Q 190 23.74 -58.70 37.63
CA ALA Q 190 24.17 -59.99 38.16
C ALA Q 190 24.67 -59.84 39.59
N ALA Q 191 25.24 -58.67 39.91
CA ALA Q 191 25.80 -58.40 41.22
C ALA Q 191 24.73 -57.90 42.19
N ASN Q 192 23.53 -57.60 41.69
CA ASN Q 192 22.52 -56.97 42.52
C ASN Q 192 21.20 -57.72 42.39
N GLN Q 193 21.27 -59.05 42.32
CA GLN Q 193 20.09 -59.92 42.33
C GLN Q 193 19.07 -59.45 41.30
N GLY Q 194 19.55 -59.04 40.11
CA GLY Q 194 18.65 -58.68 39.03
C GLY Q 194 18.36 -57.19 38.92
N ALA Q 195 18.52 -56.44 40.03
CA ALA Q 195 18.20 -55.02 40.03
C ALA Q 195 19.35 -54.21 39.44
N LEU Q 196 19.03 -53.09 38.79
CA LEU Q 196 20.08 -52.28 38.21
C LEU Q 196 20.25 -51.01 39.03
N PRO Q 197 21.38 -50.81 39.75
CA PRO Q 197 21.58 -49.55 40.50
C PRO Q 197 21.76 -48.41 39.51
N PRO Q 198 20.93 -47.35 39.53
CA PRO Q 198 21.05 -46.27 38.55
C PRO Q 198 22.34 -45.48 38.74
N ASP Q 199 22.79 -44.83 37.67
CA ASP Q 199 23.83 -43.83 37.74
C ASP Q 199 23.33 -42.71 38.65
N LEU Q 200 24.20 -42.14 39.50
CA LEU Q 200 23.68 -41.18 40.47
C LEU Q 200 23.92 -39.73 40.06
N SER Q 201 24.45 -39.50 38.85
CA SER Q 201 24.81 -38.15 38.43
C SER Q 201 23.60 -37.23 38.36
N LEU Q 202 22.42 -37.77 38.03
CA LEU Q 202 21.27 -36.91 37.83
C LEU Q 202 20.14 -37.28 38.79
N ILE Q 203 20.43 -38.20 39.71
CA ILE Q 203 19.38 -38.81 40.50
C ILE Q 203 18.61 -37.76 41.31
N ALA Q 204 19.27 -36.68 41.75
CA ALA Q 204 18.59 -35.64 42.50
C ALA Q 204 17.59 -34.88 41.63
N LYS Q 205 17.77 -34.86 40.31
CA LYS Q 205 16.79 -34.20 39.46
C LYS Q 205 15.80 -35.21 38.89
N ALA Q 206 16.15 -36.50 38.93
CA ALA Q 206 15.38 -37.52 38.25
C ALA Q 206 14.32 -38.13 39.17
N ARG Q 207 14.22 -37.64 40.41
CA ARG Q 207 13.21 -38.14 41.31
C ARG Q 207 12.49 -36.95 41.92
N HIS Q 208 11.15 -37.05 42.05
CA HIS Q 208 10.38 -36.07 42.81
C HIS Q 208 10.93 -36.01 44.24
N GLY Q 209 11.19 -34.80 44.73
CA GLY Q 209 11.69 -34.72 46.09
C GLY Q 209 13.16 -34.31 46.14
N GLY Q 210 13.97 -34.70 45.15
CA GLY Q 210 15.37 -34.30 45.10
C GLY Q 210 16.16 -34.78 46.33
N ALA Q 211 16.95 -33.88 46.93
CA ALA Q 211 17.70 -34.18 48.13
C ALA Q 211 16.82 -34.79 49.23
N ASP Q 212 15.58 -34.31 49.38
CA ASP Q 212 14.73 -34.82 50.45
C ASP Q 212 14.42 -36.29 50.22
N TYR Q 213 14.23 -36.67 48.95
CA TYR Q 213 13.93 -38.05 48.64
C TYR Q 213 15.14 -38.92 48.94
N ILE Q 214 16.33 -38.45 48.55
CA ILE Q 214 17.52 -39.24 48.78
C ILE Q 214 17.72 -39.43 50.28
N PHE Q 215 17.59 -38.35 51.04
CA PHE Q 215 17.79 -38.43 52.48
C PHE Q 215 16.75 -39.36 53.11
N ALA Q 216 15.48 -39.20 52.74
CA ALA Q 216 14.40 -39.99 53.29
C ALA Q 216 14.58 -41.46 52.97
N LEU Q 217 14.96 -41.76 51.72
CA LEU Q 217 15.14 -43.14 51.31
C LEU Q 217 16.27 -43.80 52.11
N LEU Q 218 17.42 -43.12 52.25
CA LEU Q 218 18.58 -43.76 52.86
C LEU Q 218 18.36 -43.99 54.34
N THR Q 219 17.55 -43.12 54.98
CA THR Q 219 17.34 -43.18 56.42
C THR Q 219 15.98 -43.80 56.74
N GLY Q 220 15.25 -44.30 55.73
CA GLY Q 220 13.88 -44.71 55.99
C GLY Q 220 13.65 -46.21 55.89
N TYR Q 221 14.68 -47.03 56.11
CA TYR Q 221 14.47 -48.46 56.18
C TYR Q 221 14.06 -48.80 57.61
N PRO Q 222 12.80 -49.24 57.85
CA PRO Q 222 12.39 -49.68 59.19
C PRO Q 222 13.07 -51.00 59.48
N ASP Q 223 13.28 -51.30 60.76
CA ASP Q 223 13.84 -52.58 61.18
C ASP Q 223 12.94 -53.71 60.68
N GLU Q 224 11.61 -53.52 60.78
CA GLU Q 224 10.65 -54.52 60.39
C GLU Q 224 9.64 -53.92 59.41
N PRO Q 225 9.34 -54.60 58.28
CA PRO Q 225 8.24 -54.17 57.41
C PRO Q 225 6.91 -54.18 58.16
N PRO Q 226 6.03 -53.20 57.91
CA PRO Q 226 4.67 -53.19 58.45
C PRO Q 226 4.01 -54.55 58.24
N ALA Q 227 3.32 -55.02 59.29
CA ALA Q 227 2.67 -56.32 59.27
C ALA Q 227 1.75 -56.42 58.06
N GLY Q 228 1.95 -57.47 57.27
CA GLY Q 228 1.07 -57.77 56.15
C GLY Q 228 1.75 -57.58 54.79
N VAL Q 229 2.88 -56.85 54.78
CA VAL Q 229 3.65 -56.60 53.57
C VAL Q 229 4.38 -57.89 53.20
N VAL Q 230 4.23 -58.32 51.95
CA VAL Q 230 4.95 -59.46 51.44
C VAL Q 230 6.03 -58.95 50.49
N LEU Q 231 7.30 -59.16 50.87
CA LEU Q 231 8.36 -58.71 50.00
C LEU Q 231 8.72 -59.82 49.02
N ALA Q 232 8.85 -59.44 47.74
CA ALA Q 232 9.45 -60.28 46.72
C ALA Q 232 10.89 -60.64 47.09
N PRO Q 233 11.47 -61.76 46.58
CA PRO Q 233 12.83 -62.15 46.96
C PRO Q 233 13.86 -61.11 46.52
N GLY Q 234 14.77 -60.77 47.44
CA GLY Q 234 15.82 -59.79 47.20
C GLY Q 234 15.37 -58.34 47.35
N MET Q 235 14.15 -58.15 47.90
CA MET Q 235 13.57 -56.83 48.12
C MET Q 235 13.60 -56.50 49.61
N ASN Q 236 13.67 -55.20 49.89
CA ASN Q 236 13.78 -54.64 51.21
C ASN Q 236 12.63 -53.64 51.34
N TYR Q 237 12.09 -53.52 52.55
CA TYR Q 237 10.95 -52.63 52.68
C TYR Q 237 11.45 -51.21 52.87
N ASN Q 238 10.94 -50.26 52.06
CA ASN Q 238 11.26 -48.87 52.29
C ASN Q 238 10.03 -48.07 51.88
N PRO Q 239 9.35 -47.36 52.79
CA PRO Q 239 8.08 -46.72 52.44
C PRO Q 239 8.20 -45.59 51.43
N TYR Q 240 9.40 -45.01 51.29
CA TYR Q 240 9.58 -43.89 50.38
C TYR Q 240 9.65 -44.37 48.94
N PHE Q 241 9.99 -45.64 48.76
CA PHE Q 241 10.12 -46.16 47.41
C PHE Q 241 8.76 -46.57 46.88
N PRO Q 242 8.32 -46.17 45.67
CA PRO Q 242 6.99 -46.55 45.18
C PRO Q 242 6.79 -48.06 45.15
N GLY Q 243 5.71 -48.53 45.79
CA GLY Q 243 5.48 -49.95 45.90
C GLY Q 243 6.04 -50.56 47.20
N GLY Q 244 7.10 -49.94 47.75
CA GLY Q 244 7.60 -50.30 49.07
C GLY Q 244 8.76 -51.29 49.05
N GLY Q 245 8.91 -52.07 47.97
CA GLY Q 245 9.95 -53.09 47.91
C GLY Q 245 11.09 -52.63 47.02
N ILE Q 246 12.24 -52.35 47.62
CA ILE Q 246 13.36 -51.82 46.85
C ILE Q 246 14.48 -52.86 46.83
N GLY Q 247 15.19 -52.95 45.70
CA GLY Q 247 16.27 -53.92 45.59
C GLY Q 247 17.55 -53.49 46.30
N MET Q 248 17.58 -52.28 46.87
CA MET Q 248 18.78 -51.80 47.55
C MET Q 248 18.55 -52.00 49.04
N ALA Q 249 19.49 -52.64 49.72
CA ALA Q 249 19.37 -52.83 51.16
C ALA Q 249 19.82 -51.55 51.86
N ARG Q 250 19.54 -51.46 53.16
CA ARG Q 250 20.12 -50.37 53.94
C ARG Q 250 21.64 -50.50 53.93
N THR Q 251 22.34 -49.36 53.74
CA THR Q 251 23.79 -49.36 53.62
C THR Q 251 24.45 -48.41 54.61
N LEU Q 252 23.70 -47.43 55.11
CA LEU Q 252 24.33 -46.48 56.01
C LEU Q 252 24.07 -46.90 57.45
N PHE Q 253 25.16 -47.20 58.16
CA PHE Q 253 25.10 -47.51 59.57
C PHE Q 253 26.12 -46.64 60.28
N ASP Q 254 25.84 -46.28 61.54
CA ASP Q 254 26.72 -45.40 62.29
C ASP Q 254 28.15 -45.93 62.21
N GLY Q 255 29.03 -45.10 61.64
CA GLY Q 255 30.47 -45.33 61.62
C GLY Q 255 30.96 -46.21 60.49
N VAL Q 256 30.27 -46.24 59.34
CA VAL Q 256 30.76 -47.02 58.20
C VAL Q 256 31.84 -46.22 57.48
N VAL Q 257 31.82 -44.90 57.71
CA VAL Q 257 32.80 -43.98 57.16
C VAL Q 257 33.47 -43.31 58.35
N GLU Q 258 34.76 -42.99 58.22
CA GLU Q 258 35.42 -42.14 59.20
C GLU Q 258 35.76 -40.82 58.51
N TYR Q 259 35.02 -39.76 58.86
CA TYR Q 259 35.19 -38.53 58.10
C TYR Q 259 36.56 -37.95 58.39
N GLU Q 260 37.15 -37.29 57.38
CA GLU Q 260 38.51 -36.79 57.50
C GLU Q 260 38.55 -35.45 58.25
N ASP Q 261 37.38 -34.86 58.53
CA ASP Q 261 37.26 -33.58 59.20
C ASP Q 261 36.77 -33.74 60.64
N GLY Q 262 36.60 -35.00 61.08
CA GLY Q 262 36.31 -35.33 62.48
C GLY Q 262 34.82 -35.37 62.83
N THR Q 263 33.97 -35.02 61.87
CA THR Q 263 32.52 -35.05 62.03
C THR Q 263 32.06 -36.46 62.40
N PRO Q 264 31.19 -36.64 63.43
CA PRO Q 264 30.62 -37.96 63.75
C PRO Q 264 29.75 -38.53 62.63
N ALA Q 265 30.17 -39.69 62.13
CA ALA Q 265 29.51 -40.26 60.97
C ALA Q 265 28.30 -41.08 61.41
N THR Q 266 27.19 -40.40 61.70
CA THR Q 266 25.97 -41.13 62.01
C THR Q 266 25.22 -41.39 60.71
N THR Q 267 24.29 -42.35 60.74
CA THR Q 267 23.42 -42.60 59.60
C THR Q 267 22.90 -41.29 59.03
N SER Q 268 22.31 -40.45 59.90
CA SER Q 268 21.69 -39.20 59.50
C SER Q 268 22.72 -38.25 58.88
N GLN Q 269 23.91 -38.16 59.49
CA GLN Q 269 24.92 -37.23 59.02
C GLN Q 269 25.38 -37.66 57.62
N MET Q 270 25.63 -38.96 57.44
CA MET Q 270 26.13 -39.43 56.18
C MET Q 270 25.07 -39.27 55.08
N ALA Q 271 23.81 -39.49 55.45
CA ALA Q 271 22.74 -39.38 54.48
C ALA Q 271 22.59 -37.93 54.05
N LYS Q 272 22.77 -37.01 54.99
CA LYS Q 272 22.62 -35.61 54.69
C LYS Q 272 23.76 -35.18 53.77
N ASP Q 273 24.98 -35.61 54.07
CA ASP Q 273 26.14 -35.22 53.28
C ASP Q 273 26.05 -35.79 51.87
N VAL Q 274 25.72 -37.07 51.76
CA VAL Q 274 25.71 -37.68 50.43
C VAL Q 274 24.56 -37.10 49.61
N ALA Q 275 23.42 -36.78 50.25
CA ALA Q 275 22.32 -36.18 49.52
C ALA Q 275 22.71 -34.79 49.00
N ALA Q 276 23.48 -34.04 49.79
CA ALA Q 276 23.97 -32.73 49.37
C ALA Q 276 24.93 -32.91 48.19
N PHE Q 277 25.88 -33.84 48.31
CA PHE Q 277 26.84 -34.09 47.25
C PHE Q 277 26.13 -34.47 45.94
N LEU Q 278 25.12 -35.35 46.02
CA LEU Q 278 24.42 -35.77 44.81
C LEU Q 278 23.58 -34.65 44.21
N THR Q 279 23.09 -33.74 45.07
CA THR Q 279 22.37 -32.58 44.57
C THR Q 279 23.33 -31.70 43.80
N TRP Q 280 24.53 -31.48 44.34
CA TRP Q 280 25.56 -30.77 43.61
C TRP Q 280 25.87 -31.48 42.29
N ALA Q 281 25.99 -32.82 42.31
CA ALA Q 281 26.36 -33.54 41.10
C ALA Q 281 25.31 -33.34 40.00
N ALA Q 282 24.04 -33.21 40.40
CA ALA Q 282 22.98 -33.04 39.42
C ALA Q 282 22.95 -31.60 38.90
N GLU Q 283 23.34 -30.63 39.73
CA GLU Q 283 23.21 -29.23 39.37
C GLU Q 283 24.46 -28.47 39.77
N PRO Q 284 25.63 -28.70 39.13
CA PRO Q 284 26.86 -28.04 39.57
C PRO Q 284 26.92 -26.52 39.40
N GLU Q 285 26.03 -25.98 38.55
CA GLU Q 285 25.92 -24.54 38.31
C GLU Q 285 25.16 -23.82 39.43
N HIS Q 286 24.52 -24.57 40.33
CA HIS Q 286 23.62 -24.07 41.37
C HIS Q 286 24.09 -22.75 42.00
N ASP Q 287 25.31 -22.73 42.55
CA ASP Q 287 25.78 -21.59 43.32
C ASP Q 287 25.88 -20.35 42.42
N GLU Q 288 26.50 -20.51 41.25
CA GLU Q 288 26.67 -19.41 40.32
C GLU Q 288 25.32 -18.91 39.81
N ARG Q 289 24.42 -19.84 39.51
CA ARG Q 289 23.10 -19.55 38.96
C ARG Q 289 22.35 -18.63 39.91
N LYS Q 290 22.40 -18.94 41.21
CA LYS Q 290 21.58 -18.17 42.13
C LYS Q 290 22.19 -16.80 42.35
N LYS Q 291 23.50 -16.69 42.28
CA LYS Q 291 24.11 -15.38 42.42
C LYS Q 291 23.79 -14.51 41.20
N LEU Q 292 23.84 -15.09 40.00
CA LEU Q 292 23.50 -14.32 38.81
C LEU Q 292 22.03 -13.91 38.85
N GLY Q 293 21.19 -14.78 39.41
CA GLY Q 293 19.76 -14.50 39.57
C GLY Q 293 19.51 -13.31 40.47
N LEU Q 294 20.30 -13.19 41.56
CA LEU Q 294 20.20 -12.04 42.44
C LEU Q 294 20.48 -10.77 41.65
N LYS Q 295 21.57 -10.77 40.88
CA LYS Q 295 21.89 -9.60 40.06
C LYS Q 295 20.76 -9.28 39.09
N ALA Q 296 20.24 -10.31 38.40
CA ALA Q 296 19.16 -10.10 37.44
C ALA Q 296 17.93 -9.53 38.15
N ILE Q 297 17.56 -10.11 39.30
CA ILE Q 297 16.37 -9.67 40.03
C ILE Q 297 16.48 -8.18 40.32
N ILE Q 298 17.64 -7.74 40.79
CA ILE Q 298 17.85 -6.36 41.20
C ILE Q 298 17.74 -5.45 39.99
N VAL Q 299 18.47 -5.77 38.91
CA VAL Q 299 18.48 -4.92 37.73
C VAL Q 299 17.06 -4.86 37.15
N ILE Q 300 16.41 -6.02 37.03
CA ILE Q 300 15.11 -6.09 36.36
C ILE Q 300 14.07 -5.34 37.19
N SER Q 301 14.13 -5.47 38.52
CA SER Q 301 13.19 -4.76 39.38
C SER Q 301 13.33 -3.25 39.22
N ALA Q 302 14.57 -2.75 39.24
CA ALA Q 302 14.83 -1.33 39.07
C ALA Q 302 14.31 -0.87 37.71
N MET Q 303 14.56 -1.67 36.66
CA MET Q 303 14.11 -1.32 35.32
C MET Q 303 12.58 -1.34 35.27
N LEU Q 304 11.95 -2.23 36.04
CA LEU Q 304 10.50 -2.28 36.05
C LEU Q 304 9.96 -0.99 36.66
N GLY Q 305 10.52 -0.58 37.81
CA GLY Q 305 10.13 0.66 38.48
C GLY Q 305 10.31 1.87 37.56
N LEU Q 306 11.46 1.94 36.88
CA LEU Q 306 11.73 3.07 36.01
C LEU Q 306 10.80 3.04 34.80
N SER Q 307 10.50 1.86 34.27
CA SER Q 307 9.61 1.78 33.12
C SER Q 307 8.21 2.26 33.51
N VAL Q 308 7.81 2.08 34.77
CA VAL Q 308 6.51 2.56 35.21
C VAL Q 308 6.50 4.09 35.23
N TYR Q 309 7.54 4.70 35.80
CA TYR Q 309 7.67 6.14 35.79
C TYR Q 309 7.64 6.66 34.35
N ILE Q 310 8.41 6.05 33.46
CA ILE Q 310 8.52 6.58 32.12
C ILE Q 310 7.19 6.44 31.38
N LYS Q 311 6.51 5.30 31.56
CA LYS Q 311 5.23 5.13 30.90
C LYS Q 311 4.27 6.20 31.38
N LYS Q 312 4.17 6.38 32.69
CA LYS Q 312 3.23 7.36 33.24
C LYS Q 312 3.57 8.76 32.78
N PHE Q 313 4.87 9.08 32.71
CA PHE Q 313 5.32 10.38 32.25
C PHE Q 313 4.85 10.61 30.81
N LYS Q 314 5.11 9.63 29.93
CA LYS Q 314 4.76 9.78 28.52
C LYS Q 314 3.25 9.81 28.33
N TRP Q 315 2.51 9.07 29.15
CA TRP Q 315 1.08 8.95 28.94
C TRP Q 315 0.31 10.11 29.57
N SER Q 316 0.93 10.94 30.41
CA SER Q 316 0.11 11.89 31.16
C SER Q 316 -0.68 12.84 30.26
N PRO Q 317 -0.18 13.33 29.10
CA PRO Q 317 -1.02 14.18 28.25
C PRO Q 317 -2.30 13.49 27.77
N ILE Q 318 -2.26 12.17 27.58
CA ILE Q 318 -3.43 11.44 27.14
C ILE Q 318 -4.36 11.25 28.33
N LYS Q 319 -3.80 10.85 29.47
CA LYS Q 319 -4.63 10.61 30.65
C LYS Q 319 -5.29 11.90 31.11
N ASN Q 320 -4.60 13.03 30.94
CA ASN Q 320 -5.05 14.29 31.52
C ASN Q 320 -5.96 15.07 30.57
N ARG Q 321 -6.21 14.53 29.37
CA ARG Q 321 -6.96 15.21 28.33
C ARG Q 321 -8.37 15.58 28.81
N LYS Q 322 -8.83 16.79 28.47
CA LYS Q 322 -10.15 17.28 28.80
C LYS Q 322 -10.85 17.77 27.55
N PHE Q 323 -12.19 17.69 27.54
CA PHE Q 323 -12.97 18.06 26.36
C PHE Q 323 -14.03 19.08 26.75
N ILE Q 324 -14.35 19.97 25.82
CA ILE Q 324 -15.53 20.79 25.93
C ILE Q 324 -16.32 20.56 24.65
N TYR Q 325 -17.57 20.12 24.76
CA TYR Q 325 -18.34 19.89 23.56
C TYR Q 325 -19.40 20.96 23.39
N ASN Q 326 -19.45 21.60 22.23
CA ASN Q 326 -20.56 22.48 21.92
C ASN Q 326 -21.27 21.91 20.71
N PRO Q 327 -22.46 21.29 20.86
CA PRO Q 327 -23.11 20.60 19.74
C PRO Q 327 -23.32 21.58 18.59
N PRO Q 328 -22.83 21.28 17.36
CA PRO Q 328 -22.97 22.20 16.23
C PRO Q 328 -24.44 22.47 15.85
N TYR R 7 -12.07 -0.79 6.84
CA TYR R 7 -12.71 -0.16 8.05
C TYR R 7 -11.74 0.72 8.84
N MET R 8 -10.50 0.82 8.39
CA MET R 8 -9.62 1.81 8.98
C MET R 8 -8.87 2.46 7.83
N GLY R 9 -8.78 3.80 7.83
CA GLY R 9 -7.95 4.47 6.85
C GLY R 9 -6.56 4.73 7.43
N TRP R 10 -6.11 5.98 7.36
CA TRP R 10 -4.81 6.37 7.88
C TRP R 10 -4.91 7.82 8.36
N TRP R 11 -3.83 8.35 8.93
CA TRP R 11 -3.86 9.72 9.44
C TRP R 11 -4.37 10.69 8.37
N GLY R 12 -5.38 11.49 8.73
CA GLY R 12 -5.95 12.44 7.79
C GLY R 12 -7.22 11.91 7.14
N HIS R 13 -7.37 10.58 7.07
CA HIS R 13 -8.57 10.00 6.51
C HIS R 13 -8.85 8.69 7.24
N MET R 14 -9.00 8.78 8.57
CA MET R 14 -9.05 7.57 9.38
C MET R 14 -10.36 6.81 9.15
N GLY R 15 -11.40 7.50 8.70
CA GLY R 15 -12.72 6.89 8.54
C GLY R 15 -13.69 7.26 9.66
N SER R 16 -13.34 8.28 10.45
CA SER R 16 -14.25 8.83 11.45
C SER R 16 -15.41 9.51 10.73
N PRO R 17 -16.64 9.48 11.29
CA PRO R 17 -17.68 10.42 10.86
C PRO R 17 -17.11 11.82 11.06
N PRO R 18 -17.57 12.86 10.32
CA PRO R 18 -17.07 14.22 10.50
C PRO R 18 -17.14 14.64 11.97
N GLN R 19 -16.06 15.24 12.46
CA GLN R 19 -16.02 15.69 13.84
C GLN R 19 -16.13 17.20 13.82
N LYS R 20 -16.96 17.73 14.71
CA LYS R 20 -17.10 19.17 14.85
C LYS R 20 -17.63 19.46 16.26
N GLY R 21 -17.16 20.56 16.84
CA GLY R 21 -17.74 21.08 18.08
C GLY R 21 -17.02 20.57 19.32
N ILE R 22 -16.02 19.69 19.16
CA ILE R 22 -15.30 19.20 20.32
C ILE R 22 -13.99 19.98 20.45
N ALA R 23 -13.74 20.57 21.61
CA ALA R 23 -12.45 21.16 21.88
C ALA R 23 -11.70 20.22 22.84
N GLY R 24 -10.46 19.84 22.48
CA GLY R 24 -9.65 18.98 23.32
C GLY R 24 -8.47 19.75 23.90
N TYR R 25 -8.17 19.51 25.18
CA TYR R 25 -7.11 20.25 25.86
C TYR R 25 -6.23 19.25 26.58
N THR R 26 -4.93 19.53 26.63
CA THR R 26 -4.08 18.78 27.52
C THR R 26 -2.80 19.56 27.78
N ILE R 27 -1.97 19.05 28.69
CA ILE R 27 -0.76 19.74 29.08
C ILE R 27 0.43 18.82 28.84
N SER R 28 1.60 19.45 28.70
CA SER R 28 2.88 18.80 28.44
C SER R 28 3.20 17.77 29.52
N PRO R 29 3.87 16.64 29.20
CA PRO R 29 4.31 15.70 30.23
C PRO R 29 5.31 16.34 31.19
N PHE R 30 6.08 17.32 30.71
CA PHE R 30 7.01 18.02 31.59
C PHE R 30 6.29 18.95 32.55
N ALA R 31 5.06 19.37 32.20
CA ALA R 31 4.32 20.32 33.03
C ALA R 31 3.46 19.61 34.07
N ALA R 32 3.27 18.30 33.92
CA ALA R 32 2.33 17.56 34.74
C ALA R 32 3.07 16.74 35.79
N ARG R 33 2.41 16.48 36.92
CA ARG R 33 2.90 15.47 37.85
C ARG R 33 2.40 14.10 37.40
N PRO R 34 3.27 13.18 36.92
CA PRO R 34 2.80 11.91 36.37
C PRO R 34 2.10 11.06 37.41
N PHE R 35 2.48 11.22 38.69
CA PHE R 35 1.89 10.44 39.77
C PHE R 35 0.88 11.24 40.58
N ALA R 36 0.33 12.32 40.02
CA ALA R 36 -0.73 13.04 40.71
C ALA R 36 -1.90 12.10 41.02
N GLY R 37 -2.35 12.12 42.28
CA GLY R 37 -3.51 11.36 42.75
C GLY R 37 -3.30 9.85 42.74
N VAL R 38 -2.03 9.41 42.80
CA VAL R 38 -1.69 8.00 42.70
C VAL R 38 -2.21 7.23 43.90
N VAL R 39 -2.15 7.84 45.09
CA VAL R 39 -2.52 7.18 46.33
C VAL R 39 -4.02 6.95 46.35
N HIS R 40 -4.78 7.98 46.01
CA HIS R 40 -6.22 7.87 45.88
C HIS R 40 -6.60 6.79 44.85
N ALA R 41 -5.93 6.79 43.70
CA ALA R 41 -6.24 5.82 42.65
C ALA R 41 -5.93 4.40 43.13
N ALA R 42 -4.74 4.24 43.73
CA ALA R 42 -4.25 2.92 44.14
C ALA R 42 -5.20 2.30 45.16
N ILE R 43 -5.84 3.13 45.99
CA ILE R 43 -6.70 2.61 47.04
C ILE R 43 -8.15 2.59 46.58
N PHE R 44 -8.70 3.77 46.26
CA PHE R 44 -10.13 3.90 46.06
C PHE R 44 -10.55 3.45 44.68
N ASN R 45 -9.75 3.80 43.65
CA ASN R 45 -10.12 3.43 42.30
C ASN R 45 -10.01 1.92 42.15
N THR R 46 -8.93 1.34 42.68
CA THR R 46 -8.73 -0.09 42.56
C THR R 46 -9.83 -0.84 43.32
N PHE R 47 -10.22 -0.31 44.48
CA PHE R 47 -11.27 -0.95 45.26
C PHE R 47 -12.57 -0.98 44.46
N ARG R 48 -12.96 0.17 43.91
CA ARG R 48 -14.16 0.27 43.09
C ARG R 48 -14.09 -0.72 41.92
N ARG R 49 -12.99 -0.70 41.17
CA ARG R 49 -12.85 -1.53 39.99
C ARG R 49 -12.98 -3.01 40.37
N THR R 50 -12.35 -3.38 41.49
CA THR R 50 -12.26 -4.77 41.91
C THR R 50 -13.62 -5.23 42.42
N LYS R 51 -14.25 -4.40 43.25
CA LYS R 51 -15.55 -4.72 43.82
C LYS R 51 -16.56 -5.01 42.71
N ASN R 52 -16.55 -4.21 41.63
CA ASN R 52 -17.56 -4.37 40.59
C ASN R 52 -17.32 -5.63 39.77
N GLN R 53 -16.11 -6.19 39.80
CA GLN R 53 -15.85 -7.37 39.00
C GLN R 53 -15.76 -8.64 39.84
N ALA R 54 -15.84 -8.52 41.18
CA ALA R 54 -15.48 -9.61 42.08
C ALA R 54 -16.30 -10.88 41.82
N LEU R 55 -17.63 -10.74 41.68
CA LEU R 55 -18.54 -11.88 41.53
C LEU R 55 -18.24 -12.72 40.30
N PHE R 56 -17.79 -12.09 39.20
CA PHE R 56 -17.55 -12.79 37.96
C PHE R 56 -16.32 -13.68 38.06
N VAL R 57 -15.49 -13.43 39.07
CA VAL R 57 -14.32 -14.27 39.29
C VAL R 57 -14.66 -15.27 40.39
N ILE R 58 -15.25 -14.78 41.48
CA ILE R 58 -15.48 -15.59 42.66
C ILE R 58 -16.42 -16.75 42.34
N LEU R 59 -17.55 -16.48 41.67
CA LEU R 59 -18.53 -17.55 41.47
C LEU R 59 -17.94 -18.73 40.70
N PRO R 60 -17.36 -18.58 39.48
CA PRO R 60 -16.82 -19.73 38.78
C PRO R 60 -15.62 -20.38 39.47
N VAL R 61 -14.75 -19.55 40.06
CA VAL R 61 -13.57 -20.11 40.72
C VAL R 61 -14.02 -20.98 41.88
N SER R 62 -14.95 -20.46 42.70
CA SER R 62 -15.38 -21.19 43.89
C SER R 62 -16.14 -22.46 43.50
N PHE R 63 -16.91 -22.41 42.41
CA PHE R 63 -17.66 -23.58 42.00
C PHE R 63 -16.70 -24.68 41.55
N PHE R 64 -15.76 -24.33 40.66
CA PHE R 64 -14.87 -25.33 40.08
C PHE R 64 -13.87 -25.83 41.12
N TYR R 65 -13.54 -24.99 42.10
CA TYR R 65 -12.66 -25.44 43.16
C TYR R 65 -13.38 -26.42 44.08
N TYR R 66 -14.67 -26.17 44.30
CA TYR R 66 -15.46 -27.05 45.13
C TYR R 66 -15.61 -28.43 44.46
N VAL R 67 -15.92 -28.43 43.17
CA VAL R 67 -16.04 -29.63 42.36
C VAL R 67 -14.75 -30.46 42.42
N TRP R 68 -13.60 -29.79 42.25
CA TRP R 68 -12.31 -30.44 42.26
C TRP R 68 -12.05 -31.08 43.63
N THR R 69 -12.30 -30.30 44.68
CA THR R 69 -12.09 -30.70 46.07
C THR R 69 -12.88 -31.95 46.40
N GLN R 70 -14.14 -32.00 45.96
CA GLN R 70 -15.00 -33.13 46.24
C GLN R 70 -14.50 -34.36 45.49
N ALA R 71 -14.09 -34.17 44.23
CA ALA R 71 -13.66 -35.26 43.38
C ALA R 71 -12.34 -35.82 43.89
N SER R 72 -11.41 -34.93 44.27
CA SER R 72 -10.10 -35.38 44.71
C SER R 72 -10.20 -36.06 46.08
N GLU R 73 -11.10 -35.59 46.95
CA GLU R 73 -11.28 -36.23 48.24
C GLU R 73 -11.91 -37.61 48.09
N LYS R 74 -12.86 -37.73 47.15
CA LYS R 74 -13.50 -39.02 46.95
C LYS R 74 -12.47 -40.01 46.42
N ASN R 75 -11.68 -39.55 45.44
CA ASN R 75 -10.69 -40.40 44.81
C ASN R 75 -9.72 -40.91 45.87
N GLU R 76 -9.30 -40.01 46.78
CA GLU R 76 -8.36 -40.38 47.81
C GLU R 76 -8.96 -41.45 48.72
N TRP R 77 -10.24 -41.28 49.05
CA TRP R 77 -10.92 -42.15 50.00
C TRP R 77 -11.15 -43.53 49.38
N LEU R 78 -11.39 -43.56 48.06
CA LEU R 78 -11.69 -44.81 47.36
C LEU R 78 -10.48 -45.73 47.37
N TYR R 79 -9.26 -45.16 47.48
CA TYR R 79 -8.04 -45.94 47.40
C TYR R 79 -7.44 -46.19 48.78
N THR R 80 -8.25 -46.00 49.82
CA THR R 80 -7.89 -46.44 51.16
C THR R 80 -8.52 -47.79 51.41
N LYS R 81 -8.19 -48.41 52.55
CA LYS R 81 -8.76 -49.66 53.03
C LYS R 81 -10.26 -49.53 53.18
N ALA R 82 -10.68 -48.44 53.83
CA ALA R 82 -12.08 -48.15 54.12
C ALA R 82 -12.90 -48.03 52.83
N GLY R 83 -12.26 -47.63 51.72
CA GLY R 83 -12.97 -47.37 50.47
C GLY R 83 -12.96 -48.55 49.51
N ARG R 84 -12.51 -49.72 49.99
CA ARG R 84 -12.29 -50.93 49.19
C ARG R 84 -13.54 -51.35 48.44
N HIS R 85 -14.66 -51.37 49.16
CA HIS R 85 -15.91 -51.94 48.66
C HIS R 85 -16.53 -51.00 47.64
N GLU R 86 -16.51 -49.70 47.96
CA GLU R 86 -17.02 -48.65 47.10
C GLU R 86 -16.14 -48.56 45.85
N LEU R 87 -14.85 -48.87 45.98
CA LEU R 87 -13.96 -48.84 44.82
C LEU R 87 -14.28 -50.00 43.90
N ALA R 88 -14.65 -51.15 44.48
CA ALA R 88 -14.91 -52.36 43.71
C ALA R 88 -16.14 -52.16 42.82
N LYS R 89 -17.13 -51.46 43.36
CA LYS R 89 -18.37 -51.12 42.66
C LYS R 89 -18.10 -50.08 41.57
N ALA R 90 -17.27 -49.08 41.91
CA ALA R 90 -16.96 -47.98 41.01
C ALA R 90 -16.21 -48.49 39.78
N LEU R 91 -15.39 -49.53 39.94
CA LEU R 91 -14.79 -50.21 38.80
C LEU R 91 -15.70 -51.37 38.39
N ALA S 4 21.93 23.08 37.84
CA ALA S 4 20.91 22.29 37.08
C ALA S 4 20.99 22.67 35.61
N THR S 5 21.05 23.98 35.34
CA THR S 5 21.26 24.47 33.98
C THR S 5 22.60 23.97 33.46
N THR S 6 23.64 24.09 34.29
CA THR S 6 24.97 23.69 33.89
C THR S 6 24.98 22.20 33.58
N PHE S 7 24.44 21.42 34.52
CA PHE S 7 24.41 19.98 34.35
C PHE S 7 23.63 19.62 33.07
N TYR S 8 22.48 20.26 32.86
CA TYR S 8 21.67 19.97 31.69
C TYR S 8 22.46 20.26 30.42
N ASN S 9 23.11 21.44 30.38
CA ASN S 9 23.80 21.92 29.20
C ASN S 9 24.97 21.02 28.82
N VAL S 10 25.66 20.48 29.82
CA VAL S 10 26.84 19.68 29.54
C VAL S 10 26.43 18.24 29.21
N PHE S 11 25.59 17.62 30.04
CA PHE S 11 25.45 16.19 29.93
C PHE S 11 24.17 15.75 29.24
N VAL S 12 23.19 16.65 29.07
CA VAL S 12 21.87 16.17 28.70
C VAL S 12 21.43 16.76 27.35
N LYS S 13 21.67 18.06 27.16
CA LYS S 13 21.15 18.82 26.03
C LYS S 13 21.52 18.15 24.70
N ARG S 14 22.79 17.87 24.48
CA ARG S 14 23.21 17.18 23.26
C ARG S 14 23.01 15.69 23.49
N ASN S 15 22.30 15.02 22.56
CA ASN S 15 22.05 13.60 22.69
C ASN S 15 23.36 12.82 22.60
N SER S 16 24.30 13.30 21.79
CA SER S 16 25.61 12.67 21.76
C SER S 16 26.20 12.61 23.16
N ALA S 17 26.08 13.72 23.91
CA ALA S 17 26.65 13.80 25.25
C ALA S 17 25.86 12.94 26.24
N PHE S 18 24.53 12.92 26.07
CA PHE S 18 23.62 12.18 26.92
C PHE S 18 23.90 10.69 26.78
N VAL S 19 24.06 10.22 25.54
CA VAL S 19 24.31 8.80 25.30
C VAL S 19 25.70 8.44 25.83
N ALA S 20 26.70 9.31 25.60
CA ALA S 20 28.04 9.09 26.14
C ALA S 20 28.00 8.96 27.67
N THR S 21 27.23 9.83 28.34
CA THR S 21 27.13 9.82 29.79
C THR S 21 26.44 8.54 30.28
N ILE S 22 25.39 8.10 29.56
CA ILE S 22 24.65 6.90 29.92
C ILE S 22 25.58 5.69 29.82
N LEU S 23 26.34 5.60 28.71
CA LEU S 23 27.22 4.46 28.47
C LEU S 23 28.36 4.43 29.49
N ALA S 24 28.95 5.59 29.80
CA ALA S 24 30.01 5.65 30.80
C ALA S 24 29.47 5.24 32.17
N SER S 25 28.25 5.67 32.51
CA SER S 25 27.61 5.31 33.76
C SER S 25 27.31 3.81 33.81
N ALA S 26 26.93 3.24 32.66
CA ALA S 26 26.64 1.81 32.59
C ALA S 26 27.92 1.02 32.85
N PHE S 27 29.05 1.51 32.35
CA PHE S 27 30.35 0.88 32.54
C PHE S 27 30.72 0.88 34.02
N VAL S 28 30.53 2.04 34.67
CA VAL S 28 30.84 2.20 36.08
C VAL S 28 29.89 1.33 36.92
N PHE S 29 28.59 1.40 36.62
CA PHE S 29 27.61 0.60 37.32
C PHE S 29 28.00 -0.88 37.26
N ASP S 30 28.28 -1.37 36.05
CA ASP S 30 28.58 -2.77 35.81
C ASP S 30 29.76 -3.24 36.67
N MET S 31 30.81 -2.43 36.76
CA MET S 31 32.01 -2.80 37.51
C MET S 31 31.76 -2.75 39.02
N THR S 32 31.05 -1.71 39.49
CA THR S 32 30.86 -1.52 40.91
C THR S 32 29.82 -2.49 41.44
N PHE S 33 28.76 -2.72 40.65
CA PHE S 33 27.70 -3.65 41.03
C PHE S 33 28.25 -5.06 41.19
N GLU S 34 29.13 -5.47 40.27
CA GLU S 34 29.80 -6.75 40.30
C GLU S 34 30.54 -6.91 41.63
N THR S 35 31.35 -5.91 41.98
CA THR S 35 32.15 -5.97 43.19
C THR S 35 31.26 -6.03 44.43
N ALA S 36 30.19 -5.22 44.43
CA ALA S 36 29.31 -5.13 45.58
C ALA S 36 28.54 -6.43 45.81
N ILE S 37 28.06 -7.04 44.72
CA ILE S 37 27.31 -8.28 44.84
C ILE S 37 28.25 -9.39 45.31
N ASP S 38 29.44 -9.47 44.70
CA ASP S 38 30.43 -10.47 45.09
C ASP S 38 30.64 -10.43 46.61
N ASN S 39 30.84 -9.24 47.17
CA ASN S 39 31.11 -9.11 48.60
C ASN S 39 29.88 -9.49 49.42
N PHE S 40 28.70 -9.07 48.95
CA PHE S 40 27.49 -9.36 49.69
C PHE S 40 27.21 -10.86 49.71
N TRP S 41 27.43 -11.51 48.56
CA TRP S 41 27.16 -12.92 48.39
C TRP S 41 28.05 -13.74 49.31
N ASP S 42 29.31 -13.30 49.43
CA ASP S 42 30.32 -13.97 50.25
C ASP S 42 30.00 -13.83 51.74
N ARG S 43 29.36 -12.72 52.15
CA ARG S 43 29.02 -12.49 53.54
C ARG S 43 27.79 -13.28 53.97
N ILE S 44 26.77 -13.37 53.10
CA ILE S 44 25.59 -14.12 53.48
C ILE S 44 25.84 -15.62 53.42
N ASN S 45 26.86 -16.06 52.66
CA ASN S 45 27.19 -17.46 52.53
C ASN S 45 28.57 -17.69 53.13
N ALA S 46 28.80 -17.12 54.31
CA ALA S 46 30.10 -17.15 54.96
C ALA S 46 30.34 -18.53 55.58
N GLY S 47 31.53 -19.08 55.36
CA GLY S 47 31.86 -20.38 55.92
C GLY S 47 31.41 -21.54 55.02
N LYS S 48 30.62 -21.27 53.98
CA LYS S 48 30.05 -22.37 53.22
C LYS S 48 30.80 -22.61 51.92
N GLN S 49 31.47 -21.60 51.38
CA GLN S 49 31.96 -21.70 50.02
C GLN S 49 33.34 -22.35 50.03
N TRP S 50 33.80 -22.82 48.86
CA TRP S 50 35.11 -23.42 48.73
C TRP S 50 36.20 -22.49 49.26
N LYS S 51 36.14 -21.21 48.86
CA LYS S 51 37.10 -20.20 49.28
C LYS S 51 37.21 -20.12 50.81
N ASP S 52 36.17 -20.54 51.54
CA ASP S 52 36.17 -20.50 53.00
C ASP S 52 36.82 -21.73 53.64
N ILE S 53 36.92 -22.85 52.91
CA ILE S 53 37.44 -24.08 53.49
C ILE S 53 38.75 -24.45 52.83
N ARG S 54 39.08 -23.77 51.73
CA ARG S 54 40.24 -24.04 50.91
C ARG S 54 41.51 -24.14 51.75
N HIS S 55 41.61 -23.32 52.81
CA HIS S 55 42.83 -23.15 53.57
C HIS S 55 43.24 -24.44 54.29
N LYS S 56 42.27 -25.31 54.57
CA LYS S 56 42.52 -26.58 55.23
C LYS S 56 43.29 -27.57 54.35
N TYR S 57 43.40 -27.31 53.03
CA TYR S 57 43.82 -28.34 52.09
C TYR S 57 45.02 -27.93 51.22
N TYR T 8 25.84 55.44 -3.19
CA TYR T 8 24.92 54.50 -3.91
C TYR T 8 25.57 53.14 -4.11
N VAL T 9 24.74 52.08 -4.02
CA VAL T 9 25.19 50.71 -4.14
C VAL T 9 24.57 50.12 -5.40
N LYS T 10 25.43 49.60 -6.28
CA LYS T 10 24.97 49.15 -7.60
C LYS T 10 24.59 47.67 -7.52
N LYS T 11 25.25 46.95 -6.61
CA LYS T 11 25.17 45.51 -6.63
C LYS T 11 25.21 44.98 -5.21
N PRO T 12 24.50 43.87 -4.88
CA PRO T 12 24.64 43.25 -3.55
C PRO T 12 26.02 42.61 -3.48
N SER T 13 26.54 42.51 -2.26
CA SER T 13 27.91 42.07 -2.05
C SER T 13 27.89 40.69 -1.42
N TYR T 14 28.25 39.66 -2.19
CA TYR T 14 28.24 38.30 -1.69
C TYR T 14 29.17 37.44 -2.54
N LYS T 15 29.52 36.28 -2.00
CA LYS T 15 30.24 35.26 -2.75
C LYS T 15 29.62 33.90 -2.43
N ILE T 16 29.98 32.90 -3.24
CA ILE T 16 29.48 31.54 -3.05
C ILE T 16 30.57 30.74 -2.35
N VAL T 17 30.22 30.15 -1.20
CA VAL T 17 31.19 29.33 -0.49
C VAL T 17 31.27 27.97 -1.15
N PRO T 18 32.43 27.29 -1.14
CA PRO T 18 32.53 25.92 -1.66
C PRO T 18 31.55 24.98 -0.94
N HIS T 19 30.91 24.11 -1.73
CA HIS T 19 29.93 23.21 -1.17
C HIS T 19 29.96 21.91 -1.96
N PHE T 20 29.45 20.85 -1.34
CA PHE T 20 29.48 19.53 -1.94
C PHE T 20 28.41 18.70 -1.26
N LEU T 21 27.51 18.13 -2.08
CA LEU T 21 26.39 17.31 -1.63
C LEU T 21 25.55 18.06 -0.61
N GLY T 22 25.49 19.39 -0.74
CA GLY T 22 24.71 20.24 0.14
C GLY T 22 25.39 20.51 1.48
N PHE T 23 26.70 20.25 1.59
CA PHE T 23 27.42 20.61 2.80
C PHE T 23 28.41 21.72 2.49
N ASN T 24 28.60 22.62 3.45
CA ASN T 24 29.63 23.65 3.32
C ASN T 24 30.45 23.63 4.61
N ILE T 25 31.60 24.31 4.59
CA ILE T 25 32.51 24.29 5.72
C ILE T 25 31.90 24.96 6.94
N PRO T 26 31.28 26.16 6.86
CA PRO T 26 30.66 26.76 8.04
C PRO T 26 29.70 25.81 8.75
N THR T 27 28.89 25.05 8.00
CA THR T 27 27.95 24.14 8.64
C THR T 27 28.67 22.96 9.29
N VAL T 28 29.52 22.28 8.53
CA VAL T 28 30.23 21.09 9.00
C VAL T 28 31.05 21.41 10.24
N SER T 29 31.66 22.61 10.27
CA SER T 29 32.51 22.97 11.40
C SER T 29 31.71 23.04 12.69
N LYS T 30 30.41 23.39 12.61
CA LYS T 30 29.55 23.38 13.78
C LYS T 30 29.33 21.95 14.29
N TRP T 31 29.45 20.96 13.41
CA TRP T 31 29.14 19.60 13.80
C TRP T 31 30.37 18.80 14.20
N ILE T 32 31.57 19.37 13.98
CA ILE T 32 32.82 18.66 14.28
C ILE T 32 32.82 18.18 15.73
N PRO T 33 32.58 19.07 16.73
CA PRO T 33 32.51 18.65 18.14
C PRO T 33 31.51 17.53 18.40
N ILE T 34 30.38 17.53 17.68
CA ILE T 34 29.34 16.53 17.84
C ILE T 34 29.85 15.17 17.38
N PHE T 35 30.58 15.13 16.25
CA PHE T 35 31.18 13.88 15.79
C PHE T 35 32.16 13.36 16.83
N GLY T 36 32.93 14.28 17.43
CA GLY T 36 33.85 13.96 18.51
C GLY T 36 33.15 13.24 19.67
N ILE T 37 32.05 13.81 20.16
CA ILE T 37 31.29 13.22 21.26
C ILE T 37 30.70 11.88 20.84
N TRP T 38 30.16 11.79 19.62
CA TRP T 38 29.64 10.51 19.15
C TRP T 38 30.75 9.46 19.09
N GLY T 39 31.97 9.91 18.77
CA GLY T 39 33.12 9.00 18.67
C GLY T 39 33.49 8.45 20.03
N ALA T 40 33.46 9.35 21.04
CA ALA T 40 33.64 8.99 22.43
C ALA T 40 32.56 7.99 22.86
N ALA T 41 31.29 8.28 22.54
CA ALA T 41 30.19 7.39 22.87
C ALA T 41 30.41 6.01 22.25
N ALA T 42 30.85 5.98 20.98
CA ALA T 42 31.07 4.73 20.26
C ALA T 42 32.25 3.98 20.88
N GLY T 43 33.30 4.73 21.25
CA GLY T 43 34.49 4.20 21.89
C GLY T 43 34.17 3.57 23.24
N ILE T 44 33.51 4.34 24.12
CA ILE T 44 33.10 3.86 25.42
C ILE T 44 32.23 2.62 25.25
N GLY T 45 31.26 2.69 24.32
CA GLY T 45 30.34 1.59 24.10
C GLY T 45 31.05 0.32 23.63
N ALA T 46 31.95 0.48 22.65
CA ALA T 46 32.66 -0.65 22.07
C ALA T 46 33.52 -1.31 23.14
N LEU T 47 34.25 -0.49 23.91
CA LEU T 47 35.15 -0.98 24.94
C LEU T 47 34.36 -1.71 26.02
N PHE T 48 33.20 -1.14 26.38
CA PHE T 48 32.32 -1.73 27.36
C PHE T 48 31.84 -3.09 26.88
N LEU T 49 31.53 -3.22 25.58
CA LEU T 49 31.05 -4.47 25.02
C LEU T 49 32.10 -5.57 25.08
N ILE T 50 33.39 -5.21 25.01
CA ILE T 50 34.42 -6.23 24.95
C ILE T 50 35.21 -6.26 26.26
N GLU T 51 34.62 -5.70 27.32
CA GLU T 51 35.29 -5.62 28.60
C GLU T 51 35.58 -7.02 29.14
N GLY T 52 34.73 -7.98 28.79
CA GLY T 52 34.88 -9.36 29.24
C GLY T 52 36.01 -10.10 28.52
N VAL T 53 36.36 -9.66 27.31
CA VAL T 53 37.39 -10.32 26.52
C VAL T 53 38.72 -10.21 27.26
N PRO T 54 39.38 -11.35 27.57
CA PRO T 54 40.64 -11.34 28.31
C PRO T 54 41.75 -10.43 27.77
N ARG T 55 41.81 -10.31 26.45
CA ARG T 55 42.82 -9.48 25.80
C ARG T 55 42.58 -7.99 26.12
N THR T 56 41.31 -7.56 26.11
CA THR T 56 40.92 -6.22 26.47
C THR T 56 41.43 -5.87 27.86
N ARG T 57 41.28 -6.83 28.78
CA ARG T 57 41.65 -6.63 30.17
C ARG T 57 43.17 -6.53 30.26
N GLN T 58 43.85 -7.44 29.56
CA GLN T 58 45.29 -7.56 29.60
C GLN T 58 45.96 -6.33 28.98
N ASP T 59 45.48 -5.89 27.81
CA ASP T 59 46.16 -4.87 27.02
C ASP T 59 45.66 -3.45 27.31
N ILE T 60 44.38 -3.29 27.68
CA ILE T 60 43.85 -1.95 27.84
C ILE T 60 43.54 -1.69 29.32
N LEU T 61 42.56 -2.43 29.85
CA LEU T 61 41.88 -2.05 31.08
C LEU T 61 42.78 -2.15 32.30
N SER T 62 43.69 -3.15 32.32
CA SER T 62 44.51 -3.35 33.51
C SER T 62 45.63 -2.31 33.60
N LYS T 63 45.85 -1.56 32.52
CA LYS T 63 46.92 -0.58 32.42
C LYS T 63 46.47 0.79 32.91
N ILE T 64 45.14 1.00 33.01
CA ILE T 64 44.59 2.26 33.50
C ILE T 64 45.04 2.46 34.95
N PRO T 65 45.61 3.65 35.30
CA PRO T 65 46.11 3.90 36.66
C PRO T 65 45.01 3.89 37.72
N ILE T 66 45.32 3.28 38.87
CA ILE T 66 44.47 3.19 40.06
C ILE T 66 43.40 2.12 39.84
N ILE T 67 42.53 2.39 38.86
CA ILE T 67 41.34 1.65 38.50
C ILE T 67 41.71 0.26 37.95
N GLY T 68 42.91 0.17 37.36
CA GLY T 68 43.32 -0.96 36.53
C GLY T 68 43.47 -2.26 37.29
N GLU T 69 43.50 -2.19 38.62
CA GLU T 69 43.68 -3.38 39.43
C GLU T 69 42.38 -4.17 39.54
N HIS T 70 41.27 -3.53 39.15
CA HIS T 70 39.97 -4.20 39.08
C HIS T 70 40.04 -5.42 38.14
N TRP T 71 40.94 -5.36 37.15
CA TRP T 71 40.98 -6.38 36.10
C TRP T 71 42.17 -7.31 36.25
N ILE T 72 42.98 -7.12 37.30
CA ILE T 72 44.09 -8.03 37.56
C ILE T 72 43.60 -9.02 38.61
N ARG T 73 43.04 -10.15 38.10
CA ARG T 73 42.47 -11.27 38.84
C ARG T 73 43.21 -12.56 38.50
N GLU T 74 43.75 -13.24 39.53
CA GLU T 74 44.34 -14.57 39.38
C GLU T 74 43.53 -15.62 40.13
N ILE T 75 43.20 -16.71 39.41
CA ILE T 75 42.69 -17.93 40.02
C ILE T 75 43.86 -18.60 40.74
N PRO T 76 43.72 -18.95 42.04
CA PRO T 76 44.74 -19.73 42.74
C PRO T 76 44.95 -21.07 42.03
N ALA T 77 46.21 -21.51 41.95
CA ALA T 77 46.61 -22.73 41.27
C ALA T 77 45.87 -23.95 41.83
N SER T 78 45.46 -23.87 43.10
CA SER T 78 44.77 -24.94 43.80
C SER T 78 43.33 -25.09 43.33
N ASP T 79 42.79 -24.07 42.65
CA ASP T 79 41.37 -24.03 42.35
C ASP T 79 41.16 -24.11 40.84
N ASN T 80 42.25 -24.34 40.10
CA ASN T 80 42.18 -24.29 38.65
C ASN T 80 42.42 -25.68 38.08
N PRO T 81 41.43 -26.36 37.47
CA PRO T 81 41.64 -27.69 36.90
C PRO T 81 42.55 -27.64 35.68
N PHE T 82 42.52 -26.52 34.95
CA PHE T 82 43.28 -26.39 33.71
C PHE T 82 44.59 -25.66 34.02
#